data_8A5W
#
_entry.id   8A5W
#
_cell.length_a   65.433
_cell.length_b   205.742
_cell.length_c   135.750
_cell.angle_alpha   90.000
_cell.angle_beta   97.875
_cell.angle_gamma   90.000
#
_symmetry.space_group_name_H-M   'P 1 21 1'
#
loop_
_entity.id
_entity.type
_entity.pdbx_description
1 polymer 'Phosphoserine aminotransferase'
2 polymer 'Phosphoserine aminotransferase'
3 non-polymer '(2S)-2-[(E)-[2-methyl-3-oxidanyl-5-(phosphonooxymethyl)pyridin-4-yl]methylideneamino]-3-phosphonooxy-propanoic acid'
4 non-polymer PHOSPHOSERINE
5 non-polymer "4'-DEOXY-4'-AMINOPYRIDOXAL-5'-PHOSPHATE"
6 non-polymer 'SULFATE ION'
7 water water
#
loop_
_entity_poly.entity_id
_entity_poly.type
_entity_poly.pdbx_seq_one_letter_code
_entity_poly.pdbx_strand_id
1 'polypeptide(L)'
;QVVNFGPGPAKLPHSVLLEIQKELLDYKGVGISVLEMSHRSSDFAKIINNTENLVRELLAVPDNYKVIFLQGGGCGQFSA
VPLNLIGLKAGRCADYVVTGAWSAKAAEEAKKFGTINIVHPKLGSYTKIPDPSTWNLNPDASYVYYCANETVHGVEFDFI
PDVKGAVLVCDMSSNFLSKPVDVSKFGVIFAGAQKNVGSAGVTVVIVRDDLLGFALRECPSVLEYKVQAGNSSLYNTPPC
FSIYVMGLVLEWIKNNGGAAAMEKLSSIKSQTIYEIIDNSQGFYVCPVEPQNRSKMNIPFRIGNAKGDDALEKRFLDKAL
ELNMLSLKGHRSVGGIRASLYNAVTIEDVQKLAAFMKKFLEMHQL
;
D,F,A
2 'polypeptide(L)'
;MGSSHHHHHHSSGLVPRGSHIGPMDAPRQVVNFGPGPAKLPHSVLLEIQKELLDYKGVGISVLEMSHRSSDFAKIINNTE
NLVRELLAVPDNYKVIFLQGGGCGQFSAVPLNLIGLKAGRCADYVVTGAWSAKAAEEAKKFGTINIVHPKLGSYTKIPDP
STWNLNPDASYVYYCANETVHGVEFDFIPDVKGAVLVCDMSSNFLSKPVDVSKFGVIFAGAQ(LLP)NVGSAGVTVVIVR
DDLLGFALRECPSVLEYKVQAGNSSLYNTPPCFSIYVMGLVLEWIKNNGGAAAMEKLSSIKSQTIYEIIDNSQGFYVCPV
EPQNRSKMNIPFRIGNAKGDDALEKRFLDKALELNMLSLKGHRSVGGIRASLYNAVTIEDVQKLAAFMKKFLEMHQL
;
E,C,B,G,H
#
loop_
_chem_comp.id
_chem_comp.type
_chem_comp.name
_chem_comp.formula
E1U non-polymer '(2S)-2-[(E)-[2-methyl-3-oxidanyl-5-(phosphonooxymethyl)pyridin-4-yl]methylideneamino]-3-phosphonooxy-propanoic acid' 'C11 H16 N2 O11 P2'
PMP non-polymer 4'-DEOXY-4'-AMINOPYRIDOXAL-5'-PHOSPHATE 'C8 H13 N2 O5 P'
SO4 non-polymer 'SULFATE ION' 'O4 S -2'
#
# COMPACT_ATOMS: atom_id res chain seq x y z
N GLN A 1 -12.96 -20.49 -15.05
CA GLN A 1 -13.41 -20.76 -16.41
C GLN A 1 -13.55 -22.26 -16.66
N VAL A 2 -13.08 -23.05 -15.71
CA VAL A 2 -13.08 -24.51 -15.84
C VAL A 2 -14.48 -25.03 -15.60
N VAL A 3 -14.92 -25.94 -16.47
CA VAL A 3 -16.22 -26.61 -16.35
C VAL A 3 -15.94 -28.07 -15.98
N ASN A 4 -16.33 -28.46 -14.78
CA ASN A 4 -15.95 -29.75 -14.21
C ASN A 4 -17.09 -30.75 -14.40
N PHE A 5 -16.94 -31.64 -15.39
CA PHE A 5 -17.90 -32.71 -15.64
C PHE A 5 -17.48 -34.03 -14.98
N GLY A 6 -16.79 -33.96 -13.84
CA GLY A 6 -16.28 -35.12 -13.18
C GLY A 6 -17.36 -36.11 -12.78
N PRO A 7 -17.02 -37.41 -12.81
CA PRO A 7 -18.01 -38.45 -12.48
C PRO A 7 -18.02 -38.88 -11.03
N GLY A 8 -17.05 -38.47 -10.23
CA GLY A 8 -16.96 -38.91 -8.85
C GLY A 8 -15.54 -39.29 -8.47
N PRO A 9 -14.82 -38.40 -7.76
CA PRO A 9 -15.19 -37.09 -7.21
C PRO A 9 -15.69 -36.09 -8.25
N ALA A 10 -16.62 -35.23 -7.86
CA ALA A 10 -17.33 -34.36 -8.78
C ALA A 10 -17.19 -32.91 -8.39
N LYS A 11 -17.83 -32.05 -9.16
CA LYS A 11 -17.79 -30.61 -8.88
C LYS A 11 -18.53 -30.27 -7.59
N LEU A 12 -17.97 -29.29 -6.87
CA LEU A 12 -18.62 -28.75 -5.69
C LEU A 12 -19.07 -27.32 -5.98
N PRO A 13 -20.16 -26.87 -5.34
CA PRO A 13 -20.63 -25.51 -5.57
C PRO A 13 -19.56 -24.49 -5.19
N HIS A 14 -19.40 -23.48 -6.04
CA HIS A 14 -18.42 -22.43 -5.77
C HIS A 14 -18.66 -21.79 -4.41
N SER A 15 -19.94 -21.61 -4.04
CA SER A 15 -20.27 -21.08 -2.72
C SER A 15 -19.67 -21.92 -1.61
N VAL A 16 -19.69 -23.25 -1.77
CA VAL A 16 -19.20 -24.14 -0.73
C VAL A 16 -17.68 -24.07 -0.63
N LEU A 17 -16.98 -24.12 -1.77
CA LEU A 17 -15.52 -24.04 -1.75
C LEU A 17 -15.03 -22.74 -1.16
N LEU A 18 -15.82 -21.67 -1.24
CA LEU A 18 -15.41 -20.38 -0.71
C LEU A 18 -15.47 -20.37 0.81
N GLU A 19 -16.59 -20.82 1.39
CA GLU A 19 -16.70 -20.83 2.85
C GLU A 19 -15.71 -21.81 3.47
N ILE A 20 -15.39 -22.90 2.77
CA ILE A 20 -14.37 -23.82 3.26
C ILE A 20 -13.01 -23.12 3.29
N GLN A 21 -12.76 -22.26 2.30
CA GLN A 21 -11.48 -21.56 2.24
C GLN A 21 -11.38 -20.46 3.29
N LYS A 22 -12.47 -19.73 3.52
CA LYS A 22 -12.45 -18.64 4.48
C LYS A 22 -12.24 -19.16 5.90
N GLU A 23 -12.81 -20.31 6.21
CA GLU A 23 -12.83 -20.83 7.58
C GLU A 23 -11.79 -21.94 7.80
N LEU A 24 -10.82 -22.08 6.90
CA LEU A 24 -9.90 -23.21 7.01
C LEU A 24 -9.00 -23.08 8.23
N LEU A 25 -8.56 -21.86 8.54
CA LEU A 25 -7.66 -21.66 9.68
C LEU A 25 -8.39 -21.42 10.98
N ASP A 26 -9.59 -20.83 10.94
CA ASP A 26 -10.34 -20.49 12.15
C ASP A 26 -11.82 -20.72 11.85
N TYR A 27 -12.30 -21.92 12.14
CA TYR A 27 -13.69 -22.28 11.86
C TYR A 27 -14.61 -21.53 12.82
N LYS A 28 -15.41 -20.61 12.30
CA LYS A 28 -16.43 -19.88 13.05
C LYS A 28 -15.86 -19.15 14.27
N GLY A 29 -14.54 -18.98 14.34
CA GLY A 29 -13.92 -18.27 15.43
C GLY A 29 -13.54 -19.11 16.62
N VAL A 30 -13.52 -20.44 16.51
CA VAL A 30 -13.14 -21.28 17.63
C VAL A 30 -11.62 -21.40 17.79
N GLY A 31 -10.85 -20.90 16.83
CA GLY A 31 -9.41 -20.84 16.94
C GLY A 31 -8.65 -21.85 16.12
N ILE A 32 -9.29 -22.95 15.71
CA ILE A 32 -8.60 -24.04 15.04
C ILE A 32 -9.31 -24.36 13.73
N SER A 33 -8.65 -25.21 12.94
CA SER A 33 -9.21 -25.75 11.72
C SER A 33 -10.17 -26.90 12.01
N VAL A 34 -11.04 -27.18 11.04
CA VAL A 34 -11.81 -28.42 11.10
C VAL A 34 -10.87 -29.62 11.02
N LEU A 35 -9.76 -29.47 10.29
CA LEU A 35 -8.77 -30.53 10.19
C LEU A 35 -8.09 -30.83 11.53
N GLU A 36 -8.11 -29.87 12.46
CA GLU A 36 -7.51 -30.04 13.78
C GLU A 36 -8.54 -30.33 14.85
N MET A 37 -9.83 -30.38 14.50
CA MET A 37 -10.90 -30.48 15.48
C MET A 37 -11.04 -31.92 15.97
N SER A 38 -11.28 -32.06 17.27
CA SER A 38 -11.49 -33.38 17.86
C SER A 38 -12.92 -33.83 17.66
N HIS A 39 -13.09 -35.10 17.29
CA HIS A 39 -14.43 -35.65 17.08
C HIS A 39 -15.24 -35.74 18.36
N ARG A 40 -14.63 -35.47 19.51
CA ARG A 40 -15.31 -35.48 20.79
C ARG A 40 -15.72 -34.09 21.26
N SER A 41 -15.28 -33.04 20.57
CA SER A 41 -15.57 -31.68 21.02
C SER A 41 -17.03 -31.33 20.76
N SER A 42 -17.51 -30.33 21.50
CA SER A 42 -18.85 -29.82 21.28
C SER A 42 -18.96 -29.13 19.92
N ASP A 43 -17.85 -28.72 19.33
CA ASP A 43 -17.88 -28.05 18.04
C ASP A 43 -18.19 -29.04 16.91
N PHE A 44 -17.51 -30.19 16.91
CA PHE A 44 -17.80 -31.19 15.88
C PHE A 44 -19.16 -31.85 16.11
N ALA A 45 -19.64 -31.88 17.35
CA ALA A 45 -20.97 -32.39 17.61
C ALA A 45 -22.02 -31.62 16.83
N LYS A 46 -21.90 -30.28 16.82
CA LYS A 46 -22.84 -29.47 16.04
C LYS A 46 -22.73 -29.75 14.55
N ILE A 47 -21.51 -30.04 14.07
CA ILE A 47 -21.31 -30.27 12.65
C ILE A 47 -21.98 -31.55 12.21
N ILE A 48 -21.68 -32.66 12.89
CA ILE A 48 -22.20 -33.96 12.46
C ILE A 48 -23.70 -34.05 12.73
N ASN A 49 -24.19 -33.42 13.80
CA ASN A 49 -25.63 -33.45 14.06
C ASN A 49 -26.38 -32.65 13.01
N ASN A 50 -25.83 -31.50 12.59
CA ASN A 50 -26.45 -30.73 11.53
C ASN A 50 -26.43 -31.49 10.21
N THR A 51 -25.32 -32.18 9.93
CA THR A 51 -25.25 -32.98 8.71
C THR A 51 -26.24 -34.13 8.76
N GLU A 52 -26.46 -34.71 9.95
CA GLU A 52 -27.51 -35.73 10.08
C GLU A 52 -28.89 -35.12 9.94
N ASN A 53 -29.10 -33.93 10.52
CA ASN A 53 -30.42 -33.31 10.44
C ASN A 53 -30.78 -32.96 9.00
N LEU A 54 -29.81 -32.47 8.23
CA LEU A 54 -30.08 -32.11 6.85
C LEU A 54 -30.46 -33.32 6.01
N VAL A 55 -29.77 -34.45 6.22
CA VAL A 55 -30.11 -35.66 5.48
C VAL A 55 -31.54 -36.08 5.80
N ARG A 56 -31.92 -36.07 7.07
CA ARG A 56 -33.28 -36.43 7.45
C ARG A 56 -34.30 -35.46 6.88
N GLU A 57 -33.94 -34.18 6.76
CA GLU A 57 -34.86 -33.18 6.26
C GLU A 57 -34.99 -33.22 4.75
N LEU A 58 -33.86 -33.26 4.04
CA LEU A 58 -33.90 -33.20 2.58
C LEU A 58 -34.44 -34.46 1.95
N LEU A 59 -34.46 -35.59 2.67
CA LEU A 59 -35.03 -36.83 2.17
C LEU A 59 -36.30 -37.24 2.88
N ALA A 60 -36.69 -36.56 3.96
CA ALA A 60 -37.83 -36.94 4.79
C ALA A 60 -37.66 -38.35 5.34
N VAL A 61 -36.53 -38.57 6.00
CA VAL A 61 -36.19 -39.87 6.59
C VAL A 61 -36.99 -40.06 7.87
N PRO A 62 -37.75 -41.15 8.00
CA PRO A 62 -38.59 -41.34 9.18
C PRO A 62 -37.75 -41.56 10.44
N ASP A 63 -38.45 -41.50 11.59
CA ASP A 63 -37.75 -41.58 12.88
C ASP A 63 -37.24 -42.98 13.16
N ASN A 64 -37.86 -44.01 12.60
CA ASN A 64 -37.39 -45.37 12.80
C ASN A 64 -36.22 -45.73 11.91
N TYR A 65 -35.58 -44.74 11.28
CA TYR A 65 -34.42 -44.96 10.44
C TYR A 65 -33.21 -44.29 11.06
N LYS A 66 -32.09 -45.02 11.11
CA LYS A 66 -30.84 -44.44 11.58
C LYS A 66 -30.06 -43.88 10.40
N VAL A 67 -29.33 -42.80 10.66
CA VAL A 67 -28.46 -42.17 9.67
C VAL A 67 -27.05 -42.16 10.22
N ILE A 68 -26.15 -42.87 9.56
CA ILE A 68 -24.77 -43.03 10.04
C ILE A 68 -23.81 -42.64 8.92
N PHE A 69 -22.59 -42.28 9.32
CA PHE A 69 -21.54 -41.88 8.41
C PHE A 69 -20.35 -42.81 8.60
N LEU A 70 -20.09 -43.65 7.60
CA LEU A 70 -19.02 -44.63 7.67
C LEU A 70 -17.85 -44.21 6.79
N GLN A 71 -16.78 -44.98 6.86
CA GLN A 71 -15.68 -44.90 5.91
C GLN A 71 -15.74 -46.07 4.95
N GLY A 72 -14.86 -46.05 3.96
CA GLY A 72 -14.75 -47.12 3.00
C GLY A 72 -15.45 -46.88 1.67
N GLY A 73 -16.08 -45.73 1.49
CA GLY A 73 -16.69 -45.44 0.21
C GLY A 73 -17.88 -46.33 -0.10
N GLY A 74 -18.30 -46.25 -1.37
CA GLY A 74 -19.38 -47.12 -1.83
C GLY A 74 -18.99 -48.59 -1.84
N CYS A 75 -17.78 -48.89 -2.31
CA CYS A 75 -17.33 -50.28 -2.33
C CYS A 75 -17.24 -50.86 -0.93
N GLY A 76 -17.06 -50.01 0.08
CA GLY A 76 -17.10 -50.49 1.45
C GLY A 76 -18.44 -51.10 1.82
N GLN A 77 -19.52 -50.52 1.31
CA GLN A 77 -20.84 -51.08 1.58
C GLN A 77 -21.14 -52.31 0.74
N PHE A 78 -20.40 -52.54 -0.34
CA PHE A 78 -20.54 -53.79 -1.08
C PHE A 78 -20.24 -54.98 -0.18
N SER A 79 -19.40 -54.78 0.83
CA SER A 79 -19.11 -55.79 1.84
C SER A 79 -19.87 -55.57 3.14
N ALA A 80 -20.17 -54.31 3.49
CA ALA A 80 -20.84 -54.02 4.76
C ALA A 80 -22.32 -54.37 4.72
N VAL A 81 -22.96 -54.28 3.55
CA VAL A 81 -24.37 -54.66 3.41
C VAL A 81 -24.54 -56.15 3.61
N PRO A 82 -23.77 -57.04 2.94
CA PRO A 82 -23.92 -58.47 3.26
C PRO A 82 -23.53 -58.78 4.70
N LEU A 83 -22.40 -58.26 5.17
CA LEU A 83 -21.96 -58.54 6.53
C LEU A 83 -23.02 -58.15 7.55
N ASN A 84 -23.81 -57.12 7.27
CA ASN A 84 -24.82 -56.66 8.23
C ASN A 84 -26.18 -57.30 8.00
N LEU A 85 -26.50 -57.73 6.78
CA LEU A 85 -27.87 -58.11 6.45
C LEU A 85 -28.03 -59.51 5.86
N ILE A 86 -26.98 -60.14 5.35
CA ILE A 86 -27.14 -61.46 4.75
C ILE A 86 -27.58 -62.50 5.77
N GLY A 87 -27.57 -62.17 7.05
CA GLY A 87 -27.95 -63.11 8.07
C GLY A 87 -29.32 -62.83 8.66
N LEU A 88 -30.13 -62.05 7.95
CA LEU A 88 -31.52 -61.85 8.39
C LEU A 88 -32.27 -63.18 8.43
N LYS A 89 -32.03 -64.04 7.45
CA LYS A 89 -32.59 -65.37 7.39
C LYS A 89 -31.47 -66.39 7.28
N ALA A 90 -31.69 -67.56 7.88
CA ALA A 90 -30.60 -68.52 8.07
C ALA A 90 -29.97 -69.00 6.78
N GLY A 91 -30.66 -68.84 5.64
CA GLY A 91 -30.15 -69.36 4.39
C GLY A 91 -28.90 -68.66 3.89
N ARG A 92 -28.62 -67.46 4.37
CA ARG A 92 -27.52 -66.63 3.86
C ARG A 92 -27.63 -66.46 2.34
N CYS A 93 -28.81 -66.09 1.89
CA CYS A 93 -29.09 -65.80 0.49
C CYS A 93 -29.39 -64.32 0.32
N ALA A 94 -29.18 -63.83 -0.90
CA ALA A 94 -29.45 -62.43 -1.22
C ALA A 94 -29.73 -62.31 -2.70
N ASP A 95 -30.80 -61.60 -3.04
CA ASP A 95 -31.20 -61.38 -4.42
C ASP A 95 -30.60 -60.07 -4.93
N TYR A 96 -29.89 -60.14 -6.04
CA TYR A 96 -29.23 -58.98 -6.63
C TYR A 96 -29.76 -58.72 -8.03
N VAL A 97 -29.86 -57.44 -8.38
CA VAL A 97 -30.30 -57.00 -9.70
C VAL A 97 -29.11 -56.31 -10.36
N VAL A 98 -28.60 -56.90 -11.44
CA VAL A 98 -27.38 -56.43 -12.08
C VAL A 98 -27.77 -55.67 -13.34
N THR A 99 -27.85 -54.35 -13.23
CA THR A 99 -28.15 -53.51 -14.39
C THR A 99 -26.93 -52.80 -14.95
N GLY A 100 -25.78 -52.93 -14.32
CA GLY A 100 -24.58 -52.32 -14.84
C GLY A 100 -23.35 -52.76 -14.07
N ALA A 101 -22.28 -51.98 -14.24
CA ALA A 101 -20.99 -52.39 -13.69
C ALA A 101 -20.99 -52.32 -12.17
N TRP A 102 -21.67 -51.34 -11.59
CA TRP A 102 -21.60 -51.14 -10.14
C TRP A 102 -22.48 -52.12 -9.38
N SER A 103 -23.61 -52.52 -9.94
CA SER A 103 -24.37 -53.61 -9.34
C SER A 103 -23.70 -54.95 -9.58
N ALA A 104 -22.95 -55.08 -10.68
CA ALA A 104 -22.22 -56.31 -10.94
C ALA A 104 -21.07 -56.50 -9.95
N LYS A 105 -20.34 -55.41 -9.64
CA LYS A 105 -19.28 -55.50 -8.66
C LYS A 105 -19.84 -55.84 -7.28
N ALA A 106 -20.98 -55.25 -6.92
CA ALA A 106 -21.57 -55.51 -5.62
C ALA A 106 -22.04 -56.96 -5.52
N ALA A 107 -22.53 -57.53 -6.61
CA ALA A 107 -23.00 -58.91 -6.59
C ALA A 107 -21.84 -59.88 -6.42
N GLU A 108 -20.72 -59.62 -7.09
CA GLU A 108 -19.57 -60.51 -6.98
C GLU A 108 -18.94 -60.42 -5.59
N GLU A 109 -18.86 -59.22 -5.03
CA GLU A 109 -18.32 -59.06 -3.68
C GLU A 109 -19.17 -59.76 -2.63
N ALA A 110 -20.49 -59.76 -2.83
CA ALA A 110 -21.39 -60.40 -1.87
C ALA A 110 -21.23 -61.92 -1.84
N LYS A 111 -20.69 -62.51 -2.92
CA LYS A 111 -20.45 -63.95 -2.94
C LYS A 111 -19.43 -64.38 -1.90
N LYS A 112 -18.57 -63.46 -1.44
CA LYS A 112 -17.64 -63.78 -0.37
C LYS A 112 -18.34 -64.06 0.95
N PHE A 113 -19.59 -63.60 1.11
CA PHE A 113 -20.30 -63.70 2.38
C PHE A 113 -21.55 -64.55 2.30
N GLY A 114 -21.82 -65.18 1.16
CA GLY A 114 -22.97 -66.05 1.06
C GLY A 114 -23.24 -66.42 -0.39
N THR A 115 -24.39 -67.07 -0.59
CA THR A 115 -24.82 -67.48 -1.92
C THR A 115 -25.66 -66.37 -2.54
N ILE A 116 -25.25 -65.89 -3.71
CA ILE A 116 -25.85 -64.73 -4.36
C ILE A 116 -26.55 -65.19 -5.62
N ASN A 117 -27.85 -64.90 -5.72
CA ASN A 117 -28.66 -65.23 -6.88
C ASN A 117 -29.01 -63.94 -7.61
N ILE A 118 -28.55 -63.82 -8.86
CA ILE A 118 -28.93 -62.70 -9.69
C ILE A 118 -30.32 -62.94 -10.24
N VAL A 119 -31.20 -61.97 -10.07
CA VAL A 119 -32.64 -62.18 -10.21
C VAL A 119 -33.11 -62.28 -11.66
N HIS A 120 -32.32 -61.79 -12.61
CA HIS A 120 -32.70 -61.78 -14.01
C HIS A 120 -31.58 -62.40 -14.83
N PRO A 121 -31.87 -62.83 -16.05
CA PRO A 121 -30.80 -63.35 -16.93
C PRO A 121 -29.88 -62.23 -17.38
N LYS A 122 -28.67 -62.64 -17.81
CA LYS A 122 -27.69 -61.69 -18.31
C LYS A 122 -28.26 -60.88 -19.47
N LEU A 123 -27.95 -59.58 -19.48
CA LEU A 123 -28.58 -58.68 -20.43
C LEU A 123 -27.86 -58.66 -21.78
N GLY A 124 -26.57 -58.96 -21.82
CA GLY A 124 -25.85 -58.89 -23.07
C GLY A 124 -25.37 -57.48 -23.33
N SER A 125 -26.18 -56.50 -22.95
CA SER A 125 -25.79 -55.09 -23.04
C SER A 125 -26.53 -54.32 -21.97
N TYR A 126 -25.79 -53.57 -21.15
CA TYR A 126 -26.38 -52.76 -20.09
C TYR A 126 -27.09 -51.55 -20.72
N THR A 127 -28.26 -51.82 -21.29
CA THR A 127 -29.03 -50.78 -21.96
C THR A 127 -30.47 -50.66 -21.48
N LYS A 128 -30.88 -51.44 -20.48
CA LYS A 128 -32.26 -51.38 -20.01
C LYS A 128 -32.33 -51.98 -18.61
N ILE A 129 -33.50 -51.84 -18.00
CA ILE A 129 -33.81 -52.45 -16.72
C ILE A 129 -34.72 -53.65 -16.97
N PRO A 130 -34.34 -54.84 -16.52
CA PRO A 130 -35.28 -55.97 -16.61
C PRO A 130 -36.56 -55.68 -15.85
N ASP A 131 -37.69 -56.10 -16.43
CA ASP A 131 -39.01 -55.82 -15.86
C ASP A 131 -39.14 -56.42 -14.46
N PRO A 132 -39.46 -55.62 -13.44
CA PRO A 132 -39.56 -56.17 -12.08
C PRO A 132 -40.60 -57.27 -11.92
N SER A 133 -41.57 -57.38 -12.84
CA SER A 133 -42.56 -58.45 -12.76
C SER A 133 -42.01 -59.79 -13.23
N THR A 134 -40.96 -59.79 -14.04
CA THR A 134 -40.29 -61.00 -14.47
C THR A 134 -39.14 -61.39 -13.54
N TRP A 135 -38.98 -60.69 -12.42
CA TRP A 135 -37.87 -60.94 -11.52
C TRP A 135 -38.07 -62.23 -10.74
N ASN A 136 -37.07 -63.11 -10.79
CA ASN A 136 -37.07 -64.37 -10.06
C ASN A 136 -36.60 -64.10 -8.63
N LEU A 137 -37.54 -63.79 -7.75
CA LEU A 137 -37.22 -63.46 -6.37
C LEU A 137 -37.27 -64.70 -5.48
N ASN A 138 -36.34 -64.77 -4.53
CA ASN A 138 -36.33 -65.84 -3.55
C ASN A 138 -37.10 -65.40 -2.31
N PRO A 139 -38.20 -66.06 -1.95
CA PRO A 139 -38.94 -65.63 -0.75
C PRO A 139 -38.18 -65.86 0.54
N ASP A 140 -37.12 -66.69 0.52
CA ASP A 140 -36.28 -66.90 1.68
C ASP A 140 -34.98 -66.10 1.62
N ALA A 141 -34.83 -65.24 0.61
CA ALA A 141 -33.64 -64.40 0.52
C ALA A 141 -33.62 -63.39 1.67
N SER A 142 -32.40 -63.05 2.12
CA SER A 142 -32.29 -62.13 3.24
C SER A 142 -32.62 -60.70 2.82
N TYR A 143 -32.28 -60.31 1.59
CA TYR A 143 -32.60 -58.98 1.10
C TYR A 143 -32.50 -58.97 -0.42
N VAL A 144 -32.97 -57.87 -1.01
CA VAL A 144 -32.87 -57.63 -2.45
C VAL A 144 -32.04 -56.37 -2.67
N TYR A 145 -31.00 -56.49 -3.49
CA TYR A 145 -30.05 -55.41 -3.74
C TYR A 145 -30.20 -54.93 -5.18
N TYR A 146 -30.09 -53.62 -5.38
CA TYR A 146 -30.12 -53.06 -6.73
C TYR A 146 -29.51 -51.67 -6.71
N CYS A 147 -28.91 -51.28 -7.83
CA CYS A 147 -28.25 -49.99 -7.98
C CYS A 147 -29.19 -49.05 -8.72
N ALA A 148 -29.54 -47.93 -8.07
CA ALA A 148 -30.54 -47.04 -8.64
C ALA A 148 -30.03 -46.34 -9.90
N ASN A 149 -28.75 -46.00 -9.93
CA ASN A 149 -28.18 -45.26 -11.04
C ASN A 149 -26.80 -45.82 -11.37
N GLU A 150 -26.64 -46.36 -12.58
CA GLU A 150 -25.39 -46.96 -13.00
C GLU A 150 -24.51 -45.90 -13.62
N THR A 151 -23.45 -45.51 -12.89
CA THR A 151 -22.62 -44.37 -13.30
C THR A 151 -21.83 -44.65 -14.57
N VAL A 152 -21.57 -45.91 -14.90
CA VAL A 152 -20.75 -46.22 -16.06
C VAL A 152 -21.59 -46.38 -17.33
N HIS A 153 -22.80 -46.91 -17.22
CA HIS A 153 -23.60 -47.22 -18.39
C HIS A 153 -24.84 -46.35 -18.54
N GLY A 154 -25.12 -45.48 -17.58
CA GLY A 154 -26.21 -44.53 -17.69
C GLY A 154 -27.58 -45.16 -17.67
N VAL A 155 -27.82 -46.05 -16.71
CA VAL A 155 -29.09 -46.75 -16.57
C VAL A 155 -29.62 -46.47 -15.17
N GLU A 156 -30.72 -45.72 -15.09
CA GLU A 156 -31.27 -45.26 -13.83
C GLU A 156 -32.69 -45.76 -13.63
N PHE A 157 -33.03 -46.11 -12.40
CA PHE A 157 -34.40 -46.44 -12.04
C PHE A 157 -35.19 -45.15 -11.85
N ASP A 158 -36.37 -45.07 -12.49
CA ASP A 158 -37.32 -44.00 -12.24
C ASP A 158 -38.53 -44.50 -11.46
N PHE A 159 -38.30 -45.48 -10.58
CA PHE A 159 -39.34 -46.09 -9.76
C PHE A 159 -38.66 -46.88 -8.65
N ILE A 160 -39.45 -47.26 -7.65
CA ILE A 160 -39.01 -48.19 -6.61
C ILE A 160 -39.53 -49.57 -6.96
N PRO A 161 -38.67 -50.56 -7.14
CA PRO A 161 -39.15 -51.88 -7.57
C PRO A 161 -39.86 -52.62 -6.46
N ASP A 162 -40.88 -53.39 -6.85
CA ASP A 162 -41.60 -54.25 -5.91
C ASP A 162 -40.82 -55.54 -5.73
N VAL A 163 -40.37 -55.80 -4.51
CA VAL A 163 -39.64 -57.01 -4.18
C VAL A 163 -40.47 -57.95 -3.33
N LYS A 164 -41.79 -57.72 -3.24
CA LYS A 164 -42.72 -58.60 -2.54
C LYS A 164 -42.38 -58.72 -1.05
N GLY A 165 -42.25 -57.57 -0.40
CA GLY A 165 -42.01 -57.52 1.03
C GLY A 165 -40.60 -57.80 1.48
N ALA A 166 -39.68 -58.08 0.56
CA ALA A 166 -38.30 -58.35 0.94
C ALA A 166 -37.61 -57.07 1.39
N VAL A 167 -36.66 -57.22 2.32
CA VAL A 167 -35.85 -56.08 2.73
C VAL A 167 -35.07 -55.58 1.53
N LEU A 168 -35.26 -54.30 1.22
CA LEU A 168 -34.73 -53.72 -0.01
C LEU A 168 -33.50 -52.87 0.31
N VAL A 169 -32.41 -53.10 -0.43
CA VAL A 169 -31.17 -52.35 -0.30
C VAL A 169 -30.88 -51.68 -1.62
N CYS A 170 -30.41 -50.44 -1.57
CA CYS A 170 -30.20 -49.65 -2.79
C CYS A 170 -28.87 -48.90 -2.72
N ASP A 171 -28.17 -48.87 -3.85
CA ASP A 171 -26.89 -48.16 -3.99
C ASP A 171 -27.17 -46.85 -4.72
N MET A 172 -27.53 -45.82 -3.97
CA MET A 172 -27.82 -44.49 -4.53
C MET A 172 -26.59 -43.60 -4.57
N SER A 173 -25.41 -44.16 -4.87
CA SER A 173 -24.19 -43.37 -4.78
C SER A 173 -24.19 -42.20 -5.77
N SER A 174 -24.68 -42.44 -6.98
CA SER A 174 -24.54 -41.47 -8.06
C SER A 174 -25.81 -40.68 -8.35
N ASN A 175 -26.86 -40.84 -7.53
CA ASN A 175 -28.02 -39.96 -7.65
C ASN A 175 -28.61 -39.61 -6.29
N PHE A 176 -27.80 -39.70 -5.23
CA PHE A 176 -28.27 -39.37 -3.89
C PHE A 176 -28.65 -37.90 -3.80
N LEU A 177 -29.87 -37.65 -3.32
CA LEU A 177 -30.42 -36.30 -3.19
C LEU A 177 -30.45 -35.57 -4.53
N SER A 178 -30.65 -36.30 -5.62
CA SER A 178 -30.99 -35.71 -6.91
C SER A 178 -32.49 -35.77 -7.16
N LYS A 179 -33.26 -36.35 -6.24
CA LYS A 179 -34.70 -36.46 -6.34
C LYS A 179 -35.22 -36.96 -4.99
N PRO A 180 -36.49 -36.70 -4.67
CA PRO A 180 -37.07 -37.22 -3.44
C PRO A 180 -37.14 -38.75 -3.46
N VAL A 181 -37.09 -39.33 -2.26
CA VAL A 181 -37.09 -40.79 -2.09
C VAL A 181 -38.04 -41.14 -0.97
N ASP A 182 -38.86 -42.18 -1.19
CA ASP A 182 -39.75 -42.71 -0.16
C ASP A 182 -38.96 -43.70 0.69
N VAL A 183 -38.26 -43.16 1.69
CA VAL A 183 -37.33 -43.97 2.49
C VAL A 183 -38.04 -45.13 3.18
N SER A 184 -39.34 -44.98 3.47
CA SER A 184 -40.08 -46.03 4.17
C SER A 184 -40.06 -47.35 3.42
N LYS A 185 -39.91 -47.30 2.09
CA LYS A 185 -39.91 -48.51 1.28
C LYS A 185 -38.57 -49.22 1.25
N PHE A 186 -37.53 -48.65 1.86
CA PHE A 186 -36.19 -49.24 1.84
C PHE A 186 -35.81 -49.78 3.21
N GLY A 187 -34.87 -50.71 3.20
CA GLY A 187 -34.27 -51.21 4.41
C GLY A 187 -32.91 -50.59 4.66
N VAL A 188 -32.12 -50.45 3.60
CA VAL A 188 -30.81 -49.82 3.66
C VAL A 188 -30.60 -49.01 2.39
N ILE A 189 -30.22 -47.74 2.55
CA ILE A 189 -29.76 -46.89 1.47
C ILE A 189 -28.34 -46.45 1.81
N PHE A 190 -27.47 -46.41 0.81
CA PHE A 190 -26.12 -45.90 1.03
C PHE A 190 -25.65 -45.19 -0.23
N ALA A 191 -24.71 -44.26 -0.04
CA ALA A 191 -24.22 -43.44 -1.13
C ALA A 191 -22.88 -42.84 -0.76
N GLY A 192 -21.89 -43.04 -1.64
CA GLY A 192 -20.63 -42.33 -1.49
C GLY A 192 -20.84 -40.84 -1.69
N ALA A 193 -20.32 -40.04 -0.76
CA ALA A 193 -20.58 -38.61 -0.81
C ALA A 193 -19.89 -37.93 -1.99
N GLN A 194 -18.82 -38.53 -2.53
CA GLN A 194 -18.00 -37.90 -3.57
C GLN A 194 -18.69 -37.78 -4.91
N LYS A 195 -19.97 -38.11 -5.08
CA LYS A 195 -20.61 -38.02 -6.38
C LYS A 195 -21.67 -36.93 -6.47
N ASN A 196 -22.37 -36.64 -5.38
CA ASN A 196 -23.49 -35.71 -5.44
C ASN A 196 -23.62 -34.80 -4.23
N VAL A 197 -23.08 -35.17 -3.07
CA VAL A 197 -23.38 -34.44 -1.84
C VAL A 197 -22.10 -34.17 -1.04
N GLY A 198 -20.98 -34.01 -1.71
CA GLY A 198 -19.78 -33.61 -1.00
C GLY A 198 -18.54 -34.23 -1.62
N SER A 199 -17.55 -34.47 -0.77
CA SER A 199 -16.23 -34.92 -1.18
C SER A 199 -15.95 -36.31 -0.64
N ALA A 200 -14.97 -36.97 -1.26
CA ALA A 200 -14.64 -38.35 -0.92
C ALA A 200 -14.13 -38.46 0.51
N GLY A 201 -14.31 -39.64 1.09
CA GLY A 201 -13.85 -39.93 2.45
C GLY A 201 -14.95 -40.37 3.40
N VAL A 202 -16.21 -40.16 3.05
CA VAL A 202 -17.33 -40.48 3.94
C VAL A 202 -18.46 -41.10 3.13
N THR A 203 -19.18 -42.02 3.76
CA THR A 203 -20.33 -42.68 3.16
C THR A 203 -21.50 -42.59 4.13
N VAL A 204 -22.64 -42.12 3.64
CA VAL A 204 -23.86 -42.02 4.43
C VAL A 204 -24.67 -43.30 4.23
N VAL A 205 -25.20 -43.83 5.33
CA VAL A 205 -25.98 -45.07 5.30
C VAL A 205 -27.26 -44.85 6.10
N ILE A 206 -28.40 -45.19 5.50
CA ILE A 206 -29.71 -45.04 6.12
C ILE A 206 -30.29 -46.43 6.34
N VAL A 207 -30.47 -46.80 7.60
CA VAL A 207 -30.85 -48.16 7.98
C VAL A 207 -32.09 -48.10 8.87
N ARG A 208 -33.05 -48.99 8.59
CA ARG A 208 -34.18 -49.15 9.49
C ARG A 208 -33.72 -49.76 10.82
N ASP A 209 -34.23 -49.21 11.92
CA ASP A 209 -33.68 -49.52 13.24
C ASP A 209 -33.92 -50.96 13.69
N ASP A 210 -34.75 -51.73 13.00
CA ASP A 210 -34.95 -53.12 13.34
C ASP A 210 -34.07 -54.06 12.51
N LEU A 211 -33.27 -53.52 11.59
CA LEU A 211 -32.34 -54.31 10.81
C LEU A 211 -30.95 -54.36 11.42
N LEU A 212 -30.78 -53.80 12.62
CA LEU A 212 -29.53 -53.88 13.35
C LEU A 212 -29.47 -55.19 14.14
N GLY A 213 -28.25 -55.60 14.47
CA GLY A 213 -28.08 -56.82 15.25
C GLY A 213 -28.25 -58.09 14.45
N PHE A 214 -27.96 -58.05 13.15
CA PHE A 214 -27.91 -59.26 12.32
C PHE A 214 -26.55 -59.41 11.66
N ALA A 215 -25.54 -58.71 12.15
CA ALA A 215 -24.23 -58.73 11.53
C ALA A 215 -23.50 -60.03 11.87
N LEU A 216 -22.76 -60.55 10.89
CA LEU A 216 -21.95 -61.73 11.12
C LEU A 216 -20.80 -61.41 12.07
N ARG A 217 -20.20 -62.47 12.62
CA ARG A 217 -19.05 -62.28 13.51
C ARG A 217 -17.88 -61.63 12.78
N GLU A 218 -17.71 -61.92 11.49
CA GLU A 218 -16.57 -61.45 10.73
C GLU A 218 -16.68 -59.99 10.31
N CYS A 219 -17.76 -59.30 10.67
CA CYS A 219 -17.92 -57.91 10.28
C CYS A 219 -17.04 -57.01 11.14
N PRO A 220 -16.23 -56.14 10.55
CA PRO A 220 -15.46 -55.18 11.35
C PRO A 220 -16.38 -54.28 12.15
N SER A 221 -15.89 -53.84 13.32
CA SER A 221 -16.69 -52.99 14.18
C SER A 221 -16.98 -51.65 13.51
N VAL A 222 -15.99 -51.07 12.83
CA VAL A 222 -16.16 -49.78 12.17
C VAL A 222 -17.13 -49.83 11.01
N LEU A 223 -17.54 -51.02 10.59
CA LEU A 223 -18.49 -51.17 9.49
C LEU A 223 -19.80 -51.84 9.91
N GLU A 224 -19.98 -52.13 11.20
CA GLU A 224 -21.21 -52.74 11.68
C GLU A 224 -22.24 -51.65 11.97
N TYR A 225 -23.39 -51.71 11.31
CA TYR A 225 -24.41 -50.68 11.48
C TYR A 225 -24.83 -50.56 12.93
N LYS A 226 -25.06 -51.69 13.61
CA LYS A 226 -25.48 -51.67 15.01
C LYS A 226 -24.45 -50.94 15.88
N VAL A 227 -23.16 -51.20 15.65
CA VAL A 227 -22.12 -50.56 16.46
C VAL A 227 -22.06 -49.07 16.16
N GLN A 228 -22.06 -48.71 14.87
CA GLN A 228 -21.86 -47.31 14.50
C GLN A 228 -23.10 -46.47 14.78
N ALA A 229 -24.29 -47.07 14.68
CA ALA A 229 -25.50 -46.34 15.02
C ALA A 229 -25.62 -46.14 16.52
N GLY A 230 -25.09 -47.08 17.31
CA GLY A 230 -25.15 -46.93 18.76
C GLY A 230 -24.23 -45.84 19.28
N ASN A 231 -23.15 -45.55 18.56
CA ASN A 231 -22.19 -44.53 18.96
C ASN A 231 -22.35 -43.24 18.17
N SER A 232 -23.41 -43.10 17.38
CA SER A 232 -23.65 -41.91 16.56
C SER A 232 -22.47 -41.62 15.65
N SER A 233 -22.05 -42.63 14.87
CA SER A 233 -20.96 -42.52 13.91
C SER A 233 -19.62 -42.17 14.56
N LEU A 234 -19.50 -42.34 15.88
CA LEU A 234 -18.29 -41.96 16.61
C LEU A 234 -17.66 -43.14 17.35
N TYR A 235 -17.81 -44.36 16.82
CA TYR A 235 -17.13 -45.50 17.41
C TYR A 235 -15.62 -45.31 17.36
N ASN A 236 -15.11 -44.73 16.28
CA ASN A 236 -13.73 -44.28 16.19
C ASN A 236 -13.73 -42.91 15.51
N THR A 237 -12.56 -42.43 15.15
CA THR A 237 -12.45 -41.11 14.54
C THR A 237 -13.13 -41.11 13.18
N PRO A 238 -14.15 -40.29 12.95
CA PRO A 238 -14.81 -40.25 11.65
C PRO A 238 -14.10 -39.29 10.71
N PRO A 239 -14.33 -39.39 9.40
CA PRO A 239 -13.80 -38.38 8.49
C PRO A 239 -14.36 -37.01 8.80
N CYS A 240 -13.78 -36.34 9.80
CA CYS A 240 -14.35 -35.10 10.31
C CYS A 240 -14.49 -34.05 9.22
N PHE A 241 -13.42 -33.81 8.46
CA PHE A 241 -13.48 -32.79 7.44
C PHE A 241 -14.42 -33.19 6.30
N SER A 242 -14.50 -34.47 5.98
CA SER A 242 -15.38 -34.90 4.89
C SER A 242 -16.85 -34.84 5.28
N ILE A 243 -17.15 -35.02 6.57
CA ILE A 243 -18.53 -34.81 7.04
C ILE A 243 -18.85 -33.32 7.08
N TYR A 244 -17.88 -32.50 7.46
CA TYR A 244 -18.09 -31.05 7.46
C TYR A 244 -18.36 -30.52 6.05
N VAL A 245 -17.63 -31.04 5.06
CA VAL A 245 -17.84 -30.61 3.68
C VAL A 245 -19.22 -31.03 3.21
N MET A 246 -19.67 -32.22 3.60
CA MET A 246 -21.00 -32.69 3.21
C MET A 246 -22.07 -31.78 3.79
N GLY A 247 -21.91 -31.35 5.04
CA GLY A 247 -22.89 -30.46 5.64
C GLY A 247 -23.08 -29.16 4.86
N LEU A 248 -21.98 -28.62 4.32
CA LEU A 248 -22.10 -27.40 3.53
C LEU A 248 -22.79 -27.65 2.20
N VAL A 249 -22.52 -28.80 1.58
CA VAL A 249 -23.18 -29.12 0.32
C VAL A 249 -24.67 -29.36 0.54
N LEU A 250 -25.03 -30.10 1.60
CA LEU A 250 -26.44 -30.29 1.91
C LEU A 250 -27.10 -28.96 2.23
N GLU A 251 -26.44 -28.11 3.02
CA GLU A 251 -26.95 -26.76 3.25
C GLU A 251 -27.09 -26.00 1.94
N TRP A 252 -26.25 -26.29 0.95
CA TRP A 252 -26.38 -25.65 -0.35
C TRP A 252 -27.57 -26.21 -1.12
N ILE A 253 -27.82 -27.51 -1.00
CA ILE A 253 -28.98 -28.10 -1.67
C ILE A 253 -30.28 -27.59 -1.06
N LYS A 254 -30.31 -27.46 0.27
CA LYS A 254 -31.49 -26.91 0.93
C LYS A 254 -31.76 -25.48 0.49
N ASN A 255 -30.70 -24.66 0.40
CA ASN A 255 -30.87 -23.27 -0.03
C ASN A 255 -31.31 -23.15 -1.48
N ASN A 256 -31.23 -24.22 -2.27
CA ASN A 256 -31.58 -24.17 -3.68
C ASN A 256 -32.82 -24.99 -4.01
N GLY A 257 -33.63 -25.34 -3.02
CA GLY A 257 -34.91 -25.96 -3.27
C GLY A 257 -35.02 -27.43 -2.90
N GLY A 258 -34.03 -27.98 -2.19
CA GLY A 258 -34.12 -29.36 -1.77
C GLY A 258 -34.13 -30.35 -2.93
N ALA A 259 -34.43 -31.60 -2.58
CA ALA A 259 -34.44 -32.66 -3.57
C ALA A 259 -35.48 -32.41 -4.65
N ALA A 260 -36.62 -31.82 -4.28
CA ALA A 260 -37.69 -31.57 -5.24
C ALA A 260 -37.21 -30.68 -6.38
N ALA A 261 -36.39 -29.68 -6.07
CA ALA A 261 -35.87 -28.80 -7.10
C ALA A 261 -34.69 -29.41 -7.85
N MET A 262 -33.91 -30.26 -7.17
CA MET A 262 -32.81 -30.93 -7.86
C MET A 262 -33.32 -31.87 -8.94
N GLU A 263 -34.42 -32.56 -8.66
CA GLU A 263 -35.02 -33.46 -9.65
C GLU A 263 -35.43 -32.70 -10.91
N LYS A 264 -36.02 -31.51 -10.74
CA LYS A 264 -36.46 -30.73 -11.89
C LYS A 264 -35.30 -30.03 -12.58
N LEU A 265 -34.27 -29.64 -11.83
CA LEU A 265 -33.08 -29.07 -12.47
C LEU A 265 -32.31 -30.15 -13.22
N SER A 266 -32.29 -31.37 -12.69
CA SER A 266 -31.66 -32.48 -13.39
C SER A 266 -32.43 -32.84 -14.66
N SER A 267 -33.75 -32.63 -14.66
CA SER A 267 -34.52 -32.86 -15.87
C SER A 267 -34.14 -31.88 -16.97
N ILE A 268 -34.00 -30.59 -16.62
CA ILE A 268 -33.61 -29.59 -17.61
C ILE A 268 -32.24 -29.93 -18.18
N LYS A 269 -31.29 -30.27 -17.31
CA LYS A 269 -29.91 -30.53 -17.75
C LYS A 269 -29.85 -31.73 -18.69
N SER A 270 -30.43 -32.87 -18.26
CA SER A 270 -30.32 -34.09 -19.06
C SER A 270 -31.14 -34.00 -20.35
N GLN A 271 -32.31 -33.37 -20.29
CA GLN A 271 -33.11 -33.22 -21.51
C GLN A 271 -32.37 -32.42 -22.57
N THR A 272 -31.55 -31.45 -22.15
CA THR A 272 -30.80 -30.64 -23.11
C THR A 272 -29.80 -31.49 -23.89
N ILE A 273 -29.10 -32.39 -23.20
CA ILE A 273 -28.07 -33.21 -23.86
C ILE A 273 -28.71 -34.37 -24.62
N TYR A 274 -29.74 -35.00 -24.04
CA TYR A 274 -30.36 -36.15 -24.70
C TYR A 274 -31.04 -35.74 -26.00
N GLU A 275 -31.63 -34.55 -26.04
CA GLU A 275 -32.27 -34.10 -27.27
C GLU A 275 -31.25 -33.86 -28.37
N ILE A 276 -30.08 -33.33 -28.02
CA ILE A 276 -29.02 -33.14 -29.00
C ILE A 276 -28.60 -34.48 -29.60
N ILE A 277 -28.64 -35.54 -28.80
CA ILE A 277 -28.29 -36.87 -29.29
C ILE A 277 -29.38 -37.43 -30.20
N ASP A 278 -30.64 -37.31 -29.79
CA ASP A 278 -31.73 -37.87 -30.58
C ASP A 278 -31.85 -37.17 -31.93
N ASN A 279 -31.73 -35.85 -31.95
CA ASN A 279 -31.78 -35.10 -33.20
C ASN A 279 -30.46 -35.13 -33.97
N SER A 280 -29.43 -35.78 -33.43
CA SER A 280 -28.14 -35.83 -34.09
C SER A 280 -28.15 -36.66 -35.37
N GLN A 281 -29.24 -37.38 -35.64
CA GLN A 281 -29.37 -38.22 -36.83
C GLN A 281 -28.25 -39.24 -36.92
N GLY A 282 -27.98 -39.90 -35.80
CA GLY A 282 -26.99 -40.95 -35.74
C GLY A 282 -25.57 -40.50 -35.49
N PHE A 283 -25.32 -39.20 -35.36
CA PHE A 283 -23.96 -38.75 -35.09
C PHE A 283 -23.58 -38.96 -33.62
N TYR A 284 -24.54 -38.81 -32.72
CA TYR A 284 -24.36 -39.16 -31.31
C TYR A 284 -25.26 -40.35 -30.99
N VAL A 285 -24.68 -41.38 -30.39
CA VAL A 285 -25.35 -42.65 -30.17
C VAL A 285 -25.42 -42.93 -28.67
N CYS A 286 -26.63 -43.04 -28.14
CA CYS A 286 -26.84 -43.45 -26.75
C CYS A 286 -27.65 -44.74 -26.74
N PRO A 287 -27.05 -45.89 -26.42
CA PRO A 287 -27.77 -47.16 -26.54
C PRO A 287 -28.80 -47.43 -25.43
N VAL A 288 -28.82 -46.62 -24.37
CA VAL A 288 -29.75 -46.88 -23.28
C VAL A 288 -31.17 -46.55 -23.71
N GLU A 289 -32.12 -47.40 -23.32
CA GLU A 289 -33.52 -47.19 -23.67
C GLU A 289 -34.04 -45.93 -22.98
N PRO A 290 -34.85 -45.13 -23.67
CA PRO A 290 -35.24 -43.82 -23.11
C PRO A 290 -35.93 -43.90 -21.76
N GLN A 291 -36.73 -44.94 -21.53
CA GLN A 291 -37.43 -45.09 -20.26
C GLN A 291 -36.47 -45.33 -19.10
N ASN A 292 -35.22 -45.72 -19.38
CA ASN A 292 -34.26 -46.01 -18.33
C ASN A 292 -33.01 -45.13 -18.39
N ARG A 293 -33.01 -44.10 -19.23
CA ARG A 293 -31.86 -43.22 -19.34
C ARG A 293 -31.61 -42.49 -18.03
N SER A 294 -30.34 -42.32 -17.70
CA SER A 294 -29.96 -41.65 -16.45
C SER A 294 -29.98 -40.13 -16.64
N LYS A 295 -30.43 -39.43 -15.60
CA LYS A 295 -30.38 -37.98 -15.58
C LYS A 295 -29.08 -37.44 -15.00
N MET A 296 -28.21 -38.31 -14.50
CA MET A 296 -26.94 -37.93 -13.90
C MET A 296 -25.74 -38.17 -14.82
N ASN A 297 -25.71 -39.30 -15.50
CA ASN A 297 -24.59 -39.68 -16.35
C ASN A 297 -25.11 -40.03 -17.74
N ILE A 298 -24.55 -39.38 -18.76
CA ILE A 298 -24.98 -39.59 -20.13
C ILE A 298 -23.81 -40.11 -20.96
N PRO A 299 -23.60 -41.42 -21.02
CA PRO A 299 -22.55 -41.96 -21.89
C PRO A 299 -23.04 -42.14 -23.32
N PHE A 300 -22.19 -41.75 -24.27
CA PHE A 300 -22.55 -41.83 -25.68
C PHE A 300 -21.28 -42.03 -26.51
N ARG A 301 -21.48 -42.35 -27.78
CA ARG A 301 -20.42 -42.49 -28.76
C ARG A 301 -20.62 -41.49 -29.89
N ILE A 302 -19.53 -41.21 -30.61
CA ILE A 302 -19.53 -40.21 -31.67
C ILE A 302 -19.25 -40.90 -33.00
N GLY A 303 -20.00 -40.52 -34.03
CA GLY A 303 -19.84 -41.11 -35.34
C GLY A 303 -20.80 -42.25 -35.59
N ASN A 304 -20.61 -43.36 -34.87
CA ASN A 304 -21.46 -44.53 -35.01
C ASN A 304 -21.56 -45.21 -33.65
N ALA A 305 -22.38 -46.27 -33.60
CA ALA A 305 -22.66 -46.91 -32.32
C ALA A 305 -21.40 -47.49 -31.68
N LYS A 306 -20.57 -48.16 -32.48
CA LYS A 306 -19.36 -48.76 -31.91
C LYS A 306 -18.30 -47.72 -31.59
N GLY A 307 -18.37 -46.54 -32.19
CA GLY A 307 -17.46 -45.46 -31.83
C GLY A 307 -16.40 -45.15 -32.86
N ASP A 308 -16.32 -43.89 -33.26
CA ASP A 308 -15.27 -43.41 -34.16
C ASP A 308 -14.14 -42.85 -33.31
N ASP A 309 -13.02 -43.59 -33.27
CA ASP A 309 -11.91 -43.19 -32.41
C ASP A 309 -11.32 -41.84 -32.81
N ALA A 310 -11.34 -41.53 -34.11
CA ALA A 310 -10.80 -40.25 -34.56
C ALA A 310 -11.64 -39.09 -34.06
N LEU A 311 -12.95 -39.14 -34.28
CA LEU A 311 -13.83 -38.06 -33.85
C LEU A 311 -13.88 -37.96 -32.33
N GLU A 312 -13.85 -39.10 -31.63
CA GLU A 312 -13.93 -39.08 -30.17
C GLU A 312 -12.67 -38.49 -29.55
N LYS A 313 -11.53 -38.51 -30.24
CA LYS A 313 -10.35 -37.86 -29.70
C LYS A 313 -10.39 -36.34 -29.89
N ARG A 314 -10.77 -35.89 -31.09
CA ARG A 314 -10.88 -34.45 -31.32
C ARG A 314 -11.94 -33.83 -30.41
N PHE A 315 -13.03 -34.56 -30.16
CA PHE A 315 -14.03 -34.07 -29.21
C PHE A 315 -13.43 -33.85 -27.83
N LEU A 316 -12.65 -34.83 -27.35
CA LEU A 316 -12.03 -34.69 -26.03
C LEU A 316 -10.87 -33.71 -26.04
N ASP A 317 -10.23 -33.53 -27.20
CA ASP A 317 -9.14 -32.56 -27.30
C ASP A 317 -9.66 -31.13 -27.31
N LYS A 318 -10.65 -30.84 -28.17
CA LYS A 318 -11.25 -29.51 -28.19
C LYS A 318 -12.00 -29.20 -26.91
N ALA A 319 -12.62 -30.21 -26.28
CA ALA A 319 -13.26 -29.99 -25.00
C ALA A 319 -12.24 -29.60 -23.94
N LEU A 320 -11.02 -30.15 -24.03
CA LEU A 320 -9.99 -29.79 -23.07
C LEU A 320 -9.46 -28.39 -23.33
N GLU A 321 -9.39 -27.97 -24.60
CA GLU A 321 -9.02 -26.59 -24.89
C GLU A 321 -10.03 -25.61 -24.32
N LEU A 322 -11.29 -26.01 -24.21
CA LEU A 322 -12.35 -25.18 -23.67
C LEU A 322 -12.55 -25.36 -22.17
N ASN A 323 -11.68 -26.12 -21.51
CA ASN A 323 -11.72 -26.34 -20.06
C ASN A 323 -12.99 -27.07 -19.64
N MET A 324 -13.30 -28.15 -20.36
CA MET A 324 -14.41 -29.03 -20.01
C MET A 324 -13.79 -30.38 -19.62
N LEU A 325 -13.51 -30.52 -18.32
CA LEU A 325 -12.73 -31.63 -17.81
C LEU A 325 -13.56 -32.88 -17.58
N SER A 326 -12.88 -34.03 -17.61
CA SER A 326 -13.42 -35.34 -17.23
C SER A 326 -14.57 -35.80 -18.13
N LEU A 327 -14.63 -35.34 -19.37
CA LEU A 327 -15.67 -35.80 -20.28
C LEU A 327 -15.36 -37.15 -20.91
N LYS A 328 -14.14 -37.68 -20.72
CA LYS A 328 -13.81 -38.97 -21.27
C LYS A 328 -14.60 -40.08 -20.57
N GLY A 329 -15.11 -41.02 -21.36
CA GLY A 329 -15.86 -42.13 -20.81
C GLY A 329 -15.01 -43.03 -19.94
N HIS A 330 -15.70 -43.89 -19.20
CA HIS A 330 -15.04 -44.81 -18.30
C HIS A 330 -14.13 -45.77 -19.07
N ARG A 331 -13.14 -46.31 -18.37
CA ARG A 331 -12.11 -47.13 -19.01
C ARG A 331 -12.71 -48.39 -19.63
N SER A 332 -13.78 -48.93 -19.06
CA SER A 332 -14.38 -50.17 -19.50
C SER A 332 -15.41 -49.98 -20.62
N VAL A 333 -15.71 -48.75 -21.02
CA VAL A 333 -16.69 -48.50 -22.05
C VAL A 333 -16.09 -47.55 -23.09
N GLY A 334 -15.16 -46.69 -22.64
CA GLY A 334 -14.61 -45.71 -23.54
C GLY A 334 -15.66 -44.66 -23.93
N GLY A 335 -15.49 -44.10 -25.12
CA GLY A 335 -16.42 -43.11 -25.60
C GLY A 335 -16.46 -41.88 -24.71
N ILE A 336 -17.60 -41.21 -24.69
CA ILE A 336 -17.80 -39.99 -23.93
C ILE A 336 -18.79 -40.27 -22.81
N ARG A 337 -18.62 -39.55 -21.69
CA ARG A 337 -19.59 -39.60 -20.60
C ARG A 337 -19.62 -38.23 -19.94
N ALA A 338 -20.78 -37.59 -19.97
CA ALA A 338 -20.99 -36.32 -19.31
C ALA A 338 -21.78 -36.55 -18.02
N SER A 339 -21.23 -36.10 -16.90
CA SER A 339 -21.87 -36.28 -15.60
C SER A 339 -22.50 -34.95 -15.19
N LEU A 340 -23.81 -34.98 -14.93
CA LEU A 340 -24.56 -33.77 -14.64
C LEU A 340 -25.10 -33.76 -13.21
N TYR A 341 -24.21 -33.75 -12.23
CA TYR A 341 -24.60 -33.83 -10.83
C TYR A 341 -25.15 -32.48 -10.37
N ASN A 342 -25.46 -32.39 -9.07
CA ASN A 342 -26.19 -31.23 -8.56
C ASN A 342 -25.42 -29.93 -8.78
N ALA A 343 -24.15 -29.91 -8.38
CA ALA A 343 -23.36 -28.69 -8.48
C ALA A 343 -23.14 -28.25 -9.92
N VAL A 344 -23.34 -29.14 -10.89
CA VAL A 344 -23.20 -28.80 -12.30
C VAL A 344 -24.39 -27.92 -12.69
N THR A 345 -24.12 -26.67 -13.04
CA THR A 345 -25.19 -25.70 -13.28
C THR A 345 -25.71 -25.81 -14.71
N ILE A 346 -26.86 -25.18 -14.94
CA ILE A 346 -27.41 -25.12 -16.29
C ILE A 346 -26.46 -24.39 -17.22
N GLU A 347 -25.82 -23.34 -16.73
CA GLU A 347 -24.85 -22.60 -17.53
C GLU A 347 -23.69 -23.49 -17.94
N ASP A 348 -23.27 -24.41 -17.06
CA ASP A 348 -22.23 -25.38 -17.41
C ASP A 348 -22.69 -26.27 -18.56
N VAL A 349 -23.87 -26.87 -18.42
CA VAL A 349 -24.38 -27.80 -19.43
C VAL A 349 -24.58 -27.10 -20.77
N GLN A 350 -24.95 -25.82 -20.74
CA GLN A 350 -25.13 -25.09 -22.00
C GLN A 350 -23.82 -24.95 -22.75
N LYS A 351 -22.71 -24.78 -22.02
CA LYS A 351 -21.40 -24.78 -22.67
C LYS A 351 -21.14 -26.12 -23.37
N LEU A 352 -21.58 -27.21 -22.74
CA LEU A 352 -21.45 -28.52 -23.38
C LEU A 352 -22.43 -28.65 -24.55
N ALA A 353 -23.65 -28.12 -24.38
CA ALA A 353 -24.64 -28.21 -25.44
C ALA A 353 -24.19 -27.45 -26.68
N ALA A 354 -23.71 -26.22 -26.50
CA ALA A 354 -23.22 -25.44 -27.62
C ALA A 354 -22.02 -26.10 -28.29
N PHE A 355 -21.17 -26.78 -27.50
CA PHE A 355 -20.01 -27.44 -28.08
C PHE A 355 -20.39 -28.68 -28.88
N MET A 356 -21.31 -29.48 -28.37
CA MET A 356 -21.75 -30.66 -29.10
C MET A 356 -22.49 -30.26 -30.38
N LYS A 357 -23.31 -29.22 -30.31
CA LYS A 357 -23.99 -28.75 -31.51
C LYS A 357 -23.01 -28.23 -32.55
N LYS A 358 -21.96 -27.52 -32.10
CA LYS A 358 -20.96 -27.00 -33.04
C LYS A 358 -20.08 -28.12 -33.59
N PHE A 359 -19.77 -29.13 -32.78
CA PHE A 359 -18.96 -30.24 -33.26
C PHE A 359 -19.71 -31.06 -34.30
N LEU A 360 -21.01 -31.29 -34.07
CA LEU A 360 -21.80 -32.00 -35.06
C LEU A 360 -21.89 -31.23 -36.37
N GLU A 361 -22.18 -29.93 -36.29
CA GLU A 361 -22.28 -29.10 -37.49
C GLU A 361 -20.98 -29.06 -38.28
N MET A 362 -19.85 -29.39 -37.65
CA MET A 362 -18.55 -29.30 -38.28
C MET A 362 -18.02 -30.63 -38.81
N HIS A 363 -18.57 -31.76 -38.36
CA HIS A 363 -18.08 -33.07 -38.77
C HIS A 363 -19.16 -34.04 -39.22
N GLN A 364 -20.43 -33.65 -39.17
CA GLN A 364 -21.51 -34.53 -39.60
C GLN A 364 -21.47 -34.72 -41.12
N LEU A 365 -21.56 -35.97 -41.55
CA LEU A 365 -21.49 -36.28 -42.98
C LEU A 365 -22.90 -36.39 -43.57
N ARG B 28 -26.00 -9.39 4.60
CA ARG B 28 -27.31 -9.80 4.06
C ARG B 28 -27.44 -9.30 2.63
N GLN B 29 -27.69 -10.19 1.68
CA GLN B 29 -27.80 -9.78 0.28
C GLN B 29 -29.26 -9.53 -0.07
N VAL B 30 -29.48 -8.53 -0.91
CA VAL B 30 -30.82 -8.09 -1.28
C VAL B 30 -31.44 -9.08 -2.27
N VAL B 31 -32.71 -9.38 -2.07
CA VAL B 31 -33.50 -10.20 -2.99
C VAL B 31 -34.52 -9.28 -3.63
N ASN B 32 -34.36 -9.00 -4.93
CA ASN B 32 -35.15 -7.99 -5.62
C ASN B 32 -36.26 -8.68 -6.41
N PHE B 33 -37.47 -8.65 -5.85
CA PHE B 33 -38.68 -9.11 -6.56
C PHE B 33 -39.36 -7.97 -7.31
N GLY B 34 -38.60 -7.14 -8.00
CA GLY B 34 -39.13 -5.97 -8.67
C GLY B 34 -40.08 -6.33 -9.80
N PRO B 35 -41.16 -5.57 -9.94
CA PRO B 35 -42.15 -5.85 -10.98
C PRO B 35 -41.87 -5.22 -12.34
N GLY B 36 -40.91 -4.30 -12.44
CA GLY B 36 -40.66 -3.60 -13.68
C GLY B 36 -40.52 -2.11 -13.46
N PRO B 37 -39.28 -1.60 -13.41
CA PRO B 37 -38.00 -2.29 -13.61
C PRO B 37 -37.72 -3.37 -12.56
N ALA B 38 -36.99 -4.41 -12.95
CA ALA B 38 -36.80 -5.58 -12.11
C ALA B 38 -35.33 -5.91 -11.91
N LYS B 39 -35.07 -7.09 -11.35
CA LYS B 39 -33.70 -7.51 -11.08
C LYS B 39 -33.00 -7.88 -12.38
N LEU B 40 -31.71 -7.55 -12.46
CA LEU B 40 -30.81 -7.91 -13.54
C LEU B 40 -29.81 -8.95 -13.06
N PRO B 41 -29.29 -9.78 -13.97
CA PRO B 41 -28.29 -10.76 -13.54
C PRO B 41 -27.05 -10.09 -12.98
N HIS B 42 -26.51 -10.67 -11.91
CA HIS B 42 -25.35 -10.07 -11.26
C HIS B 42 -24.15 -10.00 -12.19
N SER B 43 -23.90 -11.08 -12.96
CA SER B 43 -22.78 -11.07 -13.89
C SER B 43 -22.95 -9.99 -14.96
N VAL B 44 -24.19 -9.70 -15.34
CA VAL B 44 -24.43 -8.61 -16.30
C VAL B 44 -24.06 -7.28 -15.69
N LEU B 45 -24.50 -7.02 -14.46
CA LEU B 45 -24.16 -5.77 -13.79
C LEU B 45 -22.65 -5.65 -13.59
N LEU B 46 -21.94 -6.79 -13.46
CA LEU B 46 -20.49 -6.74 -13.32
C LEU B 46 -19.82 -6.30 -14.61
N GLU B 47 -20.31 -6.78 -15.75
CA GLU B 47 -19.71 -6.39 -17.02
C GLU B 47 -19.97 -4.91 -17.30
N ILE B 48 -21.20 -4.45 -17.06
CA ILE B 48 -21.51 -3.03 -17.29
C ILE B 48 -20.62 -2.15 -16.43
N GLN B 49 -20.40 -2.55 -15.19
CA GLN B 49 -19.52 -1.79 -14.30
C GLN B 49 -18.08 -1.82 -14.77
N LYS B 50 -17.63 -2.97 -15.27
CA LYS B 50 -16.25 -3.12 -15.71
C LYS B 50 -15.93 -2.15 -16.84
N GLU B 51 -16.71 -2.19 -17.92
CA GLU B 51 -16.44 -1.41 -19.12
C GLU B 51 -17.27 -0.12 -19.18
N LEU B 52 -17.62 0.45 -18.02
CA LEU B 52 -18.43 1.66 -18.02
C LEU B 52 -17.65 2.91 -18.43
N LEU B 53 -16.33 2.89 -18.34
CA LEU B 53 -15.54 4.05 -18.74
C LEU B 53 -14.69 3.80 -19.98
N ASP B 54 -14.44 2.54 -20.33
CA ASP B 54 -13.65 2.17 -21.51
C ASP B 54 -14.26 0.89 -22.08
N TYR B 55 -15.32 1.04 -22.87
CA TYR B 55 -16.02 -0.11 -23.44
C TYR B 55 -15.12 -0.82 -24.43
N LYS B 56 -14.58 -1.97 -24.03
CA LYS B 56 -13.84 -2.87 -24.92
C LYS B 56 -12.70 -2.14 -25.63
N GLY B 57 -12.02 -1.27 -24.90
CA GLY B 57 -10.84 -0.59 -25.42
C GLY B 57 -11.12 0.57 -26.36
N VAL B 58 -12.38 0.84 -26.70
CA VAL B 58 -12.69 1.95 -27.60
C VAL B 58 -12.22 3.27 -27.02
N GLY B 59 -12.16 3.38 -25.70
CA GLY B 59 -11.70 4.58 -25.03
C GLY B 59 -12.79 5.44 -24.43
N ILE B 60 -14.05 5.19 -24.79
CA ILE B 60 -15.17 5.96 -24.29
C ILE B 60 -16.16 5.03 -23.60
N SER B 61 -17.24 5.61 -23.09
CA SER B 61 -18.31 4.84 -22.48
C SER B 61 -19.43 4.60 -23.49
N VAL B 62 -20.28 3.62 -23.19
CA VAL B 62 -21.50 3.46 -23.97
C VAL B 62 -22.37 4.70 -23.81
N LEU B 63 -22.32 5.34 -22.64
CA LEU B 63 -23.05 6.58 -22.42
C LEU B 63 -22.52 7.73 -23.27
N GLU B 64 -21.30 7.62 -23.79
CA GLU B 64 -20.71 8.62 -24.68
C GLU B 64 -20.72 8.20 -26.14
N MET B 65 -21.18 6.99 -26.44
CA MET B 65 -21.01 6.41 -27.77
C MET B 65 -22.00 7.02 -28.77
N SER B 66 -21.49 7.40 -29.92
CA SER B 66 -22.34 7.91 -30.99
C SER B 66 -23.14 6.76 -31.59
N HIS B 67 -24.45 6.97 -31.74
CA HIS B 67 -25.31 5.94 -32.30
C HIS B 67 -25.01 5.64 -33.77
N ARG B 68 -24.25 6.49 -34.43
CA ARG B 68 -23.88 6.30 -35.84
C ARG B 68 -22.47 5.76 -36.01
N SER B 69 -21.82 5.34 -34.93
CA SER B 69 -20.48 4.78 -35.02
C SER B 69 -20.56 3.29 -35.36
N SER B 70 -19.42 2.76 -35.82
CA SER B 70 -19.34 1.33 -36.07
C SER B 70 -19.40 0.54 -34.77
N ASP B 71 -18.88 1.12 -33.68
CA ASP B 71 -18.88 0.42 -32.39
C ASP B 71 -20.29 0.14 -31.91
N PHE B 72 -21.16 1.16 -31.94
CA PHE B 72 -22.54 0.93 -31.52
C PHE B 72 -23.32 0.17 -32.58
N ALA B 73 -22.89 0.26 -33.84
CA ALA B 73 -23.52 -0.51 -34.90
C ALA B 73 -23.46 -2.01 -34.61
N LYS B 74 -22.34 -2.46 -34.05
CA LYS B 74 -22.24 -3.86 -33.65
C LYS B 74 -23.12 -4.17 -32.45
N ILE B 75 -23.30 -3.22 -31.54
CA ILE B 75 -24.11 -3.48 -30.35
C ILE B 75 -25.58 -3.66 -30.72
N ILE B 76 -26.12 -2.74 -31.50
CA ILE B 76 -27.53 -2.82 -31.85
C ILE B 76 -27.79 -3.92 -32.87
N ASN B 77 -26.81 -4.28 -33.70
CA ASN B 77 -27.00 -5.40 -34.61
C ASN B 77 -26.92 -6.72 -33.86
N ASN B 78 -25.99 -6.85 -32.91
CA ASN B 78 -25.92 -8.07 -32.12
C ASN B 78 -27.16 -8.24 -31.25
N THR B 79 -27.76 -7.15 -30.81
CA THR B 79 -28.99 -7.24 -30.02
C THR B 79 -30.15 -7.74 -30.87
N GLU B 80 -30.28 -7.23 -32.09
CA GLU B 80 -31.32 -7.70 -32.99
C GLU B 80 -31.09 -9.17 -33.37
N ASN B 81 -29.84 -9.55 -33.58
CA ASN B 81 -29.53 -10.94 -33.91
C ASN B 81 -29.90 -11.87 -32.76
N LEU B 82 -29.73 -11.41 -31.52
CA LEU B 82 -30.10 -12.25 -30.37
C LEU B 82 -31.61 -12.39 -30.25
N VAL B 83 -32.35 -11.30 -30.49
CA VAL B 83 -33.81 -11.38 -30.44
C VAL B 83 -34.33 -12.38 -31.48
N ARG B 84 -33.77 -12.33 -32.69
CA ARG B 84 -34.19 -13.25 -33.74
C ARG B 84 -33.83 -14.69 -33.39
N GLU B 85 -32.64 -14.90 -32.85
CA GLU B 85 -32.19 -16.26 -32.55
C GLU B 85 -32.97 -16.87 -31.39
N LEU B 86 -33.10 -16.12 -30.28
CA LEU B 86 -33.70 -16.67 -29.08
C LEU B 86 -35.19 -16.92 -29.26
N LEU B 87 -35.87 -16.11 -30.08
CA LEU B 87 -37.31 -16.27 -30.31
C LEU B 87 -37.63 -16.98 -31.62
N ALA B 88 -36.62 -17.36 -32.40
CA ALA B 88 -36.83 -17.98 -33.70
C ALA B 88 -37.72 -17.11 -34.59
N VAL B 89 -37.39 -15.82 -34.63
CA VAL B 89 -38.15 -14.85 -35.41
C VAL B 89 -37.92 -15.11 -36.89
N PRO B 90 -38.97 -15.37 -37.66
CA PRO B 90 -38.80 -15.60 -39.11
C PRO B 90 -38.22 -14.38 -39.80
N ASP B 91 -37.68 -14.62 -41.00
CA ASP B 91 -37.01 -13.54 -41.74
C ASP B 91 -37.98 -12.51 -42.29
N ASN B 92 -39.28 -12.79 -42.33
CA ASN B 92 -40.27 -11.83 -42.78
C ASN B 92 -40.81 -10.98 -41.64
N TYR B 93 -40.08 -10.86 -40.54
CA TYR B 93 -40.44 -10.01 -39.43
C TYR B 93 -39.35 -8.97 -39.19
N LYS B 94 -39.78 -7.73 -38.94
CA LYS B 94 -38.86 -6.66 -38.60
C LYS B 94 -38.73 -6.56 -37.08
N VAL B 95 -37.50 -6.37 -36.61
CA VAL B 95 -37.22 -6.21 -35.19
C VAL B 95 -36.65 -4.82 -34.98
N ILE B 96 -37.40 -3.98 -34.25
CA ILE B 96 -37.02 -2.59 -34.04
C ILE B 96 -37.04 -2.28 -32.55
N PHE B 97 -36.26 -1.27 -32.17
CA PHE B 97 -36.16 -0.83 -30.78
C PHE B 97 -36.63 0.62 -30.71
N LEU B 98 -37.73 0.85 -30.00
CA LEU B 98 -38.35 2.17 -29.90
C LEU B 98 -38.29 2.67 -28.46
N GLN B 99 -38.59 3.95 -28.30
CA GLN B 99 -38.78 4.55 -26.99
C GLN B 99 -40.26 4.60 -26.67
N GLY B 100 -40.59 5.12 -25.49
CA GLY B 100 -41.97 5.28 -25.08
C GLY B 100 -42.50 4.18 -24.17
N GLY B 101 -41.73 3.13 -23.93
CA GLY B 101 -42.20 2.08 -23.06
C GLY B 101 -43.37 1.31 -23.67
N GLY B 102 -43.99 0.49 -22.82
CA GLY B 102 -45.16 -0.24 -23.25
C GLY B 102 -46.36 0.65 -23.48
N CYS B 103 -46.58 1.62 -22.59
CA CYS B 103 -47.71 2.54 -22.74
C CYS B 103 -47.59 3.36 -24.03
N GLY B 104 -46.36 3.58 -24.50
CA GLY B 104 -46.19 4.21 -25.80
C GLY B 104 -46.73 3.35 -26.93
N GLN B 105 -46.49 2.03 -26.84
CA GLN B 105 -47.01 1.13 -27.86
C GLN B 105 -48.53 1.04 -27.81
N PHE B 106 -49.14 1.33 -26.66
CA PHE B 106 -50.59 1.39 -26.58
C PHE B 106 -51.15 2.38 -27.60
N SER B 107 -50.36 3.39 -27.95
CA SER B 107 -50.73 4.33 -29.02
C SER B 107 -50.15 3.92 -30.36
N ALA B 108 -48.94 3.35 -30.36
CA ALA B 108 -48.26 3.05 -31.62
C ALA B 108 -49.00 1.96 -32.39
N VAL B 109 -49.52 0.95 -31.69
CA VAL B 109 -50.22 -0.13 -32.38
C VAL B 109 -51.44 0.37 -33.14
N PRO B 110 -52.35 1.16 -32.56
CA PRO B 110 -53.42 1.71 -33.39
C PRO B 110 -52.91 2.70 -34.43
N LEU B 111 -51.89 3.49 -34.10
CA LEU B 111 -51.39 4.47 -35.06
C LEU B 111 -50.85 3.79 -36.31
N ASN B 112 -50.20 2.63 -36.14
CA ASN B 112 -49.60 1.92 -37.26
C ASN B 112 -50.55 0.93 -37.92
N LEU B 113 -51.61 0.50 -37.25
CA LEU B 113 -52.39 -0.64 -37.71
C LEU B 113 -53.89 -0.44 -37.76
N ILE B 114 -54.45 0.56 -37.07
CA ILE B 114 -55.91 0.68 -37.07
C ILE B 114 -56.43 1.13 -38.43
N GLY B 115 -55.58 1.76 -39.24
CA GLY B 115 -55.93 2.10 -40.59
C GLY B 115 -55.74 0.99 -41.60
N LEU B 116 -55.41 -0.22 -41.14
CA LEU B 116 -55.20 -1.34 -42.05
C LEU B 116 -56.48 -1.70 -42.78
N LYS B 117 -57.63 -1.53 -42.13
CA LYS B 117 -58.93 -1.70 -42.76
C LYS B 117 -59.73 -0.42 -42.60
N ALA B 118 -60.58 -0.14 -43.60
CA ALA B 118 -61.19 1.19 -43.71
C ALA B 118 -62.03 1.54 -42.49
N GLY B 119 -62.67 0.55 -41.86
CA GLY B 119 -63.55 0.83 -40.74
C GLY B 119 -62.86 1.42 -39.53
N ARG B 120 -61.52 1.33 -39.49
CA ARG B 120 -60.74 1.74 -38.31
C ARG B 120 -61.30 1.09 -37.05
N CYS B 121 -61.64 -0.19 -37.16
CA CYS B 121 -62.13 -0.98 -36.04
C CYS B 121 -61.02 -1.88 -35.52
N ALA B 122 -61.05 -2.14 -34.22
CA ALA B 122 -60.05 -2.98 -33.58
C ALA B 122 -60.70 -3.77 -32.46
N ASP B 123 -60.36 -5.05 -32.39
CA ASP B 123 -60.86 -5.95 -31.36
C ASP B 123 -59.84 -6.07 -30.24
N TYR B 124 -60.32 -6.07 -29.00
CA TYR B 124 -59.46 -6.12 -27.83
C TYR B 124 -59.94 -7.18 -26.86
N VAL B 125 -59.00 -7.88 -26.26
CA VAL B 125 -59.27 -8.92 -25.25
C VAL B 125 -58.75 -8.40 -23.92
N VAL B 126 -59.66 -8.03 -23.04
CA VAL B 126 -59.31 -7.42 -21.76
C VAL B 126 -59.32 -8.50 -20.69
N THR B 127 -58.13 -8.92 -20.25
CA THR B 127 -57.99 -9.91 -19.19
C THR B 127 -57.41 -9.32 -17.91
N GLY B 128 -57.00 -8.06 -17.93
CA GLY B 128 -56.48 -7.44 -16.72
C GLY B 128 -56.38 -5.95 -16.86
N ALA B 129 -55.52 -5.36 -16.02
CA ALA B 129 -55.43 -3.90 -15.97
C ALA B 129 -54.71 -3.35 -17.19
N TRP B 130 -53.67 -4.06 -17.67
CA TRP B 130 -52.87 -3.54 -18.77
C TRP B 130 -53.53 -3.72 -20.12
N SER B 131 -54.32 -4.78 -20.29
CA SER B 131 -55.11 -4.91 -21.50
C SER B 131 -56.28 -3.93 -21.52
N ALA B 132 -56.80 -3.58 -20.34
CA ALA B 132 -57.85 -2.57 -20.27
C ALA B 132 -57.28 -1.18 -20.56
N LYS B 133 -56.13 -0.85 -19.98
CA LYS B 133 -55.49 0.43 -20.24
C LYS B 133 -55.15 0.59 -21.72
N ALA B 134 -54.82 -0.50 -22.39
CA ALA B 134 -54.50 -0.45 -23.81
C ALA B 134 -55.75 -0.29 -24.66
N ALA B 135 -56.85 -0.95 -24.30
CA ALA B 135 -58.09 -0.80 -25.04
C ALA B 135 -58.64 0.61 -24.91
N GLU B 136 -58.50 1.23 -23.74
CA GLU B 136 -58.97 2.60 -23.56
C GLU B 136 -58.13 3.58 -24.37
N GLU B 137 -56.81 3.39 -24.41
CA GLU B 137 -55.95 4.29 -25.17
C GLU B 137 -56.22 4.18 -26.67
N ALA B 138 -56.65 3.02 -27.14
CA ALA B 138 -56.91 2.84 -28.57
C ALA B 138 -58.19 3.52 -29.03
N LYS B 139 -59.03 3.99 -28.10
CA LYS B 139 -60.23 4.73 -28.48
C LYS B 139 -59.92 6.15 -28.96
N LYS B 140 -58.69 6.62 -28.77
CA LYS B 140 -58.31 7.92 -29.31
C LYS B 140 -58.09 7.87 -30.82
N PHE B 141 -57.98 6.66 -31.40
CA PHE B 141 -57.65 6.51 -32.80
C PHE B 141 -58.67 5.71 -33.60
N GLY B 142 -59.64 5.08 -32.96
CA GLY B 142 -60.65 4.35 -33.69
C GLY B 142 -61.70 3.78 -32.76
N THR B 143 -62.61 3.01 -33.35
CA THR B 143 -63.73 2.41 -32.62
C THR B 143 -63.29 1.06 -32.06
N ILE B 144 -63.17 0.98 -30.73
CA ILE B 144 -62.63 -0.18 -30.05
C ILE B 144 -63.78 -1.00 -29.49
N ASN B 145 -63.72 -2.32 -29.67
CA ASN B 145 -64.76 -3.23 -29.22
C ASN B 145 -64.13 -4.36 -28.43
N ILE B 146 -64.59 -4.55 -27.19
CA ILE B 146 -64.13 -5.66 -26.36
C ILE B 146 -64.94 -6.89 -26.73
N VAL B 147 -64.25 -7.92 -27.25
CA VAL B 147 -64.93 -9.04 -27.90
C VAL B 147 -65.65 -9.97 -26.93
N HIS B 148 -65.42 -9.82 -25.64
CA HIS B 148 -66.02 -10.73 -24.67
C HIS B 148 -66.83 -9.96 -23.65
N PRO B 149 -67.84 -10.60 -23.05
CA PRO B 149 -68.56 -9.94 -21.95
C PRO B 149 -67.59 -9.63 -20.81
N LYS B 150 -67.84 -8.49 -20.15
CA LYS B 150 -66.94 -8.00 -19.12
C LYS B 150 -66.77 -9.03 -18.00
N LEU B 151 -65.56 -9.09 -17.45
CA LEU B 151 -65.26 -9.99 -16.35
C LEU B 151 -65.55 -9.29 -15.01
N GLY B 152 -66.26 -9.99 -14.13
CA GLY B 152 -66.48 -9.48 -12.79
C GLY B 152 -65.19 -9.29 -12.02
N SER B 153 -64.20 -10.16 -12.25
CA SER B 153 -62.88 -10.04 -11.67
C SER B 153 -61.87 -10.65 -12.62
N TYR B 154 -60.69 -10.01 -12.71
CA TYR B 154 -59.62 -10.51 -13.57
C TYR B 154 -59.00 -11.77 -12.98
N THR B 155 -59.76 -12.87 -12.99
CA THR B 155 -59.30 -14.14 -12.43
C THR B 155 -59.35 -15.27 -13.44
N LYS B 156 -59.65 -14.98 -14.71
CA LYS B 156 -59.70 -16.01 -15.73
C LYS B 156 -59.62 -15.37 -17.10
N ILE B 157 -59.31 -16.19 -18.09
CA ILE B 157 -59.33 -15.79 -19.50
C ILE B 157 -60.67 -16.23 -20.08
N PRO B 158 -61.51 -15.31 -20.55
CA PRO B 158 -62.78 -15.73 -21.16
C PRO B 158 -62.56 -16.69 -22.31
N ASP B 159 -63.38 -17.74 -22.34
CA ASP B 159 -63.24 -18.79 -23.33
C ASP B 159 -63.25 -18.19 -24.73
N PRO B 160 -62.26 -18.50 -25.58
CA PRO B 160 -62.27 -17.95 -26.95
C PRO B 160 -63.51 -18.30 -27.75
N SER B 161 -64.19 -19.40 -27.39
CA SER B 161 -65.45 -19.73 -28.05
C SER B 161 -66.55 -18.72 -27.78
N THR B 162 -66.40 -17.89 -26.75
CA THR B 162 -67.38 -16.86 -26.42
C THR B 162 -67.01 -15.50 -26.96
N TRP B 163 -65.92 -15.40 -27.72
CA TRP B 163 -65.48 -14.11 -28.26
C TRP B 163 -66.33 -13.72 -29.47
N ASN B 164 -66.65 -12.43 -29.57
CA ASN B 164 -67.38 -11.87 -30.69
C ASN B 164 -66.39 -11.07 -31.53
N LEU B 165 -65.78 -11.74 -32.52
CA LEU B 165 -64.74 -11.13 -33.33
C LEU B 165 -65.33 -10.44 -34.55
N ASN B 166 -64.93 -9.18 -34.75
CA ASN B 166 -65.34 -8.44 -35.95
C ASN B 166 -64.48 -8.89 -37.13
N PRO B 167 -65.07 -9.43 -38.19
CA PRO B 167 -64.28 -9.82 -39.37
C PRO B 167 -63.67 -8.63 -40.09
N ASP B 168 -64.20 -7.42 -39.91
CA ASP B 168 -63.69 -6.22 -40.53
C ASP B 168 -62.76 -5.44 -39.62
N ALA B 169 -62.40 -6.00 -38.47
CA ALA B 169 -61.45 -5.33 -37.58
C ALA B 169 -60.06 -5.35 -38.19
N SER B 170 -59.34 -4.24 -38.01
CA SER B 170 -57.98 -4.16 -38.53
C SER B 170 -57.07 -5.18 -37.86
N TYR B 171 -57.22 -5.36 -36.54
CA TYR B 171 -56.39 -6.29 -35.80
C TYR B 171 -57.13 -6.73 -34.56
N VAL B 172 -56.53 -7.68 -33.85
CA VAL B 172 -57.01 -8.16 -32.55
C VAL B 172 -55.87 -8.03 -31.56
N TYR B 173 -56.16 -7.44 -30.39
CA TYR B 173 -55.17 -7.16 -29.37
C TYR B 173 -55.47 -7.98 -28.12
N TYR B 174 -54.42 -8.49 -27.49
CA TYR B 174 -54.55 -9.15 -26.20
C TYR B 174 -53.21 -9.09 -25.47
N CYS B 175 -53.27 -9.20 -24.15
CA CYS B 175 -52.11 -9.15 -23.29
C CYS B 175 -51.80 -10.56 -22.80
N ALA B 176 -50.58 -11.04 -23.08
CA ALA B 176 -50.23 -12.42 -22.75
C ALA B 176 -50.15 -12.63 -21.25
N ASN B 177 -49.49 -11.72 -20.53
CA ASN B 177 -49.28 -11.85 -19.10
C ASN B 177 -49.67 -10.54 -18.41
N GLU B 178 -50.61 -10.62 -17.47
CA GLU B 178 -51.11 -9.45 -16.75
C GLU B 178 -50.32 -9.29 -15.46
N THR B 179 -49.48 -8.26 -15.40
CA THR B 179 -48.52 -8.12 -14.31
C THR B 179 -49.22 -7.91 -12.97
N VAL B 180 -50.32 -7.15 -12.97
CA VAL B 180 -50.96 -6.80 -11.70
C VAL B 180 -51.85 -7.92 -11.20
N HIS B 181 -52.46 -8.70 -12.09
CA HIS B 181 -53.47 -9.67 -11.70
C HIS B 181 -53.00 -11.12 -11.82
N GLY B 182 -51.86 -11.38 -12.44
CA GLY B 182 -51.33 -12.74 -12.48
C GLY B 182 -52.07 -13.68 -13.40
N VAL B 183 -52.74 -13.14 -14.42
CA VAL B 183 -53.44 -13.95 -15.41
C VAL B 183 -52.58 -14.01 -16.66
N GLU B 184 -52.27 -15.22 -17.11
CA GLU B 184 -51.38 -15.41 -18.26
C GLU B 184 -52.00 -16.38 -19.25
N PHE B 185 -51.86 -16.06 -20.54
CA PHE B 185 -52.23 -17.00 -21.59
C PHE B 185 -51.17 -18.09 -21.70
N ASP B 186 -51.60 -19.35 -21.69
CA ASP B 186 -50.74 -20.46 -22.03
C ASP B 186 -51.08 -21.02 -23.40
N PHE B 187 -51.72 -20.21 -24.25
CA PHE B 187 -52.05 -20.60 -25.61
C PHE B 187 -52.05 -19.35 -26.48
N ILE B 188 -52.08 -19.56 -27.80
CA ILE B 188 -52.20 -18.48 -28.77
C ILE B 188 -53.64 -18.48 -29.28
N PRO B 189 -54.43 -17.44 -29.01
CA PRO B 189 -55.85 -17.47 -29.39
C PRO B 189 -56.03 -17.48 -30.90
N ASP B 190 -57.09 -18.17 -31.33
CA ASP B 190 -57.45 -18.24 -32.74
C ASP B 190 -58.36 -17.07 -33.07
N VAL B 191 -57.85 -16.10 -33.83
CA VAL B 191 -58.62 -14.91 -34.18
C VAL B 191 -59.20 -15.06 -35.57
N LYS B 192 -59.47 -16.31 -35.97
CA LYS B 192 -60.08 -16.63 -37.26
C LYS B 192 -59.31 -15.99 -38.42
N GLY B 193 -58.00 -15.88 -38.26
CA GLY B 193 -57.14 -15.35 -39.31
C GLY B 193 -56.82 -13.88 -39.24
N ALA B 194 -57.29 -13.18 -38.21
CA ALA B 194 -57.06 -11.75 -38.11
C ALA B 194 -55.60 -11.44 -37.77
N VAL B 195 -55.24 -10.18 -37.92
CA VAL B 195 -53.91 -9.71 -37.53
C VAL B 195 -53.84 -9.69 -36.01
N LEU B 196 -52.91 -10.45 -35.45
CA LEU B 196 -52.82 -10.62 -34.00
C LEU B 196 -51.76 -9.71 -33.42
N VAL B 197 -52.11 -9.00 -32.35
CA VAL B 197 -51.22 -8.10 -31.64
C VAL B 197 -51.18 -8.55 -30.19
N CYS B 198 -49.97 -8.63 -29.62
CA CYS B 198 -49.82 -9.17 -28.29
C CYS B 198 -48.83 -8.36 -27.49
N ASP B 199 -49.16 -8.17 -26.23
CA ASP B 199 -48.36 -7.41 -25.29
C ASP B 199 -47.67 -8.40 -24.35
N MET B 200 -46.40 -8.66 -24.60
CA MET B 200 -45.64 -9.64 -23.83
C MET B 200 -44.59 -8.99 -22.93
N SER B 201 -44.88 -7.81 -22.36
CA SER B 201 -43.83 -7.10 -21.64
C SER B 201 -43.43 -7.83 -20.37
N SER B 202 -44.37 -8.50 -19.72
CA SER B 202 -44.11 -9.17 -18.46
C SER B 202 -43.87 -10.66 -18.61
N ASN B 203 -43.78 -11.17 -19.84
CA ASN B 203 -43.33 -12.54 -20.03
C ASN B 203 -42.49 -12.72 -21.30
N PHE B 204 -41.87 -11.65 -21.79
CA PHE B 204 -41.04 -11.73 -22.99
C PHE B 204 -39.83 -12.62 -22.75
N LEU B 205 -39.64 -13.59 -23.64
CA LEU B 205 -38.51 -14.53 -23.55
C LEU B 205 -38.48 -15.26 -22.22
N SER B 206 -39.67 -15.57 -21.69
CA SER B 206 -39.80 -16.54 -20.62
C SER B 206 -40.25 -17.90 -21.12
N LYS B 207 -40.53 -18.00 -22.43
CA LYS B 207 -41.01 -19.22 -23.07
C LYS B 207 -40.87 -19.05 -24.57
N PRO B 208 -40.70 -20.13 -25.34
CA PRO B 208 -40.70 -20.00 -26.80
C PRO B 208 -42.03 -19.48 -27.30
N VAL B 209 -41.98 -18.80 -28.45
CA VAL B 209 -43.17 -18.23 -29.08
C VAL B 209 -43.09 -18.51 -30.57
N ASP B 210 -44.20 -18.97 -31.16
CA ASP B 210 -44.31 -19.14 -32.60
C ASP B 210 -44.68 -17.79 -33.19
N VAL B 211 -43.65 -17.00 -33.56
CA VAL B 211 -43.85 -15.64 -34.00
C VAL B 211 -44.71 -15.56 -35.27
N SER B 212 -44.75 -16.63 -36.07
CA SER B 212 -45.53 -16.60 -37.30
C SER B 212 -47.02 -16.39 -37.04
N LYS B 213 -47.50 -16.79 -35.87
CA LYS B 213 -48.91 -16.62 -35.53
C LYS B 213 -49.30 -15.18 -35.26
N PHE B 214 -48.32 -14.28 -35.09
CA PHE B 214 -48.57 -12.91 -34.67
C PHE B 214 -48.30 -11.93 -35.80
N GLY B 215 -48.92 -10.76 -35.69
CA GLY B 215 -48.64 -9.66 -36.60
C GLY B 215 -47.70 -8.66 -35.97
N VAL B 216 -47.92 -8.37 -34.68
CA VAL B 216 -47.09 -7.45 -33.92
C VAL B 216 -46.91 -8.00 -32.52
N ILE B 217 -45.66 -8.12 -32.08
CA ILE B 217 -45.32 -8.43 -30.69
C ILE B 217 -44.47 -7.28 -30.17
N PHE B 218 -44.81 -6.76 -28.99
CA PHE B 218 -44.00 -5.74 -28.36
C PHE B 218 -43.85 -6.04 -26.89
N ALA B 219 -42.77 -5.55 -26.29
CA ALA B 219 -42.48 -5.81 -24.89
C ALA B 219 -41.53 -4.75 -24.36
N GLY B 220 -41.90 -4.10 -23.25
CA GLY B 220 -40.98 -3.22 -22.57
C GLY B 220 -39.84 -4.02 -21.96
N ALA B 221 -38.60 -3.59 -22.23
CA ALA B 221 -37.44 -4.37 -21.82
C ALA B 221 -37.22 -4.37 -20.32
N GLN B 222 -37.81 -3.43 -19.57
CA GLN B 222 -37.45 -3.24 -18.16
C GLN B 222 -37.87 -4.38 -17.26
N1 LLP B 223 -47.89 -3.39 -19.81
C2 LLP B 223 -47.69 -4.33 -18.88
C2' LLP B 223 -48.28 -5.57 -18.97
C3 LLP B 223 -46.84 -4.06 -17.82
O3 LLP B 223 -46.66 -5.06 -16.91
C4 LLP B 223 -46.14 -2.86 -17.63
C4' LLP B 223 -45.31 -2.68 -16.51
C5 LLP B 223 -46.36 -1.87 -18.58
C6 LLP B 223 -47.22 -2.16 -19.65
C5' LLP B 223 -45.72 -0.62 -18.44
OP4 LLP B 223 -44.73 -0.38 -19.44
P LLP B 223 -44.21 1.11 -19.56
OP1 LLP B 223 -45.10 1.66 -20.61
OP2 LLP B 223 -44.48 1.63 -18.22
OP3 LLP B 223 -42.79 1.02 -19.94
N LLP B 223 -38.67 -5.29 -17.79
CA LLP B 223 -39.26 -6.31 -16.92
CB LLP B 223 -40.74 -6.49 -17.22
CG LLP B 223 -41.41 -5.11 -17.26
CD LLP B 223 -42.90 -5.41 -17.42
CE LLP B 223 -43.83 -4.21 -17.59
NZ LLP B 223 -43.87 -3.09 -16.63
C LLP B 223 -38.56 -7.67 -16.98
O LLP B 223 -38.39 -8.34 -15.96
N ASN B 224 -38.16 -8.07 -18.18
CA ASN B 224 -37.64 -9.41 -18.36
C ASN B 224 -36.36 -9.51 -19.21
N VAL B 225 -36.00 -8.46 -19.96
CA VAL B 225 -34.85 -8.56 -20.87
C VAL B 225 -33.94 -7.34 -20.80
N GLY B 226 -33.97 -6.62 -19.69
CA GLY B 226 -32.98 -5.58 -19.52
C GLY B 226 -33.50 -4.48 -18.61
N SER B 227 -33.10 -3.26 -18.94
CA SER B 227 -33.37 -2.07 -18.14
C SER B 227 -34.35 -1.15 -18.87
N ALA B 228 -34.94 -0.24 -18.11
CA ALA B 228 -35.96 0.66 -18.64
C ALA B 228 -35.37 1.64 -19.64
N GLY B 229 -36.18 2.02 -20.62
CA GLY B 229 -35.78 2.98 -21.63
C GLY B 229 -36.08 2.55 -23.06
N VAL B 230 -36.02 1.25 -23.32
CA VAL B 230 -36.18 0.73 -24.68
C VAL B 230 -37.32 -0.27 -24.71
N THR B 231 -38.02 -0.31 -25.85
CA THR B 231 -39.10 -1.25 -26.09
C THR B 231 -38.82 -2.02 -27.36
N VAL B 232 -38.84 -3.33 -27.29
CA VAL B 232 -38.66 -4.18 -28.46
C VAL B 232 -40.01 -4.39 -29.11
N VAL B 233 -40.03 -4.36 -30.44
CA VAL B 233 -41.25 -4.56 -31.23
C VAL B 233 -40.91 -5.45 -32.42
N ILE B 234 -41.68 -6.52 -32.59
CA ILE B 234 -41.52 -7.46 -33.70
C ILE B 234 -42.73 -7.30 -34.61
N VAL B 235 -42.50 -6.87 -35.84
CA VAL B 235 -43.57 -6.53 -36.79
C VAL B 235 -43.41 -7.38 -38.04
N ARG B 236 -44.51 -7.98 -38.49
CA ARG B 236 -44.51 -8.63 -39.80
C ARG B 236 -44.33 -7.57 -40.88
N ASP B 237 -43.40 -7.83 -41.81
CA ASP B 237 -42.96 -6.80 -42.75
C ASP B 237 -44.03 -6.35 -43.73
N ASP B 238 -45.14 -7.08 -43.84
CA ASP B 238 -46.24 -6.68 -44.72
C ASP B 238 -47.26 -5.78 -44.04
N LEU B 239 -47.08 -5.49 -42.74
CA LEU B 239 -47.99 -4.65 -42.00
C LEU B 239 -47.50 -3.21 -41.89
N LEU B 240 -46.33 -2.90 -42.45
CA LEU B 240 -45.87 -1.52 -42.48
C LEU B 240 -46.64 -0.72 -43.52
N GLY B 241 -46.65 0.59 -43.34
CA GLY B 241 -47.23 1.47 -44.34
C GLY B 241 -48.72 1.70 -44.25
N PHE B 242 -49.37 1.23 -43.16
CA PHE B 242 -50.76 1.56 -42.90
C PHE B 242 -50.90 2.61 -41.79
N ALA B 243 -49.80 3.26 -41.42
CA ALA B 243 -49.81 4.21 -40.32
C ALA B 243 -50.66 5.43 -40.66
N LEU B 244 -51.23 6.04 -39.62
CA LEU B 244 -52.02 7.24 -39.79
C LEU B 244 -51.11 8.46 -39.95
N ARG B 245 -51.70 9.54 -40.45
CA ARG B 245 -50.94 10.79 -40.61
C ARG B 245 -50.48 11.34 -39.27
N GLU B 246 -51.18 11.02 -38.18
CA GLU B 246 -50.86 11.56 -36.87
C GLU B 246 -49.86 10.71 -36.09
N CYS B 247 -49.34 9.65 -36.68
CA CYS B 247 -48.36 8.82 -35.99
C CYS B 247 -47.01 9.52 -35.96
N PRO B 248 -46.43 9.75 -34.79
CA PRO B 248 -45.08 10.34 -34.75
C PRO B 248 -44.09 9.49 -35.51
N SER B 249 -43.15 10.16 -36.20
CA SER B 249 -42.17 9.44 -37.01
C SER B 249 -41.37 8.46 -36.16
N VAL B 250 -41.07 8.84 -34.91
CA VAL B 250 -40.27 7.99 -34.04
C VAL B 250 -41.03 6.77 -33.54
N LEU B 251 -42.34 6.73 -33.75
CA LEU B 251 -43.15 5.57 -33.39
C LEU B 251 -43.74 4.86 -34.60
N GLU B 252 -43.48 5.35 -35.81
CA GLU B 252 -43.98 4.70 -37.01
C GLU B 252 -43.08 3.52 -37.36
N TYR B 253 -43.70 2.35 -37.56
CA TYR B 253 -42.93 1.14 -37.78
C TYR B 253 -42.18 1.19 -39.12
N LYS B 254 -42.83 1.69 -40.17
CA LYS B 254 -42.19 1.79 -41.47
C LYS B 254 -40.95 2.67 -41.42
N VAL B 255 -41.07 3.84 -40.78
CA VAL B 255 -39.94 4.77 -40.70
C VAL B 255 -38.79 4.15 -39.93
N GLN B 256 -39.08 3.56 -38.76
CA GLN B 256 -38.01 3.06 -37.92
C GLN B 256 -37.40 1.77 -38.49
N ALA B 257 -38.24 0.87 -39.00
CA ALA B 257 -37.70 -0.35 -39.60
C ALA B 257 -36.87 -0.07 -40.84
N GLY B 258 -37.14 1.05 -41.52
CA GLY B 258 -36.30 1.44 -42.63
C GLY B 258 -34.94 1.97 -42.20
N ASN B 259 -34.89 2.67 -41.07
CA ASN B 259 -33.64 3.21 -40.55
C ASN B 259 -32.95 2.27 -39.57
N SER B 260 -33.42 1.03 -39.45
CA SER B 260 -32.85 0.03 -38.54
C SER B 260 -32.79 0.56 -37.12
N SER B 261 -33.92 1.10 -36.65
CA SER B 261 -34.09 1.67 -35.31
C SER B 261 -33.27 2.93 -35.09
N LEU B 262 -32.77 3.55 -36.15
CA LEU B 262 -31.87 4.69 -36.05
C LEU B 262 -32.41 5.92 -36.79
N TYR B 263 -33.73 6.10 -36.77
CA TYR B 263 -34.29 7.32 -37.33
C TYR B 263 -33.83 8.54 -36.55
N ASN B 264 -33.82 8.43 -35.22
CA ASN B 264 -33.22 9.41 -34.32
C ASN B 264 -32.35 8.65 -33.32
N THR B 265 -31.76 9.39 -32.39
CA THR B 265 -30.88 8.77 -31.38
C THR B 265 -31.66 7.79 -30.52
N PRO B 266 -31.36 6.50 -30.61
CA PRO B 266 -32.07 5.51 -29.80
C PRO B 266 -31.50 5.46 -28.39
N PRO B 267 -32.21 4.86 -27.44
CA PRO B 267 -31.65 4.71 -26.09
C PRO B 267 -30.42 3.82 -26.11
N CYS B 268 -29.26 4.43 -26.39
CA CYS B 268 -28.06 3.65 -26.67
C CYS B 268 -27.71 2.72 -25.52
N PHE B 269 -27.69 3.25 -24.30
CA PHE B 269 -27.27 2.43 -23.17
C PHE B 269 -28.27 1.32 -22.90
N SER B 270 -29.57 1.58 -23.09
CA SER B 270 -30.58 0.57 -22.81
C SER B 270 -30.58 -0.53 -23.85
N ILE B 271 -30.15 -0.23 -25.09
CA ILE B 271 -29.98 -1.28 -26.09
C ILE B 271 -28.72 -2.09 -25.79
N TYR B 272 -27.69 -1.46 -25.23
CA TYR B 272 -26.49 -2.19 -24.85
C TYR B 272 -26.75 -3.08 -23.65
N VAL B 273 -27.53 -2.59 -22.67
CA VAL B 273 -27.86 -3.41 -21.52
C VAL B 273 -28.74 -4.58 -21.93
N MET B 274 -29.67 -4.35 -22.86
CA MET B 274 -30.55 -5.42 -23.30
C MET B 274 -29.77 -6.55 -23.96
N GLY B 275 -28.79 -6.21 -24.80
CA GLY B 275 -27.97 -7.24 -25.42
C GLY B 275 -27.23 -8.09 -24.41
N LEU B 276 -26.76 -7.47 -23.32
CA LEU B 276 -26.07 -8.23 -22.28
C LEU B 276 -27.02 -9.16 -21.54
N VAL B 277 -28.28 -8.76 -21.37
CA VAL B 277 -29.24 -9.65 -20.72
C VAL B 277 -29.65 -10.76 -21.68
N LEU B 278 -29.77 -10.45 -22.97
CA LEU B 278 -30.08 -11.48 -23.95
C LEU B 278 -28.96 -12.50 -24.06
N GLU B 279 -27.71 -12.02 -24.13
CA GLU B 279 -26.57 -12.93 -24.13
C GLU B 279 -26.56 -13.80 -22.89
N TRP B 280 -27.06 -13.27 -21.77
CA TRP B 280 -27.12 -14.06 -20.54
C TRP B 280 -28.17 -15.16 -20.65
N ILE B 281 -29.33 -14.86 -21.25
CA ILE B 281 -30.35 -15.87 -21.45
C ILE B 281 -29.84 -16.99 -22.34
N LYS B 282 -29.15 -16.62 -23.43
CA LYS B 282 -28.62 -17.61 -24.36
C LYS B 282 -27.63 -18.54 -23.66
N ASN B 283 -26.73 -17.97 -22.85
CA ASN B 283 -25.75 -18.76 -22.11
C ASN B 283 -26.39 -19.58 -20.99
N ASN B 284 -27.66 -19.34 -20.67
CA ASN B 284 -28.35 -20.07 -19.61
C ASN B 284 -29.43 -20.99 -20.15
N GLY B 285 -29.39 -21.31 -21.45
CA GLY B 285 -30.31 -22.26 -22.04
C GLY B 285 -31.38 -21.68 -22.92
N GLY B 286 -31.40 -20.37 -23.13
CA GLY B 286 -32.37 -19.78 -24.03
C GLY B 286 -33.79 -19.86 -23.50
N ALA B 287 -34.73 -19.57 -24.42
CA ALA B 287 -36.14 -19.50 -24.03
C ALA B 287 -36.66 -20.84 -23.53
N ALA B 288 -36.16 -21.93 -24.07
CA ALA B 288 -36.62 -23.25 -23.64
C ALA B 288 -36.30 -23.49 -22.17
N ALA B 289 -35.08 -23.14 -21.74
CA ALA B 289 -34.72 -23.32 -20.33
C ALA B 289 -35.44 -22.33 -19.43
N MET B 290 -35.72 -21.12 -19.91
CA MET B 290 -36.41 -20.13 -19.10
C MET B 290 -37.82 -20.59 -18.76
N GLU B 291 -38.45 -21.37 -19.65
CA GLU B 291 -39.80 -21.85 -19.38
C GLU B 291 -39.80 -22.90 -18.27
N LYS B 292 -38.85 -23.83 -18.31
CA LYS B 292 -38.79 -24.85 -17.27
C LYS B 292 -38.38 -24.26 -15.94
N LEU B 293 -37.46 -23.29 -15.95
CA LEU B 293 -37.11 -22.59 -14.72
C LEU B 293 -38.29 -21.79 -14.19
N SER B 294 -39.05 -21.13 -15.07
CA SER B 294 -40.23 -20.40 -14.64
C SER B 294 -41.26 -21.34 -14.03
N SER B 295 -41.35 -22.58 -14.52
CA SER B 295 -42.24 -23.56 -13.92
C SER B 295 -41.80 -23.89 -12.51
N ILE B 296 -40.51 -24.16 -12.32
CA ILE B 296 -39.99 -24.53 -11.00
C ILE B 296 -40.25 -23.43 -9.99
N LYS B 297 -39.95 -22.18 -10.38
CA LYS B 297 -40.09 -21.06 -9.44
C LYS B 297 -41.55 -20.83 -9.08
N SER B 298 -42.43 -20.74 -10.08
CA SER B 298 -43.83 -20.44 -9.80
C SER B 298 -44.51 -21.59 -9.05
N GLN B 299 -44.20 -22.83 -9.42
CA GLN B 299 -44.78 -23.99 -8.72
C GLN B 299 -44.47 -23.94 -7.24
N THR B 300 -43.21 -23.61 -6.90
CA THR B 300 -42.80 -23.58 -5.51
C THR B 300 -43.70 -22.69 -4.67
N ILE B 301 -44.07 -21.53 -5.22
CA ILE B 301 -44.93 -20.60 -4.48
C ILE B 301 -46.38 -21.04 -4.53
N TYR B 302 -46.87 -21.45 -5.71
CA TYR B 302 -48.26 -21.86 -5.84
C TYR B 302 -48.60 -23.07 -4.97
N GLU B 303 -47.62 -23.97 -4.78
CA GLU B 303 -47.87 -25.12 -3.91
C GLU B 303 -47.98 -24.69 -2.45
N ILE B 304 -47.21 -23.67 -2.05
CA ILE B 304 -47.32 -23.15 -0.69
C ILE B 304 -48.68 -22.49 -0.48
N ILE B 305 -49.23 -21.86 -1.52
CA ILE B 305 -50.52 -21.19 -1.39
C ILE B 305 -51.64 -22.22 -1.32
N ASP B 306 -51.64 -23.19 -2.23
CA ASP B 306 -52.73 -24.16 -2.29
C ASP B 306 -52.79 -25.01 -1.03
N ASN B 307 -51.64 -25.34 -0.46
CA ASN B 307 -51.58 -26.12 0.78
C ASN B 307 -51.72 -25.25 2.03
N SER B 308 -51.87 -23.93 1.87
CA SER B 308 -51.91 -23.02 3.01
C SER B 308 -53.23 -23.05 3.75
N GLN B 309 -54.21 -23.82 3.29
CA GLN B 309 -55.51 -23.93 3.96
C GLN B 309 -56.17 -22.56 4.13
N GLY B 310 -56.06 -21.73 3.09
CA GLY B 310 -56.68 -20.43 3.09
C GLY B 310 -55.87 -19.31 3.70
N PHE B 311 -54.72 -19.61 4.30
CA PHE B 311 -53.90 -18.55 4.89
C PHE B 311 -53.37 -17.61 3.81
N TYR B 312 -52.96 -18.17 2.67
CA TYR B 312 -52.62 -17.38 1.49
C TYR B 312 -53.69 -17.63 0.44
N VAL B 313 -54.16 -16.55 -0.19
CA VAL B 313 -55.33 -16.61 -1.07
C VAL B 313 -54.95 -16.03 -2.42
N CYS B 314 -54.89 -16.89 -3.43
CA CYS B 314 -54.68 -16.44 -4.81
C CYS B 314 -55.96 -16.69 -5.60
N PRO B 315 -56.69 -15.65 -6.01
CA PRO B 315 -57.99 -15.87 -6.66
C PRO B 315 -57.90 -16.32 -8.11
N VAL B 316 -56.72 -16.32 -8.72
CA VAL B 316 -56.60 -16.69 -10.13
C VAL B 316 -56.81 -18.19 -10.28
N GLU B 317 -57.55 -18.57 -11.33
CA GLU B 317 -57.83 -19.97 -11.62
C GLU B 317 -56.58 -20.65 -12.17
N PRO B 318 -56.38 -21.93 -11.82
CA PRO B 318 -55.07 -22.56 -12.05
C PRO B 318 -54.61 -22.57 -13.50
N GLN B 319 -55.50 -22.78 -14.46
CA GLN B 319 -55.08 -22.88 -15.85
C GLN B 319 -54.64 -21.56 -16.44
N ASN B 320 -54.90 -20.44 -15.76
CA ASN B 320 -54.46 -19.13 -16.23
C ASN B 320 -53.47 -18.47 -15.29
N ARG B 321 -52.99 -19.20 -14.28
CA ARG B 321 -52.02 -18.64 -13.35
C ARG B 321 -50.72 -18.30 -14.07
N SER B 322 -50.17 -17.13 -13.76
CA SER B 322 -48.97 -16.67 -14.43
C SER B 322 -47.73 -17.26 -13.75
N LYS B 323 -46.75 -17.64 -14.57
CA LYS B 323 -45.46 -18.07 -14.06
C LYS B 323 -44.54 -16.91 -13.73
N MET B 324 -44.97 -15.68 -13.99
CA MET B 324 -44.14 -14.49 -13.78
C MET B 324 -44.57 -13.70 -12.55
N ASN B 325 -45.87 -13.41 -12.41
CA ASN B 325 -46.36 -12.59 -11.31
C ASN B 325 -47.40 -13.38 -10.53
N ILE B 326 -47.19 -13.49 -9.22
CA ILE B 326 -48.09 -14.27 -8.36
C ILE B 326 -48.66 -13.37 -7.28
N PRO B 327 -49.79 -12.69 -7.54
CA PRO B 327 -50.39 -11.85 -6.50
C PRO B 327 -51.29 -12.67 -5.59
N PHE B 328 -51.27 -12.33 -4.30
CA PHE B 328 -52.05 -13.07 -3.32
C PHE B 328 -52.36 -12.17 -2.12
N ARG B 329 -53.29 -12.64 -1.30
CA ARG B 329 -53.66 -12.00 -0.05
C ARG B 329 -53.38 -12.94 1.11
N ILE B 330 -53.39 -12.39 2.33
CA ILE B 330 -53.10 -13.15 3.53
C ILE B 330 -54.32 -13.17 4.43
N GLY B 331 -54.55 -14.30 5.09
CA GLY B 331 -55.64 -14.42 6.04
C GLY B 331 -56.94 -14.87 5.42
N ASN B 332 -57.46 -14.06 4.50
CA ASN B 332 -58.74 -14.35 3.85
C ASN B 332 -58.72 -13.76 2.45
N ALA B 333 -59.82 -13.95 1.72
CA ALA B 333 -59.87 -13.52 0.33
C ALA B 333 -59.80 -12.00 0.20
N LYS B 334 -60.33 -11.27 1.18
CA LYS B 334 -60.29 -9.81 1.14
C LYS B 334 -59.00 -9.23 1.70
N GLY B 335 -58.26 -10.00 2.49
CA GLY B 335 -56.96 -9.55 2.97
C GLY B 335 -56.95 -9.01 4.38
N ASP B 336 -56.11 -9.59 5.23
CA ASP B 336 -55.87 -9.10 6.59
C ASP B 336 -54.78 -8.05 6.52
N ASP B 337 -55.16 -6.77 6.68
CA ASP B 337 -54.21 -5.68 6.48
C ASP B 337 -53.09 -5.70 7.52
N ALA B 338 -53.42 -6.00 8.77
CA ALA B 338 -52.39 -6.12 9.80
C ALA B 338 -51.43 -7.24 9.48
N LEU B 339 -51.97 -8.42 9.14
CA LEU B 339 -51.12 -9.55 8.78
C LEU B 339 -50.33 -9.27 7.51
N GLU B 340 -50.94 -8.57 6.56
CA GLU B 340 -50.22 -8.19 5.34
C GLU B 340 -49.21 -7.09 5.58
N LYS B 341 -49.40 -6.27 6.62
CA LYS B 341 -48.40 -5.26 6.95
C LYS B 341 -47.20 -5.90 7.65
N ARG B 342 -47.45 -6.86 8.55
CA ARG B 342 -46.35 -7.55 9.21
C ARG B 342 -45.54 -8.37 8.22
N PHE B 343 -46.22 -8.97 7.24
CA PHE B 343 -45.53 -9.76 6.21
C PHE B 343 -44.55 -8.89 5.43
N LEU B 344 -45.02 -7.75 4.92
CA LEU B 344 -44.17 -6.87 4.13
C LEU B 344 -43.06 -6.25 4.97
N ASP B 345 -43.32 -6.00 6.26
CA ASP B 345 -42.29 -5.41 7.12
C ASP B 345 -41.21 -6.43 7.47
N LYS B 346 -41.62 -7.66 7.84
CA LYS B 346 -40.65 -8.70 8.11
C LYS B 346 -39.88 -9.11 6.86
N ALA B 347 -40.51 -8.98 5.69
CA ALA B 347 -39.81 -9.29 4.45
C ALA B 347 -38.78 -8.22 4.10
N LEU B 348 -39.03 -6.97 4.50
CA LEU B 348 -38.07 -5.90 4.20
C LEU B 348 -36.83 -6.00 5.07
N GLU B 349 -37.00 -6.32 6.35
CA GLU B 349 -35.84 -6.50 7.23
C GLU B 349 -35.01 -7.69 6.81
N LEU B 350 -35.58 -8.61 6.05
CA LEU B 350 -34.84 -9.72 5.44
C LEU B 350 -34.31 -9.37 4.05
N ASN B 351 -34.42 -8.11 3.64
CA ASN B 351 -33.88 -7.63 2.37
C ASN B 351 -34.54 -8.30 1.17
N MET B 352 -35.87 -8.48 1.25
CA MET B 352 -36.67 -8.95 0.12
C MET B 352 -37.55 -7.79 -0.33
N LEU B 353 -37.14 -7.13 -1.40
CA LEU B 353 -37.74 -5.87 -1.81
C LEU B 353 -38.89 -6.09 -2.79
N SER B 354 -39.75 -5.08 -2.87
CA SER B 354 -40.79 -4.96 -3.90
C SER B 354 -41.84 -6.06 -3.82
N LEU B 355 -42.02 -6.67 -2.65
CA LEU B 355 -43.06 -7.68 -2.51
C LEU B 355 -44.46 -7.08 -2.33
N LYS B 356 -44.56 -5.78 -2.13
CA LYS B 356 -45.87 -5.14 -1.98
C LYS B 356 -46.60 -5.13 -3.32
N GLY B 357 -47.85 -5.59 -3.30
CA GLY B 357 -48.65 -5.63 -4.52
C GLY B 357 -48.87 -4.25 -5.10
N HIS B 358 -49.35 -4.26 -6.34
CA HIS B 358 -49.63 -3.01 -7.05
C HIS B 358 -50.66 -2.19 -6.29
N ARG B 359 -50.50 -0.87 -6.33
CA ARG B 359 -51.33 0.03 -5.52
C ARG B 359 -52.80 -0.04 -5.90
N SER B 360 -53.13 -0.58 -7.08
CA SER B 360 -54.52 -0.68 -7.52
C SER B 360 -55.25 -1.90 -6.96
N VAL B 361 -54.52 -2.89 -6.44
CA VAL B 361 -55.13 -4.10 -5.93
C VAL B 361 -54.74 -4.28 -4.46
N GLY B 362 -53.58 -3.75 -4.10
CA GLY B 362 -53.05 -3.99 -2.77
C GLY B 362 -52.50 -5.40 -2.63
N GLY B 363 -52.54 -5.90 -1.39
CA GLY B 363 -52.06 -7.24 -1.15
C GLY B 363 -50.57 -7.39 -1.41
N ILE B 364 -50.19 -8.57 -1.89
CA ILE B 364 -48.80 -8.94 -2.09
C ILE B 364 -48.63 -9.47 -3.52
N ARG B 365 -47.50 -9.12 -4.14
CA ARG B 365 -47.19 -9.55 -5.50
C ARG B 365 -45.75 -10.01 -5.56
N ALA B 366 -45.54 -11.29 -5.88
CA ALA B 366 -44.20 -11.85 -6.06
C ALA B 366 -43.93 -12.00 -7.56
N SER B 367 -42.93 -11.28 -8.05
CA SER B 367 -42.55 -11.31 -9.46
C SER B 367 -41.34 -12.20 -9.64
N LEU B 368 -41.43 -13.16 -10.55
CA LEU B 368 -40.38 -14.17 -10.72
C LEU B 368 -39.81 -14.15 -12.13
N TYR B 369 -39.27 -13.01 -12.55
CA TYR B 369 -38.72 -12.89 -13.89
C TYR B 369 -37.48 -13.74 -14.05
N ASN B 370 -36.88 -13.69 -15.24
CA ASN B 370 -35.78 -14.59 -15.58
C ASN B 370 -34.61 -14.43 -14.64
N ALA B 371 -34.25 -13.19 -14.29
CA ALA B 371 -33.07 -12.96 -13.47
C ALA B 371 -33.25 -13.45 -12.03
N VAL B 372 -34.48 -13.61 -11.57
CA VAL B 372 -34.71 -14.10 -10.22
C VAL B 372 -34.35 -15.58 -10.15
N THR B 373 -33.34 -15.90 -9.34
CA THR B 373 -32.79 -17.24 -9.29
C THR B 373 -33.66 -18.17 -8.44
N ILE B 374 -33.39 -19.47 -8.56
CA ILE B 374 -34.11 -20.45 -7.76
C ILE B 374 -33.81 -20.26 -6.28
N GLU B 375 -32.56 -19.91 -5.95
CA GLU B 375 -32.21 -19.62 -4.57
C GLU B 375 -33.02 -18.45 -4.02
N ASP B 376 -33.41 -17.51 -4.88
CA ASP B 376 -34.23 -16.38 -4.44
C ASP B 376 -35.63 -16.83 -4.08
N VAL B 377 -36.28 -17.57 -4.99
CA VAL B 377 -37.62 -18.09 -4.72
C VAL B 377 -37.61 -18.97 -3.48
N GLN B 378 -36.51 -19.70 -3.25
CA GLN B 378 -36.40 -20.50 -2.04
C GLN B 378 -36.43 -19.64 -0.79
N LYS B 379 -35.77 -18.47 -0.83
CA LYS B 379 -35.81 -17.56 0.31
C LYS B 379 -37.24 -17.08 0.56
N LEU B 380 -37.96 -16.74 -0.51
CA LEU B 380 -39.36 -16.37 -0.35
C LEU B 380 -40.19 -17.55 0.11
N ALA B 381 -39.91 -18.75 -0.42
CA ALA B 381 -40.68 -19.93 -0.06
C ALA B 381 -40.49 -20.28 1.40
N ALA B 382 -39.24 -20.26 1.89
CA ALA B 382 -38.99 -20.56 3.30
C ALA B 382 -39.64 -19.53 4.21
N PHE B 383 -39.53 -18.25 3.83
CA PHE B 383 -40.15 -17.20 4.63
C PHE B 383 -41.66 -17.33 4.66
N MET B 384 -42.27 -17.75 3.55
CA MET B 384 -43.72 -17.93 3.53
C MET B 384 -44.16 -19.13 4.36
N LYS B 385 -43.34 -20.18 4.42
CA LYS B 385 -43.68 -21.32 5.28
C LYS B 385 -43.49 -20.97 6.76
N LYS B 386 -42.43 -20.23 7.08
CA LYS B 386 -42.21 -19.83 8.46
C LYS B 386 -43.24 -18.81 8.93
N PHE B 387 -43.67 -17.92 8.03
CA PHE B 387 -44.69 -16.95 8.39
C PHE B 387 -46.04 -17.61 8.61
N LEU B 388 -46.33 -18.70 7.87
CA LEU B 388 -47.60 -19.39 8.05
C LEU B 388 -47.61 -20.23 9.31
N GLU B 389 -46.56 -21.01 9.55
CA GLU B 389 -46.43 -21.73 10.78
C GLU B 389 -46.54 -20.83 12.02
N MET B 390 -46.30 -19.53 11.87
CA MET B 390 -46.35 -18.58 12.99
C MET B 390 -47.58 -17.75 13.21
N HIS B 391 -48.46 -17.63 12.22
CA HIS B 391 -49.67 -16.83 12.34
C HIS B 391 -50.94 -17.58 11.94
N GLN B 392 -50.85 -18.79 11.41
CA GLN B 392 -52.05 -19.54 11.07
C GLN B 392 -52.76 -20.02 12.34
N LEU B 393 -54.08 -20.13 12.24
CA LEU B 393 -54.91 -20.49 13.40
C LEU B 393 -55.50 -21.89 13.26
N GLN C 29 -3.25 -17.36 18.98
CA GLN C 29 -2.88 -17.57 20.38
C GLN C 29 -3.19 -18.99 20.81
N VAL C 30 -4.15 -19.58 20.11
CA VAL C 30 -4.66 -20.90 20.46
C VAL C 30 -3.51 -21.91 20.41
N VAL C 31 -3.41 -22.71 21.47
CA VAL C 31 -2.43 -23.78 21.56
C VAL C 31 -3.21 -25.09 21.63
N ASN C 32 -3.04 -25.94 20.61
CA ASN C 32 -3.87 -27.13 20.45
C ASN C 32 -3.06 -28.36 20.87
N PHE C 33 -3.39 -28.91 22.04
CA PHE C 33 -2.79 -30.14 22.54
C PHE C 33 -3.69 -31.35 22.27
N GLY C 34 -4.36 -31.39 21.12
CA GLY C 34 -5.32 -32.41 20.81
C GLY C 34 -4.72 -33.79 20.74
N PRO C 35 -5.47 -34.80 21.21
CA PRO C 35 -4.94 -36.17 21.27
C PRO C 35 -4.94 -36.84 19.92
N GLY C 36 -5.87 -36.43 19.05
CA GLY C 36 -6.06 -37.05 17.77
C GLY C 36 -7.53 -37.10 17.39
N PRO C 37 -7.95 -36.29 16.40
CA PRO C 37 -7.17 -35.39 15.54
C PRO C 37 -6.43 -34.30 16.31
N ALA C 38 -5.23 -33.98 15.86
CA ALA C 38 -4.35 -33.06 16.57
C ALA C 38 -4.09 -31.81 15.71
N LYS C 39 -3.15 -31.00 16.19
CA LYS C 39 -2.78 -29.77 15.51
C LYS C 39 -1.96 -30.06 14.26
N LEU C 40 -2.15 -29.23 13.23
CA LEU C 40 -1.39 -29.30 12.00
C LEU C 40 -0.47 -28.08 11.85
N PRO C 41 0.66 -28.22 11.18
CA PRO C 41 1.58 -27.08 11.04
C PRO C 41 0.90 -25.91 10.35
N HIS C 42 1.10 -24.71 10.92
CA HIS C 42 0.42 -23.53 10.41
C HIS C 42 0.78 -23.25 8.96
N SER C 43 1.97 -23.65 8.52
CA SER C 43 2.35 -23.46 7.13
C SER C 43 1.61 -24.42 6.21
N VAL C 44 1.21 -25.58 6.73
CA VAL C 44 0.44 -26.53 5.92
C VAL C 44 -0.98 -26.01 5.72
N LEU C 45 -1.62 -25.56 6.80
CA LEU C 45 -2.96 -25.00 6.69
C LEU C 45 -2.99 -23.76 5.79
N LEU C 46 -1.92 -22.96 5.83
CA LEU C 46 -1.87 -21.77 4.99
C LEU C 46 -1.78 -22.13 3.51
N GLU C 47 -1.08 -23.23 3.20
CA GLU C 47 -0.97 -23.64 1.80
C GLU C 47 -2.26 -24.33 1.33
N ILE C 48 -2.88 -25.12 2.19
CA ILE C 48 -4.16 -25.74 1.84
C ILE C 48 -5.21 -24.67 1.60
N GLN C 49 -5.14 -23.56 2.33
CA GLN C 49 -6.12 -22.49 2.17
C GLN C 49 -5.98 -21.80 0.82
N LYS C 50 -4.75 -21.53 0.38
CA LYS C 50 -4.58 -20.75 -0.84
C LYS C 50 -4.77 -21.59 -2.10
N GLU C 51 -4.57 -22.90 -2.03
CA GLU C 51 -4.75 -23.79 -3.17
C GLU C 51 -6.11 -24.47 -3.18
N LEU C 52 -7.01 -24.07 -2.28
CA LEU C 52 -8.25 -24.82 -2.11
C LEU C 52 -9.19 -24.65 -3.30
N LEU C 53 -9.13 -23.52 -4.00
CA LEU C 53 -10.00 -23.29 -5.15
C LEU C 53 -9.33 -23.59 -6.48
N ASP C 54 -8.00 -23.61 -6.53
CA ASP C 54 -7.26 -23.73 -7.79
C ASP C 54 -5.91 -24.38 -7.44
N TYR C 55 -5.91 -25.71 -7.36
CA TYR C 55 -4.72 -26.44 -6.93
C TYR C 55 -3.64 -26.36 -7.99
N LYS C 56 -2.55 -25.67 -7.67
CA LYS C 56 -1.38 -25.55 -8.55
C LYS C 56 -1.78 -25.23 -9.99
N GLY C 57 -2.78 -24.39 -10.15
CA GLY C 57 -3.15 -23.87 -11.45
C GLY C 57 -3.97 -24.79 -12.33
N VAL C 58 -4.33 -25.99 -11.85
CA VAL C 58 -5.09 -26.90 -12.70
C VAL C 58 -6.54 -26.43 -12.88
N GLY C 59 -7.05 -25.58 -11.99
CA GLY C 59 -8.36 -24.99 -12.14
C GLY C 59 -9.46 -25.56 -11.26
N ILE C 60 -9.16 -26.52 -10.40
CA ILE C 60 -10.17 -27.15 -9.55
C ILE C 60 -9.59 -27.37 -8.15
N SER C 61 -10.50 -27.60 -7.21
CA SER C 61 -10.11 -28.01 -5.86
C SER C 61 -9.62 -29.45 -5.87
N VAL C 62 -8.80 -29.79 -4.89
CA VAL C 62 -8.50 -31.21 -4.65
C VAL C 62 -9.76 -31.93 -4.23
N LEU C 63 -10.69 -31.25 -3.56
CA LEU C 63 -11.96 -31.86 -3.20
C LEU C 63 -12.76 -32.26 -4.43
N GLU C 64 -12.50 -31.61 -5.57
CA GLU C 64 -13.14 -31.92 -6.84
C GLU C 64 -12.29 -32.84 -7.71
N MET C 65 -11.05 -33.09 -7.34
CA MET C 65 -10.10 -33.77 -8.21
C MET C 65 -10.42 -35.26 -8.30
N SER C 66 -10.43 -35.78 -9.53
CA SER C 66 -10.67 -37.20 -9.74
C SER C 66 -9.46 -38.02 -9.31
N HIS C 67 -9.73 -39.17 -8.69
CA HIS C 67 -8.67 -40.05 -8.23
C HIS C 67 -7.97 -40.80 -9.35
N ARG C 68 -8.48 -40.69 -10.58
CA ARG C 68 -7.86 -41.32 -11.73
C ARG C 68 -7.04 -40.35 -12.59
N SER C 69 -6.95 -39.09 -12.17
CA SER C 69 -6.32 -38.07 -13.00
C SER C 69 -4.80 -38.08 -12.84
N SER C 70 -4.13 -37.48 -13.83
CA SER C 70 -2.68 -37.34 -13.77
C SER C 70 -2.25 -36.53 -12.55
N ASP C 71 -3.06 -35.52 -12.19
CA ASP C 71 -2.71 -34.65 -11.06
C ASP C 71 -2.70 -35.42 -9.75
N PHE C 72 -3.68 -36.31 -9.54
CA PHE C 72 -3.76 -37.02 -8.28
C PHE C 72 -2.76 -38.17 -8.20
N ALA C 73 -2.44 -38.80 -9.33
CA ALA C 73 -1.36 -39.78 -9.32
C ALA C 73 -0.07 -39.16 -8.81
N LYS C 74 0.22 -37.92 -9.23
CA LYS C 74 1.39 -37.22 -8.72
C LYS C 74 1.27 -36.93 -7.23
N ILE C 75 0.05 -36.80 -6.73
CA ILE C 75 -0.15 -36.50 -5.31
C ILE C 75 0.04 -37.76 -4.46
N ILE C 76 -0.59 -38.87 -4.86
CA ILE C 76 -0.52 -40.08 -4.06
C ILE C 76 0.85 -40.74 -4.18
N ASN C 77 1.52 -40.56 -5.32
CA ASN C 77 2.88 -41.08 -5.45
C ASN C 77 3.84 -40.30 -4.56
N ASN C 78 3.72 -38.97 -4.55
CA ASN C 78 4.59 -38.16 -3.71
C ASN C 78 4.37 -38.47 -2.23
N THR C 79 3.13 -38.77 -1.85
CA THR C 79 2.86 -39.12 -0.46
C THR C 79 3.48 -40.48 -0.11
N GLU C 80 3.47 -41.42 -1.05
CA GLU C 80 4.08 -42.72 -0.77
C GLU C 80 5.59 -42.62 -0.70
N ASN C 81 6.21 -41.85 -1.60
CA ASN C 81 7.67 -41.74 -1.60
C ASN C 81 8.16 -41.10 -0.30
N LEU C 82 7.47 -40.07 0.18
CA LEU C 82 7.86 -39.43 1.43
C LEU C 82 7.76 -40.42 2.60
N VAL C 83 6.74 -41.28 2.59
CA VAL C 83 6.65 -42.32 3.62
C VAL C 83 7.83 -43.27 3.52
N ARG C 84 8.19 -43.67 2.30
CA ARG C 84 9.33 -44.55 2.13
C ARG C 84 10.65 -43.84 2.43
N GLU C 85 10.72 -42.54 2.14
CA GLU C 85 11.97 -41.80 2.35
C GLU C 85 12.20 -41.52 3.82
N LEU C 86 11.20 -40.96 4.50
CA LEU C 86 11.38 -40.54 5.88
C LEU C 86 11.54 -41.73 6.83
N LEU C 87 10.86 -42.84 6.55
CA LEU C 87 10.97 -44.04 7.38
C LEU C 87 11.98 -45.05 6.84
N ALA C 88 12.60 -44.77 5.69
CA ALA C 88 13.55 -45.68 5.06
C ALA C 88 12.95 -47.07 4.89
N VAL C 89 11.78 -47.11 4.25
CA VAL C 89 11.05 -48.37 4.07
C VAL C 89 11.74 -49.18 2.98
N PRO C 90 12.07 -50.44 3.24
CA PRO C 90 12.74 -51.25 2.22
C PRO C 90 11.84 -51.49 1.02
N ASP C 91 12.46 -51.85 -0.11
CA ASP C 91 11.73 -52.02 -1.35
C ASP C 91 10.78 -53.21 -1.33
N ASN C 92 10.99 -54.17 -0.42
CA ASN C 92 10.12 -55.33 -0.32
C ASN C 92 8.92 -55.09 0.59
N TYR C 93 8.55 -53.84 0.80
CA TYR C 93 7.38 -53.48 1.59
C TYR C 93 6.43 -52.62 0.77
N LYS C 94 5.14 -52.91 0.87
CA LYS C 94 4.11 -52.13 0.21
C LYS C 94 3.64 -51.02 1.14
N VAL C 95 3.44 -49.83 0.58
CA VAL C 95 2.90 -48.69 1.32
C VAL C 95 1.54 -48.37 0.71
N ILE C 96 0.47 -48.70 1.45
CA ILE C 96 -0.88 -48.52 0.97
C ILE C 96 -1.64 -47.63 1.94
N PHE C 97 -2.56 -46.84 1.39
CA PHE C 97 -3.37 -45.90 2.16
C PHE C 97 -4.82 -46.37 2.15
N LEU C 98 -5.39 -46.55 3.34
CA LEU C 98 -6.69 -47.16 3.51
C LEU C 98 -7.61 -46.23 4.27
N GLN C 99 -8.89 -46.61 4.33
CA GLN C 99 -9.88 -45.94 5.15
C GLN C 99 -10.17 -46.76 6.39
N GLY C 100 -11.09 -46.27 7.22
CA GLY C 100 -11.50 -46.98 8.41
C GLY C 100 -10.72 -46.66 9.67
N GLY C 101 -9.65 -45.88 9.56
CA GLY C 101 -8.88 -45.52 10.73
C GLY C 101 -8.08 -46.69 11.30
N GLY C 102 -7.52 -46.44 12.48
CA GLY C 102 -6.80 -47.49 13.17
C GLY C 102 -7.70 -48.62 13.63
N CYS C 103 -8.88 -48.29 14.17
CA CYS C 103 -9.84 -49.32 14.55
C CYS C 103 -10.24 -50.19 13.36
N GLY C 104 -10.16 -49.64 12.15
CA GLY C 104 -10.36 -50.45 10.97
C GLY C 104 -9.29 -51.51 10.82
N GLN C 105 -8.04 -51.17 11.15
CA GLN C 105 -6.97 -52.15 11.09
C GLN C 105 -7.11 -53.20 12.18
N PHE C 106 -7.77 -52.86 13.29
CA PHE C 106 -8.04 -53.86 14.32
C PHE C 106 -8.81 -55.05 13.78
N SER C 107 -9.52 -54.86 12.67
CA SER C 107 -10.14 -55.95 11.93
C SER C 107 -9.37 -56.33 10.67
N ALA C 108 -8.68 -55.38 10.04
CA ALA C 108 -7.95 -55.70 8.81
C ALA C 108 -6.70 -56.52 9.09
N VAL C 109 -6.10 -56.34 10.25
CA VAL C 109 -4.90 -57.09 10.63
C VAL C 109 -5.25 -58.57 10.82
N PRO C 110 -6.29 -58.91 11.59
CA PRO C 110 -6.67 -60.34 11.64
C PRO C 110 -7.17 -60.87 10.31
N LEU C 111 -8.06 -60.14 9.64
CA LEU C 111 -8.63 -60.64 8.39
C LEU C 111 -7.56 -60.93 7.36
N ASN C 112 -6.48 -60.15 7.35
CA ASN C 112 -5.43 -60.34 6.35
C ASN C 112 -4.36 -61.34 6.78
N LEU C 113 -4.15 -61.52 8.08
CA LEU C 113 -2.97 -62.25 8.55
C LEU C 113 -3.26 -63.40 9.51
N ILE C 114 -4.47 -63.52 10.04
CA ILE C 114 -4.70 -64.57 11.03
C ILE C 114 -4.72 -65.95 10.40
N GLY C 115 -4.91 -66.03 9.08
CA GLY C 115 -4.83 -67.29 8.38
C GLY C 115 -3.45 -67.66 7.89
N LEU C 116 -2.41 -66.95 8.35
CA LEU C 116 -1.06 -67.22 7.88
C LEU C 116 -0.62 -68.64 8.26
N LYS C 117 -0.96 -69.07 9.47
CA LYS C 117 -0.76 -70.45 9.89
C LYS C 117 -2.12 -71.10 10.13
N ALA C 118 -2.19 -72.42 9.91
CA ALA C 118 -3.47 -73.11 9.86
C ALA C 118 -4.25 -72.98 11.15
N GLY C 119 -3.57 -72.77 12.28
CA GLY C 119 -4.26 -72.72 13.56
C GLY C 119 -5.20 -71.54 13.71
N ARG C 120 -4.94 -70.45 12.98
CA ARG C 120 -5.71 -69.22 13.10
C ARG C 120 -5.66 -68.68 14.54
N CYS C 121 -4.44 -68.50 15.04
CA CYS C 121 -4.22 -67.94 16.37
C CYS C 121 -3.26 -66.76 16.25
N ALA C 122 -3.41 -65.81 17.17
CA ALA C 122 -2.59 -64.62 17.17
C ALA C 122 -2.27 -64.22 18.60
N ASP C 123 -1.02 -63.82 18.83
CA ASP C 123 -0.55 -63.41 20.15
C ASP C 123 -0.54 -61.89 20.23
N TYR C 124 -1.06 -61.35 21.34
CA TYR C 124 -1.25 -59.91 21.49
C TYR C 124 -0.60 -59.42 22.78
N VAL C 125 0.07 -58.28 22.69
CA VAL C 125 0.76 -57.67 23.81
C VAL C 125 -0.06 -56.47 24.25
N VAL C 126 -0.79 -56.62 25.36
CA VAL C 126 -1.68 -55.58 25.85
C VAL C 126 -0.91 -54.68 26.82
N THR C 127 -0.63 -53.45 26.38
CA THR C 127 0.04 -52.46 27.21
C THR C 127 -0.83 -51.26 27.53
N GLY C 128 -2.06 -51.23 27.05
CA GLY C 128 -2.94 -50.13 27.38
C GLY C 128 -4.28 -50.30 26.71
N ALA C 129 -4.95 -49.17 26.51
CA ALA C 129 -6.33 -49.18 26.06
C ALA C 129 -6.46 -49.66 24.61
N TRP C 130 -5.54 -49.23 23.74
CA TRP C 130 -5.66 -49.54 22.33
C TRP C 130 -5.17 -50.93 21.98
N SER C 131 -4.32 -51.54 22.81
CA SER C 131 -3.97 -52.94 22.60
C SER C 131 -5.13 -53.84 23.00
N ALA C 132 -5.81 -53.51 24.11
CA ALA C 132 -6.93 -54.32 24.56
C ALA C 132 -8.09 -54.28 23.58
N LYS C 133 -8.30 -53.10 22.99
CA LYS C 133 -9.37 -52.91 22.00
C LYS C 133 -9.06 -53.76 20.78
N ALA C 134 -7.81 -53.76 20.36
CA ALA C 134 -7.39 -54.50 19.17
C ALA C 134 -7.40 -56.00 19.43
N ALA C 135 -6.99 -56.41 20.63
CA ALA C 135 -7.03 -57.83 20.98
C ALA C 135 -8.47 -58.33 21.05
N GLU C 136 -9.37 -57.54 21.61
CA GLU C 136 -10.77 -57.94 21.70
C GLU C 136 -11.41 -58.01 20.32
N GLU C 137 -11.12 -57.03 19.46
CA GLU C 137 -11.66 -57.04 18.11
C GLU C 137 -11.17 -58.26 17.34
N ALA C 138 -9.90 -58.65 17.54
CA ALA C 138 -9.35 -59.79 16.82
C ALA C 138 -10.03 -61.09 17.19
N LYS C 139 -10.69 -61.17 18.35
CA LYS C 139 -11.39 -62.38 18.77
C LYS C 139 -12.56 -62.72 17.85
N LYS C 140 -12.94 -61.83 16.95
CA LYS C 140 -14.02 -62.10 16.00
C LYS C 140 -13.56 -62.86 14.77
N PHE C 141 -12.26 -63.18 14.67
CA PHE C 141 -11.74 -63.87 13.50
C PHE C 141 -10.86 -65.06 13.84
N GLY C 142 -10.49 -65.24 15.10
CA GLY C 142 -9.67 -66.38 15.49
C GLY C 142 -9.41 -66.33 16.98
N THR C 143 -8.69 -67.35 17.43
CA THR C 143 -8.39 -67.49 18.85
C THR C 143 -7.21 -66.60 19.22
N ILE C 144 -7.44 -65.66 20.13
CA ILE C 144 -6.45 -64.66 20.51
C ILE C 144 -5.94 -64.99 21.89
N ASN C 145 -4.61 -64.88 22.07
CA ASN C 145 -3.96 -65.22 23.33
C ASN C 145 -3.06 -64.07 23.75
N ILE C 146 -3.37 -63.46 24.90
CA ILE C 146 -2.50 -62.44 25.47
C ILE C 146 -1.28 -63.12 26.07
N VAL C 147 -0.09 -62.64 25.70
CA VAL C 147 1.15 -63.34 26.02
C VAL C 147 1.65 -63.11 27.44
N HIS C 148 1.11 -62.13 28.14
CA HIS C 148 1.59 -61.73 29.45
C HIS C 148 0.44 -61.71 30.44
N PRO C 149 0.74 -61.85 31.74
CA PRO C 149 -0.34 -61.81 32.74
C PRO C 149 -1.03 -60.47 32.74
N LYS C 150 -2.33 -60.50 33.06
CA LYS C 150 -3.14 -59.28 33.14
C LYS C 150 -2.52 -58.31 34.14
N LEU C 151 -2.14 -57.13 33.66
CA LEU C 151 -1.51 -56.14 34.52
C LEU C 151 -2.57 -55.39 35.34
N GLY C 152 -2.27 -55.21 36.62
CA GLY C 152 -3.17 -54.46 37.48
C GLY C 152 -3.36 -53.03 37.04
N SER C 153 -2.37 -52.45 36.39
CA SER C 153 -2.45 -51.10 35.87
C SER C 153 -1.52 -50.96 34.67
N TYR C 154 -1.99 -50.25 33.65
CA TYR C 154 -1.19 -49.99 32.44
C TYR C 154 -0.15 -48.94 32.77
N THR C 155 0.90 -49.37 33.47
CA THR C 155 1.97 -48.47 33.90
C THR C 155 3.35 -48.91 33.47
N LYS C 156 3.54 -50.16 33.07
CA LYS C 156 4.85 -50.65 32.67
C LYS C 156 4.69 -51.64 31.53
N ILE C 157 5.72 -51.77 30.70
CA ILE C 157 5.74 -52.78 29.67
C ILE C 157 6.22 -54.09 30.29
N PRO C 158 5.44 -55.17 30.23
CA PRO C 158 5.95 -56.47 30.70
C PRO C 158 7.22 -56.84 29.97
N ASP C 159 8.22 -57.27 30.73
CA ASP C 159 9.52 -57.60 30.16
C ASP C 159 9.34 -58.67 29.08
N PRO C 160 9.88 -58.45 27.86
CA PRO C 160 9.72 -59.46 26.78
C PRO C 160 10.12 -60.87 27.18
N SER C 161 10.93 -60.99 28.23
CA SER C 161 11.26 -62.32 28.75
C SER C 161 10.03 -63.01 29.35
N THR C 162 9.07 -62.23 29.86
CA THR C 162 7.88 -62.79 30.48
C THR C 162 6.83 -63.22 29.45
N TRP C 163 7.04 -62.92 28.17
CA TRP C 163 6.04 -63.19 27.16
C TRP C 163 5.93 -64.69 26.90
N ASN C 164 4.70 -65.21 26.95
CA ASN C 164 4.40 -66.60 26.65
C ASN C 164 3.97 -66.68 25.19
N LEU C 165 4.94 -66.88 24.30
CA LEU C 165 4.68 -66.85 22.87
C LEU C 165 4.31 -68.24 22.35
N ASN C 166 3.31 -68.27 21.49
CA ASN C 166 2.90 -69.50 20.81
C ASN C 166 3.74 -69.67 19.54
N PRO C 167 4.49 -70.77 19.39
CA PRO C 167 5.26 -70.97 18.15
C PRO C 167 4.40 -71.24 16.94
N ASP C 168 3.12 -71.52 17.11
CA ASP C 168 2.19 -71.76 16.00
C ASP C 168 1.33 -70.55 15.68
N ALA C 169 1.49 -69.44 16.42
CA ALA C 169 0.67 -68.27 16.20
C ALA C 169 0.92 -67.68 14.82
N SER C 170 -0.12 -67.05 14.26
CA SER C 170 -0.01 -66.49 12.92
C SER C 170 0.76 -65.17 12.91
N TYR C 171 0.73 -64.42 14.00
CA TYR C 171 1.47 -63.16 14.11
C TYR C 171 1.47 -62.73 15.58
N VAL C 172 2.29 -61.72 15.88
CA VAL C 172 2.41 -61.13 17.20
C VAL C 172 2.15 -59.63 17.07
N TYR C 173 1.16 -59.12 17.82
CA TYR C 173 0.69 -57.76 17.71
C TYR C 173 1.04 -56.99 18.97
N TYR C 174 1.48 -55.74 18.79
CA TYR C 174 1.72 -54.86 19.93
C TYR C 174 1.56 -53.41 19.50
N CYS C 175 1.16 -52.57 20.44
CA CYS C 175 0.94 -51.15 20.20
C CYS C 175 2.17 -50.38 20.64
N ALA C 176 2.73 -49.59 19.72
CA ALA C 176 3.97 -48.87 20.01
C ALA C 176 3.76 -47.81 21.09
N ASN C 177 2.65 -47.08 21.02
CA ASN C 177 2.40 -45.98 21.96
C ASN C 177 0.93 -45.99 22.36
N GLU C 178 0.67 -46.08 23.66
CA GLU C 178 -0.69 -46.10 24.19
C GLU C 178 -1.12 -44.67 24.47
N THR C 179 -1.96 -44.12 23.58
CA THR C 179 -2.32 -42.71 23.63
C THR C 179 -3.07 -42.32 24.89
N VAL C 180 -3.72 -43.28 25.54
CA VAL C 180 -4.51 -42.96 26.73
C VAL C 180 -3.69 -43.09 28.01
N HIS C 181 -2.73 -44.03 28.05
CA HIS C 181 -1.99 -44.30 29.27
C HIS C 181 -0.53 -43.86 29.20
N GLY C 182 -0.02 -43.49 28.04
CA GLY C 182 1.32 -42.92 27.96
C GLY C 182 2.44 -43.91 28.10
N VAL C 183 2.24 -45.14 27.63
CA VAL C 183 3.25 -46.20 27.72
C VAL C 183 3.76 -46.48 26.32
N GLU C 184 5.06 -46.25 26.10
CA GLU C 184 5.64 -46.32 24.77
C GLU C 184 6.84 -47.27 24.74
N PHE C 185 6.94 -48.06 23.67
CA PHE C 185 8.11 -48.88 23.41
C PHE C 185 9.23 -48.03 22.85
N ASP C 186 10.40 -48.05 23.49
CA ASP C 186 11.60 -47.47 22.90
C ASP C 186 12.55 -48.57 22.43
N PHE C 187 11.99 -49.67 21.95
CA PHE C 187 12.73 -50.79 21.39
C PHE C 187 11.78 -51.60 20.53
N ILE C 188 12.35 -52.37 19.61
CA ILE C 188 11.60 -53.35 18.83
C ILE C 188 11.72 -54.69 19.56
N PRO C 189 10.63 -55.25 20.07
CA PRO C 189 10.75 -56.44 20.92
C PRO C 189 11.18 -57.67 20.14
N ASP C 190 11.74 -58.63 20.88
CA ASP C 190 12.10 -59.92 20.33
C ASP C 190 10.89 -60.85 20.44
N VAL C 191 10.43 -61.35 19.29
CA VAL C 191 9.24 -62.18 19.22
C VAL C 191 9.55 -63.59 18.71
N LYS C 192 10.82 -63.99 18.77
CA LYS C 192 11.26 -65.32 18.34
C LYS C 192 10.97 -65.53 16.85
N GLY C 193 11.33 -64.54 16.04
CA GLY C 193 11.24 -64.65 14.60
C GLY C 193 9.85 -64.65 14.02
N ALA C 194 8.81 -64.37 14.82
CA ALA C 194 7.46 -64.33 14.30
C ALA C 194 7.22 -63.01 13.56
N VAL C 195 6.16 -62.99 12.76
CA VAL C 195 5.78 -61.77 12.05
C VAL C 195 5.25 -60.75 13.04
N LEU C 196 5.81 -59.54 13.01
CA LEU C 196 5.53 -58.51 13.99
C LEU C 196 4.60 -57.46 13.39
N VAL C 197 3.44 -57.27 14.01
CA VAL C 197 2.48 -56.24 13.61
C VAL C 197 2.47 -55.17 14.69
N CYS C 198 2.54 -53.90 14.27
CA CYS C 198 2.67 -52.80 15.22
C CYS C 198 1.66 -51.71 14.90
N ASP C 199 1.13 -51.09 15.96
CA ASP C 199 0.15 -50.01 15.87
C ASP C 199 0.87 -48.73 16.30
N MET C 200 1.54 -48.08 15.36
CA MET C 200 2.31 -46.84 15.66
C MET C 200 1.51 -45.56 15.51
N SER C 201 0.19 -45.63 15.60
CA SER C 201 -0.68 -44.49 15.25
C SER C 201 -0.27 -43.21 15.95
N SER C 202 -0.02 -43.26 17.25
CA SER C 202 0.24 -42.04 18.02
C SER C 202 1.73 -41.75 18.16
N ASN C 203 2.60 -42.45 17.43
CA ASN C 203 4.02 -42.10 17.40
C ASN C 203 4.63 -42.34 16.02
N PHE C 204 3.80 -42.41 14.99
CA PHE C 204 4.30 -42.59 13.63
C PHE C 204 5.19 -41.42 13.24
N LEU C 205 6.41 -41.73 12.82
CA LEU C 205 7.38 -40.75 12.34
C LEU C 205 7.75 -39.72 13.39
N SER C 206 7.62 -40.06 14.67
CA SER C 206 8.23 -39.27 15.73
C SER C 206 9.65 -39.73 16.03
N LYS C 207 10.13 -40.73 15.32
CA LYS C 207 11.46 -41.29 15.52
C LYS C 207 11.74 -42.27 14.39
N PRO C 208 13.01 -42.53 14.07
CA PRO C 208 13.32 -43.56 13.07
C PRO C 208 12.87 -44.94 13.53
N VAL C 209 12.60 -45.80 12.56
CA VAL C 209 12.08 -47.15 12.82
C VAL C 209 12.77 -48.13 11.89
N ASP C 210 13.23 -49.25 12.45
CA ASP C 210 13.80 -50.33 11.66
C ASP C 210 12.65 -51.13 11.07
N VAL C 211 12.21 -50.71 9.87
CA VAL C 211 11.04 -51.31 9.24
C VAL C 211 11.29 -52.78 8.91
N SER C 212 12.54 -53.14 8.64
CA SER C 212 12.86 -54.53 8.27
C SER C 212 12.52 -55.53 9.36
N LYS C 213 12.33 -55.07 10.60
CA LYS C 213 11.98 -55.95 11.69
C LYS C 213 10.49 -56.25 11.79
N PHE C 214 9.66 -55.57 11.00
CA PHE C 214 8.21 -55.67 11.11
C PHE C 214 7.63 -56.41 9.91
N GLY C 215 6.41 -56.91 10.10
CA GLY C 215 5.65 -57.50 9.02
C GLY C 215 4.55 -56.58 8.54
N VAL C 216 3.88 -55.91 9.49
CA VAL C 216 2.83 -54.95 9.20
C VAL C 216 2.94 -53.79 10.18
N ILE C 217 3.03 -52.57 9.66
CA ILE C 217 2.95 -51.36 10.47
C ILE C 217 1.79 -50.54 9.92
N PHE C 218 0.94 -50.04 10.83
CA PHE C 218 -0.13 -49.15 10.43
C PHE C 218 -0.23 -47.99 11.42
N ALA C 219 -0.87 -46.91 10.97
CA ALA C 219 -0.96 -45.70 11.77
C ALA C 219 -2.06 -44.81 11.23
N GLY C 220 -2.96 -44.35 12.08
CA GLY C 220 -3.99 -43.39 11.64
C GLY C 220 -3.28 -42.10 11.36
N ALA C 221 -3.61 -41.36 10.31
CA ALA C 221 -2.75 -40.19 10.03
C ALA C 221 -3.15 -38.97 10.83
N GLN C 222 -4.27 -39.02 11.54
CA GLN C 222 -4.81 -37.87 12.27
C GLN C 222 -4.09 -37.52 13.56
N1 LLP C 223 -4.89 -46.81 17.90
C2 LLP C 223 -4.13 -46.02 18.67
C2' LLP C 223 -2.85 -46.56 19.22
C3 LLP C 223 -4.52 -44.73 18.95
O3 LLP C 223 -3.70 -44.01 19.74
C4 LLP C 223 -5.71 -44.24 18.44
C4' LLP C 223 -6.10 -42.86 18.72
C5 LLP C 223 -6.49 -45.07 17.63
C6 LLP C 223 -6.04 -46.34 17.40
C5' LLP C 223 -7.80 -44.63 17.03
OP4 LLP C 223 -7.87 -44.94 15.61
P LLP C 223 -9.11 -44.49 14.74
OP1 LLP C 223 -8.53 -43.93 13.53
OP2 LLP C 223 -9.85 -43.50 15.55
OP3 LLP C 223 -9.90 -45.72 14.50
N LLP C 223 -3.06 -38.28 13.92
CA LLP C 223 -2.38 -37.98 15.19
CB LLP C 223 -2.11 -39.30 15.94
CG LLP C 223 -3.17 -39.74 16.94
CD LLP C 223 -4.14 -40.80 16.42
CE LLP C 223 -4.36 -41.93 17.40
NZ LLP C 223 -5.71 -41.89 17.98
C LLP C 223 -1.09 -37.22 14.90
O LLP C 223 -0.91 -36.15 15.47
N ASN C 224 -0.20 -37.75 14.06
CA ASN C 224 1.10 -37.07 13.86
C ASN C 224 1.49 -36.90 12.39
N VAL C 225 0.64 -37.25 11.43
CA VAL C 225 1.08 -37.04 10.03
C VAL C 225 0.01 -36.40 9.15
N GLY C 226 -1.16 -36.09 9.65
CA GLY C 226 -2.12 -35.46 8.74
C GLY C 226 -3.44 -35.22 9.41
N SER C 227 -4.50 -35.42 8.67
CA SER C 227 -5.87 -35.25 9.13
C SER C 227 -6.59 -36.59 9.14
N ALA C 228 -7.77 -36.60 9.74
CA ALA C 228 -8.57 -37.82 9.86
C ALA C 228 -9.17 -38.22 8.52
N GLY C 229 -9.17 -39.52 8.24
CA GLY C 229 -9.78 -40.04 7.03
C GLY C 229 -8.97 -41.11 6.33
N VAL C 230 -7.67 -41.19 6.59
CA VAL C 230 -6.79 -42.12 5.91
C VAL C 230 -5.85 -42.78 6.91
N THR C 231 -5.52 -44.04 6.64
CA THR C 231 -4.58 -44.81 7.44
C THR C 231 -3.47 -45.33 6.54
N VAL C 232 -2.24 -45.20 7.00
CA VAL C 232 -1.08 -45.70 6.27
C VAL C 232 -0.75 -47.08 6.78
N VAL C 233 -0.56 -48.03 5.86
CA VAL C 233 -0.31 -49.42 6.19
C VAL C 233 0.90 -49.90 5.39
N ILE C 234 1.94 -50.31 6.10
CA ILE C 234 3.17 -50.81 5.50
C ILE C 234 3.22 -52.31 5.70
N VAL C 235 3.17 -53.07 4.60
CA VAL C 235 3.07 -54.52 4.64
C VAL C 235 4.21 -55.12 3.82
N ARG C 236 4.88 -56.12 4.38
CA ARG C 236 5.90 -56.85 3.64
C ARG C 236 5.25 -57.63 2.50
N ASP C 237 5.80 -57.50 1.30
CA ASP C 237 5.11 -57.92 0.08
C ASP C 237 4.93 -59.43 -0.04
N ASP C 238 5.46 -60.23 0.88
CA ASP C 238 5.20 -61.66 0.88
C ASP C 238 4.09 -62.07 1.83
N LEU C 239 3.63 -61.16 2.68
CA LEU C 239 2.47 -61.41 3.53
C LEU C 239 1.16 -61.18 2.80
N LEU C 240 1.20 -60.69 1.57
CA LEU C 240 -0.01 -60.59 0.77
C LEU C 240 -0.47 -61.98 0.34
N GLY C 241 -1.78 -62.16 0.31
CA GLY C 241 -2.35 -63.43 -0.16
C GLY C 241 -2.67 -64.42 0.94
N PHE C 242 -2.86 -63.97 2.17
CA PHE C 242 -3.30 -64.81 3.28
C PHE C 242 -4.58 -64.28 3.91
N ALA C 243 -5.28 -63.39 3.22
CA ALA C 243 -6.50 -62.82 3.76
C ALA C 243 -7.61 -63.87 3.79
N LEU C 244 -8.46 -63.76 4.80
CA LEU C 244 -9.62 -64.63 4.92
C LEU C 244 -10.62 -64.34 3.81
N ARG C 245 -11.65 -65.17 3.72
CA ARG C 245 -12.65 -64.97 2.68
C ARG C 245 -13.60 -63.82 3.00
N GLU C 246 -13.80 -63.52 4.28
CA GLU C 246 -14.75 -62.49 4.70
C GLU C 246 -14.11 -61.11 4.78
N CYS C 247 -12.89 -60.95 4.28
CA CYS C 247 -12.23 -59.65 4.32
C CYS C 247 -12.81 -58.73 3.25
N PRO C 248 -13.30 -57.56 3.61
CA PRO C 248 -13.77 -56.62 2.58
C PRO C 248 -12.65 -56.24 1.63
N SER C 249 -12.99 -56.18 0.34
CA SER C 249 -11.96 -55.95 -0.69
C SER C 249 -11.26 -54.61 -0.51
N VAL C 250 -11.94 -53.62 0.07
CA VAL C 250 -11.31 -52.33 0.32
C VAL C 250 -10.31 -52.39 1.45
N LEU C 251 -10.32 -53.45 2.26
CA LEU C 251 -9.39 -53.61 3.36
C LEU C 251 -8.39 -54.75 3.14
N GLU C 252 -8.42 -55.39 1.98
CA GLU C 252 -7.50 -56.50 1.70
C GLU C 252 -6.16 -55.94 1.24
N TYR C 253 -5.09 -56.33 1.94
CA TYR C 253 -3.76 -55.78 1.63
C TYR C 253 -3.33 -56.17 0.22
N LYS C 254 -3.68 -57.38 -0.22
CA LYS C 254 -3.29 -57.82 -1.56
C LYS C 254 -4.03 -57.04 -2.64
N VAL C 255 -5.32 -56.76 -2.44
CA VAL C 255 -6.10 -56.05 -3.44
C VAL C 255 -5.63 -54.61 -3.57
N GLN C 256 -5.42 -53.95 -2.43
CA GLN C 256 -5.06 -52.53 -2.47
C GLN C 256 -3.64 -52.33 -2.94
N ALA C 257 -2.72 -53.23 -2.58
CA ALA C 257 -1.34 -53.10 -3.03
C ALA C 257 -1.23 -53.29 -4.54
N GLY C 258 -2.07 -54.15 -5.11
CA GLY C 258 -2.11 -54.32 -6.56
C GLY C 258 -2.76 -53.19 -7.32
N ASN C 259 -3.51 -52.33 -6.64
CA ASN C 259 -4.16 -51.19 -7.26
C ASN C 259 -3.58 -49.85 -6.82
N SER C 260 -2.43 -49.86 -6.13
CA SER C 260 -1.80 -48.64 -5.64
C SER C 260 -2.78 -47.81 -4.82
N SER C 261 -3.49 -48.49 -3.92
CA SER C 261 -4.50 -47.88 -3.03
C SER C 261 -5.66 -47.26 -3.80
N LEU C 262 -5.83 -47.63 -5.07
CA LEU C 262 -6.87 -47.05 -5.92
C LEU C 262 -7.90 -48.08 -6.35
N TYR C 263 -8.12 -49.12 -5.53
CA TYR C 263 -9.18 -50.08 -5.83
C TYR C 263 -10.54 -49.40 -5.90
N ASN C 264 -10.80 -48.47 -4.98
CA ASN C 264 -11.96 -47.60 -5.05
C ASN C 264 -11.51 -46.16 -4.83
N THR C 265 -12.46 -45.24 -4.69
CA THR C 265 -12.10 -43.84 -4.46
C THR C 265 -11.42 -43.70 -3.11
N PRO C 266 -10.15 -43.30 -3.06
CA PRO C 266 -9.46 -43.14 -1.77
C PRO C 266 -9.76 -41.78 -1.17
N PRO C 267 -9.50 -41.59 0.12
CA PRO C 267 -9.70 -40.27 0.72
C PRO C 267 -8.71 -39.26 0.15
N CYS C 268 -9.08 -38.65 -0.98
CA CYS C 268 -8.12 -37.87 -1.76
C CYS C 268 -7.60 -36.68 -0.99
N PHE C 269 -8.51 -35.91 -0.37
CA PHE C 269 -8.09 -34.72 0.35
C PHE C 269 -7.23 -35.09 1.56
N SER C 270 -7.58 -36.16 2.27
CA SER C 270 -6.78 -36.58 3.42
C SER C 270 -5.38 -36.96 3.00
N ILE C 271 -5.24 -37.64 1.86
CA ILE C 271 -3.93 -38.04 1.38
C ILE C 271 -3.13 -36.83 0.91
N TYR C 272 -3.79 -35.86 0.28
CA TYR C 272 -3.14 -34.60 -0.06
C TYR C 272 -2.63 -33.89 1.19
N VAL C 273 -3.47 -33.82 2.23
CA VAL C 273 -3.05 -33.22 3.49
C VAL C 273 -1.90 -34.01 4.10
N MET C 274 -2.00 -35.33 4.10
CA MET C 274 -0.95 -36.17 4.68
C MET C 274 0.39 -35.95 3.98
N GLY C 275 0.35 -35.77 2.66
CA GLY C 275 1.59 -35.49 1.94
C GLY C 275 2.23 -34.19 2.37
N LEU C 276 1.41 -33.15 2.56
CA LEU C 276 1.95 -31.85 2.95
C LEU C 276 2.59 -31.92 4.33
N VAL C 277 1.98 -32.65 5.27
CA VAL C 277 2.59 -32.82 6.58
C VAL C 277 3.90 -33.59 6.46
N LEU C 278 3.93 -34.59 5.59
CA LEU C 278 5.17 -35.33 5.35
C LEU C 278 6.26 -34.42 4.81
N GLU C 279 5.89 -33.52 3.89
CA GLU C 279 6.86 -32.55 3.38
C GLU C 279 7.36 -31.63 4.49
N TRP C 280 6.45 -31.23 5.40
CA TRP C 280 6.85 -30.37 6.51
C TRP C 280 7.82 -31.11 7.44
N ILE C 281 7.58 -32.39 7.69
CA ILE C 281 8.52 -33.18 8.49
C ILE C 281 9.87 -33.27 7.80
N LYS C 282 9.86 -33.48 6.48
CA LYS C 282 11.11 -33.60 5.73
C LYS C 282 11.90 -32.30 5.76
N ASN C 283 11.21 -31.16 5.61
CA ASN C 283 11.90 -29.88 5.64
C ASN C 283 12.44 -29.53 7.03
N ASN C 284 11.91 -30.16 8.07
CA ASN C 284 12.33 -29.88 9.44
C ASN C 284 13.33 -30.91 9.97
N GLY C 285 13.82 -31.82 9.11
CA GLY C 285 14.87 -32.74 9.49
C GLY C 285 14.48 -34.20 9.55
N GLY C 286 13.32 -34.58 9.00
CA GLY C 286 12.97 -35.98 8.95
C GLY C 286 12.76 -36.60 10.32
N ALA C 287 12.77 -37.94 10.34
CA ALA C 287 12.49 -38.67 11.56
C ALA C 287 13.52 -38.40 12.65
N ALA C 288 14.77 -38.17 12.26
CA ALA C 288 15.82 -37.93 13.25
C ALA C 288 15.56 -36.66 14.04
N ALA C 289 15.18 -35.57 13.35
CA ALA C 289 14.90 -34.32 14.03
C ALA C 289 13.65 -34.42 14.89
N MET C 290 12.66 -35.22 14.47
CA MET C 290 11.46 -35.37 15.27
C MET C 290 11.75 -36.05 16.59
N GLU C 291 12.70 -36.99 16.60
CA GLU C 291 13.08 -37.64 17.85
C GLU C 291 13.77 -36.66 18.79
N LYS C 292 14.64 -35.80 18.25
CA LYS C 292 15.29 -34.79 19.08
C LYS C 292 14.27 -33.79 19.62
N LEU C 293 13.31 -33.38 18.80
CA LEU C 293 12.31 -32.42 19.25
C LEU C 293 11.35 -33.06 20.25
N SER C 294 10.95 -34.31 20.01
CA SER C 294 10.07 -34.99 20.95
C SER C 294 10.76 -35.27 22.28
N SER C 295 12.08 -35.35 22.30
CA SER C 295 12.80 -35.51 23.56
C SER C 295 12.79 -34.22 24.37
N ILE C 296 13.07 -33.09 23.70
CA ILE C 296 13.08 -31.79 24.39
C ILE C 296 11.70 -31.48 24.93
N LYS C 297 10.65 -31.80 24.17
CA LYS C 297 9.30 -31.43 24.57
C LYS C 297 8.83 -32.23 25.77
N SER C 298 8.92 -33.56 25.69
CA SER C 298 8.45 -34.40 26.79
C SER C 298 9.28 -34.18 28.05
N GLN C 299 10.58 -33.93 27.89
CA GLN C 299 11.42 -33.64 29.05
C GLN C 299 10.98 -32.37 29.76
N THR C 300 10.49 -31.38 29.01
CA THR C 300 10.07 -30.13 29.64
C THR C 300 8.93 -30.37 30.61
N ILE C 301 8.02 -31.29 30.29
CA ILE C 301 6.87 -31.55 31.14
C ILE C 301 7.20 -32.55 32.24
N TYR C 302 7.86 -33.65 31.89
CA TYR C 302 8.25 -34.65 32.88
C TYR C 302 9.14 -34.03 33.96
N GLU C 303 10.01 -33.11 33.57
CA GLU C 303 10.86 -32.43 34.56
C GLU C 303 10.03 -31.63 35.55
N ILE C 304 8.87 -31.12 35.12
CA ILE C 304 7.98 -30.44 36.06
C ILE C 304 7.32 -31.46 36.98
N ILE C 305 6.98 -32.64 36.45
CA ILE C 305 6.33 -33.66 37.26
C ILE C 305 7.32 -34.28 38.25
N ASP C 306 8.52 -34.61 37.77
CA ASP C 306 9.49 -35.29 38.61
C ASP C 306 9.98 -34.40 39.75
N ASN C 307 9.99 -33.09 39.56
CA ASN C 307 10.41 -32.14 40.58
C ASN C 307 9.24 -31.40 41.21
N SER C 308 8.03 -31.91 41.05
CA SER C 308 6.84 -31.27 41.61
C SER C 308 6.61 -31.61 43.08
N GLN C 309 7.41 -32.51 43.65
CA GLN C 309 7.22 -32.98 45.02
C GLN C 309 5.79 -33.50 45.22
N GLY C 310 5.42 -34.47 44.39
CA GLY C 310 4.14 -35.13 44.51
C GLY C 310 2.94 -34.32 44.08
N PHE C 311 3.13 -33.10 43.59
CA PHE C 311 1.98 -32.30 43.14
C PHE C 311 1.46 -32.81 41.80
N TYR C 312 2.35 -33.17 40.89
CA TYR C 312 1.99 -33.87 39.66
C TYR C 312 2.49 -35.29 39.75
N VAL C 313 1.59 -36.25 39.47
CA VAL C 313 1.92 -37.66 39.56
C VAL C 313 1.73 -38.29 38.18
N CYS C 314 2.77 -38.96 37.69
CA CYS C 314 2.72 -39.67 36.40
C CYS C 314 2.99 -41.14 36.67
N PRO C 315 1.97 -42.00 36.63
CA PRO C 315 2.13 -43.37 37.12
C PRO C 315 3.05 -44.23 36.27
N VAL C 316 3.27 -43.88 35.01
CA VAL C 316 4.06 -44.73 34.13
C VAL C 316 5.50 -44.81 34.63
N GLU C 317 6.03 -46.04 34.66
CA GLU C 317 7.42 -46.23 35.02
C GLU C 317 8.30 -45.44 34.07
N PRO C 318 9.24 -44.63 34.59
CA PRO C 318 9.97 -43.68 33.72
C PRO C 318 10.64 -44.31 32.51
N GLN C 319 11.01 -45.59 32.59
CA GLN C 319 11.65 -46.25 31.46
C GLN C 319 10.68 -46.54 30.33
N ASN C 320 9.37 -46.44 30.57
CA ASN C 320 8.37 -46.67 29.53
C ASN C 320 7.52 -45.43 29.27
N ARG C 321 7.97 -44.26 29.71
CA ARG C 321 7.18 -43.04 29.55
C ARG C 321 7.10 -42.64 28.08
N SER C 322 5.89 -42.33 27.64
CA SER C 322 5.69 -41.86 26.27
C SER C 322 6.23 -40.45 26.11
N LYS C 323 6.78 -40.17 24.92
CA LYS C 323 7.24 -38.85 24.55
C LYS C 323 6.19 -38.06 23.77
N MET C 324 5.06 -38.68 23.46
CA MET C 324 3.97 -38.04 22.72
C MET C 324 2.81 -37.64 23.61
N ASN C 325 2.37 -38.52 24.50
CA ASN C 325 1.24 -38.27 25.37
C ASN C 325 1.69 -38.38 26.82
N ILE C 326 1.45 -37.34 27.60
CA ILE C 326 1.86 -37.32 29.00
C ILE C 326 0.62 -37.22 29.88
N PRO C 327 0.02 -38.34 30.29
CA PRO C 327 -1.09 -38.30 31.23
C PRO C 327 -0.60 -38.25 32.67
N PHE C 328 -1.29 -37.44 33.48
CA PHE C 328 -0.91 -37.29 34.88
C PHE C 328 -2.11 -36.82 35.67
N ARG C 329 -1.94 -36.78 36.99
CA ARG C 329 -2.96 -36.30 37.91
C ARG C 329 -2.37 -35.19 38.77
N ILE C 330 -3.24 -34.41 39.38
CA ILE C 330 -2.86 -33.28 40.22
C ILE C 330 -3.25 -33.56 41.65
N GLY C 331 -2.34 -33.32 42.59
CA GLY C 331 -2.60 -33.55 43.99
C GLY C 331 -2.05 -34.86 44.51
N ASN C 332 -2.66 -35.96 44.11
CA ASN C 332 -2.26 -37.28 44.60
C ASN C 332 -2.41 -38.29 43.48
N ALA C 333 -2.00 -39.53 43.78
CA ALA C 333 -1.98 -40.58 42.76
C ALA C 333 -3.37 -40.81 42.18
N LYS C 334 -4.41 -40.76 43.02
CA LYS C 334 -5.77 -40.92 42.52
C LYS C 334 -6.34 -39.62 41.96
N GLY C 335 -5.75 -38.48 42.32
CA GLY C 335 -6.14 -37.22 41.72
C GLY C 335 -7.17 -36.43 42.50
N ASP C 336 -6.87 -35.15 42.74
CA ASP C 336 -7.79 -34.24 43.43
C ASP C 336 -8.63 -33.55 42.38
N ASP C 337 -9.94 -33.84 42.38
CA ASP C 337 -10.81 -33.32 41.33
C ASP C 337 -10.98 -31.81 41.42
N ALA C 338 -11.03 -31.27 42.64
CA ALA C 338 -11.19 -29.83 42.80
C ALA C 338 -10.04 -29.06 42.17
N LEU C 339 -8.81 -29.54 42.38
CA LEU C 339 -7.64 -28.86 41.83
C LEU C 339 -7.54 -29.05 40.33
N GLU C 340 -7.88 -30.25 39.84
CA GLU C 340 -7.76 -30.53 38.41
C GLU C 340 -8.73 -29.69 37.60
N LYS C 341 -9.92 -29.44 38.13
CA LYS C 341 -10.89 -28.62 37.40
C LYS C 341 -10.41 -27.18 37.30
N ARG C 342 -9.92 -26.62 38.41
CA ARG C 342 -9.39 -25.26 38.39
C ARG C 342 -8.23 -25.14 37.41
N PHE C 343 -7.42 -26.19 37.31
CA PHE C 343 -6.35 -26.22 36.32
C PHE C 343 -6.90 -26.14 34.91
N LEU C 344 -7.85 -27.03 34.57
CA LEU C 344 -8.39 -27.06 33.22
C LEU C 344 -9.17 -25.78 32.90
N ASP C 345 -9.87 -25.23 33.88
CA ASP C 345 -10.63 -24.01 33.64
C ASP C 345 -9.70 -22.83 33.37
N LYS C 346 -8.63 -22.70 34.16
CA LYS C 346 -7.66 -21.64 33.89
C LYS C 346 -6.90 -21.90 32.58
N ALA C 347 -6.61 -23.17 32.29
CA ALA C 347 -5.92 -23.49 31.05
C ALA C 347 -6.77 -23.15 29.84
N LEU C 348 -8.08 -23.41 29.92
CA LEU C 348 -8.97 -23.04 28.83
C LEU C 348 -9.07 -21.53 28.70
N GLU C 349 -9.00 -20.82 29.83
CA GLU C 349 -8.99 -19.36 29.79
C GLU C 349 -7.76 -18.83 29.07
N LEU C 350 -6.67 -19.61 29.05
CA LEU C 350 -5.45 -19.24 28.34
C LEU C 350 -5.40 -19.77 26.92
N ASN C 351 -6.50 -20.31 26.40
CA ASN C 351 -6.59 -20.86 25.04
C ASN C 351 -5.66 -22.07 24.84
N MET C 352 -5.63 -22.96 25.82
CA MET C 352 -4.90 -24.22 25.72
C MET C 352 -5.94 -25.35 25.71
N LEU C 353 -6.15 -25.94 24.54
CA LEU C 353 -7.28 -26.83 24.31
C LEU C 353 -6.89 -28.30 24.45
N SER C 354 -7.89 -29.12 24.75
CA SER C 354 -7.77 -30.58 24.79
C SER C 354 -6.73 -31.04 25.81
N LEU C 355 -6.65 -30.33 26.94
CA LEU C 355 -5.81 -30.78 28.04
C LEU C 355 -6.50 -31.77 28.96
N LYS C 356 -7.82 -31.90 28.86
CA LYS C 356 -8.54 -32.86 29.68
C LYS C 356 -8.13 -34.28 29.31
N GLY C 357 -7.85 -35.09 30.33
CA GLY C 357 -7.49 -36.47 30.09
C GLY C 357 -8.64 -37.25 29.45
N HIS C 358 -8.30 -38.46 29.00
CA HIS C 358 -9.29 -39.29 28.34
C HIS C 358 -10.42 -39.65 29.31
N ARG C 359 -11.60 -39.90 28.76
CA ARG C 359 -12.78 -40.16 29.57
C ARG C 359 -12.58 -41.36 30.49
N SER C 360 -11.95 -42.41 29.98
CA SER C 360 -11.75 -43.62 30.79
C SER C 360 -10.74 -43.41 31.92
N VAL C 361 -9.94 -42.34 31.88
CA VAL C 361 -8.92 -42.10 32.88
C VAL C 361 -9.15 -40.78 33.61
N GLY C 362 -9.65 -39.77 32.89
CA GLY C 362 -9.80 -38.46 33.49
C GLY C 362 -8.47 -37.76 33.67
N GLY C 363 -8.42 -36.87 34.66
CA GLY C 363 -7.21 -36.16 34.96
C GLY C 363 -6.77 -35.28 33.80
N ILE C 364 -5.46 -35.13 33.67
CA ILE C 364 -4.87 -34.29 32.63
C ILE C 364 -4.08 -35.17 31.67
N ARG C 365 -4.04 -34.75 30.41
CA ARG C 365 -3.19 -35.40 29.41
C ARG C 365 -2.71 -34.35 28.41
N ALA C 366 -1.41 -34.29 28.19
CA ALA C 366 -0.82 -33.38 27.21
C ALA C 366 -0.30 -34.19 26.04
N SER C 367 -0.77 -33.87 24.84
CA SER C 367 -0.33 -34.50 23.61
C SER C 367 0.65 -33.58 22.90
N LEU C 368 1.87 -34.06 22.69
CA LEU C 368 2.94 -33.25 22.13
C LEU C 368 3.45 -33.82 20.81
N TYR C 369 2.57 -33.89 19.81
CA TYR C 369 2.93 -34.48 18.53
C TYR C 369 3.79 -33.51 17.74
N ASN C 370 4.17 -33.91 16.51
CA ASN C 370 5.20 -33.21 15.75
C ASN C 370 4.82 -31.74 15.53
N ALA C 371 3.55 -31.45 15.25
CA ALA C 371 3.17 -30.08 14.96
C ALA C 371 3.16 -29.20 16.20
N VAL C 372 3.14 -29.80 17.40
CA VAL C 372 3.16 -29.01 18.63
C VAL C 372 4.57 -28.44 18.79
N THR C 373 4.68 -27.12 18.70
CA THR C 373 5.99 -26.47 18.68
C THR C 373 6.57 -26.40 20.09
N ILE C 374 7.85 -25.99 20.14
CA ILE C 374 8.52 -25.84 21.43
C ILE C 374 7.93 -24.69 22.23
N GLU C 375 7.60 -23.58 21.56
CA GLU C 375 6.94 -22.47 22.23
C GLU C 375 5.59 -22.90 22.81
N ASP C 376 4.91 -23.84 22.16
CA ASP C 376 3.65 -24.37 22.69
C ASP C 376 3.88 -25.10 24.00
N VAL C 377 4.88 -25.98 24.04
CA VAL C 377 5.23 -26.67 25.28
C VAL C 377 5.79 -25.70 26.31
N GLN C 378 6.37 -24.58 25.87
CA GLN C 378 6.89 -23.59 26.81
C GLN C 378 5.76 -22.80 27.47
N LYS C 379 4.66 -22.57 26.75
CA LYS C 379 3.49 -21.95 27.38
C LYS C 379 2.86 -22.88 28.42
N LEU C 380 2.82 -24.18 28.13
CA LEU C 380 2.23 -25.12 29.07
C LEU C 380 3.12 -25.29 30.31
N ALA C 381 4.43 -25.42 30.10
CA ALA C 381 5.34 -25.60 31.23
C ALA C 381 5.34 -24.38 32.15
N ALA C 382 5.30 -23.18 31.56
CA ALA C 382 5.22 -21.97 32.38
C ALA C 382 3.89 -21.90 33.15
N PHE C 383 2.83 -22.48 32.58
CA PHE C 383 1.55 -22.47 33.27
C PHE C 383 1.54 -23.47 34.42
N MET C 384 2.02 -24.70 34.16
CA MET C 384 2.08 -25.69 35.22
C MET C 384 2.96 -25.22 36.39
N LYS C 385 4.06 -24.54 36.07
CA LYS C 385 4.95 -24.05 37.12
C LYS C 385 4.26 -22.97 37.96
N LYS C 386 3.56 -22.03 37.31
CA LYS C 386 2.84 -21.02 38.09
C LYS C 386 1.67 -21.64 38.84
N PHE C 387 1.01 -22.64 38.26
CA PHE C 387 -0.11 -23.29 38.95
C PHE C 387 0.36 -24.09 40.15
N LEU C 388 1.51 -24.77 40.03
CA LEU C 388 2.09 -25.45 41.17
C LEU C 388 2.52 -24.45 42.25
N GLU C 389 2.95 -23.26 41.84
CA GLU C 389 3.37 -22.23 42.77
C GLU C 389 2.19 -21.54 43.46
N MET C 390 0.96 -21.76 42.99
CA MET C 390 -0.22 -21.12 43.55
C MET C 390 -1.05 -22.04 44.42
N HIS C 391 -0.76 -23.35 44.44
CA HIS C 391 -1.61 -24.29 45.15
C HIS C 391 -0.86 -25.34 45.95
N GLN C 392 0.46 -25.41 45.86
CA GLN C 392 1.21 -26.41 46.60
C GLN C 392 1.18 -26.08 48.09
N LEU C 393 0.68 -27.02 48.90
CA LEU C 393 0.54 -26.79 50.34
C LEU C 393 1.88 -26.95 51.06
N GLN D 29 7.77 -8.97 12.45
CA GLN D 29 8.05 -10.24 11.78
C GLN D 29 9.53 -10.38 11.46
N VAL D 30 10.35 -9.54 12.11
CA VAL D 30 11.77 -9.50 11.81
C VAL D 30 12.46 -10.78 12.28
N VAL D 31 13.37 -11.29 11.46
CA VAL D 31 14.19 -12.46 11.79
C VAL D 31 15.63 -11.99 11.83
N ASN D 32 16.24 -12.03 13.01
CA ASN D 32 17.55 -11.43 13.26
C ASN D 32 18.62 -12.51 13.29
N PHE D 33 19.42 -12.59 12.23
CA PHE D 33 20.59 -13.47 12.18
C PHE D 33 21.87 -12.76 12.57
N GLY D 34 21.80 -11.81 13.51
CA GLY D 34 22.94 -11.03 13.92
C GLY D 34 24.07 -11.89 14.46
N PRO D 35 25.31 -11.50 14.15
CA PRO D 35 26.47 -12.31 14.56
C PRO D 35 27.07 -11.94 15.91
N GLY D 36 26.62 -10.84 16.53
CA GLY D 36 27.21 -10.37 17.76
C GLY D 36 27.35 -8.85 17.76
N PRO D 37 26.42 -8.15 18.43
CA PRO D 37 25.28 -8.64 19.21
C PRO D 37 24.26 -9.39 18.36
N ALA D 38 23.48 -10.26 18.98
CA ALA D 38 22.58 -11.13 18.23
C ALA D 38 21.20 -11.14 18.87
N LYS D 39 20.31 -11.97 18.33
CA LYS D 39 18.91 -11.98 18.69
C LYS D 39 18.73 -12.43 20.14
N LEU D 40 17.79 -11.80 20.84
CA LEU D 40 17.40 -12.21 22.18
C LEU D 40 16.01 -12.84 22.16
N PRO D 41 15.76 -13.82 23.02
CA PRO D 41 14.43 -14.45 23.05
C PRO D 41 13.35 -13.42 23.32
N HIS D 42 12.22 -13.54 22.61
CA HIS D 42 11.17 -12.54 22.72
C HIS D 42 10.55 -12.55 24.11
N SER D 43 10.50 -13.71 24.77
CA SER D 43 9.96 -13.77 26.13
C SER D 43 10.83 -13.00 27.11
N VAL D 44 12.15 -12.96 26.85
CA VAL D 44 13.05 -12.23 27.74
C VAL D 44 12.83 -10.73 27.62
N LEU D 45 12.81 -10.22 26.38
CA LEU D 45 12.62 -8.79 26.16
C LEU D 45 11.29 -8.31 26.71
N LEU D 46 10.27 -9.18 26.72
CA LEU D 46 8.98 -8.79 27.29
C LEU D 46 9.08 -8.57 28.80
N GLU D 47 9.86 -9.40 29.48
CA GLU D 47 10.00 -9.24 30.93
C GLU D 47 10.86 -8.03 31.27
N ILE D 48 11.94 -7.83 30.51
CA ILE D 48 12.81 -6.66 30.72
C ILE D 48 12.00 -5.36 30.59
N GLN D 49 10.97 -5.38 29.74
CA GLN D 49 10.19 -4.17 29.49
C GLN D 49 9.22 -3.87 30.64
N LYS D 50 8.49 -4.87 31.11
CA LYS D 50 7.50 -4.61 32.14
C LYS D 50 8.12 -4.40 33.51
N GLU D 51 9.36 -4.84 33.71
CA GLU D 51 10.09 -4.61 34.95
C GLU D 51 11.05 -3.44 34.88
N LEU D 52 11.12 -2.74 33.74
CA LEU D 52 12.17 -1.75 33.54
C LEU D 52 12.04 -0.58 34.49
N LEU D 53 10.82 -0.24 34.92
CA LEU D 53 10.63 0.87 35.83
C LEU D 53 10.55 0.45 37.28
N ASP D 54 10.12 -0.77 37.56
CA ASP D 54 9.93 -1.25 38.94
C ASP D 54 10.27 -2.74 38.95
N TYR D 55 11.54 -3.03 39.24
CA TYR D 55 12.03 -4.41 39.22
C TYR D 55 11.47 -5.16 40.43
N LYS D 56 10.52 -6.05 40.18
CA LYS D 56 10.00 -6.98 41.20
C LYS D 56 9.57 -6.25 42.46
N GLY D 57 8.96 -5.08 42.28
CA GLY D 57 8.44 -4.31 43.38
C GLY D 57 9.47 -3.56 44.21
N VAL D 58 10.74 -3.55 43.79
CA VAL D 58 11.76 -2.83 44.55
C VAL D 58 11.50 -1.32 44.52
N GLY D 59 10.92 -0.81 43.43
CA GLY D 59 10.59 0.59 43.32
C GLY D 59 11.49 1.39 42.40
N ILE D 60 12.60 0.83 41.97
CA ILE D 60 13.52 1.49 41.06
C ILE D 60 13.80 0.56 39.87
N SER D 61 14.63 1.05 38.95
CA SER D 61 15.06 0.26 37.81
C SER D 61 16.38 -0.44 38.12
N VAL D 62 16.63 -1.53 37.39
CA VAL D 62 17.95 -2.15 37.46
C VAL D 62 19.01 -1.17 36.98
N LEU D 63 18.65 -0.29 36.05
CA LEU D 63 19.56 0.77 35.61
C LEU D 63 19.94 1.70 36.76
N GLU D 64 19.05 1.87 37.74
CA GLU D 64 19.32 2.68 38.92
C GLU D 64 19.80 1.86 40.10
N MET D 65 19.84 0.53 39.97
CA MET D 65 20.11 -0.33 41.10
C MET D 65 21.58 -0.30 41.48
N SER D 66 21.87 -0.07 42.76
CA SER D 66 23.27 -0.05 43.22
C SER D 66 23.76 -1.49 43.25
N HIS D 67 25.04 -1.68 42.94
CA HIS D 67 25.67 -3.03 42.89
C HIS D 67 25.99 -3.49 44.31
N ARG D 68 25.75 -2.62 45.29
CA ARG D 68 26.01 -2.94 46.72
C ARG D 68 24.69 -3.18 47.44
N SER D 69 23.56 -3.19 46.71
CA SER D 69 22.28 -3.41 47.34
C SER D 69 22.02 -4.91 47.53
N SER D 70 21.08 -5.21 48.42
CA SER D 70 20.67 -6.60 48.60
C SER D 70 20.01 -7.14 47.34
N ASP D 71 19.36 -6.27 46.56
CA ASP D 71 18.62 -6.71 45.38
C ASP D 71 19.55 -7.19 44.28
N PHE D 72 20.62 -6.43 44.01
CA PHE D 72 21.55 -6.83 42.97
C PHE D 72 22.37 -8.04 43.39
N ALA D 73 22.56 -8.25 44.69
CA ALA D 73 23.26 -9.45 45.16
C ALA D 73 22.53 -10.71 44.72
N LYS D 74 21.20 -10.69 44.78
CA LYS D 74 20.43 -11.85 44.33
C LYS D 74 20.58 -12.05 42.83
N ILE D 75 20.67 -10.96 42.07
CA ILE D 75 20.74 -11.06 40.61
C ILE D 75 22.07 -11.64 40.17
N ILE D 76 23.18 -11.10 40.71
CA ILE D 76 24.49 -11.54 40.27
C ILE D 76 24.79 -12.95 40.77
N ASN D 77 24.30 -13.30 41.96
CA ASN D 77 24.49 -14.67 42.46
C ASN D 77 23.64 -15.67 41.68
N ASN D 78 22.44 -15.27 41.28
CA ASN D 78 21.60 -16.15 40.47
C ASN D 78 22.22 -16.38 39.10
N THR D 79 22.87 -15.36 38.53
CA THR D 79 23.53 -15.54 37.25
C THR D 79 24.69 -16.54 37.37
N GLU D 80 25.48 -16.41 38.43
CA GLU D 80 26.60 -17.34 38.63
C GLU D 80 26.10 -18.77 38.80
N ASN D 81 25.06 -18.96 39.63
CA ASN D 81 24.51 -20.29 39.84
C ASN D 81 24.04 -20.91 38.53
N LEU D 82 23.42 -20.12 37.66
CA LEU D 82 22.97 -20.63 36.37
C LEU D 82 24.15 -21.01 35.49
N VAL D 83 25.23 -20.22 35.52
CA VAL D 83 26.43 -20.60 34.78
C VAL D 83 26.98 -21.92 35.31
N ARG D 84 26.94 -22.11 36.63
CA ARG D 84 27.44 -23.34 37.22
C ARG D 84 26.50 -24.50 36.95
N GLU D 85 25.20 -24.25 36.95
CA GLU D 85 24.22 -25.33 36.78
C GLU D 85 24.14 -25.81 35.34
N LEU D 86 24.09 -24.87 34.38
CA LEU D 86 23.88 -25.25 32.99
C LEU D 86 25.11 -25.94 32.39
N LEU D 87 26.30 -25.48 32.75
CA LEU D 87 27.54 -26.05 32.23
C LEU D 87 28.12 -27.13 33.13
N ALA D 88 27.54 -27.36 34.32
CA ALA D 88 28.10 -28.28 35.31
C ALA D 88 29.53 -27.89 35.66
N VAL D 89 29.68 -26.66 36.12
CA VAL D 89 31.01 -26.15 36.51
C VAL D 89 31.41 -26.77 37.84
N PRO D 90 32.58 -27.42 37.94
CA PRO D 90 33.01 -27.99 39.21
C PRO D 90 33.21 -26.91 40.27
N ASP D 91 33.23 -27.35 41.53
CA ASP D 91 33.28 -26.42 42.66
C ASP D 91 34.62 -25.72 42.77
N ASN D 92 35.70 -26.35 42.28
CA ASN D 92 37.04 -25.77 42.35
C ASN D 92 37.29 -24.71 41.28
N TYR D 93 36.23 -24.13 40.73
CA TYR D 93 36.33 -23.11 39.69
C TYR D 93 35.63 -21.84 40.13
N LYS D 94 36.22 -20.70 39.82
CA LYS D 94 35.59 -19.42 40.04
C LYS D 94 34.78 -19.02 38.82
N VAL D 95 33.70 -18.29 39.07
CA VAL D 95 32.85 -17.75 38.01
C VAL D 95 32.79 -16.25 38.22
N ILE D 96 33.47 -15.49 37.37
CA ILE D 96 33.52 -14.04 37.49
C ILE D 96 32.98 -13.41 36.22
N PHE D 97 32.40 -12.23 36.36
CA PHE D 97 31.87 -11.46 35.24
C PHE D 97 32.68 -10.18 35.11
N LEU D 98 33.41 -10.05 34.02
CA LEU D 98 34.30 -8.93 33.78
C LEU D 98 33.76 -8.06 32.66
N GLN D 99 34.31 -6.84 32.58
CA GLN D 99 34.05 -5.95 31.46
C GLN D 99 35.16 -6.11 30.42
N GLY D 100 35.00 -5.42 29.28
CA GLY D 100 36.01 -5.42 28.26
C GLY D 100 35.71 -6.30 27.06
N GLY D 101 34.64 -7.07 27.11
CA GLY D 101 34.31 -7.92 25.98
C GLY D 101 35.28 -9.06 25.80
N GLY D 102 35.13 -9.75 24.67
CA GLY D 102 36.02 -10.85 24.36
C GLY D 102 37.45 -10.38 24.11
N CYS D 103 37.61 -9.36 23.27
CA CYS D 103 38.95 -8.82 23.01
C CYS D 103 39.60 -8.28 24.28
N GLY D 104 38.82 -7.99 25.32
CA GLY D 104 39.41 -7.65 26.60
C GLY D 104 40.14 -8.83 27.21
N GLN D 105 39.61 -10.05 27.01
CA GLN D 105 40.27 -11.24 27.52
C GLN D 105 41.46 -11.66 26.66
N PHE D 106 41.53 -11.22 25.41
CA PHE D 106 42.73 -11.43 24.62
C PHE D 106 43.96 -10.86 25.32
N SER D 107 43.78 -9.79 26.09
CA SER D 107 44.83 -9.23 26.92
C SER D 107 44.79 -9.75 28.35
N ALA D 108 43.60 -10.08 28.87
CA ALA D 108 43.49 -10.52 30.25
C ALA D 108 44.03 -11.93 30.44
N VAL D 109 43.86 -12.81 29.45
CA VAL D 109 44.38 -14.17 29.56
C VAL D 109 45.90 -14.19 29.70
N PRO D 110 46.69 -13.48 28.87
CA PRO D 110 48.14 -13.46 29.10
C PRO D 110 48.53 -12.75 30.39
N LEU D 111 47.95 -11.58 30.62
CA LEU D 111 48.30 -10.79 31.80
C LEU D 111 48.15 -11.61 33.08
N ASN D 112 47.13 -12.46 33.14
CA ASN D 112 46.86 -13.23 34.35
C ASN D 112 47.56 -14.59 34.36
N LEU D 113 47.89 -15.15 33.20
CA LEU D 113 48.35 -16.53 33.12
C LEU D 113 49.73 -16.71 32.52
N ILE D 114 50.19 -15.80 31.65
CA ILE D 114 51.43 -16.04 30.92
C ILE D 114 52.62 -16.18 31.86
N GLY D 115 52.50 -15.71 33.10
CA GLY D 115 53.55 -15.86 34.08
C GLY D 115 53.40 -17.11 34.92
N LEU D 116 52.66 -18.10 34.40
CA LEU D 116 52.48 -19.35 35.13
C LEU D 116 53.77 -20.16 35.16
N LYS D 117 54.58 -20.06 34.12
CA LYS D 117 55.90 -20.69 34.07
C LYS D 117 56.94 -19.63 33.72
N ALA D 118 58.18 -19.92 34.10
CA ALA D 118 59.24 -18.91 34.07
C ALA D 118 59.56 -18.42 32.66
N GLY D 119 59.21 -19.18 31.63
CA GLY D 119 59.56 -18.79 30.27
C GLY D 119 58.77 -17.63 29.73
N ARG D 120 57.62 -17.31 30.35
CA ARG D 120 56.65 -16.36 29.78
C ARG D 120 56.35 -16.71 28.33
N CYS D 121 56.24 -18.00 28.06
CA CYS D 121 55.93 -18.53 26.74
C CYS D 121 54.48 -18.98 26.69
N ALA D 122 53.94 -19.06 25.47
CA ALA D 122 52.55 -19.44 25.32
C ALA D 122 52.36 -20.04 23.93
N ASP D 123 51.46 -21.02 23.85
CA ASP D 123 51.12 -21.67 22.60
C ASP D 123 49.69 -21.30 22.20
N TYR D 124 49.50 -21.00 20.92
CA TYR D 124 48.21 -20.59 20.40
C TYR D 124 47.85 -21.42 19.18
N VAL D 125 46.57 -21.75 19.05
CA VAL D 125 46.05 -22.54 17.95
C VAL D 125 45.19 -21.61 17.09
N VAL D 126 45.74 -21.18 15.96
CA VAL D 126 45.05 -20.24 15.08
C VAL D 126 44.20 -21.04 14.08
N THR D 127 42.88 -20.96 14.23
CA THR D 127 41.97 -21.57 13.29
C THR D 127 41.12 -20.56 12.53
N GLY D 128 41.17 -19.29 12.89
CA GLY D 128 40.42 -18.28 12.17
C GLY D 128 40.86 -16.89 12.57
N ALA D 129 40.03 -15.92 12.22
CA ALA D 129 40.40 -14.52 12.43
C ALA D 129 40.45 -14.15 13.90
N TRP D 130 39.64 -14.81 14.74
CA TRP D 130 39.55 -14.41 16.14
C TRP D 130 40.70 -15.00 16.97
N SER D 131 41.05 -16.26 16.75
CA SER D 131 42.23 -16.81 17.41
C SER D 131 43.50 -16.13 16.90
N ALA D 132 43.53 -15.77 15.61
CA ALA D 132 44.68 -15.06 15.08
C ALA D 132 44.85 -13.71 15.77
N LYS D 133 43.76 -12.94 15.88
CA LYS D 133 43.83 -11.67 16.59
C LYS D 133 44.21 -11.88 18.05
N ALA D 134 43.80 -13.01 18.64
CA ALA D 134 44.16 -13.30 20.03
C ALA D 134 45.65 -13.54 20.18
N ALA D 135 46.26 -14.23 19.22
CA ALA D 135 47.70 -14.49 19.28
C ALA D 135 48.49 -13.20 19.09
N GLU D 136 48.01 -12.31 18.22
CA GLU D 136 48.72 -11.05 17.99
C GLU D 136 48.71 -10.18 19.24
N GLU D 137 47.59 -10.19 19.97
CA GLU D 137 47.51 -9.39 21.20
C GLU D 137 48.40 -9.94 22.29
N ALA D 138 48.48 -11.27 22.41
CA ALA D 138 49.29 -11.89 23.46
C ALA D 138 50.77 -11.63 23.27
N LYS D 139 51.21 -11.28 22.05
CA LYS D 139 52.62 -10.96 21.84
C LYS D 139 53.04 -9.72 22.63
N LYS D 140 52.09 -8.86 23.01
CA LYS D 140 52.39 -7.71 23.84
C LYS D 140 52.84 -8.10 25.24
N PHE D 141 52.69 -9.36 25.64
CA PHE D 141 52.97 -9.77 27.00
C PHE D 141 53.93 -10.94 27.12
N GLY D 142 54.35 -11.53 26.01
CA GLY D 142 55.29 -12.63 26.10
C GLY D 142 55.60 -13.20 24.73
N THR D 143 56.37 -14.29 24.74
CA THR D 143 56.77 -14.97 23.52
C THR D 143 55.68 -15.97 23.13
N ILE D 144 55.03 -15.73 21.99
CA ILE D 144 53.93 -16.55 21.53
C ILE D 144 54.42 -17.47 20.43
N ASN D 145 53.96 -18.72 20.46
CA ASN D 145 54.33 -19.73 19.46
C ASN D 145 53.06 -20.34 18.90
N ILE D 146 52.77 -20.03 17.62
CA ILE D 146 51.66 -20.66 16.93
C ILE D 146 52.07 -22.07 16.52
N VAL D 147 51.25 -23.05 16.88
CA VAL D 147 51.68 -24.44 16.97
C VAL D 147 51.59 -25.19 15.65
N HIS D 148 51.35 -24.47 14.55
CA HIS D 148 51.09 -25.14 13.29
C HIS D 148 51.46 -24.21 12.15
N PRO D 149 51.66 -24.74 10.94
CA PRO D 149 51.88 -23.87 9.79
C PRO D 149 50.64 -23.04 9.48
N LYS D 150 50.88 -21.82 9.00
CA LYS D 150 49.81 -20.90 8.67
C LYS D 150 48.91 -21.51 7.60
N LEU D 151 47.61 -21.64 7.93
CA LEU D 151 46.66 -22.17 6.98
C LEU D 151 46.48 -21.21 5.81
N GLY D 152 46.62 -21.73 4.59
CA GLY D 152 46.36 -20.90 3.41
C GLY D 152 44.97 -20.32 3.43
N SER D 153 44.01 -21.06 3.95
CA SER D 153 42.66 -20.58 4.16
C SER D 153 42.11 -21.26 5.41
N TYR D 154 41.36 -20.50 6.22
CA TYR D 154 40.74 -21.03 7.42
C TYR D 154 39.54 -21.88 7.01
N THR D 155 39.84 -23.10 6.53
CA THR D 155 38.82 -24.04 6.09
C THR D 155 38.81 -25.33 6.88
N LYS D 156 39.77 -25.55 7.77
CA LYS D 156 39.87 -26.76 8.56
C LYS D 156 40.54 -26.42 9.88
N ILE D 157 40.71 -27.51 10.63
CA ILE D 157 41.41 -27.54 11.95
C ILE D 157 42.59 -28.53 11.85
N PRO D 158 43.85 -28.07 11.97
CA PRO D 158 45.00 -28.95 11.92
C PRO D 158 44.89 -30.07 12.96
N ASP D 159 45.23 -31.29 12.59
CA ASP D 159 45.10 -32.40 13.57
C ASP D 159 45.98 -32.13 14.78
N PRO D 160 45.53 -32.38 16.02
CA PRO D 160 46.33 -32.20 17.24
C PRO D 160 47.48 -33.18 17.48
N SER D 161 47.63 -34.17 16.61
CA SER D 161 48.78 -35.08 16.70
C SER D 161 49.96 -34.33 16.09
N THR D 162 49.69 -33.48 15.12
CA THR D 162 50.70 -32.69 14.34
C THR D 162 50.98 -31.34 14.97
N TRP D 163 50.72 -31.19 16.27
CA TRP D 163 50.88 -29.88 16.93
C TRP D 163 52.26 -29.74 17.57
N ASN D 164 52.99 -28.69 17.20
CA ASN D 164 54.33 -28.42 17.79
C ASN D 164 54.11 -27.68 19.10
N LEU D 165 53.74 -28.41 20.14
CA LEU D 165 53.45 -27.84 21.44
C LEU D 165 54.72 -27.68 22.27
N ASN D 166 54.81 -26.56 22.98
CA ASN D 166 55.94 -26.29 23.86
C ASN D 166 55.62 -26.82 25.26
N PRO D 167 56.41 -27.77 25.79
CA PRO D 167 56.17 -28.22 27.17
C PRO D 167 56.41 -27.15 28.22
N ASP D 168 57.08 -26.06 27.88
CA ASP D 168 57.34 -24.96 28.80
C ASP D 168 56.33 -23.83 28.68
N ALA D 169 55.35 -23.95 27.78
CA ALA D 169 54.38 -22.89 27.60
C ALA D 169 53.50 -22.74 28.84
N SER D 170 53.13 -21.50 29.14
CA SER D 170 52.28 -21.25 30.31
C SER D 170 50.88 -21.81 30.11
N TYR D 171 50.38 -21.82 28.87
CA TYR D 171 49.07 -22.35 28.55
C TYR D 171 48.98 -22.55 27.05
N VAL D 172 47.98 -23.33 26.63
CA VAL D 172 47.65 -23.53 25.23
C VAL D 172 46.29 -22.89 24.98
N TYR D 173 46.22 -22.05 23.96
CA TYR D 173 45.04 -21.26 23.65
C TYR D 173 44.43 -21.73 22.34
N TYR D 174 43.10 -21.76 22.28
CA TYR D 174 42.41 -22.06 21.03
C TYR D 174 40.99 -21.50 21.11
N CYS D 175 40.45 -21.18 19.94
CA CYS D 175 39.10 -20.63 19.83
C CYS D 175 38.14 -21.73 19.42
N ALA D 176 37.16 -22.02 20.28
CA ALA D 176 36.27 -23.15 20.05
C ALA D 176 35.44 -22.97 18.79
N ASN D 177 35.01 -21.74 18.51
CA ASN D 177 34.15 -21.45 17.37
C ASN D 177 34.60 -20.16 16.72
N GLU D 178 34.97 -20.23 15.43
CA GLU D 178 35.38 -19.06 14.68
C GLU D 178 34.16 -18.42 14.04
N THR D 179 33.82 -17.21 14.51
CA THR D 179 32.56 -16.59 14.10
C THR D 179 32.60 -16.12 12.65
N VAL D 180 33.79 -15.81 12.12
CA VAL D 180 33.89 -15.26 10.78
C VAL D 180 34.07 -16.35 9.73
N HIS D 181 34.84 -17.39 10.06
CA HIS D 181 35.17 -18.44 9.10
C HIS D 181 34.37 -19.72 9.30
N GLY D 182 33.51 -19.77 10.32
CA GLY D 182 32.62 -20.89 10.52
C GLY D 182 33.31 -22.21 10.82
N VAL D 183 34.42 -22.17 11.54
CA VAL D 183 35.18 -23.37 11.89
C VAL D 183 35.06 -23.60 13.39
N GLU D 184 34.68 -24.81 13.78
CA GLU D 184 34.35 -25.09 15.17
C GLU D 184 34.96 -26.41 15.61
N PHE D 185 35.34 -26.48 16.89
CA PHE D 185 35.85 -27.69 17.50
C PHE D 185 34.68 -28.52 18.01
N ASP D 186 34.58 -29.77 17.53
CA ASP D 186 33.68 -30.76 18.11
C ASP D 186 34.40 -31.72 19.03
N PHE D 187 35.47 -31.26 19.68
CA PHE D 187 36.26 -32.06 20.60
C PHE D 187 37.15 -31.12 21.40
N ILE D 188 37.58 -31.59 22.56
CA ILE D 188 38.57 -30.89 23.38
C ILE D 188 39.93 -31.48 23.06
N PRO D 189 40.87 -30.69 22.52
CA PRO D 189 42.13 -31.27 22.04
C PRO D 189 42.97 -31.75 23.20
N ASP D 190 43.86 -32.70 22.87
CA ASP D 190 44.87 -33.19 23.81
C ASP D 190 46.08 -32.27 23.73
N VAL D 191 46.23 -31.40 24.73
CA VAL D 191 47.37 -30.50 24.80
C VAL D 191 48.48 -31.12 25.65
N LYS D 192 48.45 -32.45 25.87
CA LYS D 192 49.47 -33.16 26.64
C LYS D 192 49.62 -32.57 28.05
N GLY D 193 48.48 -32.34 28.70
CA GLY D 193 48.45 -31.94 30.09
C GLY D 193 48.63 -30.47 30.35
N ALA D 194 48.86 -29.65 29.33
CA ALA D 194 49.06 -28.23 29.53
C ALA D 194 47.76 -27.57 29.99
N VAL D 195 47.90 -26.40 30.61
CA VAL D 195 46.74 -25.59 30.97
C VAL D 195 46.06 -25.13 29.69
N LEU D 196 44.75 -25.33 29.60
CA LEU D 196 43.99 -25.11 28.38
C LEU D 196 43.09 -23.89 28.54
N VAL D 197 43.28 -22.90 27.68
CA VAL D 197 42.45 -21.71 27.63
C VAL D 197 41.62 -21.75 26.35
N CYS D 198 40.34 -21.43 26.45
CA CYS D 198 39.44 -21.57 25.32
C CYS D 198 38.52 -20.36 25.21
N ASP D 199 38.37 -19.86 23.98
CA ASP D 199 37.47 -18.76 23.66
C ASP D 199 36.17 -19.36 23.13
N MET D 200 35.11 -19.30 23.93
CA MET D 200 33.81 -19.83 23.55
C MET D 200 32.78 -18.73 23.37
N SER D 201 33.18 -17.57 22.86
CA SER D 201 32.26 -16.44 22.74
C SER D 201 31.04 -16.81 21.89
N SER D 202 31.27 -17.46 20.75
CA SER D 202 30.21 -17.68 19.77
C SER D 202 29.57 -19.05 19.85
N ASN D 203 29.97 -19.90 20.81
CA ASN D 203 29.27 -21.16 21.01
C ASN D 203 29.07 -21.48 22.48
N PHE D 204 29.23 -20.51 23.38
CA PHE D 204 29.02 -20.71 24.80
C PHE D 204 27.62 -21.23 25.07
N LEU D 205 27.52 -22.34 25.79
CA LEU D 205 26.26 -22.95 26.19
C LEU D 205 25.40 -23.36 25.01
N SER D 206 26.00 -23.59 23.85
CA SER D 206 25.29 -24.25 22.76
C SER D 206 25.42 -25.77 22.81
N LYS D 207 26.21 -26.28 23.75
CA LYS D 207 26.41 -27.71 23.94
C LYS D 207 27.07 -27.92 25.30
N PRO D 208 26.92 -29.11 25.89
CA PRO D 208 27.61 -29.39 27.16
C PRO D 208 29.12 -29.35 26.99
N VAL D 209 29.80 -28.84 28.01
CA VAL D 209 31.26 -28.73 28.02
C VAL D 209 31.78 -29.38 29.30
N ASP D 210 32.84 -30.16 29.16
CA ASP D 210 33.55 -30.74 30.30
C ASP D 210 34.51 -29.69 30.84
N VAL D 211 34.03 -28.90 31.80
CA VAL D 211 34.78 -27.75 32.28
C VAL D 211 36.09 -28.16 32.95
N SER D 212 36.15 -29.38 33.49
CA SER D 212 37.33 -29.81 34.24
C SER D 212 38.59 -29.82 33.37
N LYS D 213 38.45 -30.06 32.08
CA LYS D 213 39.60 -30.17 31.20
C LYS D 213 40.16 -28.83 30.76
N PHE D 214 39.55 -27.71 31.16
CA PHE D 214 40.00 -26.38 30.79
C PHE D 214 40.61 -25.68 32.00
N GLY D 215 41.56 -24.78 31.73
CA GLY D 215 42.09 -23.91 32.75
C GLY D 215 41.28 -22.65 32.87
N VAL D 216 40.98 -22.02 31.73
CA VAL D 216 40.19 -20.80 31.68
C VAL D 216 39.22 -20.89 30.51
N ILE D 217 37.96 -20.57 30.77
CA ILE D 217 36.93 -20.43 29.74
C ILE D 217 36.37 -19.01 29.83
N PHE D 218 36.34 -18.32 28.70
CA PHE D 218 35.71 -17.01 28.64
C PHE D 218 34.81 -16.92 27.41
N ALA D 219 33.85 -16.00 27.48
CA ALA D 219 32.89 -15.84 26.39
C ALA D 219 32.22 -14.48 26.52
N GLY D 220 32.14 -13.76 25.41
CA GLY D 220 31.36 -12.53 25.39
C GLY D 220 29.87 -12.85 25.42
N ALA D 221 29.14 -12.17 26.29
CA ALA D 221 27.73 -12.50 26.45
C ALA D 221 26.90 -12.12 25.22
N GLN D 222 27.35 -11.11 24.47
CA GLN D 222 26.59 -10.54 23.32
C GLN D 222 26.39 -11.51 22.16
N1 LLP D 223 35.94 -13.67 20.27
C2 LLP D 223 35.15 -14.32 19.42
C2' LLP D 223 35.36 -15.84 19.14
C3 LLP D 223 34.11 -13.63 18.77
O3 LLP D 223 33.29 -14.31 17.88
C4 LLP D 223 33.88 -12.29 19.00
C4' LLP D 223 32.69 -11.49 18.26
C5 LLP D 223 34.68 -11.63 19.86
C6 LLP D 223 35.73 -12.30 20.51
C5' LLP D 223 34.42 -10.10 20.10
OP4 LLP D 223 34.35 -9.81 21.48
P LLP D 223 34.25 -8.32 21.87
OP1 LLP D 223 33.90 -7.52 20.60
OP2 LLP D 223 33.20 -8.13 22.90
OP3 LLP D 223 35.56 -7.86 22.41
N LLP D 223 26.76 -12.76 22.27
CA LLP D 223 26.63 -13.72 21.17
CB LLP D 223 27.95 -14.36 20.87
CG LLP D 223 28.61 -13.57 19.75
CD LLP D 223 29.81 -12.80 20.33
CE LLP D 223 30.95 -12.75 19.28
NZ LLP D 223 31.51 -11.41 19.07
C LLP D 223 25.62 -14.78 21.45
O LLP D 223 24.88 -15.14 20.55
N ASN D 224 25.57 -15.28 22.67
CA ASN D 224 24.76 -16.46 22.93
C ASN D 224 24.11 -16.54 24.31
N VAL D 225 24.44 -15.63 25.23
CA VAL D 225 23.89 -15.71 26.57
C VAL D 225 23.41 -14.35 27.07
N GLY D 226 23.21 -13.40 26.16
CA GLY D 226 22.64 -12.13 26.57
C GLY D 226 23.11 -10.99 25.68
N SER D 227 23.42 -9.87 26.32
CA SER D 227 23.72 -8.62 25.64
C SER D 227 25.14 -8.18 25.95
N ALA D 228 25.61 -7.22 25.16
CA ALA D 228 26.98 -6.74 25.26
C ALA D 228 27.20 -5.96 26.56
N GLY D 229 28.47 -5.87 26.95
CA GLY D 229 28.87 -5.15 28.14
C GLY D 229 29.45 -6.03 29.23
N VAL D 230 29.25 -7.35 29.14
CA VAL D 230 29.70 -8.26 30.18
C VAL D 230 30.34 -9.49 29.53
N THR D 231 31.32 -10.05 30.22
CA THR D 231 32.06 -11.22 29.74
C THR D 231 32.19 -12.21 30.89
N VAL D 232 31.68 -13.42 30.68
CA VAL D 232 31.74 -14.47 31.70
C VAL D 232 33.09 -15.16 31.60
N VAL D 233 33.76 -15.31 32.76
CA VAL D 233 35.07 -15.93 32.83
C VAL D 233 35.01 -17.05 33.86
N ILE D 234 35.38 -18.26 33.44
CA ILE D 234 35.43 -19.43 34.31
C ILE D 234 36.89 -19.82 34.48
N VAL D 235 37.41 -19.71 35.70
CA VAL D 235 38.83 -19.90 35.96
C VAL D 235 39.00 -20.98 37.02
N ARG D 236 39.95 -21.89 36.79
CA ARG D 236 40.32 -22.86 37.81
C ARG D 236 41.06 -22.14 38.93
N ASP D 237 40.66 -22.42 40.18
CA ASP D 237 41.09 -21.60 41.32
C ASP D 237 42.59 -21.67 41.58
N ASP D 238 43.28 -22.69 41.07
CA ASP D 238 44.72 -22.81 41.32
C ASP D 238 45.55 -21.96 40.36
N LEU D 239 44.93 -21.21 39.47
CA LEU D 239 45.65 -20.41 38.48
C LEU D 239 45.64 -18.92 38.80
N LEU D 240 45.10 -18.51 39.94
CA LEU D 240 45.22 -17.14 40.38
C LEU D 240 46.60 -16.91 40.98
N GLY D 241 46.94 -15.63 41.18
CA GLY D 241 48.20 -15.28 41.79
C GLY D 241 49.41 -15.37 40.88
N PHE D 242 49.20 -15.49 39.56
CA PHE D 242 50.29 -15.44 38.60
C PHE D 242 50.18 -14.24 37.69
N ALA D 243 49.28 -13.31 37.99
CA ALA D 243 49.07 -12.15 37.12
C ALA D 243 50.29 -11.25 37.13
N LEU D 244 50.58 -10.66 35.97
CA LEU D 244 51.67 -9.71 35.86
C LEU D 244 51.38 -8.46 36.67
N ARG D 245 52.40 -7.61 36.82
CA ARG D 245 52.21 -6.37 37.56
C ARG D 245 51.42 -5.36 36.75
N GLU D 246 51.62 -5.34 35.43
CA GLU D 246 50.91 -4.42 34.56
C GLU D 246 49.46 -4.83 34.31
N CYS D 247 49.01 -5.93 34.90
CA CYS D 247 47.63 -6.37 34.71
C CYS D 247 46.67 -5.44 35.42
N PRO D 248 45.75 -4.77 34.72
CA PRO D 248 44.81 -3.88 35.40
C PRO D 248 43.98 -4.62 36.44
N SER D 249 43.66 -3.93 37.53
CA SER D 249 43.00 -4.59 38.65
C SER D 249 41.61 -5.08 38.26
N VAL D 250 40.88 -4.30 37.47
CA VAL D 250 39.54 -4.69 37.05
C VAL D 250 39.54 -5.88 36.11
N LEU D 251 40.69 -6.24 35.56
CA LEU D 251 40.82 -7.40 34.70
C LEU D 251 41.61 -8.54 35.33
N GLU D 252 42.11 -8.36 36.55
CA GLU D 252 42.88 -9.41 37.21
C GLU D 252 41.92 -10.46 37.79
N TYR D 253 42.12 -11.72 37.40
CA TYR D 253 41.21 -12.77 37.84
C TYR D 253 41.21 -12.92 39.36
N LYS D 254 42.38 -12.86 39.98
CA LYS D 254 42.46 -13.05 41.43
C LYS D 254 41.71 -11.94 42.17
N VAL D 255 41.81 -10.70 41.68
CA VAL D 255 41.17 -9.58 42.36
C VAL D 255 39.65 -9.68 42.25
N GLN D 256 39.14 -10.09 41.08
CA GLN D 256 37.70 -10.13 40.88
C GLN D 256 37.07 -11.37 41.50
N ALA D 257 37.78 -12.50 41.53
CA ALA D 257 37.26 -13.68 42.22
C ALA D 257 37.20 -13.44 43.72
N GLY D 258 38.20 -12.74 44.27
CA GLY D 258 38.20 -12.36 45.66
C GLY D 258 37.24 -11.25 46.02
N ASN D 259 36.44 -10.77 45.05
CA ASN D 259 35.41 -9.79 45.31
C ASN D 259 34.05 -10.21 44.76
N SER D 260 33.94 -11.44 44.25
CA SER D 260 32.72 -11.93 43.60
C SER D 260 32.27 -10.97 42.51
N SER D 261 33.23 -10.50 41.70
CA SER D 261 33.05 -9.62 40.55
C SER D 261 32.61 -8.21 40.92
N LEU D 262 32.59 -7.87 42.22
CA LEU D 262 32.16 -6.55 42.67
C LEU D 262 33.34 -5.67 43.08
N TYR D 263 34.50 -5.86 42.46
CA TYR D 263 35.66 -5.02 42.77
C TYR D 263 35.36 -3.55 42.49
N ASN D 264 34.77 -3.26 41.34
CA ASN D 264 34.18 -1.96 41.05
C ASN D 264 32.80 -2.20 40.45
N THR D 265 32.12 -1.11 40.08
CA THR D 265 30.75 -1.20 39.56
C THR D 265 30.70 -2.11 38.34
N PRO D 266 30.10 -3.29 38.46
CA PRO D 266 30.02 -4.20 37.32
C PRO D 266 28.93 -3.77 36.37
N PRO D 267 28.87 -4.34 35.16
CA PRO D 267 27.76 -4.03 34.26
C PRO D 267 26.45 -4.61 34.77
N CYS D 268 25.80 -3.88 35.67
CA CYS D 268 24.63 -4.41 36.38
C CYS D 268 23.55 -4.86 35.41
N PHE D 269 23.19 -4.00 34.46
CA PHE D 269 22.12 -4.35 33.53
C PHE D 269 22.50 -5.54 32.66
N SER D 270 23.74 -5.58 32.17
CA SER D 270 24.16 -6.68 31.31
C SER D 270 24.16 -7.99 32.07
N ILE D 271 24.50 -7.96 33.36
CA ILE D 271 24.44 -9.16 34.18
C ILE D 271 22.99 -9.57 34.42
N TYR D 272 22.12 -8.59 34.63
CA TYR D 272 20.69 -8.89 34.80
C TYR D 272 20.08 -9.43 33.52
N VAL D 273 20.48 -8.89 32.36
CA VAL D 273 19.99 -9.40 31.08
C VAL D 273 20.50 -10.82 30.87
N MET D 274 21.79 -11.05 31.10
CA MET D 274 22.36 -12.39 30.96
C MET D 274 21.69 -13.39 31.90
N GLY D 275 21.32 -12.95 33.09
CA GLY D 275 20.65 -13.86 34.02
C GLY D 275 19.33 -14.36 33.49
N LEU D 276 18.61 -13.51 32.76
CA LEU D 276 17.32 -13.93 32.20
C LEU D 276 17.52 -14.90 31.05
N VAL D 277 18.51 -14.66 30.20
CA VAL D 277 18.77 -15.57 29.08
C VAL D 277 19.20 -16.94 29.60
N LEU D 278 19.98 -16.96 30.68
CA LEU D 278 20.36 -18.23 31.29
C LEU D 278 19.14 -18.94 31.87
N GLU D 279 18.22 -18.18 32.48
CA GLU D 279 16.95 -18.75 32.90
C GLU D 279 16.18 -19.30 31.71
N TRP D 280 16.17 -18.56 30.61
CA TRP D 280 15.48 -19.02 29.41
C TRP D 280 16.13 -20.28 28.84
N ILE D 281 17.44 -20.40 28.96
CA ILE D 281 18.13 -21.58 28.46
C ILE D 281 17.78 -22.80 29.30
N LYS D 282 17.73 -22.65 30.62
CA LYS D 282 17.37 -23.78 31.47
C LYS D 282 15.93 -24.20 31.28
N ASN D 283 15.05 -23.26 30.95
CA ASN D 283 13.64 -23.60 30.76
C ASN D 283 13.42 -24.40 29.47
N ASN D 284 14.28 -24.22 28.47
CA ASN D 284 14.15 -24.92 27.21
C ASN D 284 14.95 -26.22 27.16
N GLY D 285 15.45 -26.69 28.30
CA GLY D 285 16.15 -27.95 28.36
C GLY D 285 17.65 -27.88 28.61
N GLY D 286 18.17 -26.72 29.02
CA GLY D 286 19.58 -26.63 29.36
C GLY D 286 20.51 -26.76 28.15
N ALA D 287 21.77 -27.02 28.45
CA ALA D 287 22.78 -27.14 27.40
C ALA D 287 22.57 -28.37 26.54
N ALA D 288 22.04 -29.45 27.12
CA ALA D 288 21.82 -30.67 26.35
C ALA D 288 20.76 -30.47 25.27
N ALA D 289 19.77 -29.62 25.52
CA ALA D 289 18.77 -29.32 24.50
C ALA D 289 19.29 -28.34 23.46
N MET D 290 20.17 -27.40 23.86
CA MET D 290 20.72 -26.46 22.90
C MET D 290 21.53 -27.18 21.83
N GLU D 291 22.20 -28.27 22.19
CA GLU D 291 22.97 -29.03 21.20
C GLU D 291 22.04 -29.74 20.22
N LYS D 292 20.89 -30.22 20.70
CA LYS D 292 19.93 -30.87 19.81
C LYS D 292 19.34 -29.88 18.81
N LEU D 293 19.02 -28.67 19.27
CA LEU D 293 18.45 -27.67 18.37
C LEU D 293 19.48 -27.14 17.39
N SER D 294 20.73 -26.95 17.85
CA SER D 294 21.78 -26.46 16.97
C SER D 294 22.07 -27.44 15.84
N SER D 295 21.88 -28.74 16.09
CA SER D 295 22.08 -29.74 15.05
C SER D 295 20.96 -29.69 14.02
N ILE D 296 19.72 -29.53 14.47
CA ILE D 296 18.60 -29.41 13.54
C ILE D 296 18.70 -28.12 12.74
N LYS D 297 18.99 -27.01 13.41
CA LYS D 297 19.09 -25.73 12.72
C LYS D 297 20.21 -25.74 11.69
N SER D 298 21.39 -26.22 12.08
CA SER D 298 22.55 -26.16 11.18
C SER D 298 22.40 -27.13 10.01
N GLN D 299 21.92 -28.35 10.28
CA GLN D 299 21.82 -29.34 9.22
C GLN D 299 20.83 -28.92 8.14
N THR D 300 19.72 -28.28 8.54
CA THR D 300 18.73 -27.85 7.56
C THR D 300 19.27 -26.79 6.61
N ILE D 301 20.37 -26.12 6.97
CA ILE D 301 21.02 -25.16 6.09
C ILE D 301 22.19 -25.78 5.33
N TYR D 302 22.94 -26.67 5.98
CA TYR D 302 24.02 -27.38 5.30
C TYR D 302 23.47 -28.35 4.26
N GLU D 303 22.31 -28.97 4.54
CA GLU D 303 21.67 -29.83 3.55
C GLU D 303 21.41 -29.05 2.26
N ILE D 304 20.89 -27.82 2.38
CA ILE D 304 20.61 -27.01 1.21
C ILE D 304 21.89 -26.69 0.45
N ILE D 305 23.00 -26.55 1.16
CA ILE D 305 24.27 -26.24 0.50
C ILE D 305 24.85 -27.48 -0.16
N ASP D 306 24.84 -28.62 0.55
CA ASP D 306 25.42 -29.84 0.00
C ASP D 306 24.64 -30.34 -1.21
N ASN D 307 23.33 -30.07 -1.27
CA ASN D 307 22.50 -30.50 -2.38
C ASN D 307 22.21 -29.36 -3.36
N SER D 308 22.97 -28.27 -3.29
CA SER D 308 22.71 -27.10 -4.13
C SER D 308 23.33 -27.21 -5.52
N GLN D 309 23.97 -28.33 -5.85
CA GLN D 309 24.65 -28.52 -7.12
C GLN D 309 25.69 -27.42 -7.39
N GLY D 310 26.37 -26.96 -6.33
CA GLY D 310 27.39 -25.95 -6.49
C GLY D 310 26.90 -24.51 -6.47
N PHE D 311 25.58 -24.29 -6.39
CA PHE D 311 25.05 -22.93 -6.33
C PHE D 311 25.46 -22.24 -5.02
N TYR D 312 25.33 -22.94 -3.90
CA TYR D 312 25.85 -22.48 -2.62
C TYR D 312 27.11 -23.24 -2.29
N VAL D 313 28.16 -22.52 -1.88
CA VAL D 313 29.47 -23.11 -1.63
C VAL D 313 29.94 -22.70 -0.25
N CYS D 314 30.13 -23.68 0.64
CA CYS D 314 30.73 -23.44 1.94
C CYS D 314 32.12 -24.03 1.96
N PRO D 315 33.18 -23.22 2.15
CA PRO D 315 34.55 -23.74 2.01
C PRO D 315 35.03 -24.59 3.18
N VAL D 316 34.31 -24.59 4.30
CA VAL D 316 34.76 -25.33 5.48
C VAL D 316 34.60 -26.82 5.25
N GLU D 317 35.59 -27.59 5.71
CA GLU D 317 35.51 -29.03 5.61
C GLU D 317 34.43 -29.58 6.56
N PRO D 318 33.79 -30.69 6.19
CA PRO D 318 32.62 -31.14 6.97
C PRO D 318 32.92 -31.45 8.43
N GLN D 319 34.11 -31.99 8.72
CA GLN D 319 34.44 -32.36 10.09
C GLN D 319 34.60 -31.15 11.01
N ASN D 320 34.73 -29.95 10.46
CA ASN D 320 34.95 -28.75 11.25
C ASN D 320 33.87 -27.69 11.05
N ARG D 321 32.75 -28.03 10.42
CA ARG D 321 31.72 -27.06 10.13
C ARG D 321 31.04 -26.58 11.41
N SER D 322 30.97 -25.26 11.57
CA SER D 322 30.34 -24.70 12.75
C SER D 322 28.83 -24.85 12.69
N LYS D 323 28.24 -25.20 13.83
CA LYS D 323 26.79 -25.27 13.96
C LYS D 323 26.18 -23.96 14.42
N MET D 324 27.01 -22.93 14.61
CA MET D 324 26.57 -21.60 15.01
C MET D 324 26.62 -20.59 13.86
N ASN D 325 27.74 -20.49 13.17
CA ASN D 325 27.92 -19.56 12.07
C ASN D 325 28.19 -20.35 10.79
N ILE D 326 27.34 -20.15 9.79
CA ILE D 326 27.52 -20.81 8.49
C ILE D 326 27.83 -19.76 7.43
N PRO D 327 29.10 -19.59 7.07
CA PRO D 327 29.42 -18.70 5.94
C PRO D 327 29.50 -19.46 4.63
N PHE D 328 28.97 -18.84 3.57
CA PHE D 328 28.95 -19.47 2.26
C PHE D 328 28.91 -18.40 1.19
N ARG D 329 29.12 -18.85 -0.06
CA ARG D 329 29.06 -18.00 -1.24
C ARG D 329 27.94 -18.50 -2.16
N ILE D 330 27.58 -17.68 -3.13
CA ILE D 330 26.49 -17.97 -4.06
C ILE D 330 27.05 -17.89 -5.48
N GLY D 331 26.58 -18.79 -6.34
CA GLY D 331 26.98 -18.79 -7.73
C GLY D 331 28.14 -19.70 -8.02
N ASN D 332 29.29 -19.41 -7.41
CA ASN D 332 30.50 -20.19 -7.62
C ASN D 332 31.28 -20.24 -6.32
N ALA D 333 32.43 -20.92 -6.36
CA ALA D 333 33.27 -21.05 -5.17
C ALA D 333 33.87 -19.71 -4.74
N LYS D 334 33.93 -18.73 -5.64
CA LYS D 334 34.47 -17.42 -5.31
C LYS D 334 33.40 -16.35 -5.10
N GLY D 335 32.16 -16.63 -5.46
CA GLY D 335 31.07 -15.72 -5.16
C GLY D 335 30.71 -14.78 -6.29
N ASP D 336 29.47 -14.88 -6.77
CA ASP D 336 28.95 -13.96 -7.78
C ASP D 336 28.42 -12.72 -7.06
N ASP D 337 29.12 -11.58 -7.22
CA ASP D 337 28.74 -10.36 -6.52
C ASP D 337 27.32 -9.93 -6.89
N ALA D 338 26.92 -10.15 -8.14
CA ALA D 338 25.57 -9.79 -8.56
C ALA D 338 24.52 -10.63 -7.84
N LEU D 339 24.75 -11.95 -7.76
CA LEU D 339 23.78 -12.81 -7.09
C LEU D 339 23.74 -12.56 -5.58
N GLU D 340 24.90 -12.29 -4.98
CA GLU D 340 24.93 -12.09 -3.53
C GLU D 340 24.27 -10.77 -3.14
N LYS D 341 24.34 -9.76 -3.99
CA LYS D 341 23.62 -8.52 -3.69
C LYS D 341 22.11 -8.72 -3.85
N ARG D 342 21.69 -9.38 -4.94
CA ARG D 342 20.28 -9.71 -5.09
C ARG D 342 19.79 -10.57 -3.92
N PHE D 343 20.64 -11.46 -3.43
CA PHE D 343 20.28 -12.29 -2.28
C PHE D 343 20.07 -11.43 -1.05
N LEU D 344 21.03 -10.56 -0.74
CA LEU D 344 20.94 -9.76 0.48
C LEU D 344 19.88 -8.67 0.38
N ASP D 345 19.61 -8.18 -0.84
CA ASP D 345 18.57 -7.17 -1.00
C ASP D 345 17.18 -7.78 -0.82
N LYS D 346 16.95 -8.96 -1.39
CA LYS D 346 15.66 -9.63 -1.18
C LYS D 346 15.53 -10.15 0.23
N ALA D 347 16.65 -10.52 0.87
CA ALA D 347 16.59 -10.97 2.26
C ALA D 347 16.14 -9.85 3.18
N LEU D 348 16.66 -8.64 2.96
CA LEU D 348 16.20 -7.49 3.75
C LEU D 348 14.73 -7.20 3.50
N GLU D 349 14.29 -7.37 2.25
CA GLU D 349 12.88 -7.15 1.93
C GLU D 349 11.98 -8.12 2.68
N LEU D 350 12.47 -9.34 2.96
CA LEU D 350 11.75 -10.31 3.75
C LEU D 350 12.01 -10.17 5.25
N ASN D 351 12.57 -9.03 5.67
CA ASN D 351 12.83 -8.72 7.08
C ASN D 351 13.79 -9.73 7.72
N MET D 352 14.77 -10.21 6.96
CA MET D 352 15.83 -11.06 7.48
C MET D 352 17.10 -10.22 7.57
N LEU D 353 17.57 -9.98 8.79
CA LEU D 353 18.60 -8.98 9.04
C LEU D 353 19.96 -9.61 9.29
N SER D 354 21.00 -8.84 9.00
CA SER D 354 22.39 -9.15 9.35
C SER D 354 22.84 -10.48 8.74
N LEU D 355 22.40 -10.75 7.52
CA LEU D 355 22.90 -11.90 6.78
C LEU D 355 24.17 -11.59 6.00
N LYS D 356 24.53 -10.31 5.89
CA LYS D 356 25.72 -9.92 5.14
C LYS D 356 26.97 -10.47 5.81
N GLY D 357 27.85 -11.08 5.01
CA GLY D 357 29.08 -11.64 5.52
C GLY D 357 29.99 -10.58 6.12
N HIS D 358 30.97 -11.06 6.88
CA HIS D 358 31.92 -10.18 7.54
C HIS D 358 32.76 -9.43 6.51
N ARG D 359 33.14 -8.20 6.86
CA ARG D 359 33.78 -7.31 5.90
C ARG D 359 35.06 -7.88 5.32
N SER D 360 35.72 -8.78 6.06
CA SER D 360 36.99 -9.34 5.63
C SER D 360 36.85 -10.65 4.85
N VAL D 361 35.64 -11.14 4.64
CA VAL D 361 35.41 -12.38 3.92
C VAL D 361 34.33 -12.17 2.86
N GLY D 362 33.35 -11.33 3.17
CA GLY D 362 32.26 -11.10 2.25
C GLY D 362 31.27 -12.26 2.24
N GLY D 363 30.61 -12.44 1.10
CA GLY D 363 29.66 -13.52 0.94
C GLY D 363 28.50 -13.42 1.92
N ILE D 364 28.00 -14.59 2.33
CA ILE D 364 26.88 -14.68 3.25
C ILE D 364 27.33 -15.36 4.52
N ARG D 365 26.76 -14.94 5.64
CA ARG D 365 26.99 -15.60 6.93
C ARG D 365 25.68 -15.66 7.68
N ALA D 366 25.23 -16.87 8.01
CA ALA D 366 24.03 -17.10 8.79
C ALA D 366 24.43 -17.51 10.20
N SER D 367 24.00 -16.75 11.19
CA SER D 367 24.31 -17.03 12.59
C SER D 367 23.11 -17.70 13.24
N LEU D 368 23.31 -18.92 13.75
CA LEU D 368 22.21 -19.69 14.32
C LEU D 368 22.41 -19.92 15.81
N TYR D 369 22.44 -18.84 16.60
CA TYR D 369 22.66 -18.95 18.03
C TYR D 369 21.40 -19.49 18.71
N ASN D 370 21.46 -19.60 20.04
CA ASN D 370 20.39 -20.25 20.80
C ASN D 370 19.04 -19.60 20.53
N ALA D 371 18.96 -18.28 20.70
CA ALA D 371 17.68 -17.59 20.56
C ALA D 371 17.09 -17.72 19.17
N VAL D 372 17.91 -17.97 18.15
CA VAL D 372 17.40 -18.14 16.80
C VAL D 372 16.54 -19.40 16.75
N THR D 373 15.27 -19.23 16.43
CA THR D 373 14.31 -20.32 16.53
C THR D 373 14.32 -21.18 15.28
N ILE D 374 13.62 -22.32 15.36
CA ILE D 374 13.51 -23.20 14.20
C ILE D 374 12.66 -22.54 13.12
N GLU D 375 11.56 -21.88 13.51
CA GLU D 375 10.77 -21.13 12.54
C GLU D 375 11.55 -19.98 11.93
N ASP D 376 12.62 -19.53 12.59
CA ASP D 376 13.50 -18.54 12.00
C ASP D 376 14.36 -19.17 10.89
N VAL D 377 14.98 -20.31 11.19
CA VAL D 377 15.80 -20.99 10.20
C VAL D 377 14.95 -21.50 9.05
N GLN D 378 13.73 -21.97 9.35
CA GLN D 378 12.85 -22.47 8.31
C GLN D 378 12.48 -21.37 7.32
N LYS D 379 12.26 -20.14 7.81
CA LYS D 379 12.05 -19.02 6.92
C LYS D 379 13.28 -18.81 6.02
N LEU D 380 14.47 -18.91 6.60
CA LEU D 380 15.69 -18.77 5.82
C LEU D 380 15.85 -19.93 4.84
N ALA D 381 15.56 -21.16 5.30
CA ALA D 381 15.70 -22.32 4.43
C ALA D 381 14.79 -22.21 3.21
N ALA D 382 13.56 -21.77 3.41
CA ALA D 382 12.63 -21.62 2.29
C ALA D 382 13.09 -20.52 1.34
N PHE D 383 13.68 -19.45 1.87
CA PHE D 383 14.15 -18.37 1.01
C PHE D 383 15.36 -18.80 0.19
N MET D 384 16.25 -19.61 0.78
CA MET D 384 17.40 -20.11 0.03
C MET D 384 16.96 -21.08 -1.06
N LYS D 385 15.93 -21.88 -0.80
CA LYS D 385 15.43 -22.81 -1.81
C LYS D 385 14.76 -22.05 -2.95
N LYS D 386 13.89 -21.10 -2.62
CA LYS D 386 13.20 -20.33 -3.65
C LYS D 386 14.17 -19.50 -4.48
N PHE D 387 15.27 -19.05 -3.87
CA PHE D 387 16.24 -18.23 -4.58
C PHE D 387 17.11 -19.07 -5.52
N LEU D 388 17.50 -20.27 -5.07
CA LEU D 388 18.24 -21.17 -5.94
C LEU D 388 17.38 -21.64 -7.11
N GLU D 389 16.10 -21.94 -6.84
CA GLU D 389 15.20 -22.37 -7.89
C GLU D 389 15.02 -21.28 -8.95
N MET D 390 15.18 -20.02 -8.58
CA MET D 390 14.93 -18.90 -9.48
C MET D 390 16.19 -18.40 -10.19
N HIS D 391 17.38 -18.81 -9.76
CA HIS D 391 18.60 -18.22 -10.30
C HIS D 391 19.67 -19.25 -10.67
N GLN D 392 19.44 -20.54 -10.49
CA GLN D 392 20.41 -21.54 -10.91
C GLN D 392 20.21 -21.87 -12.39
N LEU D 393 21.30 -22.18 -13.06
CA LEU D 393 21.29 -22.45 -14.49
C LEU D 393 21.18 -23.94 -14.80
N GLN E 1 -5.50 8.47 -23.53
CA GLN E 1 -5.68 9.78 -24.13
C GLN E 1 -7.17 10.05 -24.38
N VAL E 2 -7.57 10.04 -25.66
CA VAL E 2 -8.97 10.08 -26.09
C VAL E 2 -9.63 11.41 -25.75
N VAL E 3 -9.99 12.16 -26.78
CA VAL E 3 -10.74 13.41 -26.63
C VAL E 3 -11.99 13.28 -27.50
N ASN E 4 -13.15 13.28 -26.87
CA ASN E 4 -14.41 12.95 -27.54
C ASN E 4 -15.12 14.24 -27.91
N PHE E 5 -15.13 14.56 -29.21
CA PHE E 5 -15.87 15.71 -29.75
C PHE E 5 -17.20 15.30 -30.34
N GLY E 6 -17.90 14.35 -29.73
CA GLY E 6 -19.12 13.81 -30.27
C GLY E 6 -20.22 14.84 -30.44
N PRO E 7 -21.02 14.68 -31.49
CA PRO E 7 -22.12 15.62 -31.75
C PRO E 7 -23.30 15.39 -30.83
N GLY E 8 -23.54 14.13 -30.48
CA GLY E 8 -24.68 13.75 -29.68
C GLY E 8 -25.16 12.36 -30.01
N PRO E 9 -25.00 11.40 -29.08
CA PRO E 9 -24.45 11.49 -27.72
C PRO E 9 -23.02 12.00 -27.68
N ALA E 10 -22.70 12.76 -26.63
CA ALA E 10 -21.42 13.45 -26.53
C ALA E 10 -20.67 12.98 -25.29
N LYS E 11 -19.55 13.64 -25.01
CA LYS E 11 -18.73 13.30 -23.86
C LYS E 11 -19.44 13.61 -22.55
N LEU E 12 -19.19 12.77 -21.54
CA LEU E 12 -19.64 12.97 -20.17
C LEU E 12 -18.46 13.40 -19.28
N PRO E 13 -18.71 14.18 -18.24
CA PRO E 13 -17.64 14.52 -17.30
C PRO E 13 -17.05 13.26 -16.69
N HIS E 14 -15.72 13.20 -16.65
CA HIS E 14 -15.05 12.00 -16.15
C HIS E 14 -15.39 11.75 -14.69
N SER E 15 -15.67 12.80 -13.92
CA SER E 15 -16.09 12.61 -12.53
C SER E 15 -17.43 11.90 -12.45
N VAL E 16 -18.35 12.25 -13.36
CA VAL E 16 -19.67 11.63 -13.36
C VAL E 16 -19.55 10.13 -13.67
N LEU E 17 -18.89 9.80 -14.78
CA LEU E 17 -18.70 8.40 -15.14
C LEU E 17 -18.06 7.59 -14.03
N LEU E 18 -17.19 8.21 -13.23
CA LEU E 18 -16.58 7.49 -12.11
C LEU E 18 -17.61 7.16 -11.05
N GLU E 19 -18.52 8.10 -10.74
CA GLU E 19 -19.52 7.82 -9.71
C GLU E 19 -20.55 6.81 -10.19
N ILE E 20 -20.96 6.92 -11.45
CA ILE E 20 -21.89 5.94 -12.01
C ILE E 20 -21.29 4.54 -11.90
N GLN E 21 -19.97 4.43 -12.10
CA GLN E 21 -19.31 3.12 -12.02
C GLN E 21 -19.22 2.64 -10.57
N LYS E 22 -18.94 3.55 -9.64
CA LYS E 22 -18.74 3.16 -8.25
C LYS E 22 -20.01 2.58 -7.65
N GLU E 23 -21.17 3.13 -8.00
CA GLU E 23 -22.44 2.75 -7.40
C GLU E 23 -23.37 2.05 -8.38
N LEU E 24 -22.82 1.38 -9.39
CA LEU E 24 -23.68 0.69 -10.35
C LEU E 24 -24.29 -0.57 -9.76
N LEU E 25 -23.60 -1.22 -8.83
CA LEU E 25 -24.12 -2.44 -8.21
C LEU E 25 -24.80 -2.19 -6.87
N ASP E 26 -24.57 -1.04 -6.23
CA ASP E 26 -25.12 -0.77 -4.90
C ASP E 26 -25.26 0.75 -4.76
N TYR E 27 -26.35 1.27 -5.33
CA TYR E 27 -26.58 2.71 -5.35
C TYR E 27 -26.74 3.25 -3.93
N LYS E 28 -25.70 3.92 -3.43
CA LYS E 28 -25.75 4.61 -2.14
C LYS E 28 -26.24 3.68 -1.02
N GLY E 29 -25.87 2.41 -1.11
CA GLY E 29 -26.13 1.45 -0.06
C GLY E 29 -27.53 0.86 -0.02
N VAL E 30 -28.42 1.24 -0.93
CA VAL E 30 -29.77 0.69 -0.91
C VAL E 30 -29.77 -0.81 -1.19
N GLY E 31 -28.76 -1.29 -1.93
CA GLY E 31 -28.61 -2.71 -2.19
C GLY E 31 -28.84 -3.14 -3.62
N ILE E 32 -29.35 -2.26 -4.48
CA ILE E 32 -29.68 -2.59 -5.85
C ILE E 32 -29.03 -1.57 -6.79
N SER E 33 -29.18 -1.82 -8.08
CA SER E 33 -28.72 -0.90 -9.13
C SER E 33 -29.83 0.08 -9.49
N VAL E 34 -29.44 1.26 -9.97
CA VAL E 34 -30.43 2.15 -10.55
C VAL E 34 -31.10 1.48 -11.75
N LEU E 35 -30.36 0.60 -12.44
CA LEU E 35 -30.96 -0.18 -13.52
C LEU E 35 -32.03 -1.13 -12.99
N GLU E 36 -31.88 -1.61 -11.76
CA GLU E 36 -32.87 -2.49 -11.14
C GLU E 36 -33.94 -1.73 -10.36
N MET E 37 -33.78 -0.42 -10.18
CA MET E 37 -34.63 0.33 -9.27
C MET E 37 -36.01 0.57 -9.88
N SER E 38 -37.03 0.53 -9.03
CA SER E 38 -38.41 0.78 -9.45
C SER E 38 -38.71 2.27 -9.43
N HIS E 39 -39.34 2.76 -10.50
CA HIS E 39 -39.70 4.18 -10.59
C HIS E 39 -40.73 4.58 -9.55
N ARG E 40 -41.37 3.60 -8.92
CA ARG E 40 -42.41 3.87 -7.91
C ARG E 40 -41.84 3.70 -6.51
N SER E 41 -40.54 3.62 -6.40
CA SER E 41 -39.88 3.56 -5.11
C SER E 41 -39.59 4.96 -4.58
N SER E 42 -39.45 5.06 -3.25
CA SER E 42 -39.03 6.33 -2.64
C SER E 42 -37.60 6.71 -3.02
N ASP E 43 -36.78 5.73 -3.40
CA ASP E 43 -35.40 6.02 -3.77
C ASP E 43 -35.33 6.73 -5.11
N PHE E 44 -36.07 6.23 -6.11
CA PHE E 44 -36.12 6.92 -7.38
C PHE E 44 -36.87 8.23 -7.29
N ALA E 45 -37.78 8.37 -6.32
CA ALA E 45 -38.45 9.65 -6.12
C ALA E 45 -37.46 10.75 -5.80
N LYS E 46 -36.46 10.43 -4.96
CA LYS E 46 -35.42 11.40 -4.67
C LYS E 46 -34.60 11.72 -5.93
N ILE E 47 -34.38 10.72 -6.77
CA ILE E 47 -33.56 10.92 -7.97
C ILE E 47 -34.28 11.85 -8.95
N ILE E 48 -35.54 11.55 -9.26
CA ILE E 48 -36.23 12.34 -10.28
C ILE E 48 -36.61 13.72 -9.75
N ASN E 49 -36.85 13.83 -8.44
CA ASN E 49 -37.15 15.15 -7.88
C ASN E 49 -35.88 15.99 -7.74
N ASN E 50 -34.72 15.36 -7.52
CA ASN E 50 -33.49 16.12 -7.48
C ASN E 50 -33.10 16.61 -8.87
N THR E 51 -33.36 15.80 -9.91
CA THR E 51 -33.09 16.23 -11.27
C THR E 51 -33.99 17.41 -11.66
N GLU E 52 -35.25 17.37 -11.23
CA GLU E 52 -36.16 18.48 -11.54
C GLU E 52 -35.69 19.77 -10.86
N ASN E 53 -35.29 19.69 -9.59
CA ASN E 53 -34.87 20.89 -8.87
C ASN E 53 -33.60 21.48 -9.47
N LEU E 54 -32.72 20.64 -10.01
CA LEU E 54 -31.53 21.15 -10.68
C LEU E 54 -31.88 21.88 -11.97
N VAL E 55 -32.83 21.33 -12.74
CA VAL E 55 -33.28 22.01 -13.96
C VAL E 55 -33.90 23.36 -13.61
N ARG E 56 -34.64 23.42 -12.51
CA ARG E 56 -35.28 24.67 -12.11
C ARG E 56 -34.25 25.66 -11.56
N GLU E 57 -33.30 25.19 -10.76
CA GLU E 57 -32.32 26.08 -10.17
C GLU E 57 -31.34 26.60 -11.22
N LEU E 58 -30.76 25.70 -12.01
CA LEU E 58 -29.69 26.10 -12.94
C LEU E 58 -30.22 27.00 -14.06
N LEU E 59 -31.50 26.87 -14.41
CA LEU E 59 -32.09 27.69 -15.47
C LEU E 59 -32.99 28.79 -14.94
N ALA E 60 -33.15 28.90 -13.62
CA ALA E 60 -34.05 29.86 -13.00
C ALA E 60 -35.46 29.76 -13.61
N VAL E 61 -36.05 28.58 -13.43
CA VAL E 61 -37.36 28.27 -14.02
C VAL E 61 -38.46 28.80 -13.11
N PRO E 62 -39.38 29.62 -13.64
CA PRO E 62 -40.46 30.16 -12.82
C PRO E 62 -41.37 29.04 -12.32
N ASP E 63 -42.10 29.33 -11.24
CA ASP E 63 -42.94 28.32 -10.61
C ASP E 63 -44.21 28.03 -11.41
N ASN E 64 -44.52 28.83 -12.44
CA ASN E 64 -45.65 28.56 -13.30
C ASN E 64 -45.25 27.77 -14.55
N TYR E 65 -44.12 27.07 -14.51
CA TYR E 65 -43.62 26.29 -15.63
C TYR E 65 -43.43 24.84 -15.19
N LYS E 66 -44.09 23.92 -15.89
CA LYS E 66 -43.93 22.50 -15.61
C LYS E 66 -42.63 21.99 -16.23
N VAL E 67 -41.96 21.08 -15.52
CA VAL E 67 -40.75 20.43 -16.00
C VAL E 67 -41.02 18.93 -16.01
N ILE E 68 -41.10 18.34 -17.20
CA ILE E 68 -41.43 16.94 -17.34
C ILE E 68 -40.31 16.25 -18.11
N PHE E 69 -40.16 14.95 -17.86
CA PHE E 69 -39.16 14.12 -18.52
C PHE E 69 -39.86 13.06 -19.35
N LEU E 70 -39.69 13.12 -20.67
CA LEU E 70 -40.35 12.23 -21.60
C LEU E 70 -39.31 11.36 -22.31
N GLN E 71 -39.82 10.40 -23.08
CA GLN E 71 -39.00 9.61 -23.98
C GLN E 71 -39.20 10.12 -25.41
N GLY E 72 -38.49 9.52 -26.35
CA GLY E 72 -38.61 9.86 -27.74
C GLY E 72 -37.53 10.77 -28.29
N GLY E 73 -36.68 11.33 -27.42
CA GLY E 73 -35.61 12.18 -27.91
C GLY E 73 -36.12 13.50 -28.45
N GLY E 74 -35.25 14.14 -29.25
CA GLY E 74 -35.62 15.41 -29.86
C GLY E 74 -36.72 15.26 -30.89
N CYS E 75 -36.56 14.32 -31.83
CA CYS E 75 -37.58 14.09 -32.84
C CYS E 75 -38.91 13.66 -32.24
N GLY E 76 -38.92 13.23 -30.98
CA GLY E 76 -40.18 13.00 -30.31
C GLY E 76 -40.96 14.28 -30.10
N GLN E 77 -40.27 15.36 -29.73
CA GLN E 77 -40.95 16.64 -29.54
C GLN E 77 -41.29 17.30 -30.87
N PHE E 78 -40.62 16.93 -31.96
CA PHE E 78 -41.04 17.39 -33.28
C PHE E 78 -42.48 16.98 -33.56
N SER E 79 -42.92 15.87 -32.98
CA SER E 79 -44.32 15.45 -33.02
C SER E 79 -45.09 15.82 -31.76
N ALA E 80 -44.40 16.04 -30.63
CA ALA E 80 -45.10 16.27 -29.37
C ALA E 80 -45.59 17.71 -29.25
N VAL E 81 -44.81 18.68 -29.71
CA VAL E 81 -45.20 20.08 -29.57
C VAL E 81 -46.36 20.44 -30.50
N PRO E 82 -46.55 19.83 -31.69
CA PRO E 82 -47.80 20.12 -32.40
C PRO E 82 -48.99 19.39 -31.81
N LEU E 83 -48.83 18.12 -31.43
CA LEU E 83 -49.92 17.38 -30.81
C LEU E 83 -50.41 18.05 -29.55
N ASN E 84 -49.52 18.73 -28.82
CA ASN E 84 -49.89 19.37 -27.56
C ASN E 84 -50.29 20.84 -27.72
N LEU E 85 -49.93 21.48 -28.83
CA LEU E 85 -50.10 22.94 -28.94
C LEU E 85 -50.71 23.43 -30.25
N ILE E 86 -50.67 22.67 -31.34
CA ILE E 86 -51.15 23.18 -32.62
C ILE E 86 -52.65 23.47 -32.57
N GLY E 87 -53.35 22.95 -31.57
CA GLY E 87 -54.77 23.20 -31.43
C GLY E 87 -55.09 24.29 -30.42
N LEU E 88 -54.10 25.13 -30.11
CA LEU E 88 -54.33 26.23 -29.19
C LEU E 88 -55.31 27.24 -29.78
N LYS E 89 -55.23 27.46 -31.09
CA LYS E 89 -56.17 28.31 -31.81
C LYS E 89 -56.80 27.49 -32.93
N ALA E 90 -58.06 27.80 -33.22
CA ALA E 90 -58.88 26.94 -34.08
C ALA E 90 -58.28 26.74 -35.46
N GLY E 91 -57.36 27.61 -35.89
CA GLY E 91 -56.78 27.48 -37.21
C GLY E 91 -55.88 26.27 -37.39
N ARG E 92 -55.34 25.73 -36.30
CA ARG E 92 -54.33 24.68 -36.35
C ARG E 92 -53.17 25.11 -37.23
N CYS E 93 -52.72 26.35 -37.03
CA CYS E 93 -51.63 26.94 -37.78
C CYS E 93 -50.44 27.18 -36.86
N ALA E 94 -49.23 27.08 -37.43
CA ALA E 94 -48.01 27.29 -36.67
C ALA E 94 -46.97 27.96 -37.55
N ASP E 95 -46.21 28.88 -36.95
CA ASP E 95 -45.13 29.57 -37.62
C ASP E 95 -43.80 28.92 -37.25
N TYR E 96 -43.01 28.60 -38.26
CA TYR E 96 -41.74 27.90 -38.07
C TYR E 96 -40.60 28.67 -38.71
N VAL E 97 -39.55 28.91 -37.94
CA VAL E 97 -38.35 29.59 -38.42
C VAL E 97 -37.30 28.54 -38.72
N VAL E 98 -36.93 28.41 -39.99
CA VAL E 98 -36.01 27.37 -40.45
C VAL E 98 -34.64 28.00 -40.64
N THR E 99 -33.75 27.77 -39.67
CA THR E 99 -32.37 28.24 -39.76
C THR E 99 -31.38 27.11 -40.01
N GLY E 100 -31.84 25.87 -40.06
CA GLY E 100 -30.95 24.76 -40.35
C GLY E 100 -31.71 23.46 -40.53
N ALA E 101 -30.97 22.37 -40.54
CA ALA E 101 -31.56 21.06 -40.84
C ALA E 101 -32.53 20.62 -39.75
N TRP E 102 -32.27 20.96 -38.49
CA TRP E 102 -33.13 20.49 -37.41
C TRP E 102 -34.43 21.29 -37.32
N SER E 103 -34.38 22.59 -37.60
CA SER E 103 -35.62 23.35 -37.69
C SER E 103 -36.43 22.96 -38.91
N ALA E 104 -35.75 22.58 -40.00
CA ALA E 104 -36.45 22.11 -41.19
C ALA E 104 -37.12 20.77 -40.95
N LYS E 105 -36.47 19.88 -40.20
CA LYS E 105 -37.05 18.57 -39.90
C LYS E 105 -38.29 18.72 -39.02
N ALA E 106 -38.22 19.58 -37.99
CA ALA E 106 -39.38 19.83 -37.15
C ALA E 106 -40.51 20.47 -37.96
N ALA E 107 -40.15 21.35 -38.90
CA ALA E 107 -41.16 21.98 -39.74
C ALA E 107 -41.87 20.95 -40.61
N GLU E 108 -41.11 19.99 -41.14
CA GLU E 108 -41.72 18.93 -41.94
C GLU E 108 -42.60 18.03 -41.09
N GLU E 109 -42.16 17.72 -39.87
CA GLU E 109 -42.93 16.82 -39.01
C GLU E 109 -44.25 17.46 -38.58
N ALA E 110 -44.24 18.77 -38.35
CA ALA E 110 -45.45 19.46 -37.93
C ALA E 110 -46.52 19.47 -39.01
N LYS E 111 -46.13 19.27 -40.28
CA LYS E 111 -47.11 19.23 -41.37
C LYS E 111 -48.11 18.11 -41.21
N LYS E 112 -47.81 17.11 -40.39
CA LYS E 112 -48.71 15.99 -40.17
C LYS E 112 -49.90 16.35 -39.28
N PHE E 113 -49.90 17.53 -38.67
CA PHE E 113 -50.91 17.86 -37.67
C PHE E 113 -51.62 19.20 -37.88
N GLY E 114 -51.31 19.93 -38.95
CA GLY E 114 -51.98 21.20 -39.19
C GLY E 114 -51.36 21.96 -40.34
N THR E 115 -51.59 23.26 -40.37
CA THR E 115 -51.08 24.13 -41.43
C THR E 115 -49.80 24.80 -40.92
N ILE E 116 -48.67 24.46 -41.55
CA ILE E 116 -47.35 24.91 -41.12
C ILE E 116 -46.80 25.88 -42.15
N ASN E 117 -46.58 27.13 -41.74
CA ASN E 117 -46.02 28.17 -42.60
C ASN E 117 -44.60 28.47 -42.16
N ILE E 118 -43.67 28.45 -43.11
CA ILE E 118 -42.31 28.90 -42.83
C ILE E 118 -42.27 30.42 -42.92
N VAL E 119 -41.72 31.05 -41.87
CA VAL E 119 -41.96 32.47 -41.65
C VAL E 119 -41.16 33.34 -42.61
N HIS E 120 -39.91 32.99 -42.86
CA HIS E 120 -39.02 33.79 -43.69
C HIS E 120 -39.06 33.26 -45.12
N PRO E 121 -38.43 33.97 -46.07
CA PRO E 121 -38.15 33.34 -47.36
C PRO E 121 -37.10 32.25 -47.19
N LYS E 122 -37.25 31.19 -47.98
CA LYS E 122 -36.34 30.06 -47.88
C LYS E 122 -34.90 30.48 -48.19
N LEU E 123 -33.98 30.10 -47.32
CA LEU E 123 -32.58 30.49 -47.46
C LEU E 123 -31.89 29.64 -48.52
N GLY E 124 -30.91 30.25 -49.19
CA GLY E 124 -30.08 29.50 -50.12
C GLY E 124 -29.09 28.60 -49.39
N SER E 125 -28.58 29.06 -48.25
CA SER E 125 -27.67 28.28 -47.44
C SER E 125 -27.81 28.71 -45.99
N TYR E 126 -27.90 27.73 -45.09
CA TYR E 126 -28.05 28.00 -43.66
C TYR E 126 -26.74 28.56 -43.12
N THR E 127 -26.50 29.84 -43.40
CA THR E 127 -25.32 30.53 -42.91
C THR E 127 -25.65 31.76 -42.09
N LYS E 128 -26.93 32.12 -41.98
CA LYS E 128 -27.34 33.32 -41.27
C LYS E 128 -28.74 33.14 -40.73
N ILE E 129 -29.08 33.93 -39.72
CA ILE E 129 -30.42 33.98 -39.17
C ILE E 129 -31.19 35.07 -39.92
N PRO E 130 -32.25 34.74 -40.64
CA PRO E 130 -33.11 35.78 -41.22
C PRO E 130 -33.54 36.77 -40.15
N ASP E 131 -33.33 38.05 -40.43
CA ASP E 131 -33.57 39.09 -39.43
C ASP E 131 -35.01 39.01 -38.92
N PRO E 132 -35.22 39.10 -37.60
CA PRO E 132 -36.57 38.92 -37.05
C PRO E 132 -37.61 39.87 -37.65
N SER E 133 -37.20 41.00 -38.23
CA SER E 133 -38.17 41.93 -38.79
C SER E 133 -38.76 41.42 -40.10
N THR E 134 -37.96 40.72 -40.92
CA THR E 134 -38.45 40.18 -42.17
C THR E 134 -39.28 38.91 -41.99
N TRP E 135 -39.82 38.70 -40.80
CA TRP E 135 -40.57 37.49 -40.49
C TRP E 135 -42.06 37.72 -40.76
N ASN E 136 -42.65 36.86 -41.60
CA ASN E 136 -44.07 36.90 -41.92
C ASN E 136 -44.83 36.12 -40.86
N LEU E 137 -45.20 36.79 -39.77
CA LEU E 137 -45.87 36.16 -38.65
C LEU E 137 -47.38 36.16 -38.86
N ASN E 138 -48.02 35.05 -38.46
CA ASN E 138 -49.47 34.94 -38.50
C ASN E 138 -50.03 35.28 -37.12
N PRO E 139 -50.91 36.27 -37.01
CA PRO E 139 -51.46 36.60 -35.69
C PRO E 139 -52.29 35.48 -35.08
N ASP E 140 -52.93 34.66 -35.91
CA ASP E 140 -53.75 33.56 -35.42
C ASP E 140 -53.01 32.23 -35.38
N ALA E 141 -51.70 32.23 -35.66
CA ALA E 141 -50.92 31.01 -35.55
C ALA E 141 -50.89 30.55 -34.10
N SER E 142 -51.00 29.23 -33.91
CA SER E 142 -51.07 28.69 -32.55
C SER E 142 -49.77 28.90 -31.80
N TYR E 143 -48.63 28.76 -32.48
CA TYR E 143 -47.33 28.96 -31.84
C TYR E 143 -46.29 29.27 -32.90
N VAL E 144 -45.14 29.75 -32.43
CA VAL E 144 -43.98 30.02 -33.29
C VAL E 144 -42.82 29.17 -32.78
N TYR E 145 -42.18 28.45 -33.69
CA TYR E 145 -41.14 27.47 -33.36
C TYR E 145 -39.83 27.86 -34.04
N TYR E 146 -38.73 27.78 -33.28
CA TYR E 146 -37.41 27.99 -33.83
C TYR E 146 -36.42 27.13 -33.05
N CYS E 147 -35.24 26.95 -33.62
CA CYS E 147 -34.18 26.12 -33.03
C CYS E 147 -33.03 27.02 -32.60
N ALA E 148 -32.72 26.99 -31.31
CA ALA E 148 -31.72 27.92 -30.76
C ALA E 148 -30.32 27.63 -31.28
N ASN E 149 -30.03 26.38 -31.66
CA ASN E 149 -28.68 26.01 -32.08
C ASN E 149 -28.79 24.88 -33.10
N GLU E 150 -28.45 25.18 -34.35
CA GLU E 150 -28.50 24.21 -35.44
C GLU E 150 -27.21 23.41 -35.44
N THR E 151 -27.29 22.15 -35.00
CA THR E 151 -26.09 21.37 -34.71
C THR E 151 -25.29 21.06 -35.97
N VAL E 152 -25.95 21.00 -37.13
CA VAL E 152 -25.26 20.58 -38.34
C VAL E 152 -24.60 21.75 -39.06
N HIS E 153 -25.19 22.95 -39.00
CA HIS E 153 -24.71 24.08 -39.78
C HIS E 153 -24.05 25.17 -38.93
N GLY E 154 -24.14 25.09 -37.60
CA GLY E 154 -23.43 26.03 -36.75
C GLY E 154 -24.04 27.42 -36.66
N VAL E 155 -25.38 27.51 -36.67
CA VAL E 155 -26.08 28.79 -36.63
C VAL E 155 -26.86 28.85 -35.31
N GLU E 156 -26.43 29.72 -34.40
CA GLU E 156 -26.99 29.79 -33.06
C GLU E 156 -27.56 31.18 -32.79
N PHE E 157 -28.75 31.21 -32.20
CA PHE E 157 -29.35 32.45 -31.74
C PHE E 157 -28.65 32.91 -30.47
N ASP E 158 -28.07 34.12 -30.51
CA ASP E 158 -27.61 34.79 -29.30
C ASP E 158 -28.62 35.81 -28.80
N PHE E 159 -29.91 35.57 -29.06
CA PHE E 159 -30.98 36.45 -28.63
C PHE E 159 -32.28 35.67 -28.68
N ILE E 160 -33.27 36.16 -27.93
CA ILE E 160 -34.62 35.62 -27.95
C ILE E 160 -35.46 36.44 -28.90
N PRO E 161 -35.99 35.86 -29.98
CA PRO E 161 -36.68 36.67 -30.98
C PRO E 161 -38.01 37.22 -30.46
N ASP E 162 -38.48 38.25 -31.13
CA ASP E 162 -39.77 38.87 -30.83
C ASP E 162 -40.80 38.34 -31.82
N VAL E 163 -41.85 37.72 -31.30
CA VAL E 163 -42.88 37.09 -32.12
C VAL E 163 -44.23 37.77 -31.94
N LYS E 164 -44.23 39.03 -31.47
CA LYS E 164 -45.45 39.80 -31.28
C LYS E 164 -46.42 39.07 -30.34
N GLY E 165 -45.90 38.63 -29.20
CA GLY E 165 -46.73 38.07 -28.14
C GLY E 165 -47.18 36.64 -28.34
N ALA E 166 -46.76 35.97 -29.41
CA ALA E 166 -47.14 34.57 -29.60
C ALA E 166 -46.39 33.69 -28.60
N VAL E 167 -46.96 32.50 -28.36
CA VAL E 167 -46.29 31.53 -27.50
C VAL E 167 -45.09 30.96 -28.24
N LEU E 168 -43.94 30.97 -27.57
CA LEU E 168 -42.68 30.64 -28.21
C LEU E 168 -42.23 29.25 -27.82
N VAL E 169 -41.91 28.43 -28.82
CA VAL E 169 -41.41 27.07 -28.62
C VAL E 169 -40.02 26.98 -29.24
N CYS E 170 -39.04 26.57 -28.43
CA CYS E 170 -37.65 26.58 -28.84
C CYS E 170 -37.02 25.21 -28.65
N ASP E 171 -36.15 24.83 -29.59
CA ASP E 171 -35.43 23.55 -29.55
C ASP E 171 -33.99 23.83 -29.13
N MET E 172 -33.71 23.63 -27.85
CA MET E 172 -32.39 23.90 -27.29
C MET E 172 -31.58 22.64 -27.04
N SER E 173 -31.75 21.61 -27.88
CA SER E 173 -31.09 20.33 -27.64
C SER E 173 -29.59 20.49 -27.56
N SER E 174 -28.99 21.24 -28.50
CA SER E 174 -27.55 21.33 -28.61
C SER E 174 -26.97 22.57 -27.95
N ASN E 175 -27.75 23.30 -27.14
CA ASN E 175 -27.19 24.35 -26.32
C ASN E 175 -27.85 24.44 -24.95
N PHE E 176 -28.59 23.41 -24.54
CA PHE E 176 -29.29 23.45 -23.27
C PHE E 176 -28.30 23.63 -22.12
N LEU E 177 -28.52 24.67 -21.32
CA LEU E 177 -27.67 24.99 -20.17
C LEU E 177 -26.23 25.29 -20.56
N SER E 178 -26.03 25.78 -21.77
CA SER E 178 -24.74 26.34 -22.18
C SER E 178 -24.68 27.84 -21.96
N LYS E 179 -25.75 28.44 -21.44
CA LYS E 179 -25.88 29.88 -21.22
C LYS E 179 -27.17 30.15 -20.46
N PRO E 180 -27.23 31.21 -19.67
CA PRO E 180 -28.49 31.55 -19.00
C PRO E 180 -29.58 31.85 -20.02
N VAL E 181 -30.81 31.46 -19.68
CA VAL E 181 -31.95 31.60 -20.57
C VAL E 181 -33.12 32.21 -19.78
N ASP E 182 -33.79 33.18 -20.41
CA ASP E 182 -34.98 33.80 -19.82
C ASP E 182 -36.18 32.89 -20.11
N VAL E 183 -36.47 32.01 -19.16
CA VAL E 183 -37.53 31.01 -19.36
C VAL E 183 -38.91 31.67 -19.44
N SER E 184 -39.09 32.83 -18.81
CA SER E 184 -40.41 33.46 -18.79
C SER E 184 -40.89 33.83 -20.19
N LYS E 185 -39.96 34.17 -21.09
CA LYS E 185 -40.33 34.56 -22.45
C LYS E 185 -40.70 33.38 -23.35
N PHE E 186 -40.55 32.15 -22.86
CA PHE E 186 -40.83 30.95 -23.64
C PHE E 186 -42.13 30.30 -23.17
N GLY E 187 -42.74 29.53 -24.08
CA GLY E 187 -43.92 28.76 -23.74
C GLY E 187 -43.60 27.29 -23.56
N VAL E 188 -42.74 26.76 -24.44
CA VAL E 188 -42.29 25.38 -24.36
C VAL E 188 -40.83 25.32 -24.77
N ILE E 189 -39.99 24.74 -23.90
CA ILE E 189 -38.59 24.48 -24.19
C ILE E 189 -38.37 22.98 -24.08
N PHE E 190 -37.69 22.41 -25.06
CA PHE E 190 -37.35 20.99 -25.01
C PHE E 190 -35.92 20.78 -25.48
N ALA E 191 -35.31 19.71 -24.97
CA ALA E 191 -33.92 19.43 -25.27
C ALA E 191 -33.62 17.95 -25.01
N GLY E 192 -33.11 17.27 -26.01
CA GLY E 192 -32.60 15.92 -25.81
C GLY E 192 -31.35 15.94 -24.95
N ALA E 193 -31.37 15.09 -23.93
CA ALA E 193 -30.34 15.08 -22.87
C ALA E 193 -28.96 14.68 -23.38
N GLN E 194 -28.87 13.84 -24.39
CA GLN E 194 -27.58 13.27 -24.90
C GLN E 194 -26.53 14.27 -25.37
N LYS E 195 -26.83 15.54 -25.61
CA LYS E 195 -25.84 16.50 -26.14
C LYS E 195 -25.11 17.29 -25.07
N ASN E 196 -25.80 17.86 -24.10
CA ASN E 196 -25.12 18.79 -23.21
C ASN E 196 -25.50 18.60 -21.74
N VAL E 197 -26.20 17.52 -21.39
CA VAL E 197 -26.78 17.46 -20.06
C VAL E 197 -27.02 16.03 -19.60
N GLY E 198 -26.96 15.07 -20.50
CA GLY E 198 -27.14 13.71 -20.07
C GLY E 198 -26.68 12.70 -21.09
N SER E 199 -27.30 11.53 -21.05
CA SER E 199 -27.08 10.47 -22.03
C SER E 199 -28.38 10.22 -22.78
N ALA E 200 -28.26 9.56 -23.92
CA ALA E 200 -29.41 9.33 -24.78
C ALA E 200 -30.46 8.50 -24.06
N GLY E 201 -31.72 8.94 -24.17
CA GLY E 201 -32.82 8.20 -23.58
C GLY E 201 -33.93 9.06 -23.01
N VAL E 202 -33.61 10.30 -22.63
CA VAL E 202 -34.56 11.16 -21.92
C VAL E 202 -34.52 12.56 -22.51
N THR E 203 -35.66 13.24 -22.47
CA THR E 203 -35.81 14.58 -23.01
C THR E 203 -36.46 15.48 -21.96
N VAL E 204 -35.85 16.64 -21.70
CA VAL E 204 -36.41 17.63 -20.78
C VAL E 204 -37.36 18.53 -21.55
N VAL E 205 -38.52 18.79 -20.95
CA VAL E 205 -39.51 19.69 -21.53
C VAL E 205 -39.98 20.63 -20.44
N ILE E 206 -39.90 21.94 -20.72
CA ILE E 206 -40.34 22.99 -19.81
C ILE E 206 -41.53 23.67 -20.47
N VAL E 207 -42.73 23.51 -19.88
CA VAL E 207 -43.96 24.01 -20.47
C VAL E 207 -44.66 24.91 -19.46
N ARG E 208 -45.13 26.06 -19.93
CA ARG E 208 -45.91 26.97 -19.09
C ARG E 208 -47.26 26.34 -18.77
N ASP E 209 -47.59 26.28 -17.48
CA ASP E 209 -48.70 25.46 -16.99
C ASP E 209 -50.06 25.83 -17.55
N ASP E 210 -50.14 26.90 -18.34
CA ASP E 210 -51.40 27.32 -18.94
C ASP E 210 -51.52 26.90 -20.41
N LEU E 211 -50.58 26.10 -20.91
CA LEU E 211 -50.63 25.58 -22.28
C LEU E 211 -51.00 24.11 -22.34
N LEU E 212 -51.25 23.48 -21.19
CA LEU E 212 -51.74 22.11 -21.19
C LEU E 212 -53.22 22.08 -21.53
N GLY E 213 -53.68 20.92 -22.02
CA GLY E 213 -55.08 20.71 -22.31
C GLY E 213 -55.49 20.99 -23.74
N PHE E 214 -54.65 21.69 -24.52
CA PHE E 214 -54.90 21.87 -25.94
C PHE E 214 -54.46 20.67 -26.77
N ALA E 215 -54.27 19.52 -26.13
CA ALA E 215 -53.76 18.35 -26.82
C ALA E 215 -54.81 17.79 -27.77
N LEU E 216 -54.38 17.49 -28.99
CA LEU E 216 -55.25 16.81 -29.95
C LEU E 216 -55.65 15.44 -29.42
N ARG E 217 -56.67 14.86 -30.04
CA ARG E 217 -57.14 13.57 -29.58
C ARG E 217 -56.12 12.47 -29.85
N GLU E 218 -55.38 12.57 -30.96
CA GLU E 218 -54.43 11.54 -31.36
C GLU E 218 -53.08 11.67 -30.67
N CYS E 219 -52.96 12.51 -29.66
CA CYS E 219 -51.69 12.65 -28.95
C CYS E 219 -51.46 11.46 -28.05
N PRO E 220 -50.41 10.67 -28.26
CA PRO E 220 -50.13 9.54 -27.36
C PRO E 220 -49.97 10.00 -25.92
N SER E 221 -50.51 9.20 -24.99
CA SER E 221 -50.58 9.62 -23.60
C SER E 221 -49.20 9.82 -22.99
N VAL E 222 -48.21 9.04 -23.41
CA VAL E 222 -46.86 9.20 -22.86
C VAL E 222 -46.23 10.51 -23.30
N LEU E 223 -46.76 11.15 -24.35
CA LEU E 223 -46.24 12.41 -24.84
C LEU E 223 -47.16 13.59 -24.59
N GLU E 224 -48.35 13.36 -24.02
CA GLU E 224 -49.25 14.46 -23.73
C GLU E 224 -48.74 15.21 -22.49
N TYR E 225 -48.46 16.51 -22.66
CA TYR E 225 -47.90 17.30 -21.57
C TYR E 225 -48.81 17.30 -20.35
N LYS E 226 -50.12 17.46 -20.56
CA LYS E 226 -51.05 17.49 -19.43
C LYS E 226 -51.02 16.20 -18.64
N VAL E 227 -50.95 15.06 -19.32
CA VAL E 227 -50.97 13.77 -18.62
C VAL E 227 -49.67 13.58 -17.85
N GLN E 228 -48.54 13.82 -18.49
CA GLN E 228 -47.27 13.54 -17.85
C GLN E 228 -46.98 14.53 -16.74
N ALA E 229 -47.39 15.79 -16.91
CA ALA E 229 -47.21 16.77 -15.84
C ALA E 229 -48.03 16.40 -14.62
N GLY E 230 -49.26 15.91 -14.83
CA GLY E 230 -50.11 15.48 -13.74
C GLY E 230 -49.66 14.20 -13.05
N ASN E 231 -48.62 13.54 -13.59
CA ASN E 231 -48.07 12.33 -12.98
C ASN E 231 -46.60 12.47 -12.63
N SER E 232 -46.08 13.70 -12.63
CA SER E 232 -44.68 13.97 -12.28
C SER E 232 -43.73 13.12 -13.14
N SER E 233 -44.03 13.04 -14.44
CA SER E 233 -43.27 12.27 -15.40
C SER E 233 -43.25 10.78 -15.09
N LEU E 234 -44.26 10.28 -14.37
CA LEU E 234 -44.35 8.89 -13.97
C LEU E 234 -45.66 8.24 -14.43
N TYR E 235 -46.23 8.72 -15.54
CA TYR E 235 -47.42 8.08 -16.09
C TYR E 235 -47.11 6.66 -16.53
N ASN E 236 -45.91 6.44 -17.06
CA ASN E 236 -45.39 5.11 -17.32
C ASN E 236 -43.96 5.07 -16.83
N THR E 237 -43.32 3.91 -16.96
CA THR E 237 -41.93 3.76 -16.51
C THR E 237 -41.03 4.72 -17.28
N PRO E 238 -40.41 5.69 -16.62
CA PRO E 238 -39.55 6.64 -17.34
C PRO E 238 -38.15 6.07 -17.51
N PRO E 239 -37.33 6.68 -18.38
CA PRO E 239 -35.94 6.21 -18.52
C PRO E 239 -35.15 6.46 -17.25
N CYS E 240 -35.24 5.52 -16.30
CA CYS E 240 -34.70 5.75 -14.97
C CYS E 240 -33.21 6.06 -15.00
N PHE E 241 -32.43 5.19 -15.64
CA PHE E 241 -30.99 5.37 -15.63
C PHE E 241 -30.60 6.67 -16.33
N SER E 242 -31.32 7.03 -17.40
CA SER E 242 -31.02 8.27 -18.09
C SER E 242 -31.31 9.49 -17.21
N ILE E 243 -32.40 9.43 -16.43
CA ILE E 243 -32.70 10.51 -15.50
C ILE E 243 -31.67 10.57 -14.39
N TYR E 244 -31.22 9.40 -13.91
CA TYR E 244 -30.19 9.36 -12.88
C TYR E 244 -28.86 9.89 -13.43
N VAL E 245 -28.54 9.59 -14.69
CA VAL E 245 -27.32 10.11 -15.29
C VAL E 245 -27.41 11.64 -15.41
N MET E 246 -28.56 12.15 -15.86
CA MET E 246 -28.70 13.60 -16.01
C MET E 246 -28.61 14.31 -14.67
N GLY E 247 -29.16 13.71 -13.62
CA GLY E 247 -29.05 14.32 -12.30
C GLY E 247 -27.61 14.52 -11.87
N LEU E 248 -26.72 13.62 -12.28
CA LEU E 248 -25.31 13.75 -11.93
C LEU E 248 -24.60 14.79 -12.79
N VAL E 249 -24.98 14.87 -14.07
CA VAL E 249 -24.37 15.87 -14.95
C VAL E 249 -24.83 17.28 -14.56
N LEU E 250 -26.12 17.44 -14.25
CA LEU E 250 -26.60 18.71 -13.72
C LEU E 250 -25.87 19.07 -12.45
N GLU E 251 -25.61 18.09 -11.58
CA GLU E 251 -24.85 18.34 -10.38
C GLU E 251 -23.44 18.81 -10.71
N TRP E 252 -22.82 18.22 -11.73
CA TRP E 252 -21.50 18.67 -12.17
C TRP E 252 -21.56 20.09 -12.72
N ILE E 253 -22.59 20.41 -13.50
CA ILE E 253 -22.74 21.76 -14.04
C ILE E 253 -22.86 22.77 -12.91
N LYS E 254 -23.63 22.43 -11.86
CA LYS E 254 -23.80 23.35 -10.73
C LYS E 254 -22.48 23.60 -10.02
N ASN E 255 -21.72 22.53 -9.75
CA ASN E 255 -20.47 22.67 -9.01
C ASN E 255 -19.42 23.47 -9.75
N ASN E 256 -19.54 23.59 -11.07
CA ASN E 256 -18.57 24.32 -11.87
C ASN E 256 -19.00 25.75 -12.18
N GLY E 257 -20.09 26.21 -11.57
CA GLY E 257 -20.52 27.59 -11.71
C GLY E 257 -21.85 27.81 -12.39
N GLY E 258 -22.61 26.75 -12.67
CA GLY E 258 -23.93 26.91 -13.25
C GLY E 258 -23.91 27.40 -14.69
N ALA E 259 -25.08 27.87 -15.14
CA ALA E 259 -25.21 28.35 -16.50
C ALA E 259 -24.38 29.59 -16.78
N ALA E 260 -24.04 30.36 -15.74
CA ALA E 260 -23.22 31.55 -15.95
C ALA E 260 -21.79 31.18 -16.32
N ALA E 261 -21.21 30.19 -15.64
CA ALA E 261 -19.85 29.75 -15.94
C ALA E 261 -19.78 28.94 -17.23
N MET E 262 -20.84 28.22 -17.59
CA MET E 262 -20.83 27.47 -18.84
C MET E 262 -20.74 28.41 -20.03
N GLU E 263 -21.46 29.54 -19.99
CA GLU E 263 -21.42 30.49 -21.10
C GLU E 263 -20.03 31.07 -21.28
N LYS E 264 -19.36 31.41 -20.17
CA LYS E 264 -18.02 31.97 -20.27
C LYS E 264 -17.03 30.97 -20.84
N LEU E 265 -17.18 29.69 -20.47
CA LEU E 265 -16.32 28.66 -21.05
C LEU E 265 -16.68 28.38 -22.50
N SER E 266 -17.96 28.50 -22.86
CA SER E 266 -18.37 28.31 -24.24
C SER E 266 -17.69 29.32 -25.16
N SER E 267 -17.55 30.57 -24.69
CA SER E 267 -16.91 31.59 -25.52
C SER E 267 -15.42 31.33 -25.65
N ILE E 268 -14.76 30.95 -24.56
CA ILE E 268 -13.32 30.70 -24.61
C ILE E 268 -13.02 29.56 -25.57
N LYS E 269 -13.77 28.47 -25.48
CA LYS E 269 -13.54 27.32 -26.34
C LYS E 269 -13.86 27.65 -27.79
N SER E 270 -15.04 28.23 -28.04
CA SER E 270 -15.46 28.49 -29.41
C SER E 270 -14.54 29.49 -30.09
N GLN E 271 -14.21 30.59 -29.40
CA GLN E 271 -13.34 31.60 -30.00
C GLN E 271 -11.95 31.06 -30.26
N THR E 272 -11.49 30.11 -29.44
CA THR E 272 -10.17 29.54 -29.66
C THR E 272 -10.08 28.86 -31.03
N ILE E 273 -11.15 28.21 -31.45
CA ILE E 273 -11.16 27.58 -32.77
C ILE E 273 -11.44 28.60 -33.86
N TYR E 274 -12.35 29.55 -33.59
CA TYR E 274 -12.70 30.54 -34.61
C TYR E 274 -11.53 31.45 -34.93
N GLU E 275 -10.71 31.80 -33.93
CA GLU E 275 -9.51 32.57 -34.20
C GLU E 275 -8.59 31.82 -35.15
N ILE E 276 -8.51 30.50 -35.00
CA ILE E 276 -7.66 29.70 -35.89
C ILE E 276 -8.21 29.71 -37.31
N ILE E 277 -9.53 29.63 -37.46
CA ILE E 277 -10.13 29.60 -38.77
C ILE E 277 -10.04 30.97 -39.45
N ASP E 278 -10.25 32.04 -38.67
CA ASP E 278 -10.23 33.38 -39.25
C ASP E 278 -8.81 33.80 -39.64
N ASN E 279 -7.82 33.46 -38.81
CA ASN E 279 -6.42 33.79 -39.10
C ASN E 279 -5.76 32.78 -40.03
N SER E 280 -6.54 31.87 -40.62
CA SER E 280 -5.99 30.78 -41.41
C SER E 280 -5.71 31.15 -42.85
N GLN E 281 -5.99 32.38 -43.26
CA GLN E 281 -5.75 32.84 -44.63
C GLN E 281 -6.42 31.94 -45.65
N GLY E 282 -7.64 31.50 -45.33
CA GLY E 282 -8.42 30.71 -46.25
C GLY E 282 -8.19 29.20 -46.18
N PHE E 283 -7.32 28.73 -45.28
CA PHE E 283 -7.09 27.29 -45.17
C PHE E 283 -8.30 26.60 -44.55
N TYR E 284 -8.87 27.17 -43.51
CA TYR E 284 -10.11 26.70 -42.90
C TYR E 284 -11.22 27.68 -43.26
N VAL E 285 -12.36 27.15 -43.71
CA VAL E 285 -13.47 27.96 -44.19
C VAL E 285 -14.71 27.62 -43.39
N CYS E 286 -15.21 28.60 -42.63
CA CYS E 286 -16.49 28.46 -41.93
C CYS E 286 -17.51 29.40 -42.54
N PRO E 287 -18.58 28.89 -43.13
CA PRO E 287 -19.51 29.77 -43.88
C PRO E 287 -20.44 30.60 -43.02
N VAL E 288 -20.56 30.31 -41.73
CA VAL E 288 -21.54 31.00 -40.89
C VAL E 288 -21.13 32.46 -40.72
N GLU E 289 -22.11 33.35 -40.81
CA GLU E 289 -21.87 34.76 -40.51
C GLU E 289 -21.41 34.89 -39.06
N PRO E 290 -20.45 35.77 -38.77
CA PRO E 290 -19.86 35.80 -37.43
C PRO E 290 -20.87 36.11 -36.32
N GLN E 291 -21.91 36.88 -36.62
CA GLN E 291 -22.87 37.23 -35.58
C GLN E 291 -23.75 36.06 -35.16
N ASN E 292 -23.91 35.06 -36.03
CA ASN E 292 -24.72 33.89 -35.73
C ASN E 292 -23.88 32.64 -35.51
N ARG E 293 -22.58 32.77 -35.33
CA ARG E 293 -21.71 31.62 -35.18
C ARG E 293 -21.99 30.89 -33.88
N SER E 294 -22.28 29.59 -33.99
CA SER E 294 -22.55 28.77 -32.81
C SER E 294 -21.30 28.63 -31.96
N LYS E 295 -21.52 28.58 -30.65
CA LYS E 295 -20.45 28.36 -29.68
C LYS E 295 -20.35 26.90 -29.26
N MET E 296 -21.25 26.05 -29.73
CA MET E 296 -21.26 24.62 -29.41
C MET E 296 -20.72 23.77 -30.55
N ASN E 297 -21.19 24.00 -31.77
CA ASN E 297 -20.81 23.20 -32.93
C ASN E 297 -20.12 24.09 -33.95
N ILE E 298 -18.93 23.68 -34.38
CA ILE E 298 -18.16 24.47 -35.33
C ILE E 298 -17.87 23.63 -36.57
N PRO E 299 -18.73 23.67 -37.59
CA PRO E 299 -18.42 23.00 -38.85
C PRO E 299 -17.61 23.90 -39.77
N PHE E 300 -16.61 23.31 -40.41
CA PHE E 300 -15.76 24.04 -41.34
C PHE E 300 -15.24 23.10 -42.42
N ARG E 301 -14.61 23.69 -43.43
CA ARG E 301 -13.97 22.94 -44.51
C ARG E 301 -12.48 23.24 -44.52
N ILE E 302 -11.72 22.40 -45.23
CA ILE E 302 -10.27 22.52 -45.31
C ILE E 302 -9.88 22.67 -46.77
N GLY E 303 -9.00 23.64 -47.04
CA GLY E 303 -8.51 23.86 -48.39
C GLY E 303 -9.22 24.98 -49.12
N ASN E 304 -10.55 24.95 -49.13
CA ASN E 304 -11.36 25.93 -49.83
C ASN E 304 -12.78 25.86 -49.30
N ALA E 305 -13.61 26.80 -49.77
CA ALA E 305 -15.02 26.81 -49.36
C ALA E 305 -15.74 25.56 -49.81
N LYS E 306 -15.37 25.01 -50.97
CA LYS E 306 -15.99 23.77 -51.44
C LYS E 306 -15.45 22.55 -50.71
N GLY E 307 -14.21 22.61 -50.24
CA GLY E 307 -13.65 21.54 -49.45
C GLY E 307 -12.71 20.63 -50.22
N ASP E 308 -11.47 20.53 -49.76
CA ASP E 308 -10.46 19.66 -50.38
C ASP E 308 -10.59 18.28 -49.74
N ASP E 309 -11.26 17.37 -50.45
CA ASP E 309 -11.58 16.05 -49.88
C ASP E 309 -10.32 15.30 -49.46
N ALA E 310 -9.29 15.32 -50.31
CA ALA E 310 -8.06 14.61 -49.96
C ALA E 310 -7.41 15.21 -48.72
N LEU E 311 -7.45 16.54 -48.59
CA LEU E 311 -6.86 17.18 -47.42
C LEU E 311 -7.69 16.92 -46.18
N GLU E 312 -9.02 16.96 -46.29
CA GLU E 312 -9.87 16.70 -45.15
C GLU E 312 -9.75 15.26 -44.67
N LYS E 313 -9.36 14.34 -45.55
CA LYS E 313 -9.21 12.95 -45.13
C LYS E 313 -7.97 12.77 -44.26
N ARG E 314 -6.83 13.34 -44.68
CA ARG E 314 -5.64 13.30 -43.84
C ARG E 314 -5.90 13.96 -42.49
N PHE E 315 -6.75 15.00 -42.47
CA PHE E 315 -7.07 15.67 -41.22
C PHE E 315 -7.76 14.71 -40.27
N LEU E 316 -8.84 14.07 -40.71
CA LEU E 316 -9.59 13.18 -39.83
C LEU E 316 -8.80 11.92 -39.49
N ASP E 317 -7.93 11.46 -40.39
CA ASP E 317 -7.09 10.31 -40.09
C ASP E 317 -6.05 10.65 -39.03
N LYS E 318 -5.26 11.70 -39.28
CA LYS E 318 -4.27 12.13 -38.29
C LYS E 318 -4.94 12.47 -36.96
N ALA E 319 -6.12 13.07 -37.01
CA ALA E 319 -6.85 13.37 -35.77
C ALA E 319 -7.23 12.10 -35.04
N LEU E 320 -7.60 11.05 -35.77
CA LEU E 320 -7.90 9.78 -35.13
C LEU E 320 -6.63 9.13 -34.60
N GLU E 321 -5.52 9.30 -35.31
CA GLU E 321 -4.24 8.81 -34.82
C GLU E 321 -3.87 9.46 -33.49
N LEU E 322 -4.28 10.70 -33.28
CA LEU E 322 -4.03 11.42 -32.03
C LEU E 322 -5.14 11.22 -31.01
N ASN E 323 -6.10 10.32 -31.29
CA ASN E 323 -7.20 9.99 -30.37
C ASN E 323 -8.13 11.18 -30.15
N MET E 324 -8.59 11.79 -31.23
CA MET E 324 -9.59 12.86 -31.19
C MET E 324 -10.78 12.40 -32.01
N LEU E 325 -11.84 11.97 -31.32
CA LEU E 325 -12.91 11.18 -31.93
C LEU E 325 -14.07 12.04 -32.38
N SER E 326 -14.75 11.56 -33.42
CA SER E 326 -16.03 12.11 -33.88
C SER E 326 -15.88 13.55 -34.38
N LEU E 327 -14.74 13.84 -35.00
CA LEU E 327 -14.54 15.14 -35.63
C LEU E 327 -15.07 15.19 -37.05
N LYS E 328 -15.44 14.05 -37.63
CA LYS E 328 -16.00 14.05 -38.98
C LYS E 328 -17.34 14.77 -38.99
N GLY E 329 -17.53 15.62 -39.99
CA GLY E 329 -18.76 16.37 -40.09
C GLY E 329 -19.95 15.49 -40.36
N HIS E 330 -21.14 16.09 -40.22
CA HIS E 330 -22.38 15.38 -40.50
C HIS E 330 -22.41 14.93 -41.95
N ARG E 331 -23.07 13.79 -42.19
CA ARG E 331 -23.01 13.15 -43.50
C ARG E 331 -23.69 13.96 -44.59
N SER E 332 -24.58 14.89 -44.23
CA SER E 332 -25.25 15.71 -45.24
C SER E 332 -24.43 16.92 -45.65
N VAL E 333 -23.52 17.39 -44.80
CA VAL E 333 -22.67 18.53 -45.12
C VAL E 333 -21.23 18.12 -45.40
N GLY E 334 -20.75 17.02 -44.82
CA GLY E 334 -19.38 16.63 -45.01
C GLY E 334 -18.43 17.52 -44.21
N GLY E 335 -17.17 17.50 -44.63
CA GLY E 335 -16.18 18.34 -43.99
C GLY E 335 -15.94 17.94 -42.55
N ILE E 336 -15.58 18.93 -41.75
CA ILE E 336 -15.24 18.72 -40.35
C ILE E 336 -16.31 19.39 -39.49
N ARG E 337 -16.41 18.93 -38.24
CA ARG E 337 -17.26 19.57 -37.24
C ARG E 337 -16.70 19.29 -35.85
N ALA E 338 -16.47 20.36 -35.09
CA ALA E 338 -16.02 20.25 -33.71
C ALA E 338 -17.19 20.59 -32.79
N SER E 339 -17.50 19.69 -31.88
CA SER E 339 -18.60 19.87 -30.93
C SER E 339 -18.00 20.15 -29.56
N LEU E 340 -18.24 21.36 -29.04
CA LEU E 340 -17.60 21.79 -27.81
C LEU E 340 -18.61 21.95 -26.68
N TYR E 341 -19.25 20.85 -26.28
CA TYR E 341 -20.31 20.90 -25.28
C TYR E 341 -19.70 21.11 -23.90
N ASN E 342 -20.55 21.04 -22.86
CA ASN E 342 -20.13 21.42 -21.51
C ASN E 342 -18.97 20.55 -21.04
N ALA E 343 -19.06 19.24 -21.23
CA ALA E 343 -18.05 18.34 -20.72
C ALA E 343 -16.71 18.49 -21.42
N VAL E 344 -16.69 19.04 -22.63
CA VAL E 344 -15.43 19.26 -23.35
C VAL E 344 -14.65 20.36 -22.64
N THR E 345 -13.49 20.01 -22.11
CA THR E 345 -12.72 20.93 -21.28
C THR E 345 -11.84 21.82 -22.14
N ILE E 346 -11.33 22.89 -21.52
CA ILE E 346 -10.43 23.80 -22.21
C ILE E 346 -9.17 23.06 -22.65
N GLU E 347 -8.69 22.14 -21.81
CA GLU E 347 -7.55 21.31 -22.20
C GLU E 347 -7.82 20.59 -23.52
N ASP E 348 -9.06 20.14 -23.71
CA ASP E 348 -9.41 19.41 -24.93
C ASP E 348 -9.33 20.32 -26.15
N VAL E 349 -9.93 21.51 -26.06
CA VAL E 349 -9.93 22.43 -27.20
C VAL E 349 -8.51 22.89 -27.52
N GLN E 350 -7.67 23.04 -26.49
CA GLN E 350 -6.28 23.43 -26.73
C GLN E 350 -5.54 22.36 -27.52
N LYS E 351 -5.83 21.08 -27.25
CA LYS E 351 -5.27 20.00 -28.06
C LYS E 351 -5.73 20.12 -29.51
N LEU E 352 -7.04 20.29 -29.71
CA LEU E 352 -7.56 20.50 -31.05
C LEU E 352 -7.01 21.76 -31.69
N ALA E 353 -6.73 22.79 -30.87
CA ALA E 353 -6.18 24.02 -31.40
C ALA E 353 -4.74 23.81 -31.89
N ALA E 354 -3.89 23.20 -31.05
CA ALA E 354 -2.52 22.95 -31.45
C ALA E 354 -2.44 22.03 -32.66
N PHE E 355 -3.39 21.10 -32.78
CA PHE E 355 -3.40 20.19 -33.92
C PHE E 355 -3.75 20.91 -35.21
N MET E 356 -4.80 21.73 -35.17
CA MET E 356 -5.19 22.48 -36.37
C MET E 356 -4.10 23.46 -36.76
N LYS E 357 -3.39 24.03 -35.78
CA LYS E 357 -2.33 24.98 -36.08
C LYS E 357 -1.19 24.29 -36.83
N LYS E 358 -0.77 23.11 -36.35
CA LYS E 358 0.34 22.43 -37.00
C LYS E 358 -0.07 21.86 -38.35
N PHE E 359 -1.30 21.34 -38.45
CA PHE E 359 -1.78 20.81 -39.72
C PHE E 359 -1.79 21.89 -40.80
N LEU E 360 -2.26 23.09 -40.46
CA LEU E 360 -2.16 24.22 -41.37
C LEU E 360 -0.70 24.55 -41.67
N GLU E 361 0.15 24.46 -40.66
CA GLU E 361 1.57 24.78 -40.83
C GLU E 361 2.27 23.83 -41.78
N MET E 362 1.69 22.66 -42.08
CA MET E 362 2.35 21.66 -42.90
C MET E 362 1.67 21.41 -44.24
N HIS E 363 0.52 22.02 -44.52
CA HIS E 363 -0.20 21.74 -45.74
C HIS E 363 -0.65 22.98 -46.51
N GLN E 364 -0.45 24.18 -45.97
CA GLN E 364 -0.79 25.39 -46.71
C GLN E 364 0.35 25.77 -47.64
N LEU E 365 -0.01 26.27 -48.82
CA LEU E 365 0.99 26.58 -49.85
C LEU E 365 1.47 28.03 -49.77
N GLN F 1 6.20 6.17 46.02
CA GLN F 1 7.01 7.17 45.33
C GLN F 1 8.45 7.15 45.82
N VAL F 2 9.22 6.17 45.32
CA VAL F 2 10.59 6.01 45.78
C VAL F 2 11.43 7.21 45.39
N VAL F 3 12.32 7.63 46.29
CA VAL F 3 13.27 8.70 46.05
C VAL F 3 14.66 8.10 46.18
N ASN F 4 15.36 7.96 45.06
CA ASN F 4 16.62 7.20 44.98
C ASN F 4 17.80 8.16 45.13
N PHE F 5 18.44 8.13 46.29
CA PHE F 5 19.68 8.86 46.53
C PHE F 5 20.90 7.96 46.34
N GLY F 6 20.93 7.16 45.28
CA GLY F 6 22.01 6.23 45.04
C GLY F 6 23.33 6.93 44.76
N PRO F 7 24.44 6.29 45.16
CA PRO F 7 25.75 6.92 44.98
C PRO F 7 26.37 6.62 43.62
N GLY F 8 25.92 5.56 42.96
CA GLY F 8 26.49 5.13 41.71
C GLY F 8 26.55 3.61 41.61
N PRO F 9 25.68 3.01 40.79
CA PRO F 9 24.64 3.57 39.91
C PRO F 9 23.61 4.45 40.63
N ALA F 10 23.04 5.41 39.91
CA ALA F 10 22.22 6.44 40.52
C ALA F 10 20.86 6.51 39.84
N LYS F 11 20.04 7.42 40.33
CA LYS F 11 18.73 7.66 39.75
C LYS F 11 18.86 8.14 38.31
N LEU F 12 17.95 7.68 37.46
CA LEU F 12 17.84 8.16 36.09
C LEU F 12 16.52 8.90 35.91
N PRO F 13 16.48 9.94 35.07
CA PRO F 13 15.25 10.73 34.92
C PRO F 13 14.09 9.86 34.47
N HIS F 14 12.93 10.10 35.08
CA HIS F 14 11.75 9.29 34.77
C HIS F 14 11.41 9.37 33.29
N SER F 15 11.57 10.55 32.68
CA SER F 15 11.28 10.71 31.27
C SER F 15 12.14 9.77 30.42
N VAL F 16 13.42 9.62 30.78
CA VAL F 16 14.32 8.76 30.02
C VAL F 16 13.90 7.30 30.15
N LEU F 17 13.66 6.85 31.39
CA LEU F 17 13.27 5.46 31.59
C LEU F 17 11.96 5.12 30.87
N LEU F 18 11.08 6.11 30.70
CA LEU F 18 9.83 5.86 29.98
C LEU F 18 10.09 5.64 28.50
N GLU F 19 11.08 6.32 27.92
CA GLU F 19 11.39 6.09 26.52
C GLU F 19 12.12 4.77 26.32
N ILE F 20 12.97 4.38 27.26
CA ILE F 20 13.66 3.10 27.16
C ILE F 20 12.66 1.95 27.22
N GLN F 21 11.63 2.09 28.05
CA GLN F 21 10.62 1.04 28.15
C GLN F 21 9.81 0.91 26.86
N LYS F 22 9.42 2.04 26.28
CA LYS F 22 8.59 2.01 25.08
C LYS F 22 9.34 1.38 23.90
N GLU F 23 10.56 1.85 23.64
CA GLU F 23 11.34 1.41 22.50
C GLU F 23 12.11 0.12 22.75
N LEU F 24 11.83 -0.59 23.84
CA LEU F 24 12.69 -1.72 24.20
C LEU F 24 12.57 -2.86 23.21
N LEU F 25 11.40 -3.08 22.62
CA LEU F 25 11.22 -4.19 21.69
C LEU F 25 11.35 -3.81 20.23
N ASP F 26 11.18 -2.53 19.91
CA ASP F 26 11.23 -2.06 18.51
C ASP F 26 11.76 -0.63 18.55
N TYR F 27 13.08 -0.49 18.44
CA TYR F 27 13.74 0.80 18.56
C TYR F 27 13.41 1.66 17.35
N LYS F 28 12.50 2.62 17.53
CA LYS F 28 12.19 3.63 16.52
C LYS F 28 11.87 2.99 15.17
N GLY F 29 11.16 1.88 15.21
CA GLY F 29 10.67 1.24 13.99
C GLY F 29 11.62 0.29 13.30
N VAL F 30 12.81 0.05 13.85
CA VAL F 30 13.77 -0.85 13.21
C VAL F 30 13.35 -2.31 13.35
N GLY F 31 12.48 -2.63 14.30
CA GLY F 31 12.00 -3.99 14.46
C GLY F 31 12.81 -4.86 15.39
N ILE F 32 13.87 -4.32 16.00
CA ILE F 32 14.69 -5.05 16.96
C ILE F 32 15.02 -4.12 18.12
N SER F 33 15.52 -4.73 19.20
CA SER F 33 15.93 -3.98 20.38
C SER F 33 17.33 -3.40 20.20
N VAL F 34 17.66 -2.43 21.04
CA VAL F 34 19.05 -1.99 21.10
C VAL F 34 19.91 -3.10 21.72
N LEU F 35 19.32 -3.91 22.60
CA LEU F 35 20.02 -5.07 23.14
C LEU F 35 20.35 -6.10 22.07
N GLU F 36 19.62 -6.10 20.95
CA GLU F 36 19.89 -6.96 19.81
C GLU F 36 20.64 -6.26 18.70
N MET F 37 20.79 -4.95 18.76
CA MET F 37 21.31 -4.18 17.63
C MET F 37 22.80 -4.41 17.47
N SER F 38 23.24 -4.52 16.22
CA SER F 38 24.64 -4.69 15.90
C SER F 38 25.38 -3.37 16.02
N HIS F 39 26.58 -3.41 16.60
CA HIS F 39 27.42 -2.23 16.70
C HIS F 39 28.01 -1.81 15.36
N ARG F 40 27.86 -2.63 14.33
CA ARG F 40 28.30 -2.28 12.99
C ARG F 40 27.20 -1.71 12.12
N SER F 41 25.94 -1.82 12.55
CA SER F 41 24.83 -1.36 11.75
C SER F 41 24.81 0.16 11.66
N SER F 42 24.12 0.67 10.63
CA SER F 42 23.93 2.10 10.50
C SER F 42 23.05 2.65 11.62
N ASP F 43 22.14 1.84 12.15
CA ASP F 43 21.29 2.26 13.25
C ASP F 43 22.12 2.65 14.46
N PHE F 44 23.07 1.80 14.86
CA PHE F 44 23.90 2.09 16.02
C PHE F 44 24.95 3.15 15.75
N ALA F 45 25.33 3.33 14.48
CA ALA F 45 26.28 4.39 14.14
C ALA F 45 25.71 5.77 14.46
N LYS F 46 24.40 5.94 14.27
CA LYS F 46 23.76 7.20 14.63
C LYS F 46 23.60 7.32 16.14
N ILE F 47 23.39 6.21 16.83
CA ILE F 47 23.25 6.25 18.29
C ILE F 47 24.53 6.71 18.95
N ILE F 48 25.66 6.11 18.54
CA ILE F 48 26.93 6.46 19.19
C ILE F 48 27.42 7.83 18.73
N ASN F 49 27.13 8.22 17.48
CA ASN F 49 27.51 9.54 17.02
C ASN F 49 26.71 10.62 17.73
N ASN F 50 25.41 10.39 17.94
CA ASN F 50 24.60 11.35 18.67
C ASN F 50 25.10 11.51 20.10
N THR F 51 25.46 10.40 20.75
CA THR F 51 25.99 10.48 22.11
C THR F 51 27.28 11.30 22.16
N GLU F 52 28.15 11.11 21.17
CA GLU F 52 29.40 11.86 21.14
C GLU F 52 29.15 13.34 20.91
N ASN F 53 28.24 13.69 20.00
CA ASN F 53 27.95 15.09 19.74
C ASN F 53 27.30 15.76 20.94
N LEU F 54 26.52 15.01 21.73
CA LEU F 54 25.97 15.56 22.96
C LEU F 54 27.03 15.76 24.03
N VAL F 55 28.15 15.04 23.95
CA VAL F 55 29.24 15.30 24.88
C VAL F 55 30.02 16.53 24.45
N ARG F 56 30.18 16.74 23.15
CA ARG F 56 30.95 17.88 22.66
C ARG F 56 30.16 19.18 22.75
N GLU F 57 28.83 19.12 22.64
CA GLU F 57 28.02 20.34 22.71
C GLU F 57 27.83 20.79 24.15
N LEU F 58 27.45 19.86 25.03
CA LEU F 58 27.12 20.25 26.40
C LEU F 58 28.36 20.71 27.16
N LEU F 59 29.48 20.02 27.01
CA LEU F 59 30.72 20.38 27.70
C LEU F 59 31.57 21.38 26.93
N ALA F 60 31.21 21.68 25.68
CA ALA F 60 32.01 22.53 24.80
C ALA F 60 33.42 21.99 24.67
N VAL F 61 33.51 20.76 24.15
CA VAL F 61 34.78 20.08 23.96
C VAL F 61 35.45 20.62 22.70
N PRO F 62 36.67 21.14 22.80
CA PRO F 62 37.35 21.67 21.61
C PRO F 62 37.55 20.60 20.55
N ASP F 63 37.72 21.05 19.32
CA ASP F 63 37.86 20.13 18.20
C ASP F 63 39.14 19.32 18.25
N ASN F 64 40.16 19.80 18.98
CA ASN F 64 41.41 19.07 19.12
C ASN F 64 41.38 18.02 20.24
N TYR F 65 40.20 17.54 20.60
CA TYR F 65 40.05 16.52 21.63
C TYR F 65 39.29 15.33 21.06
N LYS F 66 39.67 14.14 21.51
CA LYS F 66 39.03 12.90 21.10
C LYS F 66 38.07 12.46 22.21
N VAL F 67 36.86 12.07 21.83
CA VAL F 67 35.84 11.60 22.75
C VAL F 67 35.57 10.14 22.44
N ILE F 68 35.86 9.26 23.39
CA ILE F 68 35.75 7.83 23.19
C ILE F 68 35.04 7.18 24.36
N PHE F 69 34.36 6.07 24.09
CA PHE F 69 33.60 5.34 25.09
C PHE F 69 34.20 3.96 25.27
N LEU F 70 34.68 3.68 26.48
CA LEU F 70 35.34 2.42 26.81
C LEU F 70 34.58 1.70 27.91
N GLN F 71 35.01 0.47 28.18
CA GLN F 71 34.49 -0.31 29.29
C GLN F 71 35.47 -0.24 30.46
N GLY F 72 35.16 -0.98 31.52
CA GLY F 72 36.03 -1.07 32.68
C GLY F 72 35.74 -0.09 33.79
N GLY F 73 34.82 0.85 33.58
CA GLY F 73 34.49 1.78 34.63
C GLY F 73 35.61 2.77 34.93
N GLY F 74 35.38 3.55 35.99
CA GLY F 74 36.42 4.47 36.45
C GLY F 74 37.65 3.75 36.97
N CYS F 75 37.46 2.65 37.69
CA CYS F 75 38.59 1.85 38.14
C CYS F 75 39.41 1.32 36.96
N GLY F 76 38.76 1.12 35.82
CA GLY F 76 39.52 0.75 34.63
C GLY F 76 40.44 1.86 34.16
N GLN F 77 39.99 3.11 34.27
CA GLN F 77 40.83 4.24 33.90
C GLN F 77 41.95 4.47 34.90
N PHE F 78 41.83 3.94 36.13
CA PHE F 78 42.94 4.00 37.07
C PHE F 78 44.18 3.31 36.50
N SER F 79 43.97 2.31 35.64
CA SER F 79 45.05 1.66 34.92
C SER F 79 45.25 2.22 33.52
N ALA F 80 44.20 2.79 32.93
CA ALA F 80 44.31 3.25 31.55
C ALA F 80 45.12 4.54 31.45
N VAL F 81 44.96 5.44 32.42
CA VAL F 81 45.71 6.70 32.41
C VAL F 81 47.22 6.45 32.48
N PRO F 82 47.74 5.65 33.42
CA PRO F 82 49.19 5.38 33.38
C PRO F 82 49.62 4.64 32.12
N LEU F 83 48.95 3.53 31.79
CA LEU F 83 49.32 2.74 30.62
C LEU F 83 49.37 3.59 29.36
N ASN F 84 48.45 4.55 29.24
CA ASN F 84 48.42 5.41 28.07
C ASN F 84 49.33 6.63 28.17
N LEU F 85 49.55 7.16 29.38
CA LEU F 85 50.21 8.44 29.53
C LEU F 85 51.46 8.45 30.39
N ILE F 86 51.72 7.41 31.18
CA ILE F 86 52.91 7.45 32.04
C ILE F 86 54.19 7.44 31.22
N GLY F 87 54.11 7.07 29.94
CA GLY F 87 55.28 7.07 29.08
C GLY F 87 55.44 8.35 28.28
N LEU F 88 54.78 9.43 28.72
CA LEU F 88 54.96 10.72 28.06
C LEU F 88 56.40 11.21 28.18
N LYS F 89 57.03 10.96 29.34
CA LYS F 89 58.42 11.32 29.55
C LYS F 89 59.17 10.09 30.03
N ALA F 90 60.48 10.07 29.75
CA ALA F 90 61.27 8.85 29.93
C ALA F 90 61.29 8.39 31.39
N GLY F 91 61.23 9.32 32.34
CA GLY F 91 61.26 8.94 33.74
C GLY F 91 60.10 8.07 34.18
N ARG F 92 58.98 8.11 33.45
CA ARG F 92 57.77 7.37 33.80
C ARG F 92 57.33 7.70 35.22
N CYS F 93 57.31 9.00 35.53
CA CYS F 93 56.88 9.51 36.81
C CYS F 93 55.52 10.19 36.68
N ALA F 94 54.77 10.19 37.77
CA ALA F 94 53.44 10.78 37.79
C ALA F 94 53.17 11.40 39.15
N ASP F 95 52.58 12.60 39.14
CA ASP F 95 52.18 13.29 40.35
C ASP F 95 50.69 13.12 40.57
N TYR F 96 50.30 12.86 41.82
CA TYR F 96 48.92 12.55 42.16
C TYR F 96 48.46 13.42 43.33
N VAL F 97 47.27 14.00 43.19
CA VAL F 97 46.67 14.82 44.24
C VAL F 97 45.61 13.97 44.91
N VAL F 98 45.92 13.48 46.11
CA VAL F 98 45.03 12.59 46.85
C VAL F 98 44.18 13.44 47.80
N THR F 99 42.88 13.50 47.52
CA THR F 99 41.93 14.21 48.37
C THR F 99 40.84 13.31 48.94
N GLY F 100 40.84 12.03 48.60
CA GLY F 100 39.82 11.13 49.13
C GLY F 100 40.08 9.70 48.71
N ALA F 101 39.06 8.87 48.90
CA ALA F 101 39.22 7.43 48.70
C ALA F 101 39.57 7.09 47.26
N TRP F 102 39.08 7.86 46.29
CA TRP F 102 39.23 7.51 44.89
C TRP F 102 40.55 7.98 44.30
N SER F 103 40.95 9.23 44.58
CA SER F 103 42.27 9.68 44.17
C SER F 103 43.36 8.90 44.86
N ALA F 104 43.09 8.42 46.09
CA ALA F 104 44.04 7.56 46.78
C ALA F 104 44.15 6.20 46.09
N LYS F 105 43.00 5.56 45.83
CA LYS F 105 43.00 4.27 45.16
C LYS F 105 43.63 4.36 43.77
N ALA F 106 43.47 5.52 43.11
CA ALA F 106 44.07 5.70 41.79
C ALA F 106 45.58 5.76 41.86
N ALA F 107 46.12 6.47 42.86
CA ALA F 107 47.57 6.56 43.01
C ALA F 107 48.18 5.21 43.29
N GLU F 108 47.49 4.38 44.10
CA GLU F 108 47.97 3.03 44.35
C GLU F 108 47.99 2.20 43.08
N GLU F 109 46.95 2.31 42.26
CA GLU F 109 46.90 1.57 41.00
C GLU F 109 47.99 2.04 40.04
N ALA F 110 48.34 3.33 40.08
CA ALA F 110 49.36 3.84 39.18
C ALA F 110 50.75 3.33 39.53
N LYS F 111 50.96 2.85 40.75
CA LYS F 111 52.27 2.31 41.13
C LYS F 111 52.63 1.07 40.32
N LYS F 112 51.65 0.41 39.69
CA LYS F 112 51.92 -0.79 38.92
C LYS F 112 52.69 -0.47 37.63
N PHE F 113 52.72 0.79 37.21
CA PHE F 113 53.26 1.14 35.90
C PHE F 113 54.37 2.18 35.98
N GLY F 114 54.79 2.57 37.18
CA GLY F 114 55.85 3.54 37.32
C GLY F 114 55.96 4.04 38.75
N THR F 115 56.81 5.03 38.93
CA THR F 115 57.06 5.64 40.23
C THR F 115 56.08 6.79 40.44
N ILE F 116 55.32 6.73 41.52
CA ILE F 116 54.23 7.67 41.78
C ILE F 116 54.61 8.51 42.99
N ASN F 117 54.59 9.83 42.83
CA ASN F 117 54.93 10.78 43.88
C ASN F 117 53.70 11.60 44.21
N ILE F 118 53.21 11.47 45.44
CA ILE F 118 52.07 12.26 45.90
C ILE F 118 52.55 13.68 46.21
N VAL F 119 51.79 14.67 45.76
CA VAL F 119 52.32 16.03 45.64
C VAL F 119 52.33 16.80 46.95
N HIS F 120 51.58 16.36 47.95
CA HIS F 120 51.43 17.06 49.22
C HIS F 120 51.55 16.08 50.37
N PRO F 121 51.62 16.57 51.61
CA PRO F 121 51.59 15.65 52.76
C PRO F 121 50.26 14.93 52.88
N LYS F 122 50.33 13.68 53.33
CA LYS F 122 49.14 12.87 53.52
C LYS F 122 48.22 13.50 54.56
N LEU F 123 46.97 13.75 54.16
CA LEU F 123 46.03 14.37 55.08
C LEU F 123 45.57 13.37 56.13
N GLY F 124 45.50 13.84 57.38
CA GLY F 124 44.98 12.99 58.45
C GLY F 124 43.56 12.53 58.17
N SER F 125 42.70 13.48 57.79
CA SER F 125 41.34 13.18 57.36
C SER F 125 41.06 13.96 56.08
N TYR F 126 40.37 13.32 55.14
CA TYR F 126 40.05 13.94 53.85
C TYR F 126 38.99 15.01 54.07
N THR F 127 39.43 16.17 54.54
CA THR F 127 38.54 17.25 54.92
C THR F 127 38.83 18.56 54.18
N LYS F 128 39.81 18.59 53.28
CA LYS F 128 40.12 19.80 52.53
C LYS F 128 41.03 19.44 51.36
N ILE F 129 41.11 20.36 50.42
CA ILE F 129 42.04 20.25 49.29
C ILE F 129 43.32 20.98 49.69
N PRO F 130 44.47 20.30 49.71
CA PRO F 130 45.73 21.01 49.98
C PRO F 130 45.95 22.13 48.97
N ASP F 131 46.30 23.31 49.48
CA ASP F 131 46.50 24.49 48.66
C ASP F 131 47.47 24.19 47.52
N PRO F 132 47.05 24.34 46.26
CA PRO F 132 47.94 24.00 45.14
C PRO F 132 49.26 24.77 45.14
N SER F 133 49.34 25.89 45.85
CA SER F 133 50.62 26.59 45.96
C SER F 133 51.66 25.78 46.75
N THR F 134 51.22 24.85 47.58
CA THR F 134 52.11 23.99 48.37
C THR F 134 52.42 22.67 47.67
N TRP F 135 51.99 22.51 46.42
CA TRP F 135 52.14 21.25 45.70
C TRP F 135 53.57 21.09 45.21
N ASN F 136 54.23 20.03 45.65
CA ASN F 136 55.60 19.71 45.23
C ASN F 136 55.54 18.94 43.92
N LEU F 137 55.53 19.68 42.80
CA LEU F 137 55.36 19.07 41.50
C LEU F 137 56.71 18.72 40.88
N ASN F 138 56.75 17.55 40.23
CA ASN F 138 57.95 17.11 39.52
C ASN F 138 57.90 17.62 38.09
N PRO F 139 58.90 18.40 37.65
CA PRO F 139 58.87 18.88 36.26
C PRO F 139 59.13 17.79 35.23
N ASP F 140 59.55 16.61 35.65
CA ASP F 140 59.75 15.47 34.75
C ASP F 140 58.64 14.43 34.86
N ALA F 141 57.61 14.70 35.67
CA ALA F 141 56.47 13.79 35.73
C ALA F 141 55.71 13.83 34.42
N SER F 142 55.21 12.66 34.00
CA SER F 142 54.49 12.58 32.73
C SER F 142 53.17 13.33 32.79
N TYR F 143 52.50 13.33 33.93
CA TYR F 143 51.22 14.02 34.08
C TYR F 143 50.95 14.25 35.56
N VAL F 144 49.89 15.04 35.81
CA VAL F 144 49.40 15.29 37.16
C VAL F 144 47.97 14.80 37.23
N TYR F 145 47.66 14.00 38.26
CA TYR F 145 46.35 13.40 38.43
C TYR F 145 45.65 14.03 39.63
N TYR F 146 44.33 14.18 39.51
CA TYR F 146 43.52 14.61 40.64
C TYR F 146 42.06 14.29 40.36
N CYS F 147 41.32 13.98 41.43
CA CYS F 147 39.92 13.63 41.34
C CYS F 147 39.07 14.85 41.70
N ALA F 148 38.21 15.27 40.77
CA ALA F 148 37.47 16.52 40.94
C ALA F 148 36.46 16.44 42.07
N ASN F 149 35.92 15.25 42.35
CA ASN F 149 34.87 15.11 43.36
C ASN F 149 35.00 13.73 44.00
N GLU F 150 35.19 13.71 45.32
CA GLU F 150 35.37 12.47 46.05
C GLU F 150 34.02 11.98 46.58
N THR F 151 33.53 10.88 46.02
CA THR F 151 32.16 10.43 46.29
C THR F 151 31.98 10.00 47.73
N VAL F 152 33.03 9.49 48.36
CA VAL F 152 32.90 8.96 49.72
C VAL F 152 33.08 10.04 50.78
N HIS F 153 33.99 10.99 50.54
CA HIS F 153 34.32 11.98 51.56
C HIS F 153 33.68 13.34 51.33
N GLY F 154 33.22 13.63 50.12
CA GLY F 154 32.56 14.90 49.88
C GLY F 154 33.47 16.09 49.67
N VAL F 155 34.63 15.87 49.04
CA VAL F 155 35.58 16.94 48.75
C VAL F 155 35.57 17.17 47.24
N GLU F 156 35.31 18.41 46.83
CA GLU F 156 35.14 18.74 45.42
C GLU F 156 35.94 19.99 45.07
N PHE F 157 36.61 19.95 43.91
CA PHE F 157 37.30 21.12 43.41
C PHE F 157 36.29 22.10 42.81
N ASP F 158 36.39 23.36 43.23
CA ASP F 158 35.67 24.46 42.58
C ASP F 158 36.63 25.31 41.75
N PHE F 159 37.69 24.69 41.25
CA PHE F 159 38.68 25.37 40.41
C PHE F 159 39.45 24.30 39.63
N ILE F 160 40.16 24.74 38.60
CA ILE F 160 41.05 23.89 37.84
C ILE F 160 42.48 24.19 38.31
N PRO F 161 43.16 23.24 38.96
CA PRO F 161 44.45 23.56 39.58
C PRO F 161 45.53 23.91 38.58
N ASP F 162 46.39 24.85 38.97
CA ASP F 162 47.56 25.22 38.17
C ASP F 162 48.66 24.20 38.41
N VAL F 163 49.10 23.53 37.35
CA VAL F 163 50.10 22.47 37.46
C VAL F 163 51.26 22.75 36.51
N LYS F 164 51.99 23.84 36.75
CA LYS F 164 53.07 24.30 35.87
C LYS F 164 52.48 24.47 34.49
N GLY F 165 52.98 23.78 33.46
CA GLY F 165 52.30 23.70 32.19
C GLY F 165 52.18 22.24 31.78
N ALA F 166 52.07 21.36 32.77
CA ALA F 166 52.11 19.93 32.55
C ALA F 166 50.74 19.40 32.11
N VAL F 167 50.74 18.14 31.68
CA VAL F 167 49.51 17.47 31.27
C VAL F 167 48.67 17.17 32.51
N LEU F 168 47.38 17.50 32.43
CA LEU F 168 46.47 17.38 33.56
C LEU F 168 45.46 16.27 33.29
N VAL F 169 45.30 15.37 34.25
CA VAL F 169 44.33 14.28 34.19
C VAL F 169 43.35 14.45 35.34
N CYS F 170 42.06 14.35 35.04
CA CYS F 170 41.01 14.62 36.02
C CYS F 170 39.96 13.52 36.00
N ASP F 171 39.58 13.07 37.20
CA ASP F 171 38.53 12.07 37.38
C ASP F 171 37.25 12.82 37.78
N MET F 172 36.31 12.92 36.84
CA MET F 172 35.06 13.63 37.07
C MET F 172 33.87 12.68 37.15
N SER F 173 34.10 11.44 37.59
CA SER F 173 33.04 10.43 37.55
C SER F 173 31.79 10.89 38.29
N SER F 174 31.96 11.53 39.44
CA SER F 174 30.85 11.91 40.29
C SER F 174 30.37 13.35 40.08
N ASN F 175 31.06 14.15 39.27
CA ASN F 175 30.59 15.50 38.96
C ASN F 175 30.65 15.81 37.47
N PHE F 176 30.62 14.78 36.62
CA PHE F 176 30.67 14.97 35.18
C PHE F 176 29.39 15.63 34.69
N LEU F 177 29.53 16.76 34.01
CA LEU F 177 28.44 17.54 33.45
C LEU F 177 27.50 18.09 34.52
N SER F 178 27.95 18.15 35.77
CA SER F 178 27.20 18.89 36.77
C SER F 178 27.39 20.39 36.61
N LYS F 179 28.53 20.80 36.05
CA LYS F 179 28.84 22.20 35.83
C LYS F 179 29.64 22.33 34.53
N PRO F 180 29.64 23.51 33.91
CA PRO F 180 30.52 23.72 32.76
C PRO F 180 31.97 23.52 33.15
N VAL F 181 32.76 23.07 32.17
CA VAL F 181 34.18 22.80 32.36
C VAL F 181 34.97 23.42 31.21
N ASP F 182 36.04 24.13 31.54
CA ASP F 182 36.98 24.62 30.53
C ASP F 182 37.84 23.44 30.10
N VAL F 183 37.38 22.72 29.07
CA VAL F 183 38.03 21.47 28.66
C VAL F 183 39.45 21.71 28.20
N SER F 184 39.74 22.88 27.61
CA SER F 184 41.05 23.13 27.02
C SER F 184 42.19 23.03 28.04
N LYS F 185 41.90 23.18 29.33
CA LYS F 185 42.93 23.12 30.36
C LYS F 185 43.38 21.69 30.67
N PHE F 186 42.65 20.68 30.20
CA PHE F 186 42.89 19.31 30.61
C PHE F 186 43.54 18.50 29.50
N GLY F 187 44.32 17.49 29.90
CA GLY F 187 44.91 16.55 28.97
C GLY F 187 44.02 15.34 28.77
N VAL F 188 43.47 14.81 29.87
CA VAL F 188 42.54 13.68 29.85
C VAL F 188 41.49 13.88 30.93
N ILE F 189 40.22 13.83 30.53
CA ILE F 189 39.10 13.79 31.46
C ILE F 189 38.38 12.48 31.25
N PHE F 190 38.08 11.76 32.33
CA PHE F 190 37.32 10.53 32.25
C PHE F 190 36.26 10.50 33.34
N ALA F 191 35.17 9.81 33.07
CA ALA F 191 34.07 9.73 34.02
C ALA F 191 33.26 8.48 33.76
N GLY F 192 32.92 7.77 34.82
CA GLY F 192 31.99 6.66 34.71
C GLY F 192 30.57 7.20 34.54
N ALA F 193 29.84 6.62 33.60
CA ALA F 193 28.50 7.15 33.29
C ALA F 193 27.49 6.84 34.38
N GLN F 194 27.73 5.81 35.21
CA GLN F 194 26.73 5.35 36.16
C GLN F 194 26.42 6.34 37.27
N LYS F 195 27.13 7.48 37.35
CA LYS F 195 26.85 8.45 38.39
C LYS F 195 25.91 9.54 37.90
N ASN F 196 26.42 10.45 37.09
CA ASN F 196 25.69 11.67 36.77
C ASN F 196 25.19 11.72 35.33
N VAL F 197 25.39 10.67 34.54
CA VAL F 197 25.12 10.82 33.11
C VAL F 197 24.69 9.51 32.46
N GLY F 198 24.34 8.52 33.25
CA GLY F 198 23.78 7.34 32.58
C GLY F 198 23.82 6.10 33.47
N SER F 199 24.01 4.96 32.83
CA SER F 199 23.97 3.65 33.47
C SER F 199 25.35 3.01 33.47
N ALA F 200 25.53 2.05 34.37
CA ALA F 200 26.80 1.36 34.52
C ALA F 200 27.09 0.48 33.31
N GLY F 201 28.35 0.48 32.88
CA GLY F 201 28.77 -0.35 31.78
C GLY F 201 29.64 0.35 30.76
N VAL F 202 29.73 1.69 30.85
CA VAL F 202 30.45 2.49 29.88
C VAL F 202 31.14 3.65 30.60
N THR F 203 32.29 4.04 30.07
CA THR F 203 33.09 5.13 30.62
C THR F 203 33.48 6.06 29.49
N VAL F 204 33.10 7.33 29.60
CA VAL F 204 33.45 8.35 28.61
C VAL F 204 34.83 8.91 28.96
N VAL F 205 35.68 9.05 27.94
CA VAL F 205 37.04 9.52 28.10
C VAL F 205 37.31 10.57 27.03
N ILE F 206 37.66 11.78 27.46
CA ILE F 206 37.99 12.87 26.56
C ILE F 206 39.50 13.10 26.63
N VAL F 207 40.17 12.93 25.49
CA VAL F 207 41.63 12.97 25.43
C VAL F 207 42.06 14.00 24.39
N ARG F 208 43.12 14.75 24.73
CA ARG F 208 43.73 15.65 23.76
C ARG F 208 44.50 14.83 22.72
N ASP F 209 44.29 15.16 21.44
CA ASP F 209 44.75 14.31 20.35
C ASP F 209 46.27 14.30 20.18
N ASP F 210 47.01 15.12 20.92
CA ASP F 210 48.47 15.06 20.88
C ASP F 210 49.03 14.07 21.89
N LEU F 211 48.19 13.47 22.73
CA LEU F 211 48.61 12.51 23.74
C LEU F 211 48.44 11.07 23.27
N LEU F 212 47.97 10.85 22.05
CA LEU F 212 47.85 9.50 21.53
C LEU F 212 49.21 9.03 21.01
N GLY F 213 49.48 7.74 21.21
CA GLY F 213 50.72 7.15 20.72
C GLY F 213 51.84 7.10 21.73
N PHE F 214 51.57 7.38 23.00
CA PHE F 214 52.57 7.26 24.06
C PHE F 214 52.29 6.08 24.98
N ALA F 215 51.35 5.21 24.62
CA ALA F 215 50.94 4.14 25.52
C ALA F 215 52.01 3.07 25.64
N LEU F 216 52.08 2.48 26.82
CA LEU F 216 53.01 1.38 27.05
C LEU F 216 52.59 0.15 26.24
N ARG F 217 53.55 -0.74 26.04
CA ARG F 217 53.29 -1.93 25.23
C ARG F 217 52.29 -2.87 25.88
N GLU F 218 52.29 -2.94 27.22
CA GLU F 218 51.38 -3.84 27.92
C GLU F 218 49.96 -3.29 28.03
N CYS F 219 49.70 -2.11 27.49
CA CYS F 219 48.35 -1.53 27.55
C CYS F 219 47.39 -2.36 26.71
N PRO F 220 46.33 -2.93 27.29
CA PRO F 220 45.39 -3.70 26.49
C PRO F 220 44.76 -2.86 25.40
N SER F 221 44.57 -3.48 24.23
CA SER F 221 44.09 -2.74 23.07
C SER F 221 42.74 -2.07 23.33
N VAL F 222 41.82 -2.79 23.99
CA VAL F 222 40.51 -2.25 24.30
C VAL F 222 40.58 -1.04 25.22
N LEU F 223 41.73 -0.79 25.85
CA LEU F 223 41.91 0.35 26.72
C LEU F 223 42.91 1.36 26.19
N GLU F 224 43.56 1.09 25.06
CA GLU F 224 44.51 2.03 24.49
C GLU F 224 43.77 3.14 23.76
N TYR F 225 44.02 4.39 24.17
CA TYR F 225 43.31 5.52 23.59
C TYR F 225 43.53 5.60 22.09
N LYS F 226 44.78 5.42 21.64
CA LYS F 226 45.09 5.55 20.22
C LYS F 226 44.30 4.55 19.39
N VAL F 227 44.24 3.30 19.85
CA VAL F 227 43.47 2.28 19.13
C VAL F 227 41.98 2.61 19.18
N GLN F 228 41.48 2.93 20.37
CA GLN F 228 40.04 3.15 20.53
C GLN F 228 39.59 4.43 19.84
N ALA F 229 40.44 5.45 19.79
CA ALA F 229 40.07 6.70 19.11
C ALA F 229 40.09 6.51 17.60
N GLY F 230 41.04 5.73 17.08
CA GLY F 230 41.11 5.47 15.66
C GLY F 230 39.94 4.67 15.12
N ASN F 231 39.28 3.88 15.97
CA ASN F 231 38.12 3.09 15.55
C ASN F 231 36.79 3.69 16.01
N SER F 232 36.80 4.93 16.49
CA SER F 232 35.59 5.61 16.96
C SER F 232 34.89 4.80 18.06
N SER F 233 35.68 4.25 18.98
CA SER F 233 35.23 3.43 20.10
C SER F 233 34.57 2.13 19.63
N LEU F 234 34.88 1.66 18.43
CA LEU F 234 34.30 0.43 17.88
C LEU F 234 35.39 -0.59 17.56
N TYR F 235 36.50 -0.57 18.29
CA TYR F 235 37.54 -1.56 18.09
C TYR F 235 37.02 -2.97 18.35
N ASN F 236 36.26 -3.14 19.43
CA ASN F 236 35.52 -4.37 19.67
C ASN F 236 34.07 -4.02 19.99
N THR F 237 33.28 -5.01 20.40
CA THR F 237 31.88 -4.75 20.72
C THR F 237 31.78 -3.83 21.93
N PRO F 238 31.28 -2.61 21.76
CA PRO F 238 31.19 -1.68 22.88
C PRO F 238 29.93 -1.93 23.69
N PRO F 239 29.79 -1.30 24.87
CA PRO F 239 28.54 -1.44 25.61
C PRO F 239 27.40 -0.69 24.93
N CYS F 240 26.74 -1.37 23.98
CA CYS F 240 25.80 -0.68 23.11
C CYS F 240 24.63 -0.09 23.88
N PHE F 241 23.97 -0.89 24.71
CA PHE F 241 22.82 -0.39 25.45
C PHE F 241 23.22 0.71 26.42
N SER F 242 24.43 0.62 27.01
CA SER F 242 24.88 1.64 27.94
C SER F 242 25.11 2.97 27.22
N ILE F 243 25.68 2.93 26.02
CA ILE F 243 25.88 4.15 25.24
C ILE F 243 24.54 4.76 24.85
N TYR F 244 23.58 3.90 24.48
CA TYR F 244 22.24 4.38 24.12
C TYR F 244 21.54 5.01 25.31
N VAL F 245 21.71 4.45 26.51
CA VAL F 245 21.11 5.05 27.70
C VAL F 245 21.76 6.40 28.00
N MET F 246 23.09 6.46 27.89
CA MET F 246 23.78 7.71 28.17
C MET F 246 23.34 8.82 27.22
N GLY F 247 23.14 8.48 25.96
CA GLY F 247 22.67 9.48 25.00
C GLY F 247 21.31 10.05 25.37
N LEU F 248 20.41 9.20 25.87
CA LEU F 248 19.11 9.68 26.31
C LEU F 248 19.25 10.57 27.53
N VAL F 249 20.13 10.21 28.46
CA VAL F 249 20.38 11.05 29.62
C VAL F 249 21.02 12.37 29.19
N LEU F 250 21.97 12.30 28.25
CA LEU F 250 22.56 13.51 27.70
C LEU F 250 21.51 14.37 27.02
N GLU F 251 20.61 13.75 26.27
CA GLU F 251 19.49 14.49 25.68
C GLU F 251 18.65 15.16 26.76
N TRP F 252 18.40 14.45 27.86
CA TRP F 252 17.63 15.03 28.95
C TRP F 252 18.36 16.23 29.57
N ILE F 253 19.69 16.16 29.64
CA ILE F 253 20.47 17.27 30.19
C ILE F 253 20.35 18.49 29.30
N LYS F 254 20.41 18.29 27.98
CA LYS F 254 20.31 19.42 27.06
C LYS F 254 18.93 20.05 27.13
N ASN F 255 17.88 19.24 27.29
CA ASN F 255 16.52 19.77 27.35
C ASN F 255 16.25 20.55 28.63
N ASN F 256 16.98 20.27 29.71
CA ASN F 256 16.77 20.94 30.98
C ASN F 256 17.76 22.07 31.23
N GLY F 257 18.45 22.53 30.19
CA GLY F 257 19.27 23.73 30.28
C GLY F 257 20.77 23.53 30.10
N GLY F 258 21.22 22.33 29.76
CA GLY F 258 22.63 22.11 29.58
C GLY F 258 23.40 22.14 30.89
N ALA F 259 24.73 22.20 30.75
CA ALA F 259 25.60 22.16 31.91
C ALA F 259 25.44 23.38 32.81
N ALA F 260 25.05 24.52 32.22
CA ALA F 260 24.86 25.73 33.01
C ALA F 260 23.72 25.57 34.00
N ALA F 261 22.62 24.94 33.57
CA ALA F 261 21.48 24.75 34.47
C ALA F 261 21.77 23.67 35.51
N MET F 262 22.54 22.64 35.12
CA MET F 262 22.86 21.58 36.07
C MET F 262 23.64 22.13 37.26
N GLU F 263 24.52 23.10 37.02
CA GLU F 263 25.26 23.71 38.12
C GLU F 263 24.35 24.48 39.06
N LYS F 264 23.39 25.21 38.49
CA LYS F 264 22.45 25.97 39.30
C LYS F 264 21.55 25.04 40.12
N LEU F 265 21.04 23.99 39.50
CA LEU F 265 20.27 22.99 40.24
C LEU F 265 21.12 22.36 41.33
N SER F 266 22.40 22.13 41.05
CA SER F 266 23.29 21.53 42.04
C SER F 266 23.63 22.49 43.17
N SER F 267 23.50 23.80 42.94
CA SER F 267 23.67 24.75 44.04
C SER F 267 22.48 24.70 44.98
N ILE F 268 21.26 24.67 44.43
CA ILE F 268 20.06 24.71 45.26
C ILE F 268 19.94 23.44 46.08
N LYS F 269 20.16 22.29 45.46
CA LYS F 269 20.02 21.02 46.17
C LYS F 269 21.06 20.89 47.27
N SER F 270 22.30 21.31 47.00
CA SER F 270 23.35 21.18 48.00
C SER F 270 23.18 22.18 49.14
N GLN F 271 22.83 23.43 48.79
CA GLN F 271 22.70 24.47 49.81
C GLN F 271 21.63 24.13 50.83
N THR F 272 20.42 23.79 50.35
CA THR F 272 19.31 23.50 51.26
C THR F 272 19.68 22.40 52.25
N ILE F 273 20.46 21.42 51.80
CA ILE F 273 20.90 20.35 52.70
C ILE F 273 22.04 20.83 53.60
N TYR F 274 22.97 21.63 53.05
CA TYR F 274 24.07 22.12 53.86
C TYR F 274 23.59 23.13 54.90
N GLU F 275 22.64 23.99 54.54
CA GLU F 275 22.15 24.98 55.49
C GLU F 275 21.40 24.33 56.65
N ILE F 276 20.79 23.17 56.43
CA ILE F 276 20.19 22.43 57.53
C ILE F 276 21.28 21.94 58.48
N ILE F 277 22.44 21.56 57.95
CA ILE F 277 23.54 21.10 58.78
C ILE F 277 24.24 22.26 59.47
N ASP F 278 24.45 23.37 58.76
CA ASP F 278 25.13 24.51 59.36
C ASP F 278 24.30 25.13 60.48
N ASN F 279 22.98 25.08 60.39
CA ASN F 279 22.10 25.60 61.43
C ASN F 279 21.67 24.51 62.43
N SER F 280 22.16 23.29 62.28
CA SER F 280 21.74 22.18 63.13
C SER F 280 22.20 22.31 64.57
N GLN F 281 22.97 23.36 64.89
CA GLN F 281 23.47 23.59 66.25
C GLN F 281 24.28 22.40 66.74
N GLY F 282 25.05 21.80 65.84
CA GLY F 282 25.90 20.66 66.15
C GLY F 282 25.25 19.31 65.96
N PHE F 283 23.93 19.26 65.73
CA PHE F 283 23.26 17.97 65.62
C PHE F 283 23.68 17.23 64.35
N TYR F 284 23.85 17.94 63.25
CA TYR F 284 24.45 17.40 62.04
C TYR F 284 25.81 18.04 61.83
N VAL F 285 26.83 17.23 61.59
CA VAL F 285 28.19 17.72 61.42
C VAL F 285 28.75 17.16 60.12
N CYS F 286 29.30 18.03 59.29
CA CYS F 286 29.96 17.66 58.04
C CYS F 286 31.43 18.02 58.15
N PRO F 287 32.33 17.05 58.22
CA PRO F 287 33.74 17.37 58.54
C PRO F 287 34.48 18.13 57.44
N VAL F 288 33.85 18.34 56.28
CA VAL F 288 34.55 18.96 55.15
C VAL F 288 34.58 20.47 55.33
N GLU F 289 35.71 21.07 54.96
CA GLU F 289 35.88 22.51 55.03
C GLU F 289 34.88 23.19 54.09
N PRO F 290 34.35 24.36 54.45
CA PRO F 290 33.28 24.97 53.62
C PRO F 290 33.68 25.26 52.19
N GLN F 291 34.96 25.61 51.95
CA GLN F 291 35.40 25.94 50.60
C GLN F 291 35.53 24.72 49.69
N ASN F 292 35.43 23.51 50.24
CA ASN F 292 35.61 22.29 49.45
C ASN F 292 34.44 21.32 49.61
N ARG F 293 33.31 21.79 50.13
CA ARG F 293 32.15 20.93 50.30
C ARG F 293 31.58 20.53 48.94
N SER F 294 31.47 19.22 48.72
CA SER F 294 30.96 18.73 47.44
C SER F 294 29.49 19.05 47.30
N LYS F 295 29.09 19.39 46.07
CA LYS F 295 27.70 19.65 45.75
C LYS F 295 26.97 18.41 45.25
N MET F 296 27.69 17.33 44.99
CA MET F 296 27.11 16.07 44.53
C MET F 296 26.90 15.06 45.64
N ASN F 297 27.87 14.92 46.54
CA ASN F 297 27.80 13.98 47.65
C ASN F 297 27.98 14.74 48.96
N ILE F 298 27.07 14.51 49.89
CA ILE F 298 27.09 15.16 51.20
C ILE F 298 27.11 14.07 52.26
N PRO F 299 28.29 13.72 52.78
CA PRO F 299 28.34 12.80 53.92
C PRO F 299 28.39 13.56 55.24
N PHE F 300 27.53 13.18 56.19
CA PHE F 300 27.47 13.87 57.46
C PHE F 300 27.23 12.87 58.59
N ARG F 301 27.51 13.32 59.81
CA ARG F 301 27.25 12.57 61.03
C ARG F 301 26.12 13.23 61.80
N ILE F 302 25.50 12.45 62.68
CA ILE F 302 24.33 12.87 63.45
C ILE F 302 24.71 12.96 64.92
N GLY F 303 24.40 14.11 65.53
CA GLY F 303 24.61 14.28 66.96
C GLY F 303 25.97 14.84 67.31
N ASN F 304 27.02 14.10 66.99
CA ASN F 304 28.37 14.50 67.35
C ASN F 304 29.32 14.16 66.22
N ALA F 305 30.52 14.75 66.27
CA ALA F 305 31.47 14.58 65.18
C ALA F 305 31.93 13.14 65.05
N LYS F 306 31.89 12.37 66.13
CA LYS F 306 32.29 10.97 66.07
C LYS F 306 31.21 10.06 65.52
N GLY F 307 29.95 10.50 65.56
CA GLY F 307 28.87 9.72 64.98
C GLY F 307 28.10 8.88 65.96
N ASP F 308 26.93 9.36 66.38
CA ASP F 308 26.08 8.60 67.29
C ASP F 308 25.40 7.49 66.53
N ASP F 309 25.86 6.25 66.75
CA ASP F 309 25.36 5.12 65.97
C ASP F 309 23.87 4.88 66.22
N ALA F 310 23.44 5.03 67.47
CA ALA F 310 22.02 4.81 67.79
C ALA F 310 21.12 5.77 67.03
N LEU F 311 21.55 7.03 66.90
CA LEU F 311 20.75 8.02 66.21
C LEU F 311 20.76 7.82 64.69
N GLU F 312 21.87 7.29 64.15
CA GLU F 312 21.98 7.13 62.71
C GLU F 312 21.08 6.02 62.19
N LYS F 313 21.05 4.87 62.88
CA LYS F 313 20.20 3.76 62.44
C LYS F 313 18.73 4.15 62.46
N ARG F 314 18.30 4.87 63.50
CA ARG F 314 16.94 5.39 63.53
C ARG F 314 16.69 6.35 62.37
N PHE F 315 17.71 7.10 61.96
CA PHE F 315 17.59 7.98 60.80
C PHE F 315 17.44 7.18 59.52
N LEU F 316 18.24 6.13 59.35
CA LEU F 316 18.17 5.33 58.14
C LEU F 316 16.87 4.54 58.06
N ASP F 317 16.49 3.89 59.16
CA ASP F 317 15.28 3.06 59.15
C ASP F 317 14.04 3.91 58.92
N LYS F 318 13.96 5.09 59.55
CA LYS F 318 12.82 5.96 59.34
C LYS F 318 12.86 6.62 57.96
N ALA F 319 14.05 6.78 57.38
CA ALA F 319 14.12 7.24 55.99
C ALA F 319 13.72 6.14 55.03
N LEU F 320 13.96 4.88 55.39
CA LEU F 320 13.62 3.76 54.52
C LEU F 320 12.10 3.60 54.41
N GLU F 321 11.40 3.67 55.55
CA GLU F 321 9.94 3.58 55.52
C GLU F 321 9.32 4.75 54.79
N LEU F 322 10.06 5.85 54.61
CA LEU F 322 9.63 6.98 53.79
C LEU F 322 10.10 6.86 52.35
N ASN F 323 10.55 5.69 51.93
CA ASN F 323 10.93 5.41 50.54
C ASN F 323 12.06 6.33 50.07
N MET F 324 13.08 6.49 50.90
CA MET F 324 14.31 7.21 50.54
C MET F 324 15.46 6.22 50.59
N LEU F 325 16.00 5.86 49.43
CA LEU F 325 16.94 4.76 49.33
C LEU F 325 18.38 5.26 49.28
N SER F 326 19.29 4.40 49.75
CA SER F 326 20.73 4.58 49.60
C SER F 326 21.23 5.83 50.32
N LEU F 327 20.61 6.17 51.46
CA LEU F 327 21.14 7.24 52.28
C LEU F 327 22.25 6.77 53.21
N LYS F 328 22.38 5.45 53.40
CA LYS F 328 23.47 4.91 54.21
C LYS F 328 24.82 5.29 53.61
N GLY F 329 25.66 5.93 54.43
CA GLY F 329 26.98 6.34 53.99
C GLY F 329 27.84 5.17 53.54
N HIS F 330 29.03 5.45 53.01
CA HIS F 330 29.90 4.39 52.53
C HIS F 330 30.31 3.47 53.68
N ARG F 331 30.68 2.25 53.34
CA ARG F 331 31.08 1.28 54.36
C ARG F 331 32.33 1.73 55.10
N SER F 332 33.25 2.39 54.41
CA SER F 332 34.52 2.81 54.99
C SER F 332 34.44 4.11 55.77
N VAL F 333 33.26 4.71 55.90
CA VAL F 333 33.09 5.96 56.65
C VAL F 333 31.90 5.82 57.58
N GLY F 334 30.91 5.03 57.16
CA GLY F 334 29.70 4.95 57.94
C GLY F 334 28.94 6.27 57.86
N GLY F 335 28.09 6.48 58.85
CA GLY F 335 27.33 7.71 58.86
C GLY F 335 26.35 7.77 57.70
N ILE F 336 25.94 8.99 57.38
CA ILE F 336 24.92 9.24 56.36
C ILE F 336 25.59 9.95 55.18
N ARG F 337 25.20 9.56 53.97
CA ARG F 337 25.62 10.23 52.75
C ARG F 337 24.40 10.45 51.87
N ALA F 338 24.25 11.68 51.37
CA ALA F 338 23.15 12.04 50.49
C ALA F 338 23.72 12.45 49.14
N SER F 339 23.42 11.68 48.10
CA SER F 339 23.92 11.92 46.76
C SER F 339 22.89 12.71 45.95
N LEU F 340 23.34 13.81 45.35
CA LEU F 340 22.44 14.79 44.70
C LEU F 340 22.86 14.99 43.23
N TYR F 341 22.81 13.92 42.46
CA TYR F 341 23.20 13.98 41.06
C TYR F 341 22.10 14.68 40.26
N ASN F 342 22.28 14.75 38.93
CA ASN F 342 21.42 15.58 38.11
C ASN F 342 19.98 15.09 38.10
N ALA F 343 19.77 13.78 38.07
CA ALA F 343 18.41 13.25 38.03
C ALA F 343 17.64 13.57 39.32
N VAL F 344 18.33 13.65 40.45
CA VAL F 344 17.71 13.99 41.72
C VAL F 344 17.06 15.37 41.61
N THR F 345 15.74 15.41 41.63
CA THR F 345 15.01 16.66 41.45
C THR F 345 15.06 17.49 42.73
N ILE F 346 14.60 18.74 42.63
CA ILE F 346 14.55 19.60 43.81
C ILE F 346 13.40 19.19 44.73
N GLU F 347 12.35 18.56 44.18
CA GLU F 347 11.30 18.01 45.01
C GLU F 347 11.82 16.86 45.86
N ASP F 348 12.74 16.07 45.32
CA ASP F 348 13.32 14.97 46.06
C ASP F 348 14.22 15.47 47.20
N VAL F 349 14.94 16.57 46.97
CA VAL F 349 15.78 17.13 48.01
C VAL F 349 14.92 17.77 49.09
N GLN F 350 13.77 18.32 48.73
CA GLN F 350 12.88 18.90 49.73
C GLN F 350 12.33 17.84 50.68
N LYS F 351 11.98 16.67 50.14
CA LYS F 351 11.56 15.56 51.00
C LYS F 351 12.66 15.20 52.00
N LEU F 352 13.91 15.17 51.55
CA LEU F 352 15.02 14.97 52.45
C LEU F 352 15.22 16.16 53.38
N ALA F 353 14.97 17.38 52.89
CA ALA F 353 15.13 18.57 53.73
C ALA F 353 14.08 18.59 54.83
N ALA F 354 12.82 18.33 54.49
CA ALA F 354 11.77 18.30 55.50
C ALA F 354 11.96 17.14 56.47
N PHE F 355 12.51 16.02 55.99
CA PHE F 355 12.72 14.86 56.86
C PHE F 355 13.87 15.09 57.82
N MET F 356 14.90 15.83 57.40
CA MET F 356 16.03 16.10 58.29
C MET F 356 15.71 17.16 59.33
N LYS F 357 14.86 18.14 58.99
CA LYS F 357 14.43 19.12 59.98
C LYS F 357 13.49 18.49 60.99
N LYS F 358 12.64 17.57 60.55
CA LYS F 358 11.72 16.91 61.48
C LYS F 358 12.45 15.93 62.38
N PHE F 359 13.43 15.20 61.83
CA PHE F 359 14.21 14.27 62.65
C PHE F 359 15.06 15.00 63.68
N LEU F 360 15.51 16.21 63.34
CA LEU F 360 16.22 17.03 64.34
C LEU F 360 15.25 17.56 65.38
N GLU F 361 14.03 17.92 64.96
CA GLU F 361 13.03 18.42 65.89
C GLU F 361 12.61 17.36 66.91
N MET F 362 12.86 16.09 66.62
CA MET F 362 12.44 15.00 67.49
C MET F 362 13.59 14.38 68.29
N HIS F 363 14.84 14.80 68.07
CA HIS F 363 15.96 14.16 68.74
C HIS F 363 16.93 15.14 69.37
N GLN F 364 16.86 16.43 69.06
CA GLN F 364 17.85 17.39 69.50
C GLN F 364 17.47 18.00 70.85
N LEU F 365 18.48 18.49 71.56
CA LEU F 365 18.29 19.15 72.85
C LEU F 365 18.06 20.64 72.67
N GLN G 29 -0.16 14.82 -10.15
CA GLN G 29 -1.16 14.77 -9.08
C GLN G 29 -1.07 16.02 -8.21
N VAL G 30 0.11 16.63 -8.19
CA VAL G 30 0.35 17.78 -7.32
C VAL G 30 -0.43 18.99 -7.81
N VAL G 31 -1.07 19.70 -6.89
CA VAL G 31 -1.84 20.91 -7.17
C VAL G 31 -1.17 22.06 -6.42
N ASN G 32 -0.60 23.00 -7.15
CA ASN G 32 0.28 24.02 -6.59
C ASN G 32 -0.50 25.32 -6.43
N PHE G 33 -0.80 25.68 -5.19
CA PHE G 33 -1.47 26.94 -4.88
C PHE G 33 -0.51 28.00 -4.33
N GLY G 34 0.73 28.02 -4.82
CA GLY G 34 1.74 28.93 -4.32
C GLY G 34 1.37 30.38 -4.50
N PRO G 35 1.79 31.22 -3.55
CA PRO G 35 1.44 32.65 -3.62
C PRO G 35 2.36 33.45 -4.53
N GLY G 36 3.61 33.02 -4.69
CA GLY G 36 4.58 33.76 -5.45
C GLY G 36 6.00 33.51 -4.96
N PRO G 37 6.77 32.68 -5.68
CA PRO G 37 6.54 32.01 -6.96
C PRO G 37 5.31 31.09 -6.96
N ALA G 38 4.71 30.91 -8.14
CA ALA G 38 3.48 30.14 -8.27
C ALA G 38 3.69 29.05 -9.31
N LYS G 39 2.61 28.32 -9.59
CA LYS G 39 2.64 27.25 -10.58
C LYS G 39 2.74 27.79 -12.00
N LEU G 40 3.52 27.10 -12.84
CA LEU G 40 3.59 27.41 -14.26
C LEU G 40 2.82 26.37 -15.06
N PRO G 41 2.29 26.74 -16.23
CA PRO G 41 1.56 25.77 -17.06
C PRO G 41 2.43 24.56 -17.39
N HIS G 42 1.82 23.37 -17.29
CA HIS G 42 2.57 22.15 -17.51
C HIS G 42 3.13 22.08 -18.93
N SER G 43 2.44 22.67 -19.90
CA SER G 43 2.94 22.68 -21.27
C SER G 43 4.19 23.55 -21.39
N VAL G 44 4.22 24.68 -20.69
CA VAL G 44 5.38 25.57 -20.77
C VAL G 44 6.62 24.88 -20.23
N LEU G 45 6.51 24.28 -19.04
CA LEU G 45 7.64 23.57 -18.45
C LEU G 45 8.14 22.47 -19.37
N LEU G 46 7.24 21.82 -20.11
CA LEU G 46 7.65 20.76 -21.01
C LEU G 46 8.54 21.30 -22.13
N GLU G 47 8.19 22.46 -22.69
CA GLU G 47 9.00 23.02 -23.75
C GLU G 47 10.35 23.48 -23.22
N ILE G 48 10.36 24.11 -22.04
CA ILE G 48 11.63 24.52 -21.43
C ILE G 48 12.54 23.32 -21.24
N GLN G 49 11.97 22.18 -20.82
CA GLN G 49 12.77 20.98 -20.62
C GLN G 49 13.27 20.44 -21.94
N LYS G 50 12.41 20.35 -22.95
CA LYS G 50 12.77 19.71 -24.20
C LYS G 50 13.94 20.43 -24.88
N GLU G 51 13.93 21.76 -24.88
CA GLU G 51 14.95 22.56 -25.55
C GLU G 51 15.89 23.24 -24.56
N LEU G 52 16.09 22.63 -23.39
CA LEU G 52 17.00 23.22 -22.41
C LEU G 52 18.46 23.14 -22.86
N LEU G 53 18.83 22.09 -23.58
CA LEU G 53 20.22 21.92 -23.99
C LEU G 53 20.50 22.47 -25.38
N ASP G 54 19.46 22.65 -26.22
CA ASP G 54 19.63 22.99 -27.62
C ASP G 54 18.40 23.80 -28.03
N TYR G 55 18.41 25.08 -27.66
CA TYR G 55 17.27 25.96 -27.91
C TYR G 55 17.01 26.12 -29.40
N LYS G 56 16.05 25.35 -29.91
CA LYS G 56 15.59 25.46 -31.30
C LYS G 56 16.77 25.35 -32.27
N GLY G 57 17.59 24.31 -32.06
CA GLY G 57 18.65 23.96 -32.99
C GLY G 57 19.91 24.79 -32.91
N VAL G 58 19.91 25.90 -32.16
CA VAL G 58 21.07 26.79 -32.12
C VAL G 58 22.31 26.05 -31.63
N GLY G 59 22.15 25.07 -30.74
CA GLY G 59 23.27 24.31 -30.22
C GLY G 59 23.69 24.68 -28.81
N ILE G 60 23.04 25.67 -28.21
CA ILE G 60 23.34 26.07 -26.84
C ILE G 60 22.03 26.26 -26.08
N SER G 61 22.15 26.31 -24.76
CA SER G 61 21.04 26.62 -23.88
C SER G 61 20.72 28.11 -23.92
N VAL G 62 19.55 28.46 -23.39
CA VAL G 62 19.28 29.87 -23.12
C VAL G 62 20.17 30.35 -21.97
N LEU G 63 20.46 29.46 -21.02
CA LEU G 63 21.34 29.80 -19.90
C LEU G 63 22.75 30.19 -20.36
N GLU G 64 23.15 29.77 -21.56
CA GLU G 64 24.43 30.11 -22.14
C GLU G 64 24.33 31.21 -23.18
N MET G 65 23.13 31.69 -23.51
CA MET G 65 22.97 32.67 -24.57
C MET G 65 23.46 34.04 -24.13
N SER G 66 24.25 34.67 -24.99
CA SER G 66 24.66 36.04 -24.76
C SER G 66 23.50 36.99 -25.07
N HIS G 67 23.24 37.91 -24.13
CA HIS G 67 22.16 38.87 -24.31
C HIS G 67 22.39 39.79 -25.50
N ARG G 68 23.60 39.78 -26.03
CA ARG G 68 23.93 40.64 -27.19
C ARG G 68 23.85 39.84 -28.48
N SER G 69 23.36 38.59 -28.42
CA SER G 69 23.27 37.76 -29.60
C SER G 69 22.01 38.08 -30.41
N SER G 70 22.05 37.69 -31.68
CA SER G 70 20.86 37.82 -32.52
C SER G 70 19.74 36.91 -32.04
N ASP G 71 20.10 35.78 -31.41
CA ASP G 71 19.08 34.83 -30.96
C ASP G 71 18.31 35.39 -29.77
N PHE G 72 19.01 35.94 -28.78
CA PHE G 72 18.30 36.44 -27.60
C PHE G 72 17.54 37.73 -27.90
N ALA G 73 18.04 38.53 -28.84
CA ALA G 73 17.30 39.73 -29.23
C ALA G 73 15.91 39.36 -29.74
N LYS G 74 15.81 38.28 -30.50
CA LYS G 74 14.51 37.81 -30.97
C LYS G 74 13.60 37.44 -29.80
N ILE G 75 14.18 36.89 -28.73
CA ILE G 75 13.38 36.42 -27.60
C ILE G 75 12.81 37.59 -26.81
N ILE G 76 13.67 38.54 -26.43
CA ILE G 76 13.20 39.66 -25.62
C ILE G 76 12.27 40.56 -26.42
N ASN G 77 12.50 40.69 -27.73
CA ASN G 77 11.57 41.45 -28.55
C ASN G 77 10.23 40.74 -28.66
N ASN G 78 10.25 39.41 -28.68
CA ASN G 78 9.01 38.64 -28.69
C ASN G 78 8.22 38.87 -27.41
N THR G 79 8.91 38.82 -26.27
CA THR G 79 8.23 39.02 -24.99
C THR G 79 7.62 40.40 -24.89
N GLU G 80 8.35 41.43 -25.34
CA GLU G 80 7.82 42.78 -25.32
C GLU G 80 6.58 42.90 -26.20
N ASN G 81 6.62 42.30 -27.39
CA ASN G 81 5.47 42.37 -28.29
C ASN G 81 4.25 41.70 -27.67
N LEU G 82 4.45 40.61 -26.93
CA LEU G 82 3.32 39.92 -26.31
C LEU G 82 2.70 40.74 -25.20
N VAL G 83 3.54 41.43 -24.40
CA VAL G 83 3.01 42.29 -23.36
C VAL G 83 2.17 43.41 -23.97
N ARG G 84 2.67 44.02 -25.05
CA ARG G 84 1.91 45.09 -25.70
C ARG G 84 0.61 44.56 -26.29
N GLU G 85 0.65 43.36 -26.86
CA GLU G 85 -0.55 42.82 -27.52
C GLU G 85 -1.60 42.43 -26.50
N LEU G 86 -1.19 41.74 -25.43
CA LEU G 86 -2.15 41.20 -24.46
C LEU G 86 -2.80 42.30 -23.64
N LEU G 87 -2.04 43.32 -23.27
CA LEU G 87 -2.57 44.43 -22.47
C LEU G 87 -3.02 45.61 -23.31
N ALA G 88 -2.84 45.56 -24.62
CA ALA G 88 -3.14 46.69 -25.51
C ALA G 88 -2.41 47.95 -25.04
N VAL G 89 -1.09 47.83 -24.94
CA VAL G 89 -0.23 48.92 -24.50
C VAL G 89 -0.09 49.94 -25.62
N PRO G 90 -0.51 51.19 -25.42
CA PRO G 90 -0.37 52.20 -26.47
C PRO G 90 1.09 52.44 -26.81
N ASP G 91 1.30 53.06 -27.98
CA ASP G 91 2.65 53.25 -28.49
C ASP G 91 3.46 54.23 -27.65
N ASN G 92 2.80 55.17 -26.98
CA ASN G 92 3.47 56.17 -26.16
C ASN G 92 3.91 55.63 -24.80
N TYR G 93 4.02 54.31 -24.65
CA TYR G 93 4.47 53.69 -23.42
C TYR G 93 5.67 52.80 -23.69
N LYS G 94 6.64 52.83 -22.78
CA LYS G 94 7.82 51.97 -22.85
C LYS G 94 7.59 50.73 -21.99
N VAL G 95 7.98 49.58 -22.52
CA VAL G 95 7.89 48.30 -21.81
C VAL G 95 9.33 47.83 -21.56
N ILE G 96 9.72 47.79 -20.29
CA ILE G 96 11.08 47.43 -19.91
C ILE G 96 11.05 46.31 -18.89
N PHE G 97 12.08 45.47 -18.92
CA PHE G 97 12.25 44.37 -17.98
C PHE G 97 13.46 44.67 -17.11
N LEU G 98 13.26 44.67 -15.80
CA LEU G 98 14.30 45.01 -14.84
C LEU G 98 14.43 43.90 -13.81
N GLN G 99 15.53 43.94 -13.07
CA GLN G 99 15.74 43.04 -11.95
C GLN G 99 15.37 43.75 -10.65
N GLY G 100 15.30 42.98 -9.57
CA GLY G 100 14.98 43.49 -8.25
C GLY G 100 13.64 43.07 -7.71
N GLY G 101 12.81 42.40 -8.50
CA GLY G 101 11.52 41.97 -8.02
C GLY G 101 10.55 43.14 -7.87
N GLY G 102 9.45 42.85 -7.17
CA GLY G 102 8.49 43.90 -6.87
C GLY G 102 9.04 44.90 -5.87
N CYS G 103 9.67 44.40 -4.80
CA CYS G 103 10.28 45.29 -3.82
C CYS G 103 11.37 46.15 -4.45
N GLY G 104 11.96 45.70 -5.55
CA GLY G 104 12.90 46.53 -6.28
C GLY G 104 12.26 47.78 -6.85
N GLN G 105 10.98 47.70 -7.20
CA GLN G 105 10.26 48.88 -7.67
C GLN G 105 9.73 49.73 -6.53
N PHE G 106 9.65 49.18 -5.31
CA PHE G 106 9.30 50.00 -4.16
C PHE G 106 10.31 51.13 -3.96
N SER G 107 11.54 50.93 -4.42
CA SER G 107 12.56 51.96 -4.44
C SER G 107 12.71 52.63 -5.81
N ALA G 108 12.52 51.87 -6.89
CA ALA G 108 12.75 52.41 -8.23
C ALA G 108 11.70 53.45 -8.63
N VAL G 109 10.47 53.29 -8.16
CA VAL G 109 9.39 54.21 -8.50
C VAL G 109 9.63 55.58 -7.87
N PRO G 110 9.97 55.69 -6.58
CA PRO G 110 10.30 57.02 -6.05
C PRO G 110 11.56 57.61 -6.67
N LEU G 111 12.61 56.81 -6.84
CA LEU G 111 13.86 57.31 -7.42
C LEU G 111 13.64 57.89 -8.81
N ASN G 112 12.69 57.34 -9.57
CA ASN G 112 12.47 57.76 -10.95
C ASN G 112 11.42 58.85 -11.10
N LEU G 113 10.50 58.99 -10.15
CA LEU G 113 9.33 59.85 -10.37
C LEU G 113 9.04 60.83 -9.23
N ILE G 114 9.63 60.69 -8.06
CA ILE G 114 9.30 61.61 -6.98
C ILE G 114 9.83 63.00 -7.24
N GLY G 115 10.80 63.12 -8.14
CA GLY G 115 11.27 64.41 -8.57
C GLY G 115 10.45 65.07 -9.66
N LEU G 116 9.37 64.42 -10.10
CA LEU G 116 8.52 65.01 -11.13
C LEU G 116 7.94 66.35 -10.69
N LYS G 117 7.74 66.53 -9.39
CA LYS G 117 7.39 67.82 -8.82
C LYS G 117 8.38 68.14 -7.71
N ALA G 118 8.76 69.42 -7.61
CA ALA G 118 9.84 69.81 -6.71
C ALA G 118 9.56 69.51 -5.25
N GLY G 119 8.29 69.31 -4.89
CA GLY G 119 7.94 69.07 -3.50
C GLY G 119 8.45 67.75 -2.95
N ARG G 120 8.76 66.78 -3.82
CA ARG G 120 9.20 65.45 -3.42
C ARG G 120 8.16 64.77 -2.52
N CYS G 121 6.89 65.00 -2.84
CA CYS G 121 5.77 64.41 -2.11
C CYS G 121 5.07 63.40 -3.00
N ALA G 122 4.57 62.33 -2.38
CA ALA G 122 3.88 61.27 -3.10
C ALA G 122 2.76 60.73 -2.24
N ASP G 123 1.65 60.37 -2.88
CA ASP G 123 0.48 59.84 -2.19
C ASP G 123 0.45 58.32 -2.33
N TYR G 124 0.21 57.62 -1.23
CA TYR G 124 0.20 56.16 -1.19
C TYR G 124 -1.09 55.68 -0.56
N VAL G 125 -1.76 54.75 -1.23
CA VAL G 125 -3.00 54.17 -0.74
C VAL G 125 -2.66 52.81 -0.14
N VAL G 126 -2.83 52.67 1.17
CA VAL G 126 -2.43 51.47 1.90
C VAL G 126 -3.67 50.62 2.12
N THR G 127 -3.84 49.58 1.31
CA THR G 127 -4.91 48.61 1.49
C THR G 127 -4.43 47.28 2.02
N GLY G 128 -3.12 47.05 2.08
CA GLY G 128 -2.60 45.81 2.60
C GLY G 128 -1.11 45.89 2.85
N ALA G 129 -0.51 44.72 3.11
CA ALA G 129 0.87 44.68 3.54
C ALA G 129 1.86 45.05 2.44
N TRP G 130 1.45 44.99 1.17
CA TRP G 130 2.38 45.29 0.08
C TRP G 130 2.36 46.77 -0.30
N SER G 131 1.21 47.42 -0.24
CA SER G 131 1.20 48.87 -0.35
C SER G 131 1.74 49.52 0.90
N ALA G 132 1.54 48.89 2.06
CA ALA G 132 2.13 49.38 3.30
C ALA G 132 3.65 49.30 3.25
N LYS G 133 4.17 48.14 2.83
CA LYS G 133 5.63 48.00 2.70
C LYS G 133 6.18 48.94 1.63
N ALA G 134 5.38 49.22 0.59
CA ALA G 134 5.82 50.12 -0.46
C ALA G 134 5.79 51.58 0.00
N ALA G 135 4.89 51.91 0.91
CA ALA G 135 4.81 53.29 1.41
C ALA G 135 5.98 53.59 2.35
N GLU G 136 6.33 52.64 3.21
CA GLU G 136 7.47 52.82 4.10
C GLU G 136 8.76 52.99 3.30
N GLU G 137 8.99 52.12 2.31
CA GLU G 137 10.19 52.22 1.48
C GLU G 137 10.25 53.56 0.77
N ALA G 138 9.10 54.16 0.46
CA ALA G 138 9.08 55.42 -0.27
C ALA G 138 9.55 56.59 0.58
N LYS G 139 9.55 56.45 1.91
CA LYS G 139 9.98 57.55 2.78
C LYS G 139 11.47 57.83 2.65
N LYS G 140 12.25 56.88 2.15
CA LYS G 140 13.69 57.08 1.96
C LYS G 140 14.01 58.10 0.88
N PHE G 141 13.02 58.50 0.07
CA PHE G 141 13.29 59.34 -1.09
C PHE G 141 12.39 60.57 -1.13
N GLY G 142 11.65 60.86 -0.08
CA GLY G 142 10.80 62.02 -0.06
C GLY G 142 9.80 61.94 1.08
N THR G 143 8.92 62.95 1.11
CA THR G 143 7.88 63.03 2.13
C THR G 143 6.63 62.33 1.61
N ILE G 144 6.30 61.19 2.20
CA ILE G 144 5.19 60.37 1.76
C ILE G 144 4.01 60.59 2.69
N ASN G 145 2.82 60.70 2.10
CA ASN G 145 1.58 60.94 2.85
C ASN G 145 0.58 59.86 2.50
N ILE G 146 0.11 59.12 3.50
CA ILE G 146 -0.92 58.11 3.30
C ILE G 146 -2.27 58.82 3.19
N VAL G 147 -3.05 58.44 2.18
CA VAL G 147 -4.21 59.22 1.76
C VAL G 147 -5.45 58.99 2.61
N HIS G 148 -5.43 57.99 3.49
CA HIS G 148 -6.63 57.67 4.26
C HIS G 148 -6.23 57.30 5.69
N PRO G 149 -7.18 57.26 6.64
CA PRO G 149 -6.84 56.81 7.98
C PRO G 149 -6.49 55.32 7.99
N LYS G 150 -5.60 54.95 8.91
CA LYS G 150 -5.23 53.55 9.06
C LYS G 150 -6.44 52.72 9.45
N LEU G 151 -6.63 51.60 8.74
CA LEU G 151 -7.74 50.72 9.02
C LEU G 151 -7.43 49.85 10.24
N GLY G 152 -8.47 49.52 10.99
CA GLY G 152 -8.32 48.52 12.04
C GLY G 152 -7.93 47.16 11.48
N SER G 153 -8.36 46.87 10.26
CA SER G 153 -8.00 45.65 9.56
C SER G 153 -8.06 45.90 8.06
N TYR G 154 -7.16 45.25 7.33
CA TYR G 154 -7.10 45.36 5.87
C TYR G 154 -8.19 44.48 5.25
N THR G 155 -9.43 44.91 5.44
CA THR G 155 -10.60 44.14 4.99
C THR G 155 -11.42 44.87 3.93
N LYS G 156 -11.08 46.11 3.59
CA LYS G 156 -11.83 46.84 2.59
C LYS G 156 -10.94 47.87 1.93
N ILE G 157 -11.45 48.47 0.86
CA ILE G 157 -10.80 49.59 0.18
C ILE G 157 -11.42 50.87 0.71
N PRO G 158 -10.63 51.79 1.28
CA PRO G 158 -11.17 53.09 1.65
C PRO G 158 -11.84 53.77 0.46
N ASP G 159 -12.98 54.41 0.73
CA ASP G 159 -13.76 55.03 -0.33
C ASP G 159 -12.92 56.07 -1.08
N PRO G 160 -12.82 55.99 -2.41
CA PRO G 160 -11.99 56.97 -3.14
C PRO G 160 -12.39 58.42 -2.92
N SER G 161 -13.67 58.70 -2.67
CA SER G 161 -14.07 60.07 -2.39
C SER G 161 -13.58 60.56 -1.03
N THR G 162 -13.23 59.65 -0.13
CA THR G 162 -12.68 60.00 1.17
C THR G 162 -11.16 60.17 1.13
N TRP G 163 -10.57 60.22 -0.07
CA TRP G 163 -9.13 60.32 -0.20
C TRP G 163 -8.67 61.76 -0.07
N ASN G 164 -7.62 61.97 0.73
CA ASN G 164 -7.02 63.28 0.93
C ASN G 164 -5.83 63.39 -0.02
N LEU G 165 -6.09 63.86 -1.23
CA LEU G 165 -5.06 63.92 -2.27
C LEU G 165 -4.26 65.22 -2.17
N ASN G 166 -2.94 65.09 -2.30
CA ASN G 166 -2.06 66.24 -2.38
C ASN G 166 -1.96 66.68 -3.83
N PRO G 167 -2.51 67.83 -4.21
CA PRO G 167 -2.42 68.26 -5.61
C PRO G 167 -1.00 68.50 -6.09
N ASP G 168 -0.07 68.74 -5.18
CA ASP G 168 1.33 68.97 -5.53
C ASP G 168 2.20 67.73 -5.34
N ALA G 169 1.58 66.57 -5.12
CA ALA G 169 2.35 65.34 -5.00
C ALA G 169 2.83 64.89 -6.38
N SER G 170 4.00 64.26 -6.39
CA SER G 170 4.59 63.84 -7.67
C SER G 170 3.76 62.75 -8.33
N TYR G 171 3.24 61.81 -7.56
CA TYR G 171 2.42 60.73 -8.09
C TYR G 171 1.51 60.21 -7.00
N VAL G 172 0.64 59.26 -7.38
CA VAL G 172 -0.26 58.57 -6.46
C VAL G 172 -0.10 57.08 -6.67
N TYR G 173 0.24 56.35 -5.61
CA TYR G 173 0.57 54.94 -5.67
C TYR G 173 -0.50 54.11 -4.99
N TYR G 174 -0.74 52.92 -5.52
CA TYR G 174 -1.63 51.96 -4.88
C TYR G 174 -1.32 50.57 -5.42
N CYS G 175 -1.78 49.55 -4.68
CA CYS G 175 -1.57 48.16 -5.04
C CYS G 175 -2.90 47.56 -5.47
N ALA G 176 -2.95 47.03 -6.69
CA ALA G 176 -4.22 46.57 -7.25
C ALA G 176 -4.72 45.30 -6.59
N ASN G 177 -3.81 44.41 -6.18
CA ASN G 177 -4.19 43.14 -5.58
C ASN G 177 -3.26 42.85 -4.42
N GLU G 178 -3.79 42.89 -3.20
CA GLU G 178 -2.98 42.63 -2.01
C GLU G 178 -2.91 41.13 -1.76
N THR G 179 -1.76 40.54 -2.04
CA THR G 179 -1.54 39.08 -1.95
C THR G 179 -1.78 38.55 -0.54
N VAL G 180 -1.50 39.34 0.49
CA VAL G 180 -1.58 38.83 1.86
C VAL G 180 -3.00 38.91 2.40
N HIS G 181 -3.72 39.99 2.09
CA HIS G 181 -5.01 40.24 2.69
C HIS G 181 -6.18 40.03 1.74
N GLY G 182 -5.92 39.72 0.47
CA GLY G 182 -7.00 39.44 -0.45
C GLY G 182 -7.89 40.63 -0.78
N VAL G 183 -7.33 41.83 -0.79
CA VAL G 183 -8.06 43.04 -1.16
C VAL G 183 -7.66 43.43 -2.57
N GLU G 184 -8.64 43.53 -3.47
CA GLU G 184 -8.36 43.79 -4.87
C GLU G 184 -9.21 44.94 -5.37
N PHE G 185 -8.61 45.77 -6.24
CA PHE G 185 -9.32 46.84 -6.91
C PHE G 185 -10.02 46.29 -8.15
N ASP G 186 -11.30 46.60 -8.31
CA ASP G 186 -12.04 46.28 -9.51
C ASP G 186 -12.35 47.55 -10.33
N PHE G 187 -11.51 48.56 -10.20
CA PHE G 187 -11.71 49.84 -10.87
C PHE G 187 -10.37 50.56 -10.97
N ILE G 188 -10.35 51.61 -11.77
CA ILE G 188 -9.20 52.52 -11.85
C ILE G 188 -9.57 53.78 -11.06
N PRO G 189 -8.96 54.03 -9.91
CA PRO G 189 -9.38 55.17 -9.10
C PRO G 189 -9.04 56.51 -9.76
N ASP G 190 -9.90 57.48 -9.54
CA ASP G 190 -9.72 58.82 -10.10
C ASP G 190 -8.78 59.61 -9.17
N VAL G 191 -7.60 59.93 -9.66
CA VAL G 191 -6.61 60.66 -8.88
C VAL G 191 -6.55 62.14 -9.29
N LYS G 192 -7.61 62.65 -9.91
CA LYS G 192 -7.70 64.04 -10.33
C LYS G 192 -6.55 64.45 -11.25
N GLY G 193 -6.14 63.53 -12.14
CA GLY G 193 -5.14 63.83 -13.13
C GLY G 193 -3.71 63.47 -12.77
N ALA G 194 -3.42 63.24 -11.48
CA ALA G 194 -2.07 62.89 -11.08
C ALA G 194 -1.61 61.61 -11.79
N VAL G 195 -0.30 61.50 -11.98
CA VAL G 195 0.24 60.28 -12.59
C VAL G 195 0.06 59.12 -11.63
N LEU G 196 -0.40 57.99 -12.15
CA LEU G 196 -0.87 56.87 -11.34
C LEU G 196 0.10 55.70 -11.47
N VAL G 197 0.68 55.29 -10.35
CA VAL G 197 1.56 54.13 -10.29
C VAL G 197 0.80 53.00 -9.60
N CYS G 198 0.87 51.80 -10.18
CA CYS G 198 0.09 50.66 -9.69
C CYS G 198 0.97 49.44 -9.55
N ASP G 199 0.74 48.70 -8.47
CA ASP G 199 1.45 47.45 -8.17
C ASP G 199 0.54 46.29 -8.53
N MET G 200 0.79 45.65 -9.66
CA MET G 200 -0.07 44.59 -10.18
C MET G 200 0.60 43.22 -10.15
N SER G 201 1.55 43.01 -9.27
CA SER G 201 2.26 41.72 -9.26
C SER G 201 1.29 40.56 -9.04
N SER G 202 0.24 40.78 -8.27
CA SER G 202 -0.69 39.68 -7.88
C SER G 202 -1.85 39.53 -8.86
N ASN G 203 -1.94 40.34 -9.90
CA ASN G 203 -3.00 40.14 -10.87
C ASN G 203 -2.62 40.61 -12.26
N PHE G 204 -1.32 40.76 -12.54
CA PHE G 204 -0.88 41.19 -13.87
C PHE G 204 -1.38 40.22 -14.93
N LEU G 205 -2.06 40.76 -15.94
CA LEU G 205 -2.58 39.98 -17.06
C LEU G 205 -3.60 38.94 -16.61
N SER G 206 -4.30 39.21 -15.52
CA SER G 206 -5.47 38.43 -15.14
C SER G 206 -6.77 39.05 -15.64
N LYS G 207 -6.68 40.18 -16.34
CA LYS G 207 -7.83 40.92 -16.85
C LYS G 207 -7.35 42.02 -17.78
N PRO G 208 -8.19 42.48 -18.73
CA PRO G 208 -7.79 43.62 -19.55
C PRO G 208 -7.59 44.86 -18.69
N VAL G 209 -6.59 45.67 -19.08
CA VAL G 209 -6.20 46.86 -18.31
C VAL G 209 -6.18 48.05 -19.25
N ASP G 210 -6.76 49.17 -18.80
CA ASP G 210 -6.68 50.43 -19.52
C ASP G 210 -5.34 51.06 -19.16
N VAL G 211 -4.32 50.76 -19.97
CA VAL G 211 -2.96 51.21 -19.66
C VAL G 211 -2.83 52.72 -19.75
N SER G 212 -3.67 53.37 -20.56
CA SER G 212 -3.50 54.80 -20.81
C SER G 212 -3.68 55.63 -19.54
N LYS G 213 -4.49 55.15 -18.60
CA LYS G 213 -4.80 55.94 -17.40
C LYS G 213 -3.73 55.83 -16.32
N PHE G 214 -2.63 55.12 -16.57
CA PHE G 214 -1.57 54.98 -15.60
C PHE G 214 -0.33 55.75 -16.05
N GLY G 215 0.61 55.90 -15.12
CA GLY G 215 1.91 56.46 -15.42
C GLY G 215 2.99 55.39 -15.45
N VAL G 216 2.95 54.49 -14.47
CA VAL G 216 3.89 53.38 -14.35
C VAL G 216 3.13 52.17 -13.82
N ILE G 217 3.23 51.05 -14.54
CA ILE G 217 2.68 49.77 -14.10
C ILE G 217 3.84 48.80 -13.97
N PHE G 218 3.91 48.11 -12.84
CA PHE G 218 4.97 47.13 -12.61
C PHE G 218 4.40 45.90 -11.95
N ALA G 219 5.08 44.76 -12.16
CA ALA G 219 4.61 43.49 -11.63
C ALA G 219 5.74 42.48 -11.67
N GLY G 220 6.03 41.86 -10.53
CA GLY G 220 6.96 40.74 -10.51
C GLY G 220 6.38 39.56 -11.27
N ALA G 221 7.21 38.97 -12.14
CA ALA G 221 6.69 37.94 -13.03
C ALA G 221 6.38 36.63 -12.32
N GLN G 222 6.97 36.46 -11.15
CA GLN G 222 6.88 35.20 -10.39
C GLN G 222 5.51 35.00 -9.79
N1 LLP G 223 4.34 43.45 -4.83
C2 LLP G 223 3.22 42.76 -4.69
C2' LLP G 223 1.92 43.41 -5.05
C3 LLP G 223 3.24 41.46 -4.23
O3 LLP G 223 2.08 40.80 -4.13
C4 LLP G 223 4.45 40.86 -3.90
C4' LLP G 223 4.44 39.47 -3.47
C5 LLP G 223 5.63 41.62 -4.04
C6 LLP G 223 5.51 42.88 -4.50
C5' LLP G 223 7.00 41.08 -3.73
OP4 LLP G 223 7.84 41.06 -4.93
P LLP G 223 9.36 40.66 -4.83
OP1 LLP G 223 9.58 39.65 -5.87
OP2 LLP G 223 9.54 40.17 -3.46
OP3 LLP G 223 10.09 41.88 -5.09
N LLP G 223 4.47 35.71 -10.23
CA LLP G 223 3.18 35.43 -9.56
CB LLP G 223 2.76 36.58 -8.64
CG LLP G 223 3.74 36.94 -7.52
CD LLP G 223 3.41 38.12 -6.62
CE LLP G 223 4.52 38.46 -5.63
NZ LLP G 223 4.04 38.53 -4.25
C LLP G 223 2.15 34.99 -10.59
O LLP G 223 1.52 33.99 -10.39
N ASN G 224 2.08 35.65 -11.74
CA ASN G 224 0.98 35.31 -12.67
C ASN G 224 1.45 35.33 -14.11
N VAL G 225 2.74 35.43 -14.36
CA VAL G 225 3.20 35.60 -15.74
C VAL G 225 4.61 35.05 -15.93
N GLY G 226 5.11 34.30 -14.96
CA GLY G 226 6.42 33.68 -15.20
C GLY G 226 7.06 33.23 -13.90
N SER G 227 8.39 33.24 -13.91
CA SER G 227 9.20 32.81 -12.78
C SER G 227 10.00 33.99 -12.22
N ALA G 228 10.50 33.81 -11.00
CA ALA G 228 11.19 34.88 -10.30
C ALA G 228 12.49 35.24 -11.02
N GLY G 229 12.88 36.51 -10.88
CA GLY G 229 14.11 36.98 -11.47
C GLY G 229 13.94 38.26 -12.28
N VAL G 230 12.76 38.43 -12.89
CA VAL G 230 12.52 39.54 -13.79
C VAL G 230 11.26 40.28 -13.35
N THR G 231 11.26 41.59 -13.54
CA THR G 231 10.12 42.44 -13.24
C THR G 231 9.81 43.30 -14.46
N VAL G 232 8.53 43.37 -14.81
CA VAL G 232 8.08 44.17 -15.94
C VAL G 232 7.66 45.53 -15.44
N VAL G 233 8.04 46.57 -16.17
CA VAL G 233 7.64 47.94 -15.88
C VAL G 233 7.13 48.57 -17.17
N ILE G 234 5.92 49.12 -17.12
CA ILE G 234 5.33 49.84 -18.25
C ILE G 234 5.32 51.32 -17.90
N VAL G 235 6.10 52.11 -18.63
CA VAL G 235 6.32 53.51 -18.31
C VAL G 235 5.82 54.37 -19.46
N ARG G 236 5.09 55.43 -19.14
CA ARG G 236 4.73 56.42 -20.14
C ARG G 236 5.97 57.22 -20.53
N ASP G 237 6.15 57.41 -21.84
CA ASP G 237 7.43 57.93 -22.35
C ASP G 237 7.70 59.37 -21.93
N ASP G 238 6.70 60.11 -21.49
CA ASP G 238 6.91 61.48 -21.05
C ASP G 238 7.32 61.58 -19.59
N LEU G 239 7.45 60.45 -18.89
CA LEU G 239 7.83 60.43 -17.49
C LEU G 239 9.28 60.02 -17.28
N LEU G 240 10.02 59.77 -18.35
CA LEU G 240 11.43 59.45 -18.25
C LEU G 240 12.24 60.71 -17.98
N GLY G 241 13.42 60.52 -17.39
CA GLY G 241 14.35 61.62 -17.18
C GLY G 241 14.09 62.46 -15.95
N PHE G 242 13.24 62.02 -15.03
CA PHE G 242 13.03 62.70 -13.77
C PHE G 242 13.69 61.97 -12.60
N ALA G 243 14.59 61.03 -12.90
CA ALA G 243 15.22 60.24 -11.87
C ALA G 243 16.18 61.10 -11.04
N LEU G 244 16.24 60.81 -9.75
CA LEU G 244 17.18 61.50 -8.87
C LEU G 244 18.60 61.04 -9.16
N ARG G 245 19.56 61.80 -8.63
CA ARG G 245 20.97 61.46 -8.84
C ARG G 245 21.33 60.12 -8.22
N GLU G 246 20.67 59.76 -7.12
CA GLU G 246 20.98 58.54 -6.37
C GLU G 246 20.32 57.29 -6.97
N CYS G 247 19.69 57.41 -8.13
CA CYS G 247 19.03 56.28 -8.74
C CYS G 247 20.04 55.40 -9.47
N PRO G 248 20.11 54.10 -9.17
CA PRO G 248 21.04 53.23 -9.91
C PRO G 248 20.68 53.15 -11.39
N SER G 249 21.72 53.05 -12.22
CA SER G 249 21.51 53.00 -13.67
C SER G 249 20.70 51.76 -14.06
N VAL G 250 20.91 50.64 -13.37
CA VAL G 250 20.18 49.43 -13.70
C VAL G 250 18.70 49.54 -13.35
N LEU G 251 18.35 50.49 -12.50
CA LEU G 251 16.96 50.70 -12.10
C LEU G 251 16.36 51.99 -12.61
N GLU G 252 17.09 52.78 -13.39
CA GLU G 252 16.55 54.02 -13.93
C GLU G 252 15.77 53.73 -15.20
N TYR G 253 14.53 54.25 -15.25
CA TYR G 253 13.67 53.94 -16.39
C TYR G 253 14.23 54.52 -17.68
N LYS G 254 14.80 55.73 -17.63
CA LYS G 254 15.33 56.34 -18.84
C LYS G 254 16.53 55.57 -19.37
N VAL G 255 17.36 55.02 -18.47
CA VAL G 255 18.53 54.28 -18.90
C VAL G 255 18.14 52.97 -19.57
N GLN G 256 17.29 52.18 -18.90
CA GLN G 256 16.94 50.87 -19.42
C GLN G 256 16.06 50.97 -20.67
N ALA G 257 15.09 51.89 -20.67
CA ALA G 257 14.31 52.11 -21.89
C ALA G 257 15.18 52.60 -23.02
N GLY G 258 16.26 53.30 -22.70
CA GLY G 258 17.20 53.74 -23.72
C GLY G 258 18.09 52.64 -24.27
N ASN G 259 18.13 51.48 -23.62
CA ASN G 259 18.89 50.34 -24.11
C ASN G 259 18.02 49.12 -24.34
N SER G 260 16.70 49.32 -24.47
CA SER G 260 15.75 48.23 -24.72
C SER G 260 15.91 47.11 -23.68
N SER G 261 16.02 47.52 -22.42
CA SER G 261 16.24 46.62 -21.27
C SER G 261 17.55 45.86 -21.37
N LEU G 262 18.49 46.34 -22.18
CA LEU G 262 19.79 45.70 -22.36
C LEU G 262 20.93 46.62 -21.95
N TYR G 263 20.71 47.50 -20.97
CA TYR G 263 21.79 48.32 -20.44
C TYR G 263 22.89 47.44 -19.85
N ASN G 264 22.50 46.40 -19.13
CA ASN G 264 23.46 45.45 -18.56
C ASN G 264 22.95 44.06 -18.95
N THR G 265 23.53 43.02 -18.35
CA THR G 265 23.04 41.67 -18.57
C THR G 265 21.69 41.46 -17.89
N PRO G 266 20.61 41.32 -18.66
CA PRO G 266 19.30 41.11 -18.04
C PRO G 266 19.09 39.65 -17.71
N PRO G 267 18.09 39.33 -16.88
CA PRO G 267 17.83 37.91 -16.58
C PRO G 267 17.33 37.17 -17.81
N CYS G 268 18.28 36.68 -18.61
CA CYS G 268 17.94 36.12 -19.92
C CYS G 268 16.94 34.99 -19.81
N PHE G 269 17.18 34.05 -18.88
CA PHE G 269 16.30 32.89 -18.78
C PHE G 269 14.93 33.27 -18.24
N SER G 270 14.87 34.22 -17.30
CA SER G 270 13.58 34.61 -16.75
C SER G 270 12.74 35.36 -17.78
N ILE G 271 13.39 36.01 -18.75
CA ILE G 271 12.66 36.64 -19.84
C ILE G 271 12.18 35.59 -20.84
N TYR G 272 13.04 34.61 -21.14
CA TYR G 272 12.62 33.52 -22.03
C TYR G 272 11.47 32.72 -21.42
N VAL G 273 11.57 32.40 -20.13
CA VAL G 273 10.49 31.70 -19.45
C VAL G 273 9.21 32.52 -19.52
N MET G 274 9.32 33.82 -19.25
CA MET G 274 8.15 34.68 -19.26
C MET G 274 7.50 34.73 -20.64
N GLY G 275 8.32 34.75 -21.69
CA GLY G 275 7.78 34.79 -23.04
C GLY G 275 6.91 33.59 -23.37
N LEU G 276 7.23 32.43 -22.80
CA LEU G 276 6.41 31.24 -23.04
C LEU G 276 5.09 31.32 -22.30
N VAL G 277 5.11 31.83 -21.06
CA VAL G 277 3.87 32.01 -20.30
C VAL G 277 2.95 32.98 -21.04
N LEU G 278 3.52 34.06 -21.60
CA LEU G 278 2.72 34.99 -22.39
C LEU G 278 2.14 34.31 -23.62
N GLU G 279 2.97 33.53 -24.33
CA GLU G 279 2.49 32.74 -25.45
C GLU G 279 1.39 31.77 -25.03
N TRP G 280 1.47 31.25 -23.81
CA TRP G 280 0.43 30.37 -23.29
C TRP G 280 -0.85 31.14 -23.03
N ILE G 281 -0.74 32.32 -22.42
CA ILE G 281 -1.93 33.14 -22.14
C ILE G 281 -2.61 33.55 -23.44
N LYS G 282 -1.82 33.81 -24.49
CA LYS G 282 -2.38 34.19 -25.78
C LYS G 282 -3.17 33.04 -26.39
N ASN G 283 -2.61 31.83 -26.38
CA ASN G 283 -3.29 30.69 -26.97
C ASN G 283 -4.54 30.29 -26.20
N ASN G 284 -4.69 30.74 -24.96
CA ASN G 284 -5.86 30.42 -24.16
C ASN G 284 -6.89 31.55 -24.13
N GLY G 285 -6.67 32.63 -24.87
CA GLY G 285 -7.70 33.63 -25.04
C GLY G 285 -7.36 35.03 -24.54
N GLY G 286 -6.07 35.33 -24.45
CA GLY G 286 -5.66 36.66 -24.01
C GLY G 286 -6.10 36.98 -22.59
N ALA G 287 -6.22 38.28 -22.33
CA ALA G 287 -6.59 38.74 -20.99
C ALA G 287 -8.09 38.63 -20.75
N ALA G 288 -8.90 38.73 -21.80
CA ALA G 288 -10.35 38.62 -21.64
C ALA G 288 -10.76 37.22 -21.19
N ALA G 289 -9.99 36.19 -21.57
CA ALA G 289 -10.25 34.85 -21.10
C ALA G 289 -9.71 34.62 -19.70
N MET G 290 -8.58 35.24 -19.36
CA MET G 290 -8.06 35.13 -18.00
C MET G 290 -9.00 35.80 -17.00
N GLU G 291 -9.71 36.84 -17.44
CA GLU G 291 -10.68 37.48 -16.54
C GLU G 291 -11.85 36.56 -16.25
N LYS G 292 -12.35 35.85 -17.26
CA LYS G 292 -13.47 34.95 -17.06
C LYS G 292 -13.07 33.74 -16.22
N LEU G 293 -11.89 33.18 -16.46
CA LEU G 293 -11.44 32.03 -15.69
C LEU G 293 -11.23 32.40 -14.22
N SER G 294 -10.72 33.60 -13.96
CA SER G 294 -10.55 34.04 -12.57
C SER G 294 -11.90 34.19 -11.87
N SER G 295 -12.94 34.60 -12.61
CA SER G 295 -14.26 34.72 -12.01
C SER G 295 -14.82 33.35 -11.65
N ILE G 296 -14.68 32.37 -12.55
CA ILE G 296 -15.17 31.02 -12.25
C ILE G 296 -14.39 30.43 -11.08
N LYS G 297 -13.07 30.60 -11.07
CA LYS G 297 -12.25 29.97 -10.03
C LYS G 297 -12.52 30.58 -8.66
N SER G 298 -12.47 31.91 -8.57
CA SER G 298 -12.67 32.56 -7.27
C SER G 298 -14.08 32.35 -6.75
N GLN G 299 -15.08 32.41 -7.62
CA GLN G 299 -16.47 32.27 -7.17
C GLN G 299 -16.73 30.85 -6.67
N THR G 300 -16.11 29.85 -7.29
CA THR G 300 -16.27 28.47 -6.82
C THR G 300 -15.87 28.34 -5.36
N ILE G 301 -14.81 29.05 -4.95
CA ILE G 301 -14.38 28.99 -3.56
C ILE G 301 -15.23 29.90 -2.69
N TYR G 302 -15.57 31.09 -3.19
CA TYR G 302 -16.34 32.04 -2.38
C TYR G 302 -17.74 31.54 -2.10
N GLU G 303 -18.35 30.82 -3.05
CA GLU G 303 -19.66 30.24 -2.81
C GLU G 303 -19.64 29.28 -1.62
N ILE G 304 -18.55 28.52 -1.49
CA ILE G 304 -18.43 27.61 -0.36
C ILE G 304 -18.23 28.38 0.94
N ILE G 305 -17.54 29.52 0.89
CA ILE G 305 -17.30 30.28 2.11
C ILE G 305 -18.57 30.99 2.57
N ASP G 306 -19.32 31.58 1.64
CA ASP G 306 -20.55 32.27 2.01
C ASP G 306 -21.61 31.30 2.52
N ASN G 307 -21.58 30.05 2.08
CA ASN G 307 -22.56 29.05 2.47
C ASN G 307 -22.05 28.12 3.57
N SER G 308 -20.94 28.46 4.21
CA SER G 308 -20.31 27.57 5.18
C SER G 308 -20.92 27.66 6.58
N GLN G 309 -21.99 28.43 6.76
CA GLN G 309 -22.60 28.61 8.09
C GLN G 309 -21.57 29.08 9.11
N GLY G 310 -20.67 29.96 8.68
CA GLY G 310 -19.62 30.46 9.53
C GLY G 310 -18.42 29.54 9.69
N PHE G 311 -18.46 28.34 9.11
CA PHE G 311 -17.33 27.42 9.20
C PHE G 311 -16.09 28.03 8.56
N TYR G 312 -16.24 28.56 7.36
CA TYR G 312 -15.19 29.32 6.69
C TYR G 312 -15.56 30.80 6.76
N VAL G 313 -14.58 31.63 7.10
CA VAL G 313 -14.79 33.06 7.33
C VAL G 313 -13.76 33.84 6.51
N CYS G 314 -14.22 34.55 5.47
CA CYS G 314 -13.39 35.49 4.73
C CYS G 314 -13.64 36.89 5.26
N PRO G 315 -12.64 37.56 5.85
CA PRO G 315 -12.90 38.85 6.48
C PRO G 315 -13.10 40.00 5.51
N VAL G 316 -12.67 39.86 4.25
CA VAL G 316 -12.77 40.95 3.29
C VAL G 316 -14.23 41.20 2.92
N GLU G 317 -14.58 42.47 2.74
CA GLU G 317 -15.92 42.81 2.30
C GLU G 317 -16.17 42.27 0.90
N PRO G 318 -17.41 41.90 0.58
CA PRO G 318 -17.70 41.30 -0.74
C PRO G 318 -17.28 42.16 -1.93
N GLN G 319 -17.39 43.48 -1.82
CA GLN G 319 -17.09 44.34 -2.96
C GLN G 319 -15.61 44.49 -3.24
N ASN G 320 -14.74 44.06 -2.32
CA ASN G 320 -13.30 44.19 -2.49
C ASN G 320 -12.59 42.84 -2.43
N ARG G 321 -13.33 41.74 -2.57
CA ARG G 321 -12.74 40.41 -2.50
C ARG G 321 -11.84 40.17 -3.70
N SER G 322 -10.63 39.67 -3.43
CA SER G 322 -9.70 39.37 -4.52
C SER G 322 -10.13 38.13 -5.28
N LYS G 323 -9.81 38.10 -6.57
CA LYS G 323 -10.04 36.94 -7.41
C LYS G 323 -8.77 36.14 -7.65
N MET G 324 -7.65 36.57 -7.08
CA MET G 324 -6.37 35.88 -7.18
C MET G 324 -5.92 35.24 -5.88
N ASN G 325 -6.29 35.83 -4.75
CA ASN G 325 -5.89 35.32 -3.44
C ASN G 325 -7.10 35.34 -2.53
N ILE G 326 -7.44 34.18 -1.96
CA ILE G 326 -8.61 34.07 -1.10
C ILE G 326 -8.17 33.63 0.30
N PRO G 327 -7.96 34.57 1.22
CA PRO G 327 -7.68 34.18 2.62
C PRO G 327 -8.95 34.03 3.43
N PHE G 328 -9.00 32.96 4.23
CA PHE G 328 -10.16 32.71 5.08
C PHE G 328 -9.71 31.99 6.34
N ARG G 329 -10.63 31.89 7.30
CA ARG G 329 -10.39 31.21 8.56
C ARG G 329 -11.40 30.08 8.73
N ILE G 330 -11.07 29.14 9.60
CA ILE G 330 -11.88 27.94 9.82
C ILE G 330 -12.37 27.94 11.26
N GLY G 331 -13.66 27.65 11.44
CA GLY G 331 -14.27 27.58 12.77
C GLY G 331 -14.86 28.87 13.26
N ASN G 332 -14.09 29.95 13.20
CA ASN G 332 -14.55 31.27 13.63
C ASN G 332 -13.67 32.32 12.98
N ALA G 333 -14.06 33.59 13.16
CA ALA G 333 -13.32 34.68 12.51
C ALA G 333 -11.88 34.74 12.98
N LYS G 334 -11.60 34.33 14.21
CA LYS G 334 -10.23 34.32 14.73
C LYS G 334 -9.50 33.02 14.41
N GLY G 335 -10.22 31.96 14.06
CA GLY G 335 -9.58 30.75 13.57
C GLY G 335 -9.31 29.70 14.63
N ASP G 336 -9.88 28.51 14.44
CA ASP G 336 -9.58 27.37 15.30
C ASP G 336 -8.26 26.76 14.85
N ASP G 337 -7.23 26.89 15.69
CA ASP G 337 -5.88 26.46 15.29
C ASP G 337 -5.83 24.95 15.02
N ALA G 338 -6.45 24.16 15.89
CA ALA G 338 -6.45 22.71 15.68
C ALA G 338 -7.23 22.33 14.43
N LEU G 339 -8.33 23.04 14.15
CA LEU G 339 -9.13 22.72 12.97
C LEU G 339 -8.39 23.12 11.69
N GLU G 340 -7.71 24.27 11.70
CA GLU G 340 -6.97 24.69 10.53
C GLU G 340 -5.72 23.85 10.31
N LYS G 341 -5.12 23.34 11.38
CA LYS G 341 -3.94 22.49 11.22
C LYS G 341 -4.31 21.17 10.55
N ARG G 342 -5.40 20.53 11.00
CA ARG G 342 -5.86 19.31 10.35
C ARG G 342 -6.32 19.57 8.93
N PHE G 343 -6.75 20.79 8.62
CA PHE G 343 -7.06 21.16 7.24
C PHE G 343 -5.81 21.14 6.38
N LEU G 344 -4.73 21.76 6.86
CA LEU G 344 -3.49 21.81 6.09
C LEU G 344 -2.82 20.45 6.03
N ASP G 345 -2.99 19.62 7.06
CA ASP G 345 -2.37 18.30 7.06
C ASP G 345 -3.00 17.39 6.01
N LYS G 346 -4.34 17.34 5.98
CA LYS G 346 -5.01 16.54 4.96
C LYS G 346 -4.85 17.16 3.57
N ALA G 347 -4.70 18.48 3.49
CA ALA G 347 -4.42 19.12 2.21
C ALA G 347 -3.08 18.65 1.66
N LEU G 348 -2.04 18.66 2.51
CA LEU G 348 -0.74 18.13 2.10
C LEU G 348 -0.83 16.64 1.76
N GLU G 349 -1.61 15.90 2.56
CA GLU G 349 -1.79 14.48 2.28
C GLU G 349 -2.43 14.27 0.91
N LEU G 350 -3.30 15.17 0.49
CA LEU G 350 -3.90 15.15 -0.83
C LEU G 350 -3.08 15.91 -1.87
N ASN G 351 -1.82 16.24 -1.54
CA ASN G 351 -0.88 16.81 -2.50
C ASN G 351 -1.34 18.17 -3.02
N MET G 352 -1.98 18.96 -2.16
CA MET G 352 -2.32 20.34 -2.45
C MET G 352 -1.39 21.22 -1.64
N LEU G 353 -0.46 21.89 -2.32
CA LEU G 353 0.67 22.54 -1.68
C LEU G 353 0.44 24.04 -1.50
N SER G 354 1.10 24.58 -0.47
CA SER G 354 1.20 26.04 -0.26
C SER G 354 -0.17 26.66 0.00
N LEU G 355 -1.01 25.98 0.78
CA LEU G 355 -2.29 26.54 1.18
C LEU G 355 -2.21 27.32 2.48
N LYS G 356 -1.14 27.17 3.25
CA LYS G 356 -1.01 27.89 4.51
C LYS G 356 -0.90 29.39 4.23
N GLY G 357 -1.69 30.18 4.93
CA GLY G 357 -1.68 31.61 4.74
C GLY G 357 -0.36 32.25 5.13
N HIS G 358 -0.25 33.53 4.81
CA HIS G 358 0.95 34.29 5.14
C HIS G 358 1.15 34.32 6.65
N ARG G 359 2.41 34.50 7.06
CA ARG G 359 2.74 34.46 8.48
C ARG G 359 2.01 35.54 9.28
N SER G 360 1.77 36.71 8.66
CA SER G 360 1.16 37.81 9.38
C SER G 360 -0.34 37.62 9.61
N VAL G 361 -1.00 36.77 8.82
CA VAL G 361 -2.42 36.54 8.97
C VAL G 361 -2.73 35.11 9.44
N GLY G 362 -1.86 34.15 9.17
CA GLY G 362 -2.15 32.77 9.53
C GLY G 362 -3.34 32.24 8.73
N GLY G 363 -3.94 31.17 9.26
CA GLY G 363 -5.09 30.59 8.59
C GLY G 363 -4.75 30.02 7.22
N ILE G 364 -5.74 30.04 6.33
CA ILE G 364 -5.63 29.45 5.01
C ILE G 364 -5.66 30.56 3.96
N ARG G 365 -4.80 30.44 2.95
CA ARG G 365 -4.82 31.31 1.79
C ARG G 365 -4.71 30.46 0.53
N ALA G 366 -5.68 30.62 -0.37
CA ALA G 366 -5.70 29.89 -1.63
C ALA G 366 -5.40 30.86 -2.76
N SER G 367 -4.32 30.59 -3.50
CA SER G 367 -3.89 31.43 -4.61
C SER G 367 -4.40 30.81 -5.91
N LEU G 368 -5.03 31.64 -6.75
CA LEU G 368 -5.71 31.17 -7.96
C LEU G 368 -5.24 31.95 -9.18
N TYR G 369 -3.96 31.83 -9.51
CA TYR G 369 -3.37 32.58 -10.61
C TYR G 369 -3.74 31.91 -11.94
N ASN G 370 -3.20 32.46 -13.04
CA ASN G 370 -3.65 32.06 -14.38
C ASN G 370 -3.40 30.58 -14.63
N ALA G 371 -2.26 30.06 -14.17
CA ALA G 371 -1.92 28.67 -14.43
C ALA G 371 -2.72 27.68 -13.61
N VAL G 372 -3.34 28.12 -12.51
CA VAL G 372 -4.16 27.25 -11.69
C VAL G 372 -5.44 26.94 -12.45
N THR G 373 -5.59 25.70 -12.90
CA THR G 373 -6.70 25.32 -13.76
C THR G 373 -7.99 25.14 -12.94
N ILE G 374 -9.11 25.07 -13.65
CA ILE G 374 -10.40 24.85 -13.01
C ILE G 374 -10.40 23.53 -12.26
N GLU G 375 -9.80 22.50 -12.85
CA GLU G 375 -9.72 21.19 -12.20
C GLU G 375 -9.02 21.32 -10.84
N ASP G 376 -7.97 22.14 -10.78
CA ASP G 376 -7.30 22.37 -9.51
C ASP G 376 -8.25 22.99 -8.49
N VAL G 377 -9.00 24.02 -8.91
CA VAL G 377 -9.95 24.66 -8.01
C VAL G 377 -11.06 23.68 -7.63
N GLN G 378 -11.52 22.88 -8.58
CA GLN G 378 -12.55 21.89 -8.27
C GLN G 378 -12.06 20.87 -7.25
N LYS G 379 -10.80 20.46 -7.36
CA LYS G 379 -10.21 19.57 -6.35
C LYS G 379 -10.29 20.19 -4.97
N LEU G 380 -9.91 21.48 -4.87
CA LEU G 380 -9.97 22.16 -3.58
C LEU G 380 -11.42 22.37 -3.13
N ALA G 381 -12.31 22.66 -4.07
CA ALA G 381 -13.71 22.90 -3.72
C ALA G 381 -14.34 21.63 -3.12
N ALA G 382 -14.06 20.48 -3.71
CA ALA G 382 -14.58 19.23 -3.17
C ALA G 382 -13.98 18.93 -1.81
N PHE G 383 -12.71 19.28 -1.62
CA PHE G 383 -12.04 19.03 -0.35
C PHE G 383 -12.59 19.94 0.75
N MET G 384 -12.82 21.22 0.43
CA MET G 384 -13.43 22.12 1.40
C MET G 384 -14.85 21.69 1.74
N LYS G 385 -15.58 21.10 0.78
CA LYS G 385 -16.93 20.64 1.05
C LYS G 385 -16.94 19.42 1.97
N LYS G 386 -16.00 18.50 1.77
CA LYS G 386 -15.94 17.31 2.60
C LYS G 386 -15.31 17.59 3.96
N PHE G 387 -14.38 18.53 4.03
CA PHE G 387 -13.82 18.91 5.32
C PHE G 387 -14.88 19.54 6.23
N LEU G 388 -15.77 20.34 5.64
CA LEU G 388 -16.87 20.91 6.41
C LEU G 388 -17.85 19.85 6.87
N GLU G 389 -18.21 18.92 5.96
CA GLU G 389 -19.20 17.90 6.29
C GLU G 389 -18.73 16.97 7.40
N MET G 390 -17.43 16.93 7.69
CA MET G 390 -16.89 16.03 8.70
C MET G 390 -16.33 16.77 9.92
N HIS G 391 -16.53 18.09 9.99
CA HIS G 391 -16.07 18.85 11.16
C HIS G 391 -17.13 19.82 11.68
N GLN G 392 -18.15 20.14 10.89
CA GLN G 392 -19.15 21.12 11.28
C GLN G 392 -20.24 20.48 12.13
N LEU G 393 -20.62 21.16 13.21
CA LEU G 393 -21.63 20.67 14.11
C LEU G 393 -22.99 21.32 13.86
N GLN H 29 30.66 19.07 -32.68
CA GLN H 29 29.77 19.64 -31.67
C GLN H 29 29.82 21.17 -31.70
N VAL H 30 29.49 21.78 -30.56
CA VAL H 30 29.49 23.23 -30.40
C VAL H 30 30.45 23.59 -29.28
N VAL H 31 31.25 24.64 -29.51
CA VAL H 31 32.16 25.16 -28.50
C VAL H 31 31.79 26.63 -28.28
N ASN H 32 31.37 26.95 -27.06
CA ASN H 32 30.84 28.28 -26.74
C ASN H 32 31.90 29.06 -25.99
N PHE H 33 32.58 29.97 -26.69
CA PHE H 33 33.52 30.90 -26.08
C PHE H 33 32.87 32.20 -25.66
N GLY H 34 31.65 32.13 -25.11
CA GLY H 34 30.91 33.31 -24.73
C GLY H 34 31.58 34.11 -23.64
N PRO H 35 31.48 35.44 -23.71
CA PRO H 35 32.11 36.29 -22.70
C PRO H 35 31.26 36.59 -21.49
N GLY H 36 30.01 36.12 -21.45
CA GLY H 36 29.11 36.38 -20.35
C GLY H 36 27.77 36.93 -20.81
N PRO H 37 26.71 36.10 -20.75
CA PRO H 37 26.64 34.71 -20.26
C PRO H 37 27.49 33.74 -21.06
N ALA H 38 28.06 32.75 -20.38
CA ALA H 38 29.03 31.86 -20.97
C ALA H 38 28.59 30.41 -20.81
N LYS H 39 29.46 29.51 -21.26
CA LYS H 39 29.15 28.09 -21.32
C LYS H 39 29.05 27.52 -19.90
N LEU H 40 28.07 26.63 -19.70
CA LEU H 40 27.91 25.88 -18.47
C LEU H 40 28.28 24.42 -18.71
N PRO H 41 28.73 23.70 -17.68
CA PRO H 41 29.13 22.31 -17.88
C PRO H 41 27.97 21.48 -18.44
N HIS H 42 28.29 20.58 -19.37
CA HIS H 42 27.26 19.70 -19.90
C HIS H 42 26.70 18.80 -18.82
N SER H 43 27.52 18.44 -17.83
CA SER H 43 27.03 17.66 -16.70
C SER H 43 25.94 18.40 -15.94
N VAL H 44 26.11 19.71 -15.77
CA VAL H 44 25.12 20.51 -15.03
C VAL H 44 23.83 20.63 -15.84
N LEU H 45 23.94 21.02 -17.11
CA LEU H 45 22.76 21.20 -17.94
C LEU H 45 21.92 19.93 -18.04
N LEU H 46 22.57 18.77 -18.00
CA LEU H 46 21.82 17.51 -18.05
C LEU H 46 20.96 17.32 -16.81
N GLU H 47 21.46 17.76 -15.65
CA GLU H 47 20.69 17.58 -14.42
C GLU H 47 19.52 18.57 -14.37
N ILE H 48 19.74 19.81 -14.78
CA ILE H 48 18.68 20.81 -14.75
C ILE H 48 17.51 20.36 -15.62
N GLN H 49 17.80 19.72 -16.75
CA GLN H 49 16.75 19.23 -17.63
C GLN H 49 16.01 18.05 -17.00
N LYS H 50 16.74 17.17 -16.33
CA LYS H 50 16.12 15.96 -15.77
C LYS H 50 15.11 16.32 -14.69
N GLU H 51 15.46 17.25 -13.80
CA GLU H 51 14.64 17.59 -12.65
C GLU H 51 13.73 18.79 -12.87
N LEU H 52 13.61 19.26 -14.11
CA LEU H 52 12.92 20.53 -14.33
C LEU H 52 11.42 20.42 -14.06
N LEU H 53 10.83 19.24 -14.25
CA LEU H 53 9.41 19.08 -14.00
C LEU H 53 9.10 18.59 -12.59
N ASP H 54 10.08 17.98 -11.92
CA ASP H 54 9.84 17.37 -10.61
C ASP H 54 11.20 17.34 -9.89
N TYR H 55 11.51 18.43 -9.20
CA TYR H 55 12.82 18.55 -8.55
C TYR H 55 12.92 17.60 -7.37
N LYS H 56 13.83 16.62 -7.47
CA LYS H 56 14.16 15.71 -6.38
C LYS H 56 12.94 15.01 -5.81
N GLY H 57 11.87 14.88 -6.60
CA GLY H 57 10.68 14.15 -6.19
C GLY H 57 9.64 14.95 -5.44
N VAL H 58 9.86 16.25 -5.23
CA VAL H 58 8.91 17.04 -4.45
C VAL H 58 7.61 17.27 -5.21
N GLY H 59 7.61 17.10 -6.53
CA GLY H 59 6.41 17.18 -7.33
C GLY H 59 6.24 18.44 -8.14
N ILE H 60 7.08 19.45 -7.93
CA ILE H 60 6.99 20.72 -8.63
C ILE H 60 8.35 21.05 -9.24
N SER H 61 8.40 22.19 -9.92
CA SER H 61 9.62 22.70 -10.52
C SER H 61 10.28 23.73 -9.60
N VAL H 62 11.59 23.92 -9.80
CA VAL H 62 12.27 25.01 -9.11
C VAL H 62 11.70 26.34 -9.53
N LEU H 63 11.26 26.46 -10.79
CA LEU H 63 10.60 27.67 -11.25
C LEU H 63 9.28 27.91 -10.52
N GLU H 64 8.66 26.86 -10.00
CA GLU H 64 7.45 26.98 -9.20
C GLU H 64 7.73 26.99 -7.70
N MET H 65 8.96 26.67 -7.29
CA MET H 65 9.24 26.50 -5.87
C MET H 65 9.22 27.84 -5.13
N SER H 66 8.59 27.84 -3.96
CA SER H 66 8.50 29.04 -3.13
C SER H 66 9.77 29.22 -2.32
N HIS H 67 10.25 30.45 -2.26
CA HIS H 67 11.48 30.78 -1.53
C HIS H 67 11.32 30.66 -0.01
N ARG H 68 10.09 30.47 0.47
CA ARG H 68 9.83 30.28 1.89
C ARG H 68 9.70 28.80 2.26
N SER H 69 9.85 27.89 1.30
CA SER H 69 9.70 26.48 1.58
C SER H 69 10.98 25.89 2.14
N SER H 70 10.83 24.78 2.86
CA SER H 70 11.98 24.06 3.38
C SER H 70 12.84 23.51 2.25
N ASP H 71 12.23 23.23 1.10
CA ASP H 71 12.99 22.73 -0.05
C ASP H 71 13.98 23.77 -0.57
N PHE H 72 13.49 24.99 -0.81
CA PHE H 72 14.39 26.05 -1.28
C PHE H 72 15.33 26.55 -0.19
N ALA H 73 14.94 26.41 1.07
CA ALA H 73 15.87 26.74 2.15
C ALA H 73 17.13 25.88 2.05
N LYS H 74 16.98 24.62 1.64
CA LYS H 74 18.13 23.74 1.52
C LYS H 74 19.00 24.11 0.33
N ILE H 75 18.39 24.64 -0.74
CA ILE H 75 19.13 24.97 -1.95
C ILE H 75 20.02 26.19 -1.74
N ILE H 76 19.42 27.29 -1.26
CA ILE H 76 20.18 28.53 -1.14
C ILE H 76 21.19 28.44 -0.01
N ASN H 77 20.92 27.65 1.03
CA ASN H 77 21.91 27.47 2.09
C ASN H 77 23.08 26.63 1.63
N ASN H 78 22.80 25.56 0.86
CA ASN H 78 23.88 24.75 0.31
C ASN H 78 24.75 25.56 -0.65
N THR H 79 24.16 26.50 -1.37
CA THR H 79 24.94 27.37 -2.24
C THR H 79 25.89 28.25 -1.44
N GLU H 80 25.43 28.77 -0.30
CA GLU H 80 26.29 29.58 0.55
C GLU H 80 27.44 28.75 1.09
N ASN H 81 27.15 27.53 1.56
CA ASN H 81 28.19 26.66 2.10
C ASN H 81 29.28 26.40 1.06
N LEU H 82 28.88 26.20 -0.20
CA LEU H 82 29.86 25.97 -1.26
C LEU H 82 30.71 27.22 -1.49
N VAL H 83 30.09 28.41 -1.48
CA VAL H 83 30.84 29.64 -1.66
C VAL H 83 31.86 29.81 -0.54
N ARG H 84 31.47 29.49 0.69
CA ARG H 84 32.40 29.57 1.81
C ARG H 84 33.44 28.47 1.78
N GLU H 85 33.07 27.28 1.28
CA GLU H 85 34.03 26.17 1.26
C GLU H 85 35.03 26.33 0.13
N LEU H 86 34.55 26.55 -1.10
CA LEU H 86 35.43 26.59 -2.26
C LEU H 86 36.42 27.75 -2.20
N LEU H 87 36.01 28.89 -1.65
CA LEU H 87 36.88 30.06 -1.54
C LEU H 87 37.54 30.18 -0.18
N ALA H 88 37.20 29.30 0.77
CA ALA H 88 37.68 29.37 2.15
C ALA H 88 37.39 30.75 2.74
N VAL H 89 36.11 31.09 2.76
CA VAL H 89 35.67 32.40 3.26
C VAL H 89 35.66 32.35 4.79
N PRO H 90 36.30 33.32 5.46
CA PRO H 90 36.26 33.34 6.92
C PRO H 90 34.84 33.50 7.44
N ASP H 91 34.67 33.21 8.73
CA ASP H 91 33.34 33.24 9.33
C ASP H 91 32.84 34.65 9.57
N ASN H 92 33.73 35.64 9.59
CA ASN H 92 33.33 37.03 9.79
C ASN H 92 32.95 37.74 8.50
N TYR H 93 32.56 36.98 7.47
CA TYR H 93 32.11 37.53 6.20
C TYR H 93 30.71 37.02 5.90
N LYS H 94 29.84 37.92 5.45
CA LYS H 94 28.50 37.57 5.02
C LYS H 94 28.51 37.30 3.51
N VAL H 95 27.86 36.20 3.12
CA VAL H 95 27.75 35.81 1.71
C VAL H 95 26.28 35.93 1.33
N ILE H 96 25.95 36.97 0.56
CA ILE H 96 24.59 37.24 0.16
C ILE H 96 24.49 37.22 -1.37
N PHE H 97 23.32 36.86 -1.86
CA PHE H 97 23.05 36.80 -3.29
C PHE H 97 22.01 37.86 -3.64
N LEU H 98 22.36 38.77 -4.55
CA LEU H 98 21.52 39.91 -4.90
C LEU H 98 21.24 39.93 -6.39
N GLN H 99 20.21 40.69 -6.75
CA GLN H 99 19.89 40.93 -8.16
C GLN H 99 20.65 42.17 -8.65
N GLY H 100 20.44 42.51 -9.92
CA GLY H 100 21.03 43.69 -10.49
C GLY H 100 22.31 43.46 -11.28
N GLY H 101 22.93 42.30 -11.15
CA GLY H 101 24.16 42.07 -11.87
C GLY H 101 25.33 42.80 -11.23
N GLY H 102 26.49 42.68 -11.87
CA GLY H 102 27.64 43.45 -11.44
C GLY H 102 27.47 44.94 -11.69
N CYS H 103 26.77 45.30 -12.77
CA CYS H 103 26.38 46.69 -12.98
C CYS H 103 25.47 47.19 -11.87
N GLY H 104 24.73 46.29 -11.21
CA GLY H 104 23.97 46.70 -10.04
C GLY H 104 24.88 47.04 -8.86
N GLN H 105 25.89 46.21 -8.62
CA GLN H 105 26.84 46.50 -7.54
C GLN H 105 27.66 47.75 -7.81
N PHE H 106 27.74 48.20 -9.08
CA PHE H 106 28.41 49.46 -9.36
C PHE H 106 27.77 50.62 -8.62
N SER H 107 26.48 50.49 -8.28
CA SER H 107 25.80 51.47 -7.45
C SER H 107 25.62 50.99 -6.01
N ALA H 108 25.59 49.69 -5.77
CA ALA H 108 25.38 49.19 -4.42
C ALA H 108 26.62 49.40 -3.56
N VAL H 109 27.82 49.20 -4.13
CA VAL H 109 29.04 49.43 -3.38
C VAL H 109 29.16 50.88 -2.89
N PRO H 110 28.91 51.90 -3.73
CA PRO H 110 28.90 53.27 -3.18
C PRO H 110 27.80 53.49 -2.17
N LEU H 111 26.60 52.94 -2.43
CA LEU H 111 25.48 53.14 -1.51
C LEU H 111 25.79 52.59 -0.13
N ASN H 112 26.44 51.43 -0.06
CA ASN H 112 26.68 50.77 1.22
C ASN H 112 27.96 51.21 1.91
N LEU H 113 28.91 51.80 1.19
CA LEU H 113 30.25 52.00 1.73
C LEU H 113 30.83 53.39 1.57
N ILE H 114 30.31 54.24 0.68
CA ILE H 114 30.93 55.54 0.48
C ILE H 114 30.71 56.45 1.69
N GLY H 115 29.75 56.13 2.53
CA GLY H 115 29.55 56.82 3.79
C GLY H 115 30.34 56.26 4.95
N LEU H 116 31.28 55.33 4.69
CA LEU H 116 32.10 54.78 5.74
C LEU H 116 32.92 55.86 6.44
N LYS H 117 33.34 56.88 5.70
CA LYS H 117 33.99 58.06 6.26
C LYS H 117 33.23 59.29 5.80
N ALA H 118 33.23 60.32 6.65
CA ALA H 118 32.34 61.46 6.46
C ALA H 118 32.60 62.23 5.16
N GLY H 119 33.79 62.07 4.57
CA GLY H 119 34.14 62.86 3.39
C GLY H 119 33.43 62.41 2.12
N ARG H 120 32.84 61.22 2.11
CA ARG H 120 32.25 60.63 0.91
C ARG H 120 33.28 60.57 -0.22
N CYS H 121 34.46 60.06 0.10
CA CYS H 121 35.54 59.89 -0.87
C CYS H 121 35.79 58.41 -1.11
N ALA H 122 36.23 58.10 -2.32
CA ALA H 122 36.54 56.73 -2.70
C ALA H 122 37.60 56.74 -3.80
N ASP H 123 38.48 55.75 -3.75
CA ASP H 123 39.57 55.61 -4.70
C ASP H 123 39.26 54.47 -5.68
N TYR H 124 39.43 54.74 -6.97
CA TYR H 124 39.12 53.78 -8.01
C TYR H 124 40.33 53.60 -8.91
N VAL H 125 40.67 52.34 -9.21
CA VAL H 125 41.79 52.01 -10.08
C VAL H 125 41.27 51.55 -11.43
N VAL H 126 41.16 52.48 -12.38
CA VAL H 126 40.60 52.14 -13.69
C VAL H 126 41.64 51.35 -14.47
N THR H 127 41.39 50.07 -14.66
CA THR H 127 42.28 49.22 -15.45
C THR H 127 41.62 48.74 -16.74
N GLY H 128 40.37 49.13 -16.98
CA GLY H 128 39.71 48.75 -18.21
C GLY H 128 38.35 49.41 -18.31
N ALA H 129 37.54 48.91 -19.24
CA ALA H 129 36.24 49.53 -19.51
C ALA H 129 35.29 49.34 -18.33
N TRP H 130 35.31 48.17 -17.69
CA TRP H 130 34.43 47.92 -16.55
C TRP H 130 34.86 48.69 -15.30
N SER H 131 36.16 48.88 -15.10
CA SER H 131 36.62 49.71 -13.99
C SER H 131 36.21 51.16 -14.20
N ALA H 132 36.38 51.66 -15.43
CA ALA H 132 35.98 53.04 -15.72
C ALA H 132 34.46 53.19 -15.65
N LYS H 133 33.71 52.17 -16.07
CA LYS H 133 32.26 52.24 -15.98
C LYS H 133 31.78 52.24 -14.54
N ALA H 134 32.51 51.56 -13.65
CA ALA H 134 32.14 51.53 -12.24
C ALA H 134 32.46 52.84 -11.54
N ALA H 135 33.61 53.44 -11.87
CA ALA H 135 33.97 54.73 -11.27
C ALA H 135 33.03 55.84 -11.72
N GLU H 136 32.66 55.85 -13.01
CA GLU H 136 31.72 56.85 -13.50
C GLU H 136 30.36 56.71 -12.84
N GLU H 137 29.90 55.47 -12.65
CA GLU H 137 28.65 55.25 -11.94
C GLU H 137 28.73 55.72 -10.50
N ALA H 138 29.88 55.49 -9.85
CA ALA H 138 30.06 55.84 -8.45
C ALA H 138 30.12 57.34 -8.21
N LYS H 139 30.23 58.16 -9.25
CA LYS H 139 30.29 59.60 -9.07
C LYS H 139 28.94 60.22 -8.74
N LYS H 140 27.85 59.45 -8.85
CA LYS H 140 26.53 59.93 -8.45
C LYS H 140 26.30 59.84 -6.95
N PHE H 141 27.20 59.20 -6.20
CA PHE H 141 27.01 58.97 -4.78
C PHE H 141 28.13 59.56 -3.93
N GLY H 142 29.02 60.36 -4.52
CA GLY H 142 30.08 60.97 -3.75
C GLY H 142 31.14 61.56 -4.66
N THR H 143 32.30 61.83 -4.08
CA THR H 143 33.44 62.40 -4.79
C THR H 143 34.41 61.27 -5.12
N ILE H 144 34.55 60.98 -6.41
CA ILE H 144 35.37 59.86 -6.88
C ILE H 144 36.65 60.41 -7.49
N ASN H 145 37.79 59.89 -7.03
CA ASN H 145 39.09 60.25 -7.56
C ASN H 145 39.74 59.01 -8.15
N ILE H 146 40.09 59.07 -9.42
CA ILE H 146 40.80 57.98 -10.08
C ILE H 146 42.25 58.01 -9.65
N VAL H 147 42.77 56.85 -9.24
CA VAL H 147 44.01 56.81 -8.48
C VAL H 147 45.20 57.23 -9.34
N HIS H 148 45.45 56.51 -10.41
CA HIS H 148 46.61 56.69 -11.26
C HIS H 148 46.25 57.51 -12.50
N PRO H 149 47.24 58.03 -13.22
CA PRO H 149 46.93 58.78 -14.44
C PRO H 149 46.30 57.90 -15.51
N LYS H 150 45.50 58.53 -16.37
CA LYS H 150 44.79 57.82 -17.42
C LYS H 150 45.78 57.32 -18.47
N LEU H 151 45.89 56.01 -18.59
CA LEU H 151 46.76 55.41 -19.60
C LEU H 151 46.18 55.65 -21.00
N GLY H 152 47.06 55.77 -21.99
CA GLY H 152 46.61 55.87 -23.36
C GLY H 152 45.88 54.63 -23.83
N SER H 153 46.25 53.48 -23.29
CA SER H 153 45.62 52.21 -23.62
C SER H 153 45.54 51.34 -22.38
N TYR H 154 44.49 50.52 -22.31
CA TYR H 154 44.28 49.60 -21.20
C TYR H 154 45.10 48.33 -21.47
N THR H 155 46.43 48.48 -21.42
CA THR H 155 47.34 47.42 -21.80
C THR H 155 48.19 46.95 -20.62
N LYS H 156 48.04 47.55 -19.45
CA LYS H 156 48.86 47.14 -18.31
C LYS H 156 48.21 47.64 -17.02
N ILE H 157 48.62 47.03 -15.91
CA ILE H 157 48.25 47.47 -14.58
C ILE H 157 49.26 48.52 -14.14
N PRO H 158 48.85 49.76 -13.86
CA PRO H 158 49.77 50.74 -13.31
C PRO H 158 50.39 50.23 -12.01
N ASP H 159 51.70 50.44 -11.88
CA ASP H 159 52.42 49.95 -10.71
C ASP H 159 51.81 50.53 -9.45
N PRO H 160 51.47 49.71 -8.45
CA PRO H 160 50.82 50.24 -7.24
C PRO H 160 51.63 51.30 -6.51
N SER H 161 52.92 51.46 -6.82
CA SER H 161 53.70 52.53 -6.20
C SER H 161 53.20 53.90 -6.62
N THR H 162 52.91 54.07 -7.92
CA THR H 162 52.41 55.33 -8.48
C THR H 162 50.98 55.62 -8.08
N TRP H 163 50.41 54.83 -7.17
CA TRP H 163 49.03 55.00 -6.76
C TRP H 163 48.93 56.10 -5.70
N ASN H 164 48.11 57.11 -5.97
CA ASN H 164 47.86 58.21 -5.05
C ASN H 164 46.57 57.92 -4.29
N LEU H 165 46.69 57.36 -3.10
CA LEU H 165 45.48 57.00 -2.34
C LEU H 165 45.22 57.97 -1.20
N ASN H 166 44.04 58.57 -1.22
CA ASN H 166 43.59 59.47 -0.13
C ASN H 166 43.36 58.54 1.07
N PRO H 167 44.00 58.75 2.24
CA PRO H 167 43.86 57.82 3.35
C PRO H 167 42.55 58.00 4.11
N ASP H 168 41.87 59.13 3.87
CA ASP H 168 40.55 59.39 4.47
C ASP H 168 39.45 59.01 3.49
N ALA H 169 39.75 58.23 2.43
CA ALA H 169 38.77 57.67 1.51
C ALA H 169 38.05 56.50 2.16
N SER H 170 36.77 56.36 1.82
CA SER H 170 35.96 55.29 2.40
C SER H 170 36.51 53.92 2.01
N TYR H 171 36.70 53.69 0.71
CA TYR H 171 37.18 52.39 0.22
C TYR H 171 38.03 52.61 -1.03
N VAL H 172 38.65 51.51 -1.48
CA VAL H 172 39.39 51.47 -2.73
C VAL H 172 38.80 50.35 -3.58
N TYR H 173 38.56 50.63 -4.86
CA TYR H 173 37.88 49.72 -5.77
C TYR H 173 38.80 49.38 -6.94
N TYR H 174 38.76 48.12 -7.37
CA TYR H 174 39.50 47.70 -8.56
C TYR H 174 38.83 46.46 -9.13
N CYS H 175 39.10 46.20 -10.40
CA CYS H 175 38.53 45.08 -11.12
C CYS H 175 39.64 44.07 -11.40
N ALA H 176 39.51 42.88 -10.80
CA ALA H 176 40.58 41.89 -10.90
C ALA H 176 40.83 41.44 -12.33
N ASN H 177 39.78 41.40 -13.15
CA ASN H 177 39.88 40.90 -14.52
C ASN H 177 38.98 41.71 -15.42
N GLU H 178 39.55 42.28 -16.48
CA GLU H 178 38.82 43.11 -17.44
C GLU H 178 38.50 42.26 -18.67
N THR H 179 37.20 42.10 -18.89
CA THR H 179 36.53 41.27 -19.91
C THR H 179 36.79 41.75 -21.34
N VAL H 180 36.96 43.04 -21.53
CA VAL H 180 37.13 43.63 -22.85
C VAL H 180 38.60 43.80 -23.20
N HIS H 181 39.47 43.93 -22.21
CA HIS H 181 40.87 44.24 -22.46
C HIS H 181 41.84 43.14 -22.03
N GLY H 182 41.41 42.18 -21.23
CA GLY H 182 42.27 41.06 -20.88
C GLY H 182 43.42 41.38 -19.96
N VAL H 183 43.23 42.34 -19.04
CA VAL H 183 44.24 42.66 -18.04
C VAL H 183 43.75 42.15 -16.70
N GLU H 184 44.59 41.37 -16.02
CA GLU H 184 44.21 40.69 -14.79
C GLU H 184 45.25 40.94 -13.70
N PHE H 185 44.77 41.06 -12.47
CA PHE H 185 45.65 41.17 -11.30
C PHE H 185 46.08 39.77 -10.87
N ASP H 186 47.35 39.44 -11.07
CA ASP H 186 47.91 38.21 -10.53
C ASP H 186 48.46 38.42 -9.11
N PHE H 187 47.83 39.29 -8.33
CA PHE H 187 48.23 39.63 -6.98
C PHE H 187 47.12 40.44 -6.34
N ILE H 188 47.16 40.52 -5.01
CA ILE H 188 46.24 41.35 -4.25
C ILE H 188 46.93 42.67 -3.96
N PRO H 189 46.40 43.81 -4.40
CA PRO H 189 47.12 45.07 -4.26
C PRO H 189 47.24 45.51 -2.80
N ASP H 190 48.27 46.30 -2.53
CA ASP H 190 48.56 46.80 -1.19
C ASP H 190 47.99 48.22 -1.10
N VAL H 191 46.85 48.36 -0.42
CA VAL H 191 46.17 49.64 -0.30
C VAL H 191 46.49 50.24 1.06
N LYS H 192 47.61 49.77 1.64
CA LYS H 192 48.11 50.28 2.90
C LYS H 192 47.11 50.10 4.05
N GLY H 193 46.25 49.08 3.96
CA GLY H 193 45.33 48.77 5.04
C GLY H 193 43.91 49.28 4.87
N ALA H 194 43.61 49.99 3.79
CA ALA H 194 42.25 50.45 3.57
C ALA H 194 41.34 49.26 3.21
N VAL H 195 40.03 49.48 3.36
CA VAL H 195 39.08 48.43 3.01
C VAL H 195 39.04 48.28 1.50
N LEU H 196 39.11 47.03 1.04
CA LEU H 196 39.34 46.73 -0.37
C LEU H 196 38.08 46.13 -0.98
N VAL H 197 37.55 46.80 -1.99
CA VAL H 197 36.39 46.32 -2.74
C VAL H 197 36.87 45.88 -4.12
N CYS H 198 36.53 44.66 -4.52
CA CYS H 198 37.00 44.11 -5.78
C CYS H 198 35.84 43.61 -6.62
N ASP H 199 36.05 43.59 -7.93
CA ASP H 199 35.07 43.16 -8.92
C ASP H 199 35.65 41.95 -9.65
N MET H 200 35.27 40.75 -9.21
CA MET H 200 35.79 39.51 -9.76
C MET H 200 34.79 38.82 -10.66
N SER H 201 33.93 39.59 -11.34
CA SER H 201 32.89 39.00 -12.17
C SER H 201 33.45 38.00 -13.16
N SER H 202 34.56 38.34 -13.80
CA SER H 202 35.09 37.56 -14.91
C SER H 202 36.17 36.56 -14.49
N ASN H 203 36.57 36.53 -13.22
CA ASN H 203 37.52 35.53 -12.77
C ASN H 203 37.13 34.92 -11.42
N PHE H 204 35.87 35.05 -11.02
CA PHE H 204 35.43 34.51 -9.74
C PHE H 204 35.54 33.00 -9.73
N LEU H 205 36.20 32.47 -8.69
CA LEU H 205 36.46 31.05 -8.54
C LEU H 205 37.27 30.46 -9.69
N SER H 206 38.01 31.30 -10.40
CA SER H 206 39.01 30.80 -11.34
C SER H 206 40.33 30.50 -10.66
N LYS H 207 40.46 30.83 -9.39
CA LYS H 207 41.67 30.63 -8.62
C LYS H 207 41.35 30.86 -7.14
N PRO H 208 42.15 30.31 -6.25
CA PRO H 208 41.96 30.60 -4.81
C PRO H 208 42.18 32.07 -4.52
N VAL H 209 41.47 32.57 -3.52
CA VAL H 209 41.55 33.96 -3.11
C VAL H 209 41.64 34.03 -1.59
N ASP H 210 42.56 34.86 -1.09
CA ASP H 210 42.67 35.13 0.34
C ASP H 210 41.58 36.13 0.72
N VAL H 211 40.41 35.59 1.07
CA VAL H 211 39.22 36.41 1.32
C VAL H 211 39.45 37.40 2.46
N SER H 212 40.25 37.02 3.46
CA SER H 212 40.38 37.84 4.66
C SER H 212 40.91 39.24 4.37
N LYS H 213 41.64 39.41 3.26
CA LYS H 213 42.24 40.70 2.94
C LYS H 213 41.28 41.66 2.23
N PHE H 214 40.07 41.22 1.92
CA PHE H 214 39.13 42.04 1.17
C PHE H 214 38.01 42.57 2.06
N GLY H 215 37.48 43.72 1.69
CA GLY H 215 36.33 44.29 2.37
C GLY H 215 35.01 43.85 1.78
N VAL H 216 34.88 43.96 0.45
CA VAL H 216 33.69 43.52 -0.27
C VAL H 216 34.12 42.92 -1.60
N ILE H 217 33.66 41.70 -1.88
CA ILE H 217 33.87 41.04 -3.17
C ILE H 217 32.51 40.80 -3.79
N PHE H 218 32.35 41.20 -5.05
CA PHE H 218 31.13 40.94 -5.78
C PHE H 218 31.47 40.44 -7.18
N ALA H 219 30.63 39.56 -7.70
CA ALA H 219 30.84 38.97 -9.01
C ALA H 219 29.50 38.55 -9.59
N GLY H 220 29.29 38.87 -10.87
CA GLY H 220 28.14 38.34 -11.56
C GLY H 220 28.32 36.85 -11.84
N ALA H 221 27.26 36.09 -11.58
CA ALA H 221 27.35 34.64 -11.75
C ALA H 221 27.51 34.24 -13.21
N GLN H 222 27.01 35.06 -14.14
CA GLN H 222 26.78 34.59 -15.51
C GLN H 222 28.01 34.40 -16.39
N1 LLP H 223 30.79 43.82 -14.65
C2 LLP H 223 31.92 43.23 -15.05
C2' LLP H 223 33.27 43.55 -14.36
C3 LLP H 223 31.89 42.31 -16.12
O3 LLP H 223 33.09 41.71 -16.52
C4 LLP H 223 30.70 41.99 -16.75
C4' LLP H 223 30.69 40.93 -17.98
C5 LLP H 223 29.56 42.59 -16.34
C6 LLP H 223 29.58 43.51 -15.29
C5' LLP H 223 28.20 42.25 -17.05
OP4 LLP H 223 27.26 41.76 -16.11
P LLP H 223 26.20 42.74 -15.53
OP1 LLP H 223 26.00 43.86 -16.56
OP2 LLP H 223 24.93 42.05 -15.26
OP3 LLP H 223 26.67 43.34 -14.26
N LLP H 223 29.21 34.51 -15.84
CA LLP H 223 30.38 34.29 -16.70
CB LLP H 223 30.96 35.64 -17.13
CG LLP H 223 31.41 36.47 -15.94
CD LLP H 223 30.72 37.84 -15.96
CE LLP H 223 31.19 38.71 -17.16
NZ LLP H 223 30.15 39.67 -17.57
C LLP H 223 31.43 33.44 -16.08
O LLP H 223 32.54 33.43 -16.59
N ASN H 224 31.12 32.71 -15.02
CA ASN H 224 32.08 31.74 -14.47
C ASN H 224 31.43 30.78 -13.47
N VAL H 225 30.37 31.23 -12.80
CA VAL H 225 29.77 30.47 -11.72
C VAL H 225 28.35 30.01 -12.03
N GLY H 226 27.67 30.59 -13.02
CA GLY H 226 26.34 30.12 -13.34
C GLY H 226 25.63 30.89 -14.43
N SER H 227 24.33 31.12 -14.22
CA SER H 227 23.47 31.78 -15.19
C SER H 227 23.13 33.19 -14.71
N ALA H 228 22.75 34.03 -15.66
CA ALA H 228 22.43 35.42 -15.36
C ALA H 228 21.20 35.52 -14.47
N GLY H 229 21.15 36.57 -13.67
CA GLY H 229 20.00 36.82 -12.81
C GLY H 229 20.37 37.07 -11.36
N VAL H 230 21.56 36.63 -10.95
CA VAL H 230 21.97 36.68 -9.55
C VAL H 230 23.42 37.16 -9.47
N THR H 231 23.76 37.79 -8.34
CA THR H 231 25.09 38.30 -8.10
C THR H 231 25.54 37.89 -6.70
N VAL H 232 26.74 37.33 -6.60
CA VAL H 232 27.33 37.00 -5.31
C VAL H 232 28.00 38.24 -4.73
N VAL H 233 27.79 38.46 -3.43
CA VAL H 233 28.36 39.61 -2.72
C VAL H 233 28.91 39.09 -1.39
N ILE H 234 30.22 39.12 -1.23
CA ILE H 234 30.87 38.75 0.02
C ILE H 234 31.28 40.03 0.72
N VAL H 235 30.73 40.28 1.90
CA VAL H 235 30.93 41.53 2.63
C VAL H 235 31.34 41.21 4.05
N ARG H 236 32.36 41.91 4.55
CA ARG H 236 32.78 41.75 5.94
C ARG H 236 31.71 42.30 6.87
N ASP H 237 31.39 41.53 7.93
CA ASP H 237 30.24 41.84 8.77
C ASP H 237 30.35 43.19 9.47
N ASP H 238 31.57 43.71 9.63
CA ASP H 238 31.73 45.00 10.29
C ASP H 238 31.40 46.18 9.38
N LEU H 239 31.19 45.94 8.08
CA LEU H 239 30.95 47.00 7.12
C LEU H 239 29.47 47.24 6.85
N LEU H 240 28.58 46.49 7.50
CA LEU H 240 27.15 46.70 7.34
C LEU H 240 26.69 47.87 8.19
N GLY H 241 25.57 48.48 7.77
CA GLY H 241 24.98 49.57 8.50
C GLY H 241 25.47 50.96 8.12
N PHE H 242 26.43 51.07 7.21
CA PHE H 242 26.90 52.35 6.72
C PHE H 242 26.20 52.78 5.44
N ALA H 243 25.08 52.12 5.10
CA ALA H 243 24.37 52.43 3.86
C ALA H 243 23.71 53.81 3.96
N LEU H 244 23.60 54.48 2.82
CA LEU H 244 22.90 55.74 2.75
C LEU H 244 21.39 55.51 2.77
N ARG H 245 20.64 56.59 2.93
CA ARG H 245 19.19 56.48 2.98
C ARG H 245 18.59 56.16 1.62
N GLU H 246 19.27 56.56 0.54
CA GLU H 246 18.77 56.34 -0.82
C GLU H 246 19.03 54.92 -1.32
N CYS H 247 19.66 54.07 -0.53
CA CYS H 247 19.97 52.72 -0.97
C CYS H 247 18.72 51.86 -0.95
N PRO H 248 18.31 51.28 -2.09
CA PRO H 248 17.15 50.38 -2.08
C PRO H 248 17.34 49.22 -1.12
N SER H 249 16.26 48.87 -0.41
CA SER H 249 16.35 47.80 0.57
C SER H 249 16.84 46.50 -0.05
N VAL H 250 16.41 46.22 -1.29
CA VAL H 250 16.84 45.02 -1.98
C VAL H 250 18.31 45.04 -2.34
N LEU H 251 18.98 46.18 -2.17
CA LEU H 251 20.40 46.31 -2.48
C LEU H 251 21.24 46.68 -1.26
N GLU H 252 20.65 46.74 -0.07
CA GLU H 252 21.40 47.07 1.14
C GLU H 252 21.99 45.81 1.74
N TYR H 253 23.29 45.86 2.04
CA TYR H 253 23.98 44.67 2.56
C TYR H 253 23.46 44.29 3.94
N LYS H 254 23.20 45.30 4.80
CA LYS H 254 22.69 45.03 6.13
C LYS H 254 21.34 44.32 6.08
N VAL H 255 20.48 44.73 5.16
CA VAL H 255 19.13 44.17 5.09
C VAL H 255 19.18 42.72 4.63
N GLN H 256 19.79 42.48 3.47
CA GLN H 256 19.78 41.15 2.89
C GLN H 256 20.57 40.15 3.75
N ALA H 257 21.63 40.60 4.41
CA ALA H 257 22.34 39.71 5.33
C ALA H 257 21.46 39.34 6.52
N GLY H 258 20.56 40.24 6.92
CA GLY H 258 19.64 39.93 8.01
C GLY H 258 18.51 39.00 7.64
N ASN H 259 18.22 38.84 6.35
CA ASN H 259 17.20 37.91 5.88
C ASN H 259 17.78 36.76 5.07
N SER H 260 19.11 36.58 5.12
CA SER H 260 19.80 35.50 4.40
C SER H 260 19.44 35.53 2.91
N SER H 261 19.48 36.74 2.33
CA SER H 261 19.18 37.00 0.94
C SER H 261 17.73 36.68 0.58
N LEU H 262 16.84 36.60 1.56
CA LEU H 262 15.43 36.33 1.33
C LEU H 262 14.53 37.49 1.73
N TYR H 263 15.08 38.71 1.76
CA TYR H 263 14.26 39.89 2.09
C TYR H 263 13.08 40.03 1.14
N ASN H 264 13.32 39.81 -0.15
CA ASN H 264 12.27 39.70 -1.15
C ASN H 264 12.48 38.39 -1.91
N THR H 265 11.62 38.14 -2.90
CA THR H 265 11.75 36.92 -3.68
C THR H 265 13.06 36.94 -4.46
N PRO H 266 14.01 36.05 -4.16
CA PRO H 266 15.29 36.05 -4.87
C PRO H 266 15.18 35.31 -6.17
N PRO H 267 16.15 35.48 -7.07
CA PRO H 267 16.18 34.64 -8.28
C PRO H 267 16.38 33.18 -7.90
N CYS H 268 15.27 32.45 -7.70
CA CYS H 268 15.36 31.09 -7.20
C CYS H 268 16.08 30.17 -8.18
N PHE H 269 15.72 30.25 -9.46
CA PHE H 269 16.34 29.37 -10.45
C PHE H 269 17.81 29.72 -10.66
N SER H 270 18.17 30.99 -10.54
CA SER H 270 19.56 31.39 -10.75
C SER H 270 20.47 30.88 -9.63
N ILE H 271 19.95 30.83 -8.40
CA ILE H 271 20.73 30.27 -7.29
C ILE H 271 20.75 28.75 -7.36
N TYR H 272 19.69 28.14 -7.86
CA TYR H 272 19.71 26.69 -8.09
C TYR H 272 20.76 26.32 -9.14
N VAL H 273 20.83 27.10 -10.22
CA VAL H 273 21.84 26.83 -11.25
C VAL H 273 23.24 27.04 -10.69
N MET H 274 23.42 28.11 -9.91
CA MET H 274 24.75 28.39 -9.37
C MET H 274 25.23 27.27 -8.46
N GLY H 275 24.35 26.74 -7.62
CA GLY H 275 24.73 25.66 -6.72
C GLY H 275 25.22 24.43 -7.48
N LEU H 276 24.61 24.15 -8.63
CA LEU H 276 25.03 23.00 -9.42
C LEU H 276 26.41 23.21 -10.04
N VAL H 277 26.68 24.42 -10.54
CA VAL H 277 28.01 24.70 -11.06
C VAL H 277 29.03 24.71 -9.93
N LEU H 278 28.64 25.22 -8.76
CA LEU H 278 29.52 25.17 -7.60
C LEU H 278 29.85 23.73 -7.23
N GLU H 279 28.82 22.87 -7.20
CA GLU H 279 29.06 21.45 -6.97
C GLU H 279 29.98 20.87 -8.05
N TRP H 280 29.78 21.30 -9.30
CA TRP H 280 30.65 20.82 -10.38
C TRP H 280 32.08 21.29 -10.18
N ILE H 281 32.28 22.56 -9.80
CA ILE H 281 33.61 23.06 -9.52
C ILE H 281 34.25 22.28 -8.38
N LYS H 282 33.44 21.84 -7.41
CA LYS H 282 33.97 21.11 -6.27
C LYS H 282 34.43 19.71 -6.68
N ASN H 283 33.63 19.01 -7.47
CA ASN H 283 34.00 17.66 -7.89
C ASN H 283 35.25 17.65 -8.76
N ASN H 284 35.50 18.74 -9.47
CA ASN H 284 36.61 18.81 -10.42
C ASN H 284 37.90 19.35 -9.81
N GLY H 285 37.96 19.47 -8.48
CA GLY H 285 39.18 19.88 -7.81
C GLY H 285 39.16 21.23 -7.14
N GLY H 286 38.01 21.91 -7.09
CA GLY H 286 37.96 23.16 -6.37
C GLY H 286 38.76 24.27 -7.04
N ALA H 287 39.00 25.33 -6.27
CA ALA H 287 39.66 26.51 -6.81
C ALA H 287 41.11 26.24 -7.15
N ALA H 288 41.73 25.26 -6.48
CA ALA H 288 43.12 24.91 -6.79
C ALA H 288 43.25 24.29 -8.18
N ALA H 289 42.24 23.54 -8.61
CA ALA H 289 42.25 22.96 -9.95
C ALA H 289 41.81 23.97 -11.00
N MET H 290 40.88 24.86 -10.64
CA MET H 290 40.42 25.87 -11.60
C MET H 290 41.56 26.79 -12.04
N GLU H 291 42.51 27.08 -11.15
CA GLU H 291 43.63 27.91 -11.54
C GLU H 291 44.62 27.13 -12.41
N LYS H 292 44.84 25.86 -12.06
CA LYS H 292 45.74 25.04 -12.85
C LYS H 292 45.17 24.79 -14.24
N LEU H 293 43.85 24.61 -14.34
CA LEU H 293 43.21 24.43 -15.64
C LEU H 293 43.23 25.72 -16.45
N SER H 294 42.96 26.85 -15.80
CA SER H 294 42.97 28.13 -16.50
C SER H 294 44.36 28.54 -16.94
N SER H 295 45.41 27.94 -16.38
CA SER H 295 46.76 28.19 -16.87
C SER H 295 47.01 27.45 -18.17
N ILE H 296 46.61 26.19 -18.24
CA ILE H 296 46.83 25.39 -19.44
C ILE H 296 46.11 26.01 -20.62
N LYS H 297 44.89 26.49 -20.40
CA LYS H 297 44.09 27.03 -21.49
C LYS H 297 44.65 28.36 -21.98
N SER H 298 45.11 29.21 -21.06
CA SER H 298 45.66 30.50 -21.47
C SER H 298 47.07 30.35 -22.04
N GLN H 299 47.87 29.45 -21.47
CA GLN H 299 49.20 29.22 -22.03
C GLN H 299 49.13 28.66 -23.44
N THR H 300 48.18 27.75 -23.69
CA THR H 300 48.07 27.15 -25.02
C THR H 300 47.74 28.19 -26.09
N ILE H 301 46.96 29.21 -25.73
CA ILE H 301 46.59 30.26 -26.67
C ILE H 301 47.64 31.37 -26.73
N TYR H 302 48.26 31.71 -25.60
CA TYR H 302 49.21 32.81 -25.59
C TYR H 302 50.53 32.43 -26.28
N GLU H 303 50.93 31.16 -26.20
CA GLU H 303 52.14 30.74 -26.91
C GLU H 303 51.94 30.83 -28.43
N ILE H 304 50.73 30.54 -28.90
CA ILE H 304 50.44 30.65 -30.33
C ILE H 304 50.60 32.09 -30.78
N ILE H 305 50.17 33.05 -29.94
CA ILE H 305 50.32 34.45 -30.28
C ILE H 305 51.79 34.87 -30.24
N ASP H 306 52.53 34.40 -29.22
CA ASP H 306 53.93 34.75 -29.07
C ASP H 306 54.83 34.13 -30.13
N ASN H 307 54.35 33.13 -30.87
CA ASN H 307 55.14 32.50 -31.92
C ASN H 307 54.61 32.81 -33.32
N SER H 308 53.65 33.72 -33.43
CA SER H 308 53.00 33.98 -34.71
C SER H 308 53.80 34.89 -35.63
N GLN H 309 54.93 35.42 -35.18
CA GLN H 309 55.74 36.37 -35.95
C GLN H 309 54.92 37.57 -36.39
N GLY H 310 54.09 38.09 -35.48
CA GLY H 310 53.26 39.25 -35.77
C GLY H 310 51.91 38.94 -36.36
N PHE H 311 51.63 37.69 -36.72
CA PHE H 311 50.34 37.35 -37.29
C PHE H 311 49.21 37.58 -36.29
N TYR H 312 49.41 37.17 -35.04
CA TYR H 312 48.50 37.48 -33.94
C TYR H 312 49.21 38.44 -32.99
N VAL H 313 48.49 39.50 -32.60
CA VAL H 313 49.07 40.56 -31.77
C VAL H 313 48.16 40.78 -30.57
N CYS H 314 48.73 40.66 -29.37
CA CYS H 314 48.04 40.98 -28.13
C CYS H 314 48.71 42.17 -27.48
N PRO H 315 48.03 43.32 -27.34
CA PRO H 315 48.70 44.53 -26.84
C PRO H 315 48.94 44.54 -25.33
N VAL H 316 48.43 43.56 -24.60
CA VAL H 316 48.57 43.53 -23.14
C VAL H 316 49.96 43.00 -22.78
N GLU H 317 50.60 43.66 -21.82
CA GLU H 317 51.92 43.24 -21.38
C GLU H 317 51.83 41.93 -20.61
N PRO H 318 52.80 41.02 -20.79
CA PRO H 318 52.66 39.66 -20.25
C PRO H 318 52.39 39.59 -18.75
N GLN H 319 52.96 40.48 -17.95
CA GLN H 319 52.74 40.43 -16.52
C GLN H 319 51.31 40.76 -16.12
N ASN H 320 50.47 41.19 -17.07
CA ASN H 320 49.07 41.48 -16.77
C ASN H 320 48.13 40.75 -17.73
N ARG H 321 48.61 39.70 -18.40
CA ARG H 321 47.76 38.96 -19.33
C ARG H 321 46.74 38.14 -18.57
N SER H 322 45.48 38.24 -18.98
CA SER H 322 44.40 37.52 -18.32
C SER H 322 44.37 36.06 -18.76
N LYS H 323 44.10 35.17 -17.82
CA LYS H 323 43.90 33.77 -18.11
C LYS H 323 42.46 33.44 -18.44
N MET H 324 41.59 34.46 -18.48
CA MET H 324 40.17 34.29 -18.73
C MET H 324 39.71 34.85 -20.07
N ASN H 325 40.17 36.04 -20.43
CA ASN H 325 39.79 36.68 -21.69
C ASN H 325 41.05 37.08 -22.43
N ILE H 326 41.25 36.50 -23.60
CA ILE H 326 42.44 36.77 -24.42
C ILE H 326 42.02 37.49 -25.69
N PRO H 327 41.99 38.82 -25.70
CA PRO H 327 41.71 39.56 -26.94
C PRO H 327 42.98 39.80 -27.74
N PHE H 328 42.86 39.69 -29.07
CA PHE H 328 44.00 39.82 -29.95
C PHE H 328 43.54 40.31 -31.32
N ARG H 329 44.51 40.52 -32.20
CA ARG H 329 44.27 41.00 -33.55
C ARG H 329 44.99 40.10 -34.54
N ILE H 330 44.59 40.19 -35.80
CA ILE H 330 45.12 39.34 -36.87
C ILE H 330 45.68 40.22 -37.98
N GLY H 331 46.86 39.86 -38.48
CA GLY H 331 47.48 40.59 -39.56
C GLY H 331 48.50 41.60 -39.09
N ASN H 332 48.06 42.53 -38.25
CA ASN H 332 48.92 43.58 -37.72
C ASN H 332 48.37 44.04 -36.38
N ALA H 333 49.16 44.87 -35.69
CA ALA H 333 48.76 45.37 -34.38
C ALA H 333 47.47 46.18 -34.43
N LYS H 334 47.13 46.74 -35.59
CA LYS H 334 45.92 47.53 -35.73
C LYS H 334 44.72 46.71 -36.19
N GLY H 335 44.95 45.58 -36.85
CA GLY H 335 43.86 44.70 -37.25
C GLY H 335 43.58 44.65 -38.73
N ASP H 336 43.74 43.47 -39.33
CA ASP H 336 43.41 43.25 -40.74
C ASP H 336 41.96 42.83 -40.80
N ASP H 337 41.08 43.75 -41.20
CA ASP H 337 39.65 43.46 -41.23
C ASP H 337 39.32 42.33 -42.20
N ALA H 338 40.08 42.19 -43.28
CA ALA H 338 39.87 41.09 -44.21
C ALA H 338 40.20 39.76 -43.55
N LEU H 339 41.34 39.68 -42.85
CA LEU H 339 41.75 38.43 -42.22
C LEU H 339 40.91 38.09 -41.00
N GLU H 340 40.46 39.11 -40.26
CA GLU H 340 39.65 38.86 -39.07
C GLU H 340 38.22 38.46 -39.42
N LYS H 341 37.68 38.98 -40.52
CA LYS H 341 36.36 38.56 -40.95
C LYS H 341 36.39 37.11 -41.45
N ARG H 342 37.44 36.75 -42.19
CA ARG H 342 37.61 35.37 -42.65
C ARG H 342 37.91 34.44 -41.48
N PHE H 343 38.54 34.95 -40.41
CA PHE H 343 38.81 34.14 -39.23
C PHE H 343 37.51 33.77 -38.52
N LEU H 344 36.60 34.74 -38.36
CA LEU H 344 35.36 34.47 -37.65
C LEU H 344 34.39 33.65 -38.49
N ASP H 345 34.41 33.84 -39.81
CA ASP H 345 33.55 33.03 -40.68
C ASP H 345 33.94 31.56 -40.63
N LYS H 346 35.23 31.27 -40.80
CA LYS H 346 35.69 29.89 -40.69
C LYS H 346 35.47 29.33 -39.29
N ALA H 347 35.54 30.19 -38.27
CA ALA H 347 35.28 29.73 -36.91
C ALA H 347 33.81 29.37 -36.71
N LEU H 348 32.90 30.18 -37.27
CA LEU H 348 31.48 29.87 -37.18
C LEU H 348 31.15 28.59 -37.93
N GLU H 349 31.81 28.34 -39.06
CA GLU H 349 31.61 27.10 -39.79
C GLU H 349 31.99 25.89 -38.93
N LEU H 350 33.01 26.05 -38.08
CA LEU H 350 33.44 25.00 -37.17
C LEU H 350 32.67 25.02 -35.86
N ASN H 351 31.55 25.75 -35.80
CA ASN H 351 30.68 25.82 -34.62
C ASN H 351 31.44 26.30 -33.38
N MET H 352 32.35 27.24 -33.57
CA MET H 352 33.06 27.91 -32.49
C MET H 352 32.47 29.32 -32.40
N LEU H 353 31.59 29.53 -31.43
CA LEU H 353 30.76 30.71 -31.36
C LEU H 353 31.37 31.77 -30.45
N SER H 354 30.94 33.02 -30.66
CA SER H 354 31.22 34.14 -29.76
C SER H 354 32.71 34.44 -29.63
N LEU H 355 33.46 34.22 -30.70
CA LEU H 355 34.87 34.60 -30.71
C LEU H 355 35.07 36.06 -31.09
N LYS H 356 34.06 36.72 -31.65
CA LYS H 356 34.20 38.11 -32.03
C LYS H 356 34.42 38.98 -30.80
N GLY H 357 35.45 39.81 -30.84
CA GLY H 357 35.75 40.69 -29.73
C GLY H 357 34.61 41.65 -29.43
N HIS H 358 34.74 42.31 -28.28
CA HIS H 358 33.71 43.24 -27.83
C HIS H 358 33.50 44.35 -28.85
N ARG H 359 32.26 44.82 -28.94
CA ARG H 359 31.87 45.76 -29.99
C ARG H 359 32.64 47.08 -29.93
N SER H 360 33.39 47.34 -28.86
CA SER H 360 34.17 48.56 -28.77
C SER H 360 35.58 48.40 -29.30
N VAL H 361 36.29 47.36 -28.87
CA VAL H 361 37.67 47.14 -29.31
C VAL H 361 37.71 46.46 -30.68
N GLY H 362 36.78 45.54 -30.94
CA GLY H 362 36.81 44.79 -32.19
C GLY H 362 37.75 43.61 -32.11
N GLY H 363 38.09 43.08 -33.29
CA GLY H 363 39.02 41.97 -33.33
C GLY H 363 38.44 40.69 -32.75
N ILE H 364 39.33 39.84 -32.25
CA ILE H 364 38.95 38.55 -31.70
C ILE H 364 39.14 38.57 -30.19
N ARG H 365 38.27 37.85 -29.48
CA ARG H 365 38.41 37.67 -28.04
C ARG H 365 37.99 36.26 -27.67
N ALA H 366 38.90 35.50 -27.09
CA ALA H 366 38.64 34.14 -26.66
C ALA H 366 38.44 34.12 -25.15
N SER H 367 37.24 33.71 -24.72
CA SER H 367 36.92 33.60 -23.30
C SER H 367 37.12 32.15 -22.86
N LEU H 368 37.95 31.94 -21.85
CA LEU H 368 38.32 30.60 -21.43
C LEU H 368 37.90 30.33 -20.00
N TYR H 369 36.60 30.41 -19.72
CA TYR H 369 36.09 30.28 -18.37
C TYR H 369 36.13 28.82 -17.92
N ASN H 370 35.66 28.58 -16.68
CA ASN H 370 35.87 27.28 -16.04
C ASN H 370 35.26 26.15 -16.86
N ALA H 371 34.05 26.35 -17.38
CA ALA H 371 33.39 25.28 -18.12
C ALA H 371 34.07 24.98 -19.45
N VAL H 372 34.85 25.91 -19.98
CA VAL H 372 35.58 25.67 -21.23
C VAL H 372 36.65 24.62 -20.97
N THR H 373 36.49 23.45 -21.60
CA THR H 373 37.37 22.32 -21.35
C THR H 373 38.71 22.51 -22.08
N ILE H 374 39.66 21.65 -21.75
CA ILE H 374 40.94 21.67 -22.45
C ILE H 374 40.77 21.24 -23.90
N GLU H 375 39.85 20.29 -24.14
CA GLU H 375 39.52 19.93 -25.52
C GLU H 375 39.00 21.14 -26.29
N ASP H 376 38.25 22.01 -25.61
CA ASP H 376 37.71 23.19 -26.28
C ASP H 376 38.81 24.15 -26.71
N VAL H 377 39.80 24.40 -25.85
CA VAL H 377 40.88 25.29 -26.26
C VAL H 377 41.81 24.61 -27.23
N GLN H 378 41.88 23.28 -27.21
CA GLN H 378 42.72 22.57 -28.17
C GLN H 378 42.14 22.67 -29.58
N LYS H 379 40.80 22.70 -29.70
CA LYS H 379 40.19 22.94 -31.00
C LYS H 379 40.43 24.37 -31.46
N LEU H 380 40.43 25.32 -30.54
CA LEU H 380 40.76 26.70 -30.89
C LEU H 380 42.22 26.83 -31.27
N ALA H 381 43.11 26.18 -30.52
CA ALA H 381 44.54 26.22 -30.82
C ALA H 381 44.83 25.62 -32.19
N ALA H 382 44.24 24.47 -32.49
CA ALA H 382 44.45 23.83 -33.79
C ALA H 382 43.93 24.71 -34.92
N PHE H 383 42.80 25.39 -34.69
CA PHE H 383 42.24 26.27 -35.70
C PHE H 383 43.13 27.50 -35.92
N MET H 384 43.62 28.10 -34.83
CA MET H 384 44.52 29.25 -34.98
C MET H 384 45.83 28.83 -35.64
N LYS H 385 46.32 27.63 -35.32
CA LYS H 385 47.57 27.16 -35.90
C LYS H 385 47.44 26.99 -37.41
N LYS H 386 46.43 26.25 -37.86
CA LYS H 386 46.28 25.98 -39.29
C LYS H 386 45.85 27.22 -40.05
N PHE H 387 45.06 28.11 -39.44
CA PHE H 387 44.71 29.37 -40.10
C PHE H 387 45.96 30.19 -40.38
N LEU H 388 46.92 30.18 -39.46
CA LEU H 388 48.20 30.83 -39.71
C LEU H 388 48.95 30.15 -40.85
N GLU H 389 48.82 28.82 -40.95
CA GLU H 389 49.47 28.05 -42.01
C GLU H 389 48.79 28.22 -43.36
N MET H 390 47.80 29.10 -43.47
CA MET H 390 47.14 29.34 -44.73
C MET H 390 46.99 30.82 -45.07
N HIS H 391 47.54 31.71 -44.26
CA HIS H 391 47.42 33.13 -44.55
C HIS H 391 48.66 33.92 -44.17
N GLN H 392 49.69 33.30 -43.62
CA GLN H 392 50.94 33.98 -43.29
C GLN H 392 51.88 33.93 -44.49
N LEU H 393 52.46 35.09 -44.82
CA LEU H 393 53.30 35.20 -46.00
C LEU H 393 54.79 35.21 -45.66
O6P E1U I . -13.83 -46.63 -11.43
P2 E1U I . -13.32 -45.63 -10.48
O7P E1U I . -12.27 -44.74 -10.96
O5P E1U I . -13.43 -45.87 -9.02
OG E1U I . -14.52 -44.55 -10.61
CB E1U I . -15.69 -44.88 -9.87
CA E1U I . -16.89 -43.95 -10.08
C E1U I . -17.25 -43.85 -11.57
O E1U I . -16.33 -43.54 -12.36
OXT E1U I . -18.42 -44.12 -11.89
N E1U I . -18.03 -44.54 -9.35
C4A E1U I . -17.88 -44.83 -7.91
C4 E1U I . -18.99 -45.54 -7.43
C3 E1U I . -20.23 -45.41 -8.05
O3 E1U I . -20.34 -44.57 -9.10
C2 E1U I . -21.36 -46.09 -7.63
C2A E1U I . -22.59 -45.95 -8.24
N1 E1U I . -21.27 -46.93 -6.59
C6 E1U I . -20.05 -47.10 -5.93
C5 E1U I . -18.91 -46.41 -6.34
C5A E1U I . -17.73 -46.65 -5.64
O4P E1U I . -17.30 -45.54 -4.87
P E1U I . -16.09 -45.79 -3.89
O3P E1U I . -14.96 -45.60 -4.82
O1P E1U I . -16.31 -47.17 -3.46
O2P E1U I . -16.19 -44.76 -2.84
N SEP J . -45.96 -3.11 -15.26
CA SEP J . -45.60 -2.41 -14.01
CB SEP J . -45.95 -0.90 -14.10
OG SEP J . -45.87 -0.20 -12.82
C SEP J . -46.23 -3.06 -12.77
O SEP J . -47.17 -3.89 -12.92
OXT SEP J . -45.75 -2.71 -11.67
P SEP J . -46.67 1.22 -12.78
O1P SEP J . -45.76 2.13 -12.00
O2P SEP J . -46.68 1.57 -14.20
O3P SEP J . -47.97 0.96 -12.17
N SEP K . -7.56 -41.42 19.57
CA SEP K . -7.90 -40.32 20.51
CB SEP K . -9.39 -40.24 20.69
OG SEP K . -9.88 -41.57 20.86
C SEP K . -7.22 -40.53 21.85
O SEP K . -7.64 -39.88 22.81
OXT SEP K . -6.31 -41.37 21.90
P SEP K . -11.42 -41.77 20.97
O1P SEP K . -11.83 -42.19 19.62
O2P SEP K . -11.63 -42.80 22.01
O3P SEP K . -11.93 -40.43 21.35
N SEP L . 30.05 -9.47 14.05
CA SEP L . 31.43 -9.87 14.29
CB SEP L . 32.03 -9.00 15.41
OG SEP L . 33.35 -8.59 15.07
C SEP L . 31.54 -11.35 14.64
O SEP L . 30.97 -11.81 15.64
OXT SEP L . 32.19 -12.12 13.95
P SEP L . 33.35 -7.02 14.72
O1P SEP L . 31.97 -6.64 13.98
O2P SEP L . 33.48 -6.16 16.09
O3P SEP L . 34.58 -6.66 13.75
N SEP M . 31.17 2.72 47.11
CA SEP M . 31.25 3.44 45.82
CB SEP M . 30.68 2.58 44.72
OG SEP M . 31.63 1.56 44.45
C SEP M . 30.52 4.78 45.89
O SEP M . 30.33 5.36 44.83
OXT SEP M . 30.20 5.21 47.01
P SEP M . 31.79 0.47 45.55
O1P SEP M . 30.44 0.38 46.16
O2P SEP M . 32.78 1.05 46.50
O3P SEP M . 32.20 -0.80 44.89
O6P E1U N . -28.22 12.65 -37.60
P2 E1U N . -27.99 12.07 -36.32
O7P E1U N . -26.97 11.08 -36.26
O5P E1U N . -29.16 11.77 -35.55
OG E1U N . -27.32 13.16 -35.52
CB E1U N . -28.13 14.04 -34.72
CA E1U N . -27.31 14.97 -33.80
C E1U N . -26.17 15.54 -34.63
O E1U N . -25.36 14.73 -35.09
OXT E1U N . -26.16 16.76 -34.82
N E1U N . -28.13 16.06 -33.21
C4A E1U N . -29.22 15.55 -32.37
C4 E1U N . -30.30 16.44 -32.38
C3 E1U N . -30.04 17.77 -32.42
O3 E1U N . -28.76 18.16 -32.47
C2 E1U N . -30.99 18.76 -32.45
C2A E1U N . -30.60 20.08 -32.49
N1 E1U N . -32.28 18.40 -32.41
C6 E1U N . -32.61 17.04 -32.36
C5 E1U N . -31.64 16.05 -32.32
C5A E1U N . -32.01 14.71 -32.29
O4P E1U N . -32.46 14.23 -31.04
P E1U N . -33.00 12.87 -31.08
O3P E1U N . -32.08 12.10 -31.85
O1P E1U N . -34.21 13.15 -31.73
O2P E1U N . -33.08 12.56 -29.71
N1 PMP O . 35.69 7.59 40.81
C2 PMP O . 34.59 7.96 41.44
C2A PMP O . 34.39 9.39 41.81
C3 PMP O . 33.63 7.02 41.77
O3 PMP O . 32.51 7.42 42.43
C4 PMP O . 33.80 5.69 41.43
C4A PMP O . 32.76 4.68 41.80
N4A PMP O . 32.20 4.95 43.13
C5 PMP O . 34.96 5.31 40.76
C6 PMP O . 35.86 6.31 40.47
C5A PMP O . 35.22 3.89 40.35
O4P PMP O . 34.01 3.19 39.93
P PMP O . 33.90 2.32 38.62
O1P PMP O . 32.96 3.06 37.78
O2P PMP O . 35.23 2.25 38.04
O3P PMP O . 33.40 1.00 39.01
S SO4 P . 28.35 43.57 -22.36
O1 SO4 P . 27.74 42.65 -23.33
O2 SO4 P . 27.90 44.93 -22.65
O3 SO4 P . 27.97 43.19 -21.01
O4 SO4 P . 29.81 43.51 -22.48
S SO4 Q . 7.13 36.90 0.91
O1 SO4 Q . 5.94 36.49 0.16
O2 SO4 Q . 6.88 38.21 1.51
O3 SO4 Q . 7.39 35.94 1.97
O4 SO4 Q . 8.29 36.99 0.03
#